data_8XRV
#
_entry.id   8XRV
#
_cell.length_a   163.330
_cell.length_b   177.574
_cell.length_c   265.787
_cell.angle_alpha   90.00
_cell.angle_beta   100.86
_cell.angle_gamma   90.00
#
_symmetry.space_group_name_H-M   'C 1 2 1'
#
loop_
_entity.id
_entity.type
_entity.pdbx_description
1 polymer 'GH3 enzyme CcBgl3B'
2 non-polymer beta-D-glucopyranose
3 non-polymer 'CALCIUM ION'
4 water water
#
_entity_poly.entity_id   1
_entity_poly.type   'polypeptide(L)'
_entity_poly.pdbx_seq_one_letter_code
;GSHMSTLPYLDPAVPVADRVEDLLARMTLPEKVGQMLQLDARDGVGPAVLEKHAGSLLHTSPENVLAAHELTGRTRLRIP
LLLAEDCIHGHSFWVGATIFPTQLGMAATWDPALVEQVAHATAVEVAATGVHWTFSPVLCIARDLRWGRVDETFGEDPFL
IGELASAMVRGYQGDGLSDPTGILATAKHFAGYSETQGGRDASEADISQRKLRSWFLPPFERVAREGCATFMLGYQSMDG
VPVTVNGWLLDDVLRGEWGYTGTLVTDWDNVGRMVWEQHIQPDYVHASAAAVRAGNDMVMTTPRFFEGALEAVDRGLVEE
AAIDAAVRRILTLKFRLGLFEDPRRPDVARQQAVIASAEHAAVNLEVARRSLVLLTNDGTLPFAGGLDRAAGTPDGRALA
PAGAPARTIAVVGPNADDDHTQLGDWAGASGQADWLPDGHPREMTTTVLDGFRALAPEGWAVTHARGADILTLAPDPEGE
LFPDGQPRPQVVVPAAPDDALIAEAVAAARDADLAVAVVGDRIELVGEGRSTATLELVGGQVALLDALVATGTPVVVVVV
ASKPLVLPPSAHAAAAVVWAANPGMRGGQAVAELVLGLIEPEGRLPISFARHAGQQPTYYNVVRGQHGVRYADLTQSPAF
AFGEGLSYTTVEYADLRVLGTEHGPDDVVRAEVTLTNTGSRPVRETVQVYVSDTVTSVTWAEKELKAYRKVDLAPGESAT
VGLEVPVADCTLVDAHGRRVVEPGEFELRVGPSSREDALLRASFTVAG
;
_entity_poly.pdbx_strand_id   A,B,C,F,D,E
#
# COMPACT_ATOMS: atom_id res chain seq x y z
CA THR A 6 38.06 -56.09 -7.57
C THR A 6 37.97 -55.91 -6.03
N LEU A 7 38.99 -55.26 -5.46
CA LEU A 7 39.40 -55.50 -4.08
C LEU A 7 38.24 -55.23 -3.11
N PRO A 8 37.98 -56.12 -2.16
CA PRO A 8 36.82 -55.93 -1.28
C PRO A 8 36.87 -54.68 -0.42
N TYR A 9 38.06 -54.14 -0.12
CA TYR A 9 38.07 -52.93 0.68
C TYR A 9 37.59 -51.72 -0.10
N LEU A 10 37.62 -51.78 -1.43
CA LEU A 10 37.07 -50.72 -2.27
C LEU A 10 35.61 -50.95 -2.62
N ASP A 11 34.99 -51.96 -2.04
CA ASP A 11 33.62 -52.35 -2.36
C ASP A 11 32.66 -51.80 -1.31
N PRO A 12 31.91 -50.73 -1.60
CA PRO A 12 30.98 -50.21 -0.59
C PRO A 12 29.85 -51.19 -0.26
N ALA A 13 29.67 -52.27 -1.02
CA ALA A 13 28.72 -53.31 -0.66
C ALA A 13 29.22 -54.21 0.46
N VAL A 14 30.51 -54.21 0.75
CA VAL A 14 31.09 -55.12 1.73
C VAL A 14 30.99 -54.47 3.10
N PRO A 15 30.60 -55.22 4.15
CA PRO A 15 30.48 -54.58 5.47
C PRO A 15 31.80 -53.99 5.94
N VAL A 16 31.69 -52.94 6.77
CA VAL A 16 32.84 -52.10 7.13
C VAL A 16 33.95 -52.93 7.74
N ALA A 17 33.63 -53.75 8.75
CA ALA A 17 34.67 -54.50 9.46
C ALA A 17 35.40 -55.46 8.52
N ASP A 18 34.73 -55.90 7.46
CA ASP A 18 35.42 -56.77 6.49
C ASP A 18 36.32 -55.96 5.58
N ARG A 19 35.84 -54.78 5.14
CA ARG A 19 36.68 -53.86 4.39
C ARG A 19 37.94 -53.46 5.16
N VAL A 20 37.79 -53.10 6.45
CA VAL A 20 38.95 -52.85 7.30
C VAL A 20 39.87 -54.03 7.28
N GLU A 21 39.32 -55.21 7.37
CA GLU A 21 40.25 -56.32 7.62
C GLU A 21 40.93 -56.75 6.32
N ASP A 22 40.26 -56.54 5.20
CA ASP A 22 40.87 -56.72 3.88
C ASP A 22 41.95 -55.71 3.61
N LEU A 23 41.77 -54.45 4.05
CA LEU A 23 42.81 -53.47 3.77
C LEU A 23 44.00 -53.62 4.71
N LEU A 24 43.72 -53.87 5.98
CA LEU A 24 44.78 -54.07 6.95
C LEU A 24 45.75 -55.15 6.49
N ALA A 25 45.22 -56.23 5.91
CA ALA A 25 46.05 -57.36 5.54
C ALA A 25 47.01 -57.05 4.40
N ARG A 26 46.73 -56.05 3.59
CA ARG A 26 47.63 -55.65 2.52
C ARG A 26 48.68 -54.63 2.95
N MET A 27 48.63 -54.14 4.20
CA MET A 27 49.51 -53.07 4.64
C MET A 27 50.83 -53.60 5.16
N THR A 28 51.92 -52.94 4.75
CA THR A 28 53.21 -53.13 5.39
C THR A 28 53.23 -52.49 6.78
N LEU A 29 54.19 -52.90 7.60
CA LEU A 29 54.35 -52.29 8.91
C LEU A 29 54.64 -50.79 8.84
N PRO A 30 55.51 -50.28 7.96
CA PRO A 30 55.61 -48.82 7.87
C PRO A 30 54.30 -48.15 7.47
N GLU A 31 53.52 -48.77 6.59
CA GLU A 31 52.23 -48.19 6.25
C GLU A 31 51.28 -48.17 7.43
N LYS A 32 51.36 -49.17 8.30
CA LYS A 32 50.44 -49.21 9.42
C LYS A 32 50.81 -48.16 10.45
N VAL A 33 52.10 -48.06 10.78
CA VAL A 33 52.55 -47.03 11.71
C VAL A 33 52.25 -45.66 11.14
N GLY A 34 52.47 -45.49 9.83
CA GLY A 34 52.20 -44.21 9.20
C GLY A 34 50.75 -43.76 9.35
N GLN A 35 49.82 -44.72 9.26
CA GLN A 35 48.40 -44.43 9.42
C GLN A 35 48.09 -43.89 10.81
N MET A 36 48.97 -44.11 11.77
CA MET A 36 48.78 -43.54 13.09
C MET A 36 49.32 -42.11 13.20
N LEU A 37 50.07 -41.64 12.20
CA LEU A 37 50.69 -40.33 12.29
C LEU A 37 49.73 -39.24 11.81
N GLN A 38 49.65 -38.15 12.58
CA GLN A 38 49.06 -36.90 12.13
C GLN A 38 50.18 -35.87 12.09
N LEU A 39 50.53 -35.43 10.89
CA LEU A 39 51.72 -34.61 10.74
C LEU A 39 51.36 -33.17 10.41
N ASP A 40 52.28 -32.28 10.72
CA ASP A 40 52.13 -30.84 10.48
C ASP A 40 52.38 -30.56 9.00
N ALA A 41 51.33 -30.25 8.26
CA ALA A 41 51.44 -29.96 6.83
C ALA A 41 52.31 -28.74 6.55
N ARG A 42 52.49 -27.85 7.53
CA ARG A 42 53.40 -26.70 7.36
C ARG A 42 54.84 -27.14 7.14
N ASP A 43 55.21 -28.33 7.61
CA ASP A 43 56.58 -28.82 7.50
C ASP A 43 56.87 -29.49 6.17
N GLY A 44 55.89 -29.58 5.27
CA GLY A 44 56.09 -30.26 3.99
C GLY A 44 55.11 -31.40 3.76
N VAL A 45 54.18 -31.20 2.84
CA VAL A 45 53.13 -32.20 2.62
C VAL A 45 53.64 -33.41 1.82
N GLY A 46 54.67 -33.23 1.00
CA GLY A 46 55.23 -34.31 0.21
C GLY A 46 55.78 -35.49 1.02
N PRO A 47 56.80 -35.23 1.84
CA PRO A 47 57.33 -36.30 2.69
C PRO A 47 56.30 -36.91 3.63
N ALA A 48 55.40 -36.10 4.16
CA ALA A 48 54.42 -36.60 5.11
C ALA A 48 53.54 -37.69 4.48
N VAL A 49 53.02 -37.43 3.28
CA VAL A 49 52.07 -38.35 2.69
C VAL A 49 52.79 -39.51 2.02
N LEU A 50 53.91 -39.24 1.34
CA LEU A 50 54.61 -40.26 0.56
C LEU A 50 55.57 -41.10 1.41
N GLU A 51 56.61 -40.47 2.00
CA GLU A 51 57.61 -41.23 2.74
C GLU A 51 57.06 -41.76 4.06
N LYS A 52 56.31 -40.94 4.80
CA LYS A 52 55.83 -41.34 6.11
C LYS A 52 54.48 -42.02 6.08
N HIS A 53 53.79 -42.02 4.92
CA HIS A 53 52.49 -42.67 4.77
C HIS A 53 51.47 -42.18 5.78
N ALA A 54 51.49 -40.88 6.10
CA ALA A 54 50.70 -40.36 7.20
C ALA A 54 49.21 -40.65 6.99
N GLY A 55 48.52 -40.96 8.08
CA GLY A 55 47.08 -41.08 8.03
C GLY A 55 46.31 -39.77 8.09
N SER A 56 46.93 -38.70 8.61
CA SER A 56 46.23 -37.43 8.75
C SER A 56 47.23 -36.27 8.70
N LEU A 57 46.71 -35.09 8.37
CA LEU A 57 47.45 -33.84 8.41
C LEU A 57 46.66 -32.79 9.17
N LEU A 58 47.38 -31.86 9.80
CA LEU A 58 46.79 -30.67 10.40
C LEU A 58 47.58 -29.44 9.97
N HIS A 59 46.97 -28.27 10.18
CA HIS A 59 47.54 -27.00 9.75
C HIS A 59 47.86 -27.02 8.26
N THR A 60 46.87 -27.47 7.48
CA THR A 60 47.02 -27.59 6.03
C THR A 60 46.48 -26.34 5.36
N SER A 61 47.37 -25.59 4.72
CA SER A 61 46.97 -24.42 3.97
C SER A 61 46.10 -24.82 2.78
N PRO A 62 45.33 -23.87 2.24
CA PRO A 62 44.44 -24.22 1.11
C PRO A 62 45.17 -24.84 -0.06
N GLU A 63 46.31 -24.30 -0.46
CA GLU A 63 47.08 -24.91 -1.55
C GLU A 63 47.62 -26.27 -1.12
N ASN A 64 47.87 -26.46 0.17
CA ASN A 64 48.34 -27.75 0.65
C ASN A 64 47.22 -28.78 0.74
N VAL A 65 45.96 -28.35 0.85
CA VAL A 65 44.84 -29.31 0.83
C VAL A 65 44.71 -29.94 -0.56
N LEU A 66 44.78 -29.12 -1.61
CA LEU A 66 44.74 -29.68 -2.94
C LEU A 66 45.96 -30.56 -3.19
N ALA A 67 47.14 -30.13 -2.75
CA ALA A 67 48.34 -30.93 -2.93
C ALA A 67 48.23 -32.26 -2.19
N ALA A 68 47.60 -32.26 -1.02
CA ALA A 68 47.51 -33.50 -0.24
C ALA A 68 46.70 -34.56 -0.98
N HIS A 69 45.58 -34.17 -1.60
CA HIS A 69 44.77 -35.11 -2.34
C HIS A 69 45.49 -35.65 -3.57
N GLU A 70 46.18 -34.78 -4.31
CA GLU A 70 46.98 -35.22 -5.45
C GLU A 70 48.05 -36.21 -5.01
N LEU A 71 48.66 -35.98 -3.84
CA LEU A 71 49.69 -36.90 -3.36
C LEU A 71 49.11 -38.25 -2.96
N THR A 72 47.90 -38.28 -2.41
CA THR A 72 47.30 -39.55 -2.02
C THR A 72 47.18 -40.47 -3.24
N GLY A 73 46.82 -39.92 -4.39
CA GLY A 73 46.72 -40.70 -5.60
C GLY A 73 48.03 -41.31 -6.04
N ARG A 74 49.15 -40.80 -5.52
CA ARG A 74 50.47 -41.31 -5.86
C ARG A 74 51.04 -42.27 -4.82
N THR A 75 50.25 -42.63 -3.81
CA THR A 75 50.68 -43.62 -2.82
C THR A 75 50.27 -45.03 -3.26
N ARG A 76 50.87 -46.02 -2.59
CA ARG A 76 50.60 -47.42 -2.93
C ARG A 76 49.17 -47.81 -2.62
N LEU A 77 48.67 -47.43 -1.45
CA LEU A 77 47.35 -47.89 -1.04
C LEU A 77 46.25 -46.86 -1.29
N ARG A 78 46.61 -45.62 -1.62
CA ARG A 78 45.63 -44.55 -1.89
C ARG A 78 44.61 -44.41 -0.76
N ILE A 79 45.04 -44.59 0.48
CA ILE A 79 44.18 -44.38 1.64
C ILE A 79 43.91 -42.89 1.82
N PRO A 80 42.65 -42.45 1.69
CA PRO A 80 42.34 -41.02 1.88
C PRO A 80 42.76 -40.50 3.24
N LEU A 81 43.31 -39.28 3.25
CA LEU A 81 43.75 -38.62 4.47
C LEU A 81 42.57 -38.09 5.28
N LEU A 82 42.76 -37.98 6.59
CA LEU A 82 41.91 -37.12 7.41
C LEU A 82 42.57 -35.74 7.52
N LEU A 83 41.89 -34.71 7.07
CA LEU A 83 42.40 -33.35 7.19
C LEU A 83 41.78 -32.69 8.41
N ALA A 84 42.60 -32.42 9.43
CA ALA A 84 42.12 -31.88 10.70
C ALA A 84 42.61 -30.45 10.90
N GLU A 85 41.83 -29.66 11.64
CA GLU A 85 42.20 -28.27 11.82
C GLU A 85 41.68 -27.78 13.16
N ASP A 86 42.34 -26.74 13.69
CA ASP A 86 41.81 -25.98 14.82
C ASP A 86 40.82 -24.96 14.28
N CYS A 87 39.52 -25.22 14.45
CA CYS A 87 38.46 -24.28 14.10
C CYS A 87 37.77 -24.06 15.43
N ILE A 88 38.22 -23.04 16.16
CA ILE A 88 37.98 -23.00 17.60
C ILE A 88 36.81 -22.08 17.97
N HIS A 89 36.56 -21.04 17.17
CA HIS A 89 35.41 -20.17 17.35
C HIS A 89 35.12 -19.51 16.01
N GLY A 90 34.68 -20.32 15.06
CA GLY A 90 34.79 -20.05 13.65
C GLY A 90 35.95 -20.81 13.04
N HIS A 91 35.97 -20.82 11.70
CA HIS A 91 37.10 -21.33 10.93
C HIS A 91 38.30 -20.40 11.11
N SER A 92 39.01 -20.59 12.23
CA SER A 92 40.08 -19.69 12.66
C SER A 92 41.03 -19.23 11.55
N PHE A 93 41.48 -20.16 10.70
CA PHE A 93 42.60 -19.91 9.81
C PHE A 93 42.21 -19.95 8.34
N TRP A 94 40.96 -19.58 8.03
CA TRP A 94 40.52 -19.40 6.62
C TRP A 94 40.40 -17.90 6.45
N VAL A 95 41.23 -17.30 5.59
CA VAL A 95 41.34 -15.82 5.48
C VAL A 95 40.00 -15.08 5.53
N GLY A 96 38.93 -15.46 4.87
CA GLY A 96 37.75 -14.59 5.13
C GLY A 96 36.58 -15.24 5.82
N ALA A 97 36.82 -16.04 6.86
CA ALA A 97 35.73 -16.80 7.50
C ALA A 97 35.07 -16.05 8.65
N THR A 98 33.95 -16.58 9.14
CA THR A 98 33.26 -15.95 10.26
C THR A 98 33.97 -16.32 11.57
N ILE A 99 34.56 -15.34 12.23
CA ILE A 99 35.18 -15.52 13.53
C ILE A 99 34.18 -15.01 14.58
N PHE A 100 33.67 -15.94 15.37
CA PHE A 100 32.77 -15.70 16.49
C PHE A 100 33.55 -15.29 17.74
N PRO A 101 32.86 -14.97 18.84
CA PRO A 101 33.55 -14.82 20.12
C PRO A 101 34.27 -16.10 20.52
N THR A 102 35.32 -15.96 21.33
CA THR A 102 35.96 -17.13 21.95
C THR A 102 34.93 -17.90 22.78
N GLN A 103 35.29 -19.12 23.19
CA GLN A 103 34.37 -19.92 24.02
C GLN A 103 34.03 -19.19 25.31
N LEU A 104 34.99 -18.49 25.92
CA LEU A 104 34.66 -17.74 27.13
C LEU A 104 33.66 -16.62 26.84
N GLY A 105 33.75 -16.02 25.64
CA GLY A 105 32.75 -15.05 25.25
C GLY A 105 31.38 -15.67 25.09
N MET A 106 31.29 -16.79 24.38
CA MET A 106 29.99 -17.41 24.12
C MET A 106 29.37 -17.94 25.40
N ALA A 107 30.19 -18.40 26.35
CA ALA A 107 29.64 -18.90 27.60
C ALA A 107 28.80 -17.85 28.33
N ALA A 108 29.12 -16.57 28.15
CA ALA A 108 28.36 -15.52 28.86
C ALA A 108 26.94 -15.39 28.35
N THR A 109 26.65 -15.92 27.14
CA THR A 109 25.27 -15.97 26.65
C THR A 109 24.41 -16.96 27.42
N TRP A 110 25.00 -17.96 28.06
CA TRP A 110 24.26 -19.04 28.72
C TRP A 110 23.18 -19.61 27.81
N ASP A 111 23.45 -19.67 26.51
CA ASP A 111 22.42 -20.08 25.55
C ASP A 111 22.94 -21.21 24.66
N PRO A 112 22.64 -22.46 25.02
CA PRO A 112 23.16 -23.59 24.22
C PRO A 112 22.57 -23.66 22.83
N ALA A 113 21.32 -23.24 22.62
CA ALA A 113 20.78 -23.30 21.26
C ALA A 113 21.51 -22.35 20.34
N LEU A 114 21.88 -21.17 20.87
CA LEU A 114 22.71 -20.25 20.12
C LEU A 114 24.09 -20.83 19.83
N VAL A 115 24.71 -21.46 20.85
CA VAL A 115 26.03 -22.04 20.68
C VAL A 115 26.00 -23.16 19.64
N GLU A 116 24.92 -23.96 19.65
CA GLU A 116 24.76 -24.98 18.63
C GLU A 116 24.70 -24.37 17.25
N GLN A 117 24.11 -23.18 17.10
CA GLN A 117 24.06 -22.55 15.78
C GLN A 117 25.43 -22.04 15.35
N VAL A 118 26.26 -21.60 16.30
CA VAL A 118 27.63 -21.20 15.98
C VAL A 118 28.40 -22.39 15.45
N ALA A 119 28.32 -23.51 16.14
CA ALA A 119 29.06 -24.69 15.73
C ALA A 119 28.59 -25.20 14.38
N HIS A 120 27.27 -25.14 14.16
CA HIS A 120 26.73 -25.54 12.87
C HIS A 120 27.25 -24.65 11.75
N ALA A 121 27.23 -23.33 11.97
CA ALA A 121 27.74 -22.40 10.97
C ALA A 121 29.23 -22.62 10.72
N THR A 122 30.00 -22.81 11.80
CA THR A 122 31.41 -23.11 11.64
C THR A 122 31.60 -24.39 10.82
N ALA A 123 30.83 -25.42 11.13
CA ALA A 123 30.94 -26.68 10.40
C ALA A 123 30.64 -26.52 8.91
N VAL A 124 29.62 -25.72 8.57
CA VAL A 124 29.29 -25.49 7.17
C VAL A 124 30.46 -24.81 6.46
N GLU A 125 31.12 -23.87 7.12
CA GLU A 125 32.25 -23.17 6.50
C GLU A 125 33.46 -24.09 6.40
N VAL A 126 33.71 -24.88 7.45
CA VAL A 126 34.86 -25.77 7.45
C VAL A 126 34.72 -26.82 6.34
N ALA A 127 33.55 -27.47 6.26
CA ALA A 127 33.37 -28.58 5.34
C ALA A 127 33.51 -28.12 3.89
N ALA A 128 33.17 -26.86 3.60
CA ALA A 128 33.37 -26.34 2.25
C ALA A 128 34.83 -26.22 1.88
N THR A 129 35.73 -26.11 2.88
CA THR A 129 37.15 -25.96 2.64
C THR A 129 37.91 -27.29 2.69
N GLY A 130 37.21 -28.41 2.72
CA GLY A 130 37.88 -29.70 2.68
C GLY A 130 38.37 -30.23 4.02
N VAL A 131 38.00 -29.62 5.12
CA VAL A 131 38.48 -30.08 6.41
C VAL A 131 37.42 -30.99 7.00
N HIS A 132 37.86 -32.10 7.59
CA HIS A 132 36.95 -33.16 8.03
C HIS A 132 36.74 -33.15 9.53
N TRP A 133 37.54 -32.41 10.27
CA TRP A 133 37.78 -32.72 11.67
C TRP A 133 38.29 -31.46 12.37
N THR A 134 37.56 -30.97 13.36
CA THR A 134 38.00 -29.82 14.11
C THR A 134 38.44 -30.25 15.51
N PHE A 135 39.49 -29.60 16.01
CA PHE A 135 39.96 -29.88 17.36
C PHE A 135 39.21 -28.95 18.33
N SER A 136 37.95 -29.29 18.54
CA SER A 136 37.00 -28.43 19.23
C SER A 136 35.76 -29.25 19.53
N PRO A 137 35.05 -28.98 20.65
CA PRO A 137 35.23 -27.93 21.65
C PRO A 137 36.23 -28.24 22.80
N VAL A 138 36.56 -27.21 23.56
CA VAL A 138 37.40 -27.33 24.74
C VAL A 138 36.47 -27.55 25.93
N LEU A 139 36.76 -28.57 26.73
CA LEU A 139 35.96 -28.89 27.91
C LEU A 139 36.70 -28.61 29.21
N CYS A 140 37.90 -28.03 29.13
CA CYS A 140 38.64 -27.68 30.33
C CYS A 140 37.84 -26.72 31.20
N ILE A 141 38.09 -26.79 32.50
CA ILE A 141 37.37 -25.96 33.45
C ILE A 141 38.32 -24.89 34.00
N ALA A 142 37.89 -23.63 33.91
CA ALA A 142 38.75 -22.48 34.20
C ALA A 142 38.83 -22.27 35.71
N ARG A 143 39.78 -22.94 36.38
CA ARG A 143 39.92 -22.87 37.83
C ARG A 143 41.14 -22.12 38.34
N ASP A 144 42.11 -21.77 37.47
CA ASP A 144 43.21 -20.88 37.85
C ASP A 144 43.31 -19.81 36.77
N LEU A 145 43.08 -18.56 37.17
CA LEU A 145 43.03 -17.49 36.20
C LEU A 145 44.39 -17.17 35.61
N ARG A 146 45.48 -17.62 36.24
CA ARG A 146 46.80 -17.43 35.68
C ARG A 146 47.00 -18.21 34.39
N TRP A 147 46.27 -19.32 34.23
CA TRP A 147 46.42 -20.18 33.06
C TRP A 147 46.20 -19.38 31.78
N GLY A 148 47.10 -19.55 30.81
CA GLY A 148 47.02 -18.76 29.60
C GLY A 148 45.86 -19.09 28.67
N ARG A 149 45.14 -20.20 28.91
CA ARG A 149 44.16 -20.69 27.95
C ARG A 149 42.72 -20.56 28.44
N VAL A 150 42.49 -19.75 29.48
CA VAL A 150 41.15 -19.56 30.05
C VAL A 150 40.15 -19.12 28.98
N ASP A 151 40.59 -18.29 28.02
CA ASP A 151 39.70 -17.85 26.93
C ASP A 151 39.18 -18.99 26.07
N GLU A 152 39.87 -20.14 26.07
CA GLU A 152 39.38 -21.29 25.32
C GLU A 152 38.30 -22.08 26.07
N THR A 153 38.04 -21.77 27.34
CA THR A 153 37.08 -22.53 28.11
C THR A 153 35.71 -21.84 28.08
N PHE A 154 34.71 -22.59 28.55
CA PHE A 154 33.38 -22.11 28.85
C PHE A 154 33.24 -21.67 30.30
N GLY A 155 34.34 -21.42 30.98
CA GLY A 155 34.27 -20.92 32.34
C GLY A 155 34.59 -21.96 33.38
N GLU A 156 34.10 -21.70 34.59
CA GLU A 156 34.52 -22.45 35.76
C GLU A 156 33.47 -23.44 36.27
N ASP A 157 32.36 -23.61 35.55
CA ASP A 157 31.32 -24.48 36.10
C ASP A 157 31.15 -25.77 35.32
N PRO A 158 31.29 -26.93 35.96
CA PRO A 158 31.12 -28.20 35.23
C PRO A 158 29.78 -28.33 34.52
N PHE A 159 28.72 -27.77 35.09
CA PHE A 159 27.40 -27.96 34.51
C PHE A 159 27.21 -27.12 33.25
N LEU A 160 27.59 -25.85 33.31
CA LEU A 160 27.52 -24.98 32.14
C LEU A 160 28.45 -25.46 31.02
N ILE A 161 29.63 -25.99 31.37
CA ILE A 161 30.55 -26.51 30.37
C ILE A 161 29.92 -27.68 29.63
N GLY A 162 29.36 -28.64 30.37
CA GLY A 162 28.64 -29.75 29.75
C GLY A 162 27.54 -29.28 28.82
N GLU A 163 26.69 -28.36 29.28
CA GLU A 163 25.61 -27.82 28.45
C GLU A 163 26.14 -27.27 27.12
N LEU A 164 27.16 -26.39 27.18
CA LEU A 164 27.62 -25.71 25.96
C LEU A 164 28.51 -26.61 25.11
N ALA A 165 29.34 -27.44 25.75
CA ALA A 165 30.16 -28.37 25.00
C ALA A 165 29.29 -29.36 24.24
N SER A 166 28.19 -29.79 24.85
CA SER A 166 27.26 -30.68 24.20
C SER A 166 26.60 -30.00 23.00
N ALA A 167 26.28 -28.71 23.13
CA ALA A 167 25.74 -27.97 21.99
C ALA A 167 26.75 -27.86 20.85
N MET A 168 28.02 -27.58 21.17
CA MET A 168 29.05 -27.52 20.15
C MET A 168 29.17 -28.85 19.40
N VAL A 169 29.16 -29.95 20.13
CA VAL A 169 29.32 -31.25 19.48
C VAL A 169 28.13 -31.53 18.56
N ARG A 170 26.91 -31.24 19.03
CA ARG A 170 25.72 -31.42 18.19
C ARG A 170 25.82 -30.59 16.91
N GLY A 171 26.21 -29.31 17.05
CA GLY A 171 26.30 -28.45 15.89
C GLY A 171 27.35 -28.90 14.89
N TYR A 172 28.54 -29.28 15.37
CA TYR A 172 29.60 -29.68 14.46
C TYR A 172 29.22 -30.93 13.70
N GLN A 173 28.70 -31.92 14.41
CA GLN A 173 28.55 -33.23 13.82
C GLN A 173 27.23 -33.41 13.07
N GLY A 174 26.23 -32.57 13.34
CA GLY A 174 25.05 -32.54 12.49
C GLY A 174 24.29 -33.86 12.55
N ASP A 175 23.96 -34.41 11.38
CA ASP A 175 23.22 -35.66 11.30
C ASP A 175 24.09 -36.89 11.41
N GLY A 176 25.41 -36.74 11.43
CA GLY A 176 26.28 -37.88 11.59
C GLY A 176 27.24 -38.08 10.44
N LEU A 177 27.72 -39.31 10.27
CA LEU A 177 28.81 -39.57 9.33
C LEU A 177 28.39 -39.41 7.87
N SER A 178 27.10 -39.43 7.58
CA SER A 178 26.63 -39.22 6.21
C SER A 178 26.33 -37.76 5.89
N ASP A 179 26.30 -36.90 6.89
CA ASP A 179 25.97 -35.50 6.68
C ASP A 179 27.09 -34.76 5.96
N PRO A 180 26.85 -34.19 4.78
CA PRO A 180 27.96 -33.53 4.05
C PRO A 180 28.45 -32.25 4.72
N THR A 181 27.64 -31.59 5.54
CA THR A 181 28.07 -30.42 6.29
C THR A 181 28.42 -30.74 7.74
N GLY A 182 28.44 -32.02 8.12
CA GLY A 182 28.98 -32.41 9.42
C GLY A 182 30.49 -32.58 9.38
N ILE A 183 31.10 -32.43 10.55
CA ILE A 183 32.54 -32.67 10.72
C ILE A 183 32.73 -33.34 12.06
N LEU A 184 33.86 -34.03 12.20
CA LEU A 184 34.17 -34.64 13.49
C LEU A 184 34.49 -33.55 14.52
N ALA A 185 33.95 -33.71 15.73
CA ALA A 185 34.37 -32.89 16.84
C ALA A 185 35.43 -33.63 17.66
N THR A 186 36.06 -32.91 18.58
CA THR A 186 37.08 -33.47 19.47
C THR A 186 36.79 -32.97 20.87
N ALA A 187 36.59 -33.87 21.82
CA ALA A 187 36.60 -33.45 23.23
C ALA A 187 38.06 -33.22 23.62
N LYS A 188 38.41 -31.97 23.87
CA LYS A 188 39.78 -31.54 23.87
C LYS A 188 40.28 -31.27 25.28
N HIS A 189 41.44 -31.87 25.57
CA HIS A 189 42.34 -31.74 26.71
C HIS A 189 41.85 -32.60 27.86
N PHE A 190 41.45 -33.81 27.50
CA PHE A 190 41.10 -34.85 28.46
C PHE A 190 42.35 -35.35 29.19
N ALA A 191 42.40 -35.20 30.51
CA ALA A 191 41.54 -34.30 31.30
C ALA A 191 42.39 -33.74 32.43
N GLY A 192 41.99 -32.58 32.95
CA GLY A 192 42.73 -31.96 34.04
C GLY A 192 43.83 -31.00 33.60
N TYR A 193 43.83 -30.57 32.33
CA TYR A 193 44.90 -29.74 31.79
C TYR A 193 44.86 -28.30 32.31
N SER A 194 43.69 -27.80 32.72
CA SER A 194 43.50 -26.40 33.10
C SER A 194 43.84 -26.06 34.56
N GLU A 195 44.16 -27.04 35.41
CA GLU A 195 44.52 -26.76 36.81
C GLU A 195 45.80 -27.50 37.14
N THR A 196 46.93 -26.91 36.75
CA THR A 196 48.26 -27.42 37.01
C THR A 196 48.99 -26.42 37.90
N GLN A 197 50.15 -26.85 38.42
CA GLN A 197 50.93 -26.03 39.35
C GLN A 197 51.25 -24.66 38.78
N GLY A 198 50.97 -23.63 39.58
CA GLY A 198 51.29 -22.27 39.20
C GLY A 198 50.40 -21.68 38.14
N GLY A 199 49.36 -22.38 37.74
CA GLY A 199 48.65 -21.99 36.55
C GLY A 199 49.49 -22.05 35.30
N ARG A 200 50.61 -22.76 35.34
CA ARG A 200 51.51 -22.81 34.20
C ARG A 200 51.00 -23.81 33.16
N ASP A 201 51.58 -23.76 31.97
CA ASP A 201 51.11 -24.58 30.85
C ASP A 201 51.77 -25.95 30.94
N ALA A 202 51.00 -26.93 31.42
CA ALA A 202 51.35 -28.35 31.40
C ALA A 202 52.41 -28.67 32.45
N SER A 203 52.48 -27.91 33.53
CA SER A 203 53.21 -28.36 34.70
C SER A 203 52.42 -29.53 35.30
N GLU A 204 52.88 -30.04 36.45
CA GLU A 204 52.13 -31.09 37.13
C GLU A 204 50.71 -30.69 37.42
N ALA A 205 49.79 -31.58 37.09
CA ALA A 205 48.44 -31.53 37.63
C ALA A 205 48.46 -32.41 38.89
N ASP A 206 48.43 -31.76 40.05
CA ASP A 206 48.39 -32.44 41.35
C ASP A 206 46.96 -32.91 41.66
N ILE A 207 46.38 -33.66 40.73
CA ILE A 207 44.96 -33.98 40.75
C ILE A 207 44.82 -35.46 41.02
N SER A 208 44.24 -35.78 42.17
CA SER A 208 43.87 -37.14 42.54
C SER A 208 42.69 -37.63 41.71
N GLN A 209 42.39 -38.93 41.86
CA GLN A 209 41.27 -39.50 41.13
C GLN A 209 39.95 -38.87 41.57
N ARG A 210 39.76 -38.72 42.88
CA ARG A 210 38.51 -38.15 43.35
C ARG A 210 38.32 -36.73 42.82
N LYS A 211 39.39 -35.92 42.86
CA LYS A 211 39.25 -34.55 42.40
C LYS A 211 38.94 -34.50 40.91
N LEU A 212 39.65 -35.30 40.10
CA LEU A 212 39.35 -35.39 38.67
C LEU A 212 37.89 -35.73 38.42
N ARG A 213 37.38 -36.76 39.11
CA ARG A 213 35.96 -37.11 39.03
C ARG A 213 35.04 -35.99 39.53
N SER A 214 35.45 -35.27 40.58
CA SER A 214 34.58 -34.25 41.16
C SER A 214 34.33 -33.09 40.20
N TRP A 215 35.39 -32.49 39.65
CA TRP A 215 35.24 -31.23 38.93
C TRP A 215 35.62 -31.27 37.45
N PHE A 216 36.37 -32.27 36.99
CA PHE A 216 36.90 -32.22 35.63
C PHE A 216 36.23 -33.17 34.65
N LEU A 217 35.94 -34.41 35.06
CA LEU A 217 35.34 -35.44 34.21
C LEU A 217 33.90 -35.18 33.75
N PRO A 218 33.00 -34.60 34.55
CA PRO A 218 31.56 -34.58 34.18
C PRO A 218 31.26 -34.12 32.76
N PRO A 219 31.84 -33.02 32.27
CA PRO A 219 31.53 -32.65 30.88
C PRO A 219 32.12 -33.62 29.84
N PHE A 220 33.24 -34.28 30.12
CA PHE A 220 33.74 -35.29 29.19
C PHE A 220 32.82 -36.50 29.16
N GLU A 221 32.31 -36.91 30.32
CA GLU A 221 31.40 -38.04 30.36
C GLU A 221 30.15 -37.74 29.56
N ARG A 222 29.61 -36.53 29.68
CA ARG A 222 28.42 -36.16 28.95
C ARG A 222 28.62 -36.31 27.44
N VAL A 223 29.64 -35.64 26.88
CA VAL A 223 29.75 -35.66 25.43
C VAL A 223 30.22 -37.02 24.92
N ALA A 224 30.88 -37.82 25.75
CA ALA A 224 31.25 -39.16 25.34
C ALA A 224 30.03 -40.05 25.15
N ARG A 225 29.05 -39.96 26.04
CA ARG A 225 27.84 -40.73 25.82
C ARG A 225 26.93 -40.11 24.78
N GLU A 226 27.08 -38.81 24.49
CA GLU A 226 26.30 -38.20 23.41
C GLU A 226 26.93 -38.40 22.03
N GLY A 227 28.12 -39.02 21.96
CA GLY A 227 28.70 -39.38 20.69
C GLY A 227 29.76 -38.47 20.12
N CYS A 228 30.52 -37.76 20.96
CA CYS A 228 31.67 -37.03 20.45
C CYS A 228 32.62 -37.98 19.72
N ALA A 229 33.01 -37.62 18.50
CA ALA A 229 33.68 -38.60 17.64
C ALA A 229 35.10 -38.92 18.10
N THR A 230 35.81 -37.92 18.63
CA THR A 230 37.21 -38.12 19.02
C THR A 230 37.43 -37.44 20.36
N PHE A 231 38.43 -37.93 21.09
CA PHE A 231 38.94 -37.30 22.30
C PHE A 231 40.41 -36.95 22.09
N MET A 232 40.82 -35.78 22.56
CA MET A 232 42.23 -35.42 22.58
C MET A 232 42.82 -35.59 23.97
N LEU A 233 43.93 -36.32 24.06
CA LEU A 233 44.62 -36.54 25.33
C LEU A 233 45.53 -35.37 25.68
N GLY A 234 45.49 -34.96 26.96
CA GLY A 234 46.18 -33.75 27.37
C GLY A 234 47.68 -33.92 27.47
N TYR A 235 48.38 -32.78 27.37
CA TYR A 235 49.82 -32.69 27.57
C TYR A 235 50.27 -33.20 28.94
N GLN A 236 49.50 -32.91 29.98
CA GLN A 236 50.09 -32.81 31.31
C GLN A 236 50.23 -34.17 31.97
N SER A 237 51.27 -34.26 32.80
CA SER A 237 51.41 -35.38 33.71
C SER A 237 50.46 -35.18 34.90
N MET A 238 49.79 -36.25 35.29
CA MET A 238 48.75 -36.18 36.32
C MET A 238 49.07 -37.23 37.37
N ASP A 239 49.42 -36.75 38.57
CA ASP A 239 49.86 -37.64 39.65
C ASP A 239 51.03 -38.51 39.17
N GLY A 240 51.97 -37.88 38.42
CA GLY A 240 53.15 -38.54 37.92
C GLY A 240 53.05 -39.08 36.51
N VAL A 241 51.84 -39.31 36.00
CA VAL A 241 51.68 -40.02 34.73
C VAL A 241 51.03 -39.14 33.67
N PRO A 242 51.74 -38.83 32.60
CA PRO A 242 51.11 -38.15 31.46
C PRO A 242 49.90 -38.93 30.96
N VAL A 243 48.84 -38.17 30.60
CA VAL A 243 47.60 -38.76 30.09
C VAL A 243 47.89 -39.77 28.98
N THR A 244 48.87 -39.48 28.13
CA THR A 244 49.15 -40.32 26.99
C THR A 244 49.39 -41.77 27.39
N VAL A 245 49.93 -42.01 28.58
CA VAL A 245 50.23 -43.38 29.00
C VAL A 245 49.49 -43.68 30.30
N ASN A 246 48.34 -43.04 30.53
CA ASN A 246 47.66 -43.11 31.82
C ASN A 246 46.59 -44.18 31.75
N GLY A 247 46.93 -45.39 32.21
CA GLY A 247 46.02 -46.52 32.06
C GLY A 247 44.72 -46.35 32.83
N TRP A 248 44.79 -45.72 34.00
CA TRP A 248 43.56 -45.51 34.76
C TRP A 248 42.59 -44.63 33.99
N LEU A 249 43.09 -43.55 33.40
CA LEU A 249 42.21 -42.61 32.72
C LEU A 249 41.71 -43.19 31.40
N LEU A 250 42.59 -43.84 30.64
CA LEU A 250 42.22 -44.35 29.32
C LEU A 250 41.39 -45.62 29.43
N ASP A 251 41.86 -46.58 30.22
CA ASP A 251 41.22 -47.90 30.24
C ASP A 251 40.14 -47.98 31.32
N ASP A 252 40.48 -47.69 32.57
CA ASP A 252 39.46 -47.80 33.63
C ASP A 252 38.32 -46.80 33.45
N VAL A 253 38.60 -45.61 32.95
CA VAL A 253 37.54 -44.59 32.91
C VAL A 253 36.95 -44.47 31.51
N LEU A 254 37.76 -44.02 30.56
CA LEU A 254 37.24 -43.62 29.25
C LEU A 254 36.70 -44.82 28.50
N ARG A 255 37.47 -45.91 28.46
CA ARG A 255 37.03 -47.08 27.73
C ARG A 255 36.37 -48.12 28.62
N GLY A 256 36.60 -48.08 29.93
CA GLY A 256 35.92 -48.96 30.85
C GLY A 256 34.58 -48.40 31.27
N GLU A 257 34.58 -47.49 32.24
CA GLU A 257 33.32 -47.02 32.83
C GLU A 257 32.40 -46.38 31.80
N TRP A 258 32.96 -45.65 30.84
CA TRP A 258 32.10 -44.92 29.92
C TRP A 258 31.83 -45.68 28.64
N GLY A 259 32.57 -46.76 28.38
CA GLY A 259 32.41 -47.52 27.15
C GLY A 259 32.60 -46.68 25.90
N TYR A 260 33.59 -45.79 25.91
CA TYR A 260 33.79 -44.87 24.80
C TYR A 260 34.44 -45.59 23.63
N THR A 261 33.86 -45.46 22.44
CA THR A 261 34.35 -46.16 21.25
C THR A 261 34.87 -45.21 20.19
N GLY A 262 35.01 -43.92 20.49
CA GLY A 262 35.56 -42.98 19.54
C GLY A 262 37.06 -43.16 19.40
N THR A 263 37.63 -42.31 18.54
CA THR A 263 39.05 -42.37 18.23
C THR A 263 39.82 -41.41 19.13
N LEU A 264 41.01 -41.81 19.55
CA LEU A 264 41.91 -41.00 20.36
C LEU A 264 42.97 -40.32 19.49
N VAL A 265 43.33 -39.10 19.88
CA VAL A 265 44.48 -38.41 19.31
C VAL A 265 45.22 -37.73 20.45
N THR A 266 46.55 -37.82 20.42
CA THR A 266 47.36 -37.06 21.37
C THR A 266 47.32 -35.57 21.02
N ASP A 267 47.71 -34.77 22.00
CA ASP A 267 48.04 -33.38 21.76
C ASP A 267 49.42 -33.29 21.10
N TRP A 268 49.83 -32.07 20.78
CA TRP A 268 51.00 -31.79 19.98
C TRP A 268 52.30 -32.35 20.55
N ASP A 269 52.85 -33.42 19.93
CA ASP A 269 54.13 -34.01 20.32
C ASP A 269 54.14 -34.55 21.74
N ASN A 270 52.96 -35.01 22.22
CA ASN A 270 52.86 -35.68 23.51
C ASN A 270 53.91 -36.75 23.69
N VAL A 271 54.10 -37.59 22.66
CA VAL A 271 54.96 -38.76 22.80
C VAL A 271 56.40 -38.32 22.94
N GLY A 272 56.87 -37.44 22.05
CA GLY A 272 58.22 -36.91 22.17
C GLY A 272 58.45 -36.14 23.45
N ARG A 273 57.42 -35.40 23.92
CA ARG A 273 57.56 -34.63 25.15
C ARG A 273 57.93 -35.53 26.32
N MET A 274 57.50 -36.78 26.30
CA MET A 274 57.91 -37.69 27.36
C MET A 274 59.41 -37.93 27.36
N VAL A 275 60.11 -37.61 26.27
CA VAL A 275 61.55 -37.74 26.25
C VAL A 275 62.20 -36.43 26.68
N TRP A 276 61.94 -35.35 25.95
CA TRP A 276 62.73 -34.15 26.10
C TRP A 276 62.17 -33.13 27.10
N GLU A 277 60.99 -33.36 27.67
CA GLU A 277 60.39 -32.32 28.49
C GLU A 277 59.95 -32.85 29.86
N GLN A 278 59.23 -33.97 29.88
CA GLN A 278 58.85 -34.62 31.12
C GLN A 278 59.92 -35.61 31.62
N HIS A 279 60.85 -36.03 30.74
CA HIS A 279 61.98 -36.89 31.12
C HIS A 279 61.53 -38.18 31.81
N ILE A 280 60.49 -38.81 31.28
CA ILE A 280 60.07 -40.11 31.75
C ILE A 280 60.38 -41.22 30.75
N GLN A 281 61.10 -40.91 29.68
CA GLN A 281 61.47 -41.92 28.71
C GLN A 281 62.90 -41.66 28.28
N PRO A 282 63.74 -42.71 28.23
CA PRO A 282 65.13 -42.48 27.83
C PRO A 282 65.29 -42.15 26.37
N ASP A 283 64.37 -42.59 25.51
CA ASP A 283 64.53 -42.42 24.06
C ASP A 283 63.18 -42.57 23.38
N TYR A 284 63.17 -42.27 22.07
CA TYR A 284 61.91 -42.27 21.33
C TYR A 284 61.37 -43.68 21.08
N VAL A 285 62.25 -44.69 20.99
CA VAL A 285 61.77 -46.07 20.84
C VAL A 285 60.91 -46.46 22.03
N HIS A 286 61.40 -46.21 23.24
CA HIS A 286 60.64 -46.57 24.44
C HIS A 286 59.42 -45.67 24.62
N ALA A 287 59.51 -44.40 24.20
CA ALA A 287 58.33 -43.54 24.24
C ALA A 287 57.24 -44.03 23.28
N SER A 288 57.64 -44.35 22.03
CA SER A 288 56.68 -44.93 21.08
C SER A 288 56.06 -46.22 21.61
N ALA A 289 56.89 -47.09 22.21
CA ALA A 289 56.39 -48.35 22.71
C ALA A 289 55.36 -48.14 23.81
N ALA A 290 55.68 -47.27 24.77
CA ALA A 290 54.73 -46.97 25.84
C ALA A 290 53.44 -46.39 25.26
N ALA A 291 53.55 -45.49 24.28
CA ALA A 291 52.35 -44.91 23.69
C ALA A 291 51.46 -45.97 23.02
N VAL A 292 52.07 -46.94 22.31
CA VAL A 292 51.26 -47.99 21.69
C VAL A 292 50.66 -48.91 22.76
N ARG A 293 51.48 -49.29 23.75
CA ARG A 293 51.04 -50.14 24.83
C ARG A 293 49.83 -49.54 25.57
N ALA A 294 49.79 -48.22 25.70
CA ALA A 294 48.73 -47.56 26.46
C ALA A 294 47.40 -47.53 25.71
N GLY A 295 47.40 -47.71 24.41
CA GLY A 295 46.16 -47.77 23.65
C GLY A 295 45.87 -46.55 22.81
N ASN A 296 46.89 -45.81 22.39
CA ASN A 296 46.70 -44.65 21.55
C ASN A 296 46.26 -45.04 20.14
N ASP A 297 45.60 -44.09 19.46
CA ASP A 297 45.24 -44.26 18.06
C ASP A 297 46.08 -43.35 17.19
N MET A 298 45.80 -42.06 17.19
CA MET A 298 46.51 -41.10 16.37
C MET A 298 47.55 -40.40 17.23
N VAL A 299 48.79 -40.35 16.72
CA VAL A 299 49.90 -39.67 17.38
C VAL A 299 50.14 -38.36 16.64
N MET A 300 49.88 -37.24 17.31
CA MET A 300 49.99 -35.95 16.65
C MET A 300 51.42 -35.45 16.69
N THR A 301 51.95 -35.06 15.53
CA THR A 301 53.21 -34.32 15.38
C THR A 301 54.36 -34.81 16.27
N THR A 302 54.50 -36.13 16.43
CA THR A 302 55.79 -36.70 16.82
C THR A 302 56.31 -37.49 15.63
N PRO A 303 56.98 -36.84 14.69
CA PRO A 303 57.42 -37.55 13.48
C PRO A 303 58.43 -38.66 13.76
N ARG A 304 59.23 -38.53 14.81
CA ARG A 304 60.11 -39.60 15.27
C ARG A 304 59.36 -40.82 15.81
N PHE A 305 58.04 -40.75 15.96
CA PHE A 305 57.29 -41.96 16.28
C PHE A 305 57.34 -42.98 15.14
N PHE A 306 57.56 -42.51 13.90
CA PHE A 306 57.61 -43.41 12.76
C PHE A 306 58.76 -44.43 12.92
N GLU A 307 59.99 -43.94 12.98
CA GLU A 307 61.13 -44.82 13.23
C GLU A 307 61.02 -45.51 14.60
N GLY A 308 60.67 -44.75 15.63
CA GLY A 308 60.65 -45.30 16.98
C GLY A 308 59.71 -46.49 17.13
N ALA A 309 58.50 -46.40 16.57
CA ALA A 309 57.58 -47.53 16.64
C ALA A 309 58.03 -48.70 15.77
N LEU A 310 58.65 -48.41 14.61
CA LEU A 310 59.18 -49.48 13.78
C LEU A 310 60.31 -50.22 14.49
N GLU A 311 61.21 -49.47 15.13
CA GLU A 311 62.23 -50.12 15.95
C GLU A 311 61.62 -50.89 17.12
N ALA A 312 60.54 -50.35 17.70
CA ALA A 312 59.97 -50.98 18.89
C ALA A 312 59.36 -52.33 18.56
N VAL A 313 58.72 -52.44 17.41
CA VAL A 313 58.21 -53.75 16.98
C VAL A 313 59.37 -54.68 16.66
N ASP A 314 60.39 -54.16 15.98
CA ASP A 314 61.51 -55.01 15.55
C ASP A 314 62.28 -55.57 16.75
N ARG A 315 62.54 -54.75 17.76
CA ARG A 315 63.21 -55.19 18.98
C ARG A 315 62.27 -55.91 19.94
N GLY A 316 60.99 -56.07 19.59
CA GLY A 316 60.07 -56.82 20.43
C GLY A 316 59.50 -56.08 21.63
N LEU A 317 59.58 -54.75 21.67
CA LEU A 317 59.03 -54.02 22.81
C LEU A 317 57.51 -53.92 22.77
N VAL A 318 56.91 -53.89 21.59
CA VAL A 318 55.46 -54.00 21.45
C VAL A 318 55.14 -55.04 20.39
N GLU A 319 54.00 -55.69 20.58
CA GLU A 319 53.51 -56.66 19.62
C GLU A 319 52.84 -55.94 18.46
N GLU A 320 53.15 -56.37 17.23
CA GLU A 320 52.56 -55.79 16.03
C GLU A 320 51.03 -55.74 16.07
N ALA A 321 50.40 -56.73 16.72
CA ALA A 321 48.94 -56.75 16.83
C ALA A 321 48.39 -55.54 17.60
N ALA A 322 49.21 -54.88 18.41
CA ALA A 322 48.75 -53.65 19.05
C ALA A 322 48.69 -52.50 18.04
N ILE A 323 49.65 -52.45 17.12
CA ILE A 323 49.56 -51.51 16.00
C ILE A 323 48.31 -51.78 15.17
N ASP A 324 48.06 -53.05 14.85
CA ASP A 324 46.88 -53.43 14.08
C ASP A 324 45.61 -52.90 14.74
N ALA A 325 45.50 -53.11 16.05
CA ALA A 325 44.33 -52.63 16.78
C ALA A 325 44.11 -51.14 16.57
N ALA A 326 45.19 -50.35 16.68
CA ALA A 326 45.04 -48.91 16.46
C ALA A 326 44.67 -48.60 15.01
N VAL A 327 45.30 -49.30 14.06
CA VAL A 327 45.01 -49.03 12.66
C VAL A 327 43.59 -49.43 12.31
N ARG A 328 43.06 -50.49 12.95
CA ARG A 328 41.65 -50.85 12.75
C ARG A 328 40.73 -49.70 13.11
N ARG A 329 40.92 -49.12 14.30
CA ARG A 329 40.04 -48.03 14.73
C ARG A 329 40.17 -46.84 13.78
N ILE A 330 41.39 -46.53 13.33
CA ILE A 330 41.55 -45.41 12.41
C ILE A 330 40.84 -45.69 11.10
N LEU A 331 41.07 -46.88 10.53
CA LEU A 331 40.49 -47.17 9.21
C LEU A 331 38.98 -47.24 9.29
N THR A 332 38.45 -47.77 10.40
CA THR A 332 36.99 -47.86 10.55
C THR A 332 36.35 -46.49 10.46
N LEU A 333 36.94 -45.51 11.12
CA LEU A 333 36.43 -44.16 11.01
C LEU A 333 36.46 -43.67 9.57
N LYS A 334 37.54 -43.94 8.83
CA LYS A 334 37.59 -43.46 7.46
C LYS A 334 36.54 -44.15 6.59
N PHE A 335 36.35 -45.46 6.77
CA PHE A 335 35.33 -46.17 6.02
C PHE A 335 33.93 -45.69 6.36
N ARG A 336 33.65 -45.47 7.65
CA ARG A 336 32.31 -45.04 8.02
C ARG A 336 32.02 -43.63 7.52
N LEU A 337 33.05 -42.81 7.38
CA LEU A 337 32.85 -41.51 6.76
C LEU A 337 32.66 -41.60 5.26
N GLY A 338 32.90 -42.77 4.67
CA GLY A 338 32.80 -42.90 3.23
C GLY A 338 33.92 -42.22 2.47
N LEU A 339 35.09 -42.05 3.10
CA LEU A 339 36.18 -41.36 2.43
C LEU A 339 36.73 -42.16 1.25
N PHE A 340 36.55 -43.48 1.23
CA PHE A 340 37.06 -44.30 0.11
C PHE A 340 36.16 -44.13 -1.10
N GLU A 341 34.95 -43.60 -0.93
CA GLU A 341 34.02 -43.34 -2.05
C GLU A 341 33.99 -41.83 -2.35
N ASP A 342 33.97 -41.00 -1.32
CA ASP A 342 33.97 -39.52 -1.46
C ASP A 342 34.95 -38.96 -0.44
N PRO A 343 36.15 -38.50 -0.86
CA PRO A 343 37.13 -38.01 0.10
C PRO A 343 36.91 -36.58 0.57
N ARG A 344 35.80 -35.93 0.19
CA ARG A 344 35.42 -34.60 0.66
C ARG A 344 36.48 -33.53 0.34
N ARG A 345 36.85 -33.49 -0.94
CA ARG A 345 37.43 -32.37 -1.69
C ARG A 345 36.89 -31.01 -1.26
N PRO A 346 37.74 -29.98 -1.23
CA PRO A 346 37.22 -28.63 -1.11
C PRO A 346 36.44 -28.25 -2.35
N ASP A 347 35.48 -27.34 -2.17
CA ASP A 347 34.52 -26.99 -3.21
C ASP A 347 34.43 -25.48 -3.31
N VAL A 348 35.00 -24.91 -4.38
CA VAL A 348 35.08 -23.46 -4.48
C VAL A 348 33.69 -22.84 -4.64
N ALA A 349 32.81 -23.46 -5.44
CA ALA A 349 31.44 -22.95 -5.54
C ALA A 349 30.75 -22.98 -4.19
N ARG A 350 31.01 -24.01 -3.39
CA ARG A 350 30.38 -24.11 -2.09
C ARG A 350 30.93 -23.09 -1.11
N GLN A 351 32.22 -22.76 -1.26
CA GLN A 351 32.83 -21.74 -0.42
C GLN A 351 32.16 -20.38 -0.64
N GLN A 352 32.04 -19.98 -1.91
CA GLN A 352 31.38 -18.74 -2.26
C GLN A 352 29.94 -18.70 -1.78
N ALA A 353 29.27 -19.85 -1.76
CA ALA A 353 27.87 -19.88 -1.33
C ALA A 353 27.73 -19.65 0.17
N VAL A 354 28.63 -20.19 0.99
CA VAL A 354 28.35 -20.28 2.42
C VAL A 354 29.32 -19.52 3.31
N ILE A 355 30.54 -19.21 2.86
CA ILE A 355 31.52 -18.63 3.79
C ILE A 355 31.31 -17.14 3.92
N ALA A 356 31.28 -16.65 5.18
CA ALA A 356 30.99 -15.25 5.49
C ALA A 356 29.67 -14.83 4.87
N SER A 357 28.69 -15.73 4.95
CA SER A 357 27.36 -15.49 4.40
C SER A 357 26.57 -14.52 5.29
N ALA A 358 25.51 -13.95 4.71
CA ALA A 358 24.67 -13.04 5.49
C ALA A 358 24.11 -13.74 6.73
N GLU A 359 23.67 -14.99 6.58
CA GLU A 359 23.06 -15.62 7.74
C GLU A 359 24.11 -16.05 8.77
N HIS A 360 25.37 -16.20 8.35
CA HIS A 360 26.42 -16.48 9.32
C HIS A 360 26.82 -15.22 10.09
N ALA A 361 26.92 -14.08 9.41
CA ALA A 361 27.17 -12.82 10.11
C ALA A 361 26.05 -12.49 11.09
N ALA A 362 24.83 -12.94 10.81
CA ALA A 362 23.71 -12.64 11.70
C ALA A 362 23.79 -13.49 12.96
N VAL A 363 24.21 -14.74 12.82
CA VAL A 363 24.47 -15.54 14.01
C VAL A 363 25.59 -14.91 14.83
N ASN A 364 26.64 -14.43 14.14
CA ASN A 364 27.75 -13.77 14.83
C ASN A 364 27.26 -12.57 15.63
N LEU A 365 26.44 -11.72 15.01
CA LEU A 365 25.92 -10.54 15.68
C LEU A 365 25.16 -10.92 16.94
N GLU A 366 24.32 -11.95 16.85
CA GLU A 366 23.51 -12.32 18.01
C GLU A 366 24.38 -12.79 19.17
N VAL A 367 25.33 -13.69 18.90
CA VAL A 367 26.26 -14.16 19.93
C VAL A 367 26.98 -12.99 20.57
N ALA A 368 27.51 -12.08 19.74
CA ALA A 368 28.23 -10.94 20.28
C ALA A 368 27.34 -10.11 21.21
N ARG A 369 26.14 -9.74 20.73
CA ARG A 369 25.22 -8.95 21.54
C ARG A 369 24.89 -9.64 22.87
N ARG A 370 24.56 -10.93 22.82
CA ARG A 370 24.21 -11.63 24.06
C ARG A 370 25.42 -11.93 24.94
N SER A 371 26.64 -11.76 24.45
CA SER A 371 27.81 -12.12 25.25
C SER A 371 28.35 -10.99 26.12
N LEU A 372 28.09 -9.72 25.81
CA LEU A 372 28.62 -8.64 26.61
C LEU A 372 28.03 -8.69 28.02
N VAL A 373 28.86 -8.46 29.03
CA VAL A 373 28.42 -8.47 30.42
C VAL A 373 28.62 -7.07 31.02
N LEU A 374 27.53 -6.39 31.34
CA LEU A 374 27.58 -5.13 32.06
C LEU A 374 27.83 -5.43 33.54
N LEU A 375 29.00 -5.06 34.05
CA LEU A 375 29.37 -5.42 35.43
C LEU A 375 29.12 -4.32 36.45
N THR A 376 29.38 -3.05 36.12
CA THR A 376 29.02 -1.96 37.01
C THR A 376 28.41 -0.85 36.17
N ASN A 377 27.57 -0.04 36.82
CA ASN A 377 26.90 1.06 36.14
C ASN A 377 26.26 1.99 37.16
N ASP A 378 26.76 3.20 37.27
CA ASP A 378 26.17 4.14 38.22
C ASP A 378 24.96 4.88 37.65
N GLY A 379 24.45 4.47 36.49
CA GLY A 379 23.35 5.15 35.84
C GLY A 379 23.74 5.90 34.59
N THR A 380 25.03 6.06 34.34
CA THR A 380 25.46 6.68 33.10
C THR A 380 25.00 5.90 31.87
N LEU A 381 24.81 4.58 32.01
CA LEU A 381 24.39 3.76 30.88
C LEU A 381 22.92 3.35 31.04
N PRO A 382 22.12 3.31 29.96
CA PRO A 382 22.44 3.66 28.55
C PRO A 382 22.67 5.14 28.34
N PHE A 383 23.75 5.47 27.65
CA PHE A 383 24.22 6.84 27.54
C PHE A 383 23.10 7.76 27.07
N ALA A 384 22.95 8.89 27.78
CA ALA A 384 22.00 9.96 27.44
C ALA A 384 20.57 9.46 27.45
N GLY A 385 20.28 8.48 28.31
CA GLY A 385 18.95 7.92 28.46
C GLY A 385 18.62 6.80 27.50
N GLY A 386 19.44 6.57 26.48
CA GLY A 386 19.19 5.51 25.53
C GLY A 386 18.71 6.07 24.19
N LEU A 387 19.13 5.41 23.13
CA LEU A 387 18.85 5.88 21.79
C LEU A 387 17.89 4.92 21.09
N ASP A 388 17.32 5.43 20.00
CA ASP A 388 16.49 4.65 19.09
C ASP A 388 17.07 4.73 17.68
N ARG A 389 16.66 3.79 16.85
CA ARG A 389 16.96 3.86 15.43
C ARG A 389 15.77 4.44 14.68
N ALA A 390 16.04 5.07 13.53
CA ALA A 390 14.97 5.51 12.64
C ALA A 390 14.09 4.32 12.25
N THR A 393 14.45 1.08 9.89
CA THR A 393 15.88 1.00 9.62
C THR A 393 16.57 0.34 10.81
N PRO A 394 16.36 -0.99 11.02
CA PRO A 394 16.98 -1.66 12.17
C PRO A 394 18.49 -1.80 12.05
N ASP A 395 19.07 -1.15 11.04
CA ASP A 395 20.50 -1.21 10.77
C ASP A 395 21.21 0.13 10.93
N GLY A 396 20.56 1.23 10.60
CA GLY A 396 21.26 2.51 10.41
C GLY A 396 21.73 3.15 11.70
N ARG A 397 22.19 4.39 11.55
CA ARG A 397 22.49 5.24 12.71
C ARG A 397 21.28 5.35 13.63
N ALA A 398 21.56 5.37 14.93
CA ALA A 398 20.58 5.86 15.88
C ALA A 398 20.31 7.36 15.66
N LEU A 399 19.17 7.81 16.20
CA LEU A 399 18.81 9.22 16.18
C LEU A 399 19.18 9.88 17.50
N ALA A 400 19.57 11.16 17.44
CA ALA A 400 19.81 11.92 18.66
C ALA A 400 18.54 11.94 19.51
N PRO A 401 18.64 11.63 20.80
CA PRO A 401 17.43 11.55 21.64
C PRO A 401 17.04 12.92 22.19
N ALA A 402 15.88 12.93 22.87
CA ALA A 402 15.42 14.15 23.54
C ALA A 402 16.40 14.58 24.62
N GLY A 403 16.82 15.83 24.59
CA GLY A 403 17.71 16.37 25.61
C GLY A 403 19.18 16.11 25.40
N ALA A 404 19.59 15.56 24.24
CA ALA A 404 21.01 15.32 23.96
C ALA A 404 21.28 15.50 22.45
N PRO A 405 21.19 16.73 21.96
CA PRO A 405 21.41 16.91 20.51
C PRO A 405 22.87 16.77 20.09
N ALA A 406 23.83 17.20 20.89
CA ALA A 406 25.25 17.14 20.53
C ALA A 406 26.05 16.50 21.66
N ARG A 407 26.58 15.31 21.42
CA ARG A 407 27.46 14.63 22.35
C ARG A 407 28.73 14.16 21.63
N THR A 408 29.85 14.28 22.30
CA THR A 408 31.11 13.75 21.81
C THR A 408 31.48 12.51 22.62
N ILE A 409 31.88 11.44 21.93
CA ILE A 409 32.35 10.23 22.58
C ILE A 409 33.82 10.06 22.24
N ALA A 410 34.66 10.00 23.27
CA ALA A 410 36.10 9.81 23.11
C ALA A 410 36.41 8.34 23.34
N VAL A 411 36.76 7.64 22.26
CA VAL A 411 37.09 6.21 22.32
C VAL A 411 38.61 6.09 22.46
N VAL A 412 39.06 5.59 23.60
CA VAL A 412 40.47 5.59 23.94
C VAL A 412 40.88 4.18 24.34
N GLY A 413 42.18 3.95 24.35
CA GLY A 413 42.71 2.71 24.84
C GLY A 413 43.37 1.89 23.75
N PRO A 414 44.31 1.03 24.15
CA PRO A 414 45.05 0.24 23.15
C PRO A 414 44.19 -0.72 22.35
N ASN A 415 43.18 -1.34 22.96
CA ASN A 415 42.30 -2.28 22.26
C ASN A 415 41.08 -1.62 21.60
N ALA A 416 41.06 -0.29 21.46
CA ALA A 416 39.86 0.37 20.93
C ALA A 416 39.70 0.16 19.42
N ASP A 417 40.80 -0.05 18.70
CA ASP A 417 40.75 -0.10 17.25
C ASP A 417 41.62 -1.22 16.68
N ASP A 418 41.85 -2.27 17.45
CA ASP A 418 42.84 -3.31 17.12
C ASP A 418 42.08 -4.57 16.75
N ASP A 419 41.98 -4.86 15.45
CA ASP A 419 41.14 -5.98 15.03
C ASP A 419 41.74 -7.32 15.46
N HIS A 420 43.08 -7.46 15.48
CA HIS A 420 43.68 -8.74 15.86
C HIS A 420 43.35 -9.10 17.31
N THR A 421 43.47 -8.12 18.20
CA THR A 421 43.22 -8.41 19.61
C THR A 421 41.75 -8.76 19.84
N GLN A 422 40.85 -8.10 19.12
CA GLN A 422 39.43 -8.36 19.31
C GLN A 422 39.03 -9.78 18.93
N LEU A 423 39.74 -10.40 17.95
CA LEU A 423 39.42 -11.78 17.60
C LEU A 423 40.06 -12.79 18.54
N GLY A 424 41.08 -12.43 19.31
CA GLY A 424 41.65 -13.36 20.27
C GLY A 424 42.60 -14.39 19.67
N ASP A 425 43.09 -15.27 20.55
CA ASP A 425 43.91 -16.39 20.16
C ASP A 425 43.11 -17.34 19.25
N TRP A 426 43.83 -18.21 18.54
CA TRP A 426 43.21 -19.21 17.67
C TRP A 426 42.31 -18.57 16.61
N ALA A 427 42.86 -17.55 15.95
CA ALA A 427 42.17 -16.85 14.89
C ALA A 427 43.20 -16.06 14.09
N GLY A 428 43.02 -15.99 12.77
CA GLY A 428 43.85 -15.15 11.93
C GLY A 428 45.35 -15.24 12.12
N ALA A 429 45.97 -14.13 12.52
CA ALA A 429 47.41 -14.04 12.73
C ALA A 429 47.84 -14.42 14.15
N SER A 430 47.04 -15.21 14.86
CA SER A 430 47.40 -15.58 16.24
C SER A 430 48.68 -16.41 16.31
N GLY A 431 49.13 -17.02 15.21
CA GLY A 431 50.44 -17.65 15.21
C GLY A 431 50.52 -19.10 14.75
N GLN A 432 49.43 -19.85 14.85
CA GLN A 432 49.50 -21.28 14.66
C GLN A 432 49.42 -21.69 13.18
N ALA A 433 48.98 -20.79 12.30
CA ALA A 433 48.96 -21.04 10.86
C ALA A 433 49.81 -19.99 10.17
N ASP A 434 50.60 -20.41 9.18
CA ASP A 434 51.60 -19.51 8.61
C ASP A 434 51.22 -18.96 7.25
N TRP A 435 49.96 -19.12 6.85
CA TRP A 435 49.51 -18.66 5.51
C TRP A 435 48.57 -17.46 5.62
N LEU A 436 48.41 -16.91 6.82
CA LEU A 436 47.59 -15.67 6.98
C LEU A 436 48.40 -14.61 7.71
N PRO A 437 49.33 -13.94 7.02
CA PRO A 437 50.22 -12.96 7.65
C PRO A 437 49.54 -11.65 8.07
N ASP A 438 48.46 -11.25 7.38
CA ASP A 438 47.71 -10.04 7.74
C ASP A 438 46.44 -10.44 8.49
N GLY A 439 46.25 -11.74 8.74
CA GLY A 439 45.06 -12.24 9.41
C GLY A 439 43.85 -12.19 8.52
N HIS A 440 42.70 -11.92 9.10
CA HIS A 440 41.49 -11.80 8.32
C HIS A 440 41.36 -10.39 7.74
N PRO A 441 40.57 -10.23 6.68
CA PRO A 441 40.39 -8.90 6.07
C PRO A 441 39.90 -7.91 7.10
N ARG A 442 40.59 -6.76 7.17
CA ARG A 442 40.27 -5.73 8.14
C ARG A 442 38.79 -5.35 8.11
N GLU A 443 38.23 -5.21 6.90
CA GLU A 443 36.86 -4.73 6.72
C GLU A 443 35.80 -5.64 7.32
N MET A 444 36.13 -6.92 7.61
CA MET A 444 35.13 -7.82 8.17
C MET A 444 34.93 -7.63 9.67
N THR A 445 35.82 -6.92 10.34
CA THR A 445 35.80 -6.75 11.79
C THR A 445 35.36 -5.32 12.12
N THR A 446 34.36 -5.21 12.97
CA THR A 446 33.93 -3.92 13.53
C THR A 446 34.57 -3.76 14.89
N THR A 447 35.54 -2.85 15.00
CA THR A 447 36.14 -2.52 16.30
C THR A 447 35.21 -1.61 17.10
N VAL A 448 35.48 -1.53 18.42
CA VAL A 448 34.72 -0.61 19.27
C VAL A 448 34.63 0.78 18.62
N LEU A 449 35.78 1.32 18.20
CA LEU A 449 35.80 2.58 17.46
C LEU A 449 34.87 2.54 16.24
N ASP A 450 35.08 1.57 15.33
CA ASP A 450 34.21 1.44 14.15
C ASP A 450 32.73 1.48 14.55
N GLY A 451 32.37 0.78 15.61
CA GLY A 451 30.97 0.70 15.99
C GLY A 451 30.41 2.05 16.40
N PHE A 452 31.17 2.78 17.23
CA PHE A 452 30.72 4.11 17.60
C PHE A 452 30.68 5.04 16.40
N ARG A 453 31.63 4.91 15.46
CA ARG A 453 31.61 5.76 14.29
C ARG A 453 30.43 5.49 13.37
N ALA A 454 29.85 4.29 13.44
CA ALA A 454 28.74 3.91 12.55
C ALA A 454 27.38 4.12 13.18
N LEU A 455 27.27 3.99 14.50
CA LEU A 455 25.98 4.08 15.17
C LEU A 455 25.66 5.47 15.70
N ALA A 456 26.67 6.30 15.92
CA ALA A 456 26.47 7.59 16.55
C ALA A 456 25.54 8.46 15.70
N PRO A 457 24.58 9.17 16.33
CA PRO A 457 23.70 10.07 15.58
C PRO A 457 24.50 11.11 14.81
N GLU A 458 23.87 11.63 13.75
CA GLU A 458 24.49 12.62 12.87
C GLU A 458 25.12 13.77 13.65
N GLY A 459 24.39 14.33 14.63
CA GLY A 459 24.91 15.48 15.35
C GLY A 459 25.95 15.21 16.43
N TRP A 460 26.31 13.95 16.65
CA TRP A 460 27.32 13.60 17.62
C TRP A 460 28.66 13.42 16.92
N ALA A 461 29.74 13.44 17.69
CA ALA A 461 31.08 13.24 17.14
C ALA A 461 31.77 12.13 17.92
N VAL A 462 32.59 11.35 17.22
CA VAL A 462 33.35 10.28 17.85
C VAL A 462 34.83 10.57 17.63
N THR A 463 35.58 10.69 18.73
CA THR A 463 37.01 10.91 18.66
C THR A 463 37.76 9.67 19.13
N HIS A 464 39.06 9.68 18.87
CA HIS A 464 39.88 8.52 19.15
C HIS A 464 41.26 8.98 19.60
N ALA A 465 41.74 8.37 20.67
CA ALA A 465 43.12 8.57 21.10
C ALA A 465 43.63 7.25 21.63
N ARG A 466 44.70 6.74 21.04
CA ARG A 466 45.42 5.68 21.71
C ARG A 466 45.94 6.25 23.02
N GLY A 467 45.74 5.53 24.10
CA GLY A 467 46.09 6.24 25.32
C GLY A 467 47.29 5.63 26.01
N ALA A 468 47.59 4.40 25.59
CA ALA A 468 48.61 3.61 26.24
C ALA A 468 49.06 2.55 25.27
N ASP A 469 50.32 2.15 25.42
CA ASP A 469 50.80 0.93 24.79
C ASP A 469 50.82 -0.17 25.84
N ILE A 470 50.71 -1.40 25.38
CA ILE A 470 50.76 -2.51 26.31
C ILE A 470 52.17 -3.06 26.43
N LEU A 471 52.82 -3.42 25.32
CA LEU A 471 54.12 -4.09 25.43
C LEU A 471 54.92 -3.93 24.15
N THR A 472 56.21 -4.29 24.27
CA THR A 472 57.04 -4.63 23.12
C THR A 472 57.75 -5.95 23.44
N LEU A 473 58.42 -6.50 22.43
CA LEU A 473 59.18 -7.73 22.59
C LEU A 473 60.68 -7.42 22.61
N ALA A 474 61.42 -8.24 23.35
CA ALA A 474 62.84 -8.05 23.53
C ALA A 474 63.50 -9.40 23.76
N PRO A 475 64.80 -9.50 23.53
CA PRO A 475 65.50 -10.74 23.88
C PRO A 475 65.61 -10.94 25.38
N ASP A 476 65.70 -12.20 25.79
CA ASP A 476 65.66 -12.56 27.21
C ASP A 476 66.87 -11.98 27.96
N PRO A 477 66.65 -11.32 29.11
CA PRO A 477 67.80 -10.93 29.95
C PRO A 477 68.38 -12.11 30.73
N GLU A 478 68.81 -13.16 30.02
CA GLU A 478 69.31 -14.37 30.68
C GLU A 478 70.68 -14.12 31.33
N GLN A 490 61.75 -12.13 22.35
CA GLN A 490 61.15 -13.35 22.87
C GLN A 490 60.53 -13.12 24.26
N VAL A 491 60.82 -11.99 24.86
CA VAL A 491 60.32 -11.66 26.19
C VAL A 491 59.44 -10.41 26.12
N VAL A 492 58.33 -10.46 26.85
CA VAL A 492 57.43 -9.31 26.95
C VAL A 492 58.09 -8.24 27.80
N VAL A 493 58.22 -7.04 27.23
CA VAL A 493 58.65 -5.86 27.96
C VAL A 493 57.43 -4.95 28.12
N PRO A 494 56.88 -4.82 29.33
CA PRO A 494 55.76 -3.90 29.53
C PRO A 494 56.14 -2.49 29.10
N ALA A 495 55.23 -1.84 28.38
CA ALA A 495 55.46 -0.46 27.99
C ALA A 495 55.39 0.46 29.21
N ALA A 496 56.17 1.53 29.18
CA ALA A 496 56.03 2.56 30.20
C ALA A 496 54.73 3.34 30.00
N PRO A 497 54.18 3.91 31.06
CA PRO A 497 53.25 5.03 30.86
C PRO A 497 53.95 6.13 30.06
N ASP A 498 53.25 6.62 29.04
CA ASP A 498 53.75 7.59 28.09
C ASP A 498 53.00 8.89 28.35
N ASP A 499 53.71 9.91 28.82
CA ASP A 499 53.03 11.12 29.28
C ASP A 499 52.32 11.83 28.14
N ALA A 500 52.97 11.95 26.98
CA ALA A 500 52.34 12.59 25.83
C ALA A 500 51.11 11.81 25.38
N LEU A 501 51.17 10.48 25.41
CA LEU A 501 50.08 9.69 24.87
C LEU A 501 48.90 9.69 25.83
N ILE A 502 49.20 9.66 27.13
CA ILE A 502 48.21 9.91 28.17
C ILE A 502 47.60 11.30 28.04
N ALA A 503 48.45 12.32 27.86
CA ALA A 503 47.92 13.68 27.80
C ALA A 503 47.02 13.89 26.59
N GLU A 504 47.27 13.15 25.51
CA GLU A 504 46.40 13.23 24.35
C GLU A 504 45.03 12.61 24.63
N ALA A 505 45.00 11.49 25.36
CA ALA A 505 43.72 10.90 25.72
C ALA A 505 43.01 11.70 26.81
N VAL A 506 43.77 12.36 27.68
CA VAL A 506 43.15 13.23 28.67
C VAL A 506 42.49 14.42 27.98
N ALA A 507 43.21 15.03 27.03
CA ALA A 507 42.65 16.16 26.30
C ALA A 507 41.41 15.75 25.52
N ALA A 508 41.45 14.57 24.89
CA ALA A 508 40.27 14.10 24.18
C ALA A 508 39.10 13.88 25.14
N ALA A 509 39.38 13.38 26.35
CA ALA A 509 38.29 13.13 27.30
C ALA A 509 37.71 14.44 27.83
N ARG A 510 38.56 15.45 28.04
CA ARG A 510 38.08 16.72 28.56
C ARG A 510 37.23 17.45 27.54
N ASP A 511 37.43 17.19 26.25
CA ASP A 511 36.58 17.72 25.21
C ASP A 511 35.42 16.78 24.83
N ALA A 512 35.02 15.88 25.73
CA ALA A 512 34.04 14.87 25.38
C ALA A 512 33.01 14.74 26.49
N ASP A 513 31.90 14.09 26.17
CA ASP A 513 30.87 13.79 27.15
C ASP A 513 31.04 12.45 27.80
N LEU A 514 31.74 11.53 27.12
CA LEU A 514 31.89 10.16 27.59
C LEU A 514 33.23 9.64 27.10
N ALA A 515 33.96 8.98 28.00
CA ALA A 515 35.21 8.34 27.68
C ALA A 515 34.99 6.83 27.72
N VAL A 516 35.20 6.17 26.59
CA VAL A 516 35.11 4.73 26.49
C VAL A 516 36.55 4.22 26.40
N ALA A 517 37.05 3.69 27.50
CA ALA A 517 38.42 3.18 27.60
C ALA A 517 38.42 1.69 27.30
N VAL A 518 39.03 1.29 26.20
CA VAL A 518 39.03 -0.11 25.78
C VAL A 518 40.39 -0.69 26.15
N VAL A 519 40.41 -1.47 27.21
CA VAL A 519 41.64 -1.97 27.83
C VAL A 519 41.62 -3.50 27.83
N GLY A 520 42.78 -4.09 28.13
CA GLY A 520 42.83 -5.55 28.18
C GLY A 520 44.25 -6.09 27.97
N ASP A 521 44.32 -7.31 27.42
CA ASP A 521 45.59 -7.94 27.11
C ASP A 521 45.69 -8.08 25.60
N ARG A 522 46.73 -8.78 25.13
CA ARG A 522 46.88 -9.09 23.71
C ARG A 522 47.70 -10.37 23.60
N ILE A 523 47.96 -10.80 22.35
CA ILE A 523 48.28 -12.20 22.08
C ILE A 523 49.55 -12.67 22.80
N GLU A 524 50.55 -11.79 22.97
CA GLU A 524 51.76 -12.18 23.69
C GLU A 524 51.51 -12.42 25.18
N LEU A 525 50.35 -12.01 25.72
CA LEU A 525 50.01 -12.28 27.12
C LEU A 525 48.97 -13.38 27.26
N VAL A 526 48.77 -14.19 26.22
CA VAL A 526 47.64 -15.10 26.11
C VAL A 526 48.10 -16.39 25.46
N GLY A 527 47.62 -17.52 25.97
CA GLY A 527 47.68 -18.76 25.24
C GLY A 527 48.75 -19.73 25.71
N GLU A 528 49.03 -20.70 24.85
CA GLU A 528 50.00 -21.74 25.15
C GLU A 528 51.35 -21.13 25.53
N GLY A 529 51.95 -21.67 26.59
CA GLY A 529 53.21 -21.17 27.09
C GLY A 529 53.18 -19.72 27.54
N ARG A 530 51.99 -19.15 27.74
CA ARG A 530 51.86 -17.72 28.02
C ARG A 530 50.89 -17.49 29.20
N SER A 531 51.14 -18.20 30.28
CA SER A 531 50.45 -17.94 31.52
C SER A 531 50.90 -16.60 32.09
N THR A 532 50.05 -16.01 32.91
CA THR A 532 50.36 -14.72 33.54
C THR A 532 50.29 -14.87 35.05
N ALA A 533 51.17 -14.19 35.75
CA ALA A 533 51.24 -14.35 37.18
C ALA A 533 50.41 -13.34 37.94
N THR A 534 50.26 -12.10 37.42
CA THR A 534 49.71 -11.00 38.22
C THR A 534 48.26 -10.71 37.91
N LEU A 535 47.80 -11.05 36.71
CA LEU A 535 46.45 -10.85 36.21
C LEU A 535 46.15 -9.38 35.97
N GLU A 536 47.12 -8.49 36.14
CA GLU A 536 46.87 -7.07 36.03
C GLU A 536 46.98 -6.60 34.59
N LEU A 537 46.46 -5.40 34.34
CA LEU A 537 46.66 -4.74 33.05
C LEU A 537 48.13 -4.40 32.89
N VAL A 538 48.70 -4.77 31.74
CA VAL A 538 50.13 -4.60 31.47
C VAL A 538 50.37 -3.26 30.79
N GLY A 539 51.50 -2.63 31.11
CA GLY A 539 51.94 -1.48 30.36
C GLY A 539 51.37 -0.17 30.87
N GLY A 540 51.01 0.72 29.95
CA GLY A 540 50.53 2.02 30.37
C GLY A 540 49.06 2.08 30.69
N GLN A 541 48.37 0.94 30.78
CA GLN A 541 46.92 0.97 30.83
C GLN A 541 46.40 1.52 32.16
N VAL A 542 47.06 1.15 33.27
CA VAL A 542 46.63 1.59 34.59
C VAL A 542 46.76 3.10 34.72
N ALA A 543 47.92 3.65 34.32
CA ALA A 543 48.10 5.09 34.34
C ALA A 543 47.04 5.78 33.49
N LEU A 544 46.72 5.21 32.33
CA LEU A 544 45.71 5.83 31.47
C LEU A 544 44.34 5.85 32.13
N LEU A 545 43.96 4.76 32.78
CA LEU A 545 42.68 4.77 33.49
C LEU A 545 42.67 5.80 34.62
N ASP A 546 43.73 5.86 35.43
CA ASP A 546 43.79 6.86 36.50
C ASP A 546 43.56 8.26 35.95
N ALA A 547 44.29 8.61 34.89
CA ALA A 547 44.20 9.95 34.33
C ALA A 547 42.81 10.23 33.77
N LEU A 548 42.23 9.25 33.07
CA LEU A 548 40.91 9.44 32.49
C LEU A 548 39.85 9.68 33.56
N VAL A 549 39.87 8.88 34.63
CA VAL A 549 38.85 9.03 35.65
C VAL A 549 38.95 10.38 36.31
N ALA A 550 40.17 10.91 36.44
CA ALA A 550 40.38 12.18 37.11
C ALA A 550 39.99 13.39 36.26
N THR A 551 39.65 13.20 34.99
CA THR A 551 39.20 14.36 34.20
C THR A 551 37.82 14.84 34.62
N GLY A 552 37.00 13.99 35.22
CA GLY A 552 35.62 14.31 35.52
C GLY A 552 34.63 13.84 34.46
N THR A 553 35.05 13.76 33.21
CA THR A 553 34.22 13.12 32.20
C THR A 553 33.93 11.68 32.61
N PRO A 554 32.67 11.22 32.51
CA PRO A 554 32.39 9.83 32.88
C PRO A 554 33.06 8.84 31.95
N VAL A 555 33.60 7.78 32.55
CA VAL A 555 34.42 6.79 31.86
C VAL A 555 33.68 5.46 31.86
N VAL A 556 33.54 4.87 30.67
CA VAL A 556 33.07 3.50 30.54
C VAL A 556 34.28 2.63 30.22
N VAL A 557 34.64 1.73 31.15
CA VAL A 557 35.74 0.79 30.96
C VAL A 557 35.22 -0.44 30.23
N VAL A 558 35.73 -0.68 29.01
CA VAL A 558 35.39 -1.86 28.22
C VAL A 558 36.60 -2.80 28.18
N VAL A 559 36.44 -4.00 28.73
CA VAL A 559 37.55 -4.95 28.82
C VAL A 559 37.47 -5.92 27.64
N VAL A 560 38.38 -5.75 26.69
CA VAL A 560 38.60 -6.72 25.63
C VAL A 560 39.86 -7.48 26.03
N ALA A 561 39.69 -8.67 26.59
CA ALA A 561 40.82 -9.45 27.05
C ALA A 561 40.47 -10.92 26.93
N SER A 562 41.50 -11.77 26.98
CA SER A 562 41.24 -13.20 26.88
C SER A 562 40.58 -13.73 28.15
N LYS A 563 40.84 -13.12 29.30
CA LYS A 563 40.46 -13.74 30.56
C LYS A 563 40.22 -12.66 31.60
N PRO A 564 39.57 -12.99 32.71
CA PRO A 564 39.31 -11.98 33.77
C PRO A 564 40.60 -11.39 34.31
N LEU A 565 40.70 -10.08 34.24
CA LEU A 565 41.86 -9.37 34.76
C LEU A 565 41.50 -8.69 36.07
N VAL A 566 42.49 -8.58 36.95
CA VAL A 566 42.36 -7.70 38.11
C VAL A 566 42.35 -6.26 37.62
N LEU A 567 41.32 -5.55 37.94
CA LEU A 567 41.22 -4.16 37.49
C LEU A 567 41.74 -3.21 38.56
N PRO A 568 42.33 -2.09 38.17
CA PRO A 568 42.87 -1.13 39.16
C PRO A 568 41.76 -0.39 39.88
N PRO A 569 42.07 0.23 41.04
CA PRO A 569 41.04 1.00 41.78
C PRO A 569 40.29 2.02 40.93
N SER A 570 40.98 2.72 40.04
CA SER A 570 40.33 3.70 39.19
C SER A 570 39.22 3.07 38.34
N ALA A 571 39.39 1.81 37.93
CA ALA A 571 38.32 1.17 37.17
C ALA A 571 37.08 0.95 38.01
N HIS A 572 37.25 0.68 39.30
CA HIS A 572 36.09 0.52 40.16
C HIS A 572 35.43 1.87 40.48
N ALA A 573 36.14 2.99 40.28
CA ALA A 573 35.55 4.30 40.43
C ALA A 573 34.97 4.87 39.14
N ALA A 574 35.14 4.17 38.01
CA ALA A 574 34.63 4.65 36.74
C ALA A 574 33.12 4.50 36.68
N ALA A 575 32.50 5.14 35.69
CA ALA A 575 31.04 5.17 35.60
C ALA A 575 30.46 3.78 35.32
N ALA A 576 31.15 2.96 34.51
CA ALA A 576 30.61 1.66 34.16
C ALA A 576 31.74 0.79 33.63
N VAL A 577 31.54 -0.52 33.74
CA VAL A 577 32.53 -1.51 33.36
C VAL A 577 31.80 -2.57 32.56
N VAL A 578 32.36 -2.92 31.40
CA VAL A 578 31.77 -3.86 30.47
C VAL A 578 32.82 -4.93 30.17
N TRP A 579 32.48 -6.18 30.43
CA TRP A 579 33.33 -7.32 30.07
C TRP A 579 32.95 -7.82 28.69
N ALA A 580 33.92 -7.92 27.79
CA ALA A 580 33.65 -8.34 26.41
C ALA A 580 34.41 -9.58 25.92
N ALA A 581 35.48 -10.00 26.60
CA ALA A 581 36.15 -11.31 26.37
C ALA A 581 36.46 -11.64 24.92
N ASN A 582 37.14 -10.77 24.18
CA ASN A 582 37.34 -11.12 22.75
C ASN A 582 36.04 -11.44 22.03
N PRO A 583 35.28 -10.45 21.58
CA PRO A 583 33.91 -10.68 21.09
C PRO A 583 33.76 -10.98 19.60
N GLY A 584 34.84 -11.26 18.87
CA GLY A 584 34.71 -11.63 17.48
C GLY A 584 34.53 -10.44 16.55
N MET A 585 34.14 -10.75 15.32
CA MET A 585 34.20 -9.73 14.28
C MET A 585 33.10 -8.67 14.42
N ARG A 586 32.00 -8.96 15.13
CA ARG A 586 30.93 -7.98 15.28
C ARG A 586 30.94 -7.34 16.67
N GLY A 587 31.93 -7.66 17.49
CA GLY A 587 31.90 -7.26 18.89
C GLY A 587 31.89 -5.76 19.10
N GLY A 588 32.55 -5.01 18.21
CA GLY A 588 32.53 -3.57 18.34
C GLY A 588 31.16 -2.99 18.05
N GLN A 589 30.44 -3.58 17.09
CA GLN A 589 29.07 -3.17 16.88
C GLN A 589 28.24 -3.41 18.14
N ALA A 590 28.45 -4.55 18.80
CA ALA A 590 27.69 -4.89 19.99
C ALA A 590 27.97 -3.93 21.15
N VAL A 591 29.24 -3.55 21.35
CA VAL A 591 29.58 -2.69 22.48
C VAL A 591 28.97 -1.29 22.28
N ALA A 592 29.09 -0.75 21.07
CA ALA A 592 28.46 0.52 20.74
C ALA A 592 26.96 0.46 20.98
N GLU A 593 26.31 -0.62 20.51
CA GLU A 593 24.87 -0.75 20.71
C GLU A 593 24.54 -0.82 22.19
N LEU A 594 25.37 -1.54 22.95
CA LEU A 594 25.14 -1.66 24.38
C LEU A 594 25.23 -0.30 25.06
N VAL A 595 26.31 0.44 24.78
CA VAL A 595 26.54 1.72 25.43
C VAL A 595 25.45 2.73 25.06
N LEU A 596 24.99 2.69 23.81
CA LEU A 596 23.94 3.58 23.34
C LEU A 596 22.53 3.10 23.69
N GLY A 597 22.38 1.95 24.32
CA GLY A 597 21.03 1.50 24.62
C GLY A 597 20.22 1.02 23.43
N LEU A 598 20.86 0.70 22.30
CA LEU A 598 20.18 0.03 21.19
C LEU A 598 19.94 -1.45 21.44
N ILE A 599 20.59 -2.05 22.44
CA ILE A 599 20.29 -3.41 22.87
C ILE A 599 20.23 -3.39 24.40
N GLU A 600 19.57 -4.40 24.96
CA GLU A 600 19.62 -4.58 26.42
C GLU A 600 20.77 -5.52 26.80
N PRO A 601 21.44 -5.30 27.92
CA PRO A 601 22.47 -6.26 28.35
C PRO A 601 21.84 -7.58 28.77
N GLU A 602 22.46 -8.67 28.34
CA GLU A 602 22.00 -10.00 28.66
C GLU A 602 23.04 -10.89 29.28
N GLY A 603 24.33 -10.63 29.06
CA GLY A 603 25.35 -11.58 29.43
C GLY A 603 25.47 -11.72 30.94
N ARG A 604 25.93 -12.89 31.35
CA ARG A 604 26.17 -13.17 32.76
C ARG A 604 27.50 -13.89 32.85
N LEU A 605 28.28 -13.57 33.87
CA LEU A 605 29.63 -14.09 33.95
C LEU A 605 29.60 -15.62 33.98
N PRO A 606 30.39 -16.29 33.15
CA PRO A 606 30.57 -17.75 33.29
C PRO A 606 31.78 -18.14 34.13
N ILE A 607 32.36 -17.17 34.84
CA ILE A 607 33.64 -17.30 35.52
C ILE A 607 33.74 -16.14 36.50
N SER A 608 34.46 -16.31 37.60
CA SER A 608 34.64 -15.27 38.60
C SER A 608 35.92 -14.46 38.36
N PHE A 609 35.88 -13.18 38.74
CA PHE A 609 37.00 -12.24 38.70
C PHE A 609 37.66 -12.15 40.07
N ALA A 610 38.95 -12.45 40.16
CA ALA A 610 39.70 -12.29 41.39
C ALA A 610 40.10 -10.83 41.64
N ARG A 611 40.35 -10.53 42.90
CA ARG A 611 40.84 -9.21 43.29
C ARG A 611 42.36 -9.11 43.22
N HIS A 612 43.03 -10.24 43.24
CA HIS A 612 44.48 -10.37 43.30
C HIS A 612 44.77 -11.83 43.00
N ALA A 613 45.89 -12.09 42.33
CA ALA A 613 46.25 -13.47 42.04
C ALA A 613 46.28 -14.32 43.30
N GLY A 614 46.76 -13.75 44.42
CA GLY A 614 46.89 -14.49 45.68
C GLY A 614 45.60 -14.81 46.40
N GLN A 615 44.47 -14.34 45.86
CA GLN A 615 43.16 -14.59 46.44
C GLN A 615 42.58 -15.94 46.03
N GLN A 616 43.12 -16.55 44.98
CA GLN A 616 42.56 -17.76 44.42
C GLN A 616 42.64 -18.91 45.42
N PRO A 617 41.64 -19.81 45.46
CA PRO A 617 40.58 -19.94 44.44
C PRO A 617 39.40 -18.97 44.64
N THR A 618 38.85 -18.47 43.55
CA THR A 618 37.72 -17.55 43.58
C THR A 618 36.53 -18.07 42.79
N TYR A 619 36.61 -19.29 42.26
CA TYR A 619 35.44 -19.89 41.63
C TYR A 619 34.37 -20.16 42.69
N TYR A 620 33.10 -20.06 42.27
CA TYR A 620 31.99 -19.97 43.21
C TYR A 620 31.78 -21.27 43.98
N ASN A 621 32.20 -22.41 43.44
CA ASN A 621 31.92 -23.73 44.01
C ASN A 621 33.10 -24.25 44.83
N VAL A 622 33.51 -23.47 45.82
CA VAL A 622 34.64 -23.83 46.69
C VAL A 622 34.20 -24.87 47.71
N VAL A 623 35.13 -25.76 48.05
CA VAL A 623 34.90 -26.84 49.01
C VAL A 623 34.99 -26.30 50.44
N ARG A 624 34.06 -26.72 51.29
CA ARG A 624 34.00 -26.25 52.67
C ARG A 624 35.20 -26.72 53.46
N GLY A 625 35.38 -26.08 54.63
CA GLY A 625 36.40 -26.51 55.57
C GLY A 625 37.27 -25.42 56.19
N GLN A 626 37.41 -24.29 55.52
CA GLN A 626 38.36 -23.26 55.95
C GLN A 626 38.12 -22.78 57.38
N HIS A 627 39.21 -22.64 58.15
CA HIS A 627 39.28 -21.95 59.45
C HIS A 627 39.41 -20.46 59.18
N GLY A 628 38.30 -19.74 59.22
CA GLY A 628 38.28 -18.32 58.93
C GLY A 628 37.61 -18.02 57.59
N VAL A 629 37.34 -16.74 57.39
CA VAL A 629 36.55 -16.30 56.25
C VAL A 629 37.35 -15.52 55.24
N ARG A 630 38.52 -14.99 55.61
CA ARG A 630 39.20 -14.02 54.77
C ARG A 630 40.70 -14.19 54.95
N TYR A 631 41.46 -13.70 53.98
CA TYR A 631 42.88 -13.51 54.22
C TYR A 631 43.04 -12.33 55.17
N ALA A 632 44.08 -12.38 56.00
CA ALA A 632 44.26 -11.29 56.95
C ALA A 632 44.52 -9.96 56.26
N ASP A 633 45.04 -9.95 55.02
CA ASP A 633 45.26 -8.71 54.28
C ASP A 633 44.24 -8.48 53.17
N LEU A 634 43.19 -9.30 53.06
CA LEU A 634 42.32 -9.24 51.88
C LEU A 634 41.07 -10.11 51.98
N THR A 635 39.92 -9.55 51.61
CA THR A 635 38.68 -10.34 51.52
C THR A 635 38.85 -11.52 50.55
N GLN A 636 38.08 -12.59 50.79
CA GLN A 636 37.96 -13.68 49.84
C GLN A 636 36.81 -13.47 48.87
N SER A 637 36.08 -12.39 49.02
CA SER A 637 35.01 -12.07 48.10
C SER A 637 35.58 -11.70 46.74
N PRO A 638 35.20 -12.37 45.66
CA PRO A 638 35.73 -12.00 44.34
C PRO A 638 35.26 -10.61 43.95
N ALA A 639 35.99 -10.00 43.02
CA ALA A 639 35.56 -8.69 42.52
C ALA A 639 34.22 -8.82 41.81
N PHE A 640 34.07 -9.83 40.97
CA PHE A 640 32.79 -10.17 40.39
C PHE A 640 32.63 -11.68 40.43
N ALA A 641 31.42 -12.13 40.72
CA ALA A 641 31.17 -13.54 40.94
C ALA A 641 30.56 -14.20 39.70
N PHE A 642 30.83 -15.49 39.57
CA PHE A 642 30.07 -16.36 38.68
C PHE A 642 28.60 -15.98 38.68
N GLY A 643 28.05 -15.80 37.49
CA GLY A 643 26.64 -15.56 37.32
C GLY A 643 26.20 -14.12 37.31
N GLU A 644 27.06 -13.18 37.72
CA GLU A 644 26.45 -11.86 37.80
C GLU A 644 26.62 -11.08 36.50
N GLY A 645 26.00 -9.92 36.48
CA GLY A 645 25.75 -9.19 35.25
C GLY A 645 24.50 -8.35 35.41
N LEU A 646 24.53 -7.13 34.91
CA LEU A 646 23.43 -6.19 35.05
C LEU A 646 22.63 -6.12 33.76
N SER A 647 21.39 -5.66 33.88
CA SER A 647 20.59 -5.26 32.74
C SER A 647 20.42 -3.74 32.81
N TYR A 648 19.53 -3.20 31.98
CA TYR A 648 19.19 -1.79 32.04
C TYR A 648 17.89 -1.53 32.81
N THR A 649 17.46 -2.49 33.62
CA THR A 649 16.23 -2.39 34.39
C THR A 649 16.47 -3.10 35.72
N THR A 650 15.42 -3.19 36.53
CA THR A 650 15.50 -3.84 37.83
C THR A 650 14.52 -5.02 37.88
N VAL A 651 14.94 -6.10 38.53
CA VAL A 651 14.15 -7.32 38.58
C VAL A 651 14.15 -7.81 40.01
N GLU A 652 12.96 -8.02 40.56
CA GLU A 652 12.81 -8.55 41.90
C GLU A 652 12.57 -10.06 41.87
N TYR A 653 13.23 -10.77 42.77
CA TYR A 653 12.97 -12.19 43.00
C TYR A 653 12.22 -12.32 44.32
N ALA A 654 11.10 -13.03 44.31
CA ALA A 654 10.24 -13.00 45.50
C ALA A 654 10.00 -14.36 46.14
N ASP A 655 9.17 -15.20 45.56
CA ASP A 655 8.56 -16.29 46.33
C ASP A 655 9.16 -17.62 45.91
N LEU A 656 10.32 -17.95 46.47
CA LEU A 656 10.90 -19.25 46.19
C LEU A 656 10.20 -20.32 47.01
N ARG A 657 9.60 -21.29 46.32
CA ARG A 657 8.77 -22.32 46.93
C ARG A 657 9.11 -23.65 46.26
N VAL A 658 9.57 -24.62 47.05
CA VAL A 658 9.76 -25.97 46.53
C VAL A 658 8.42 -26.70 46.57
N LEU A 659 7.95 -27.16 45.41
CA LEU A 659 6.62 -27.76 45.31
C LEU A 659 6.71 -29.22 45.74
N GLY A 660 6.54 -29.45 47.04
CA GLY A 660 6.68 -30.78 47.61
C GLY A 660 8.14 -31.07 47.88
N THR A 661 8.49 -31.34 49.14
CA THR A 661 9.89 -31.45 49.54
C THR A 661 10.32 -32.89 49.84
N GLU A 662 9.63 -33.89 49.26
CA GLU A 662 9.98 -35.30 49.43
C GLU A 662 10.25 -35.93 48.07
N HIS A 663 11.49 -36.39 47.86
CA HIS A 663 11.94 -36.90 46.57
C HIS A 663 12.83 -38.13 46.78
N GLY A 664 12.84 -38.99 45.78
CA GLY A 664 13.68 -40.16 45.80
C GLY A 664 14.52 -40.24 44.53
N PRO A 665 15.36 -41.27 44.44
CA PRO A 665 16.44 -41.27 43.43
C PRO A 665 16.00 -41.03 41.99
N ASP A 666 14.77 -41.35 41.62
CA ASP A 666 14.29 -41.11 40.26
C ASP A 666 13.42 -39.86 40.15
N ASP A 667 13.33 -39.08 41.21
CA ASP A 667 12.37 -38.00 41.24
C ASP A 667 12.94 -36.73 40.64
N VAL A 668 12.13 -35.69 40.62
CA VAL A 668 12.52 -34.38 40.11
C VAL A 668 12.09 -33.34 41.12
N VAL A 669 13.05 -32.57 41.63
CA VAL A 669 12.71 -31.39 42.43
C VAL A 669 12.10 -30.34 41.50
N ARG A 670 10.89 -29.90 41.83
CA ARG A 670 10.26 -28.80 41.12
C ARG A 670 10.10 -27.62 42.06
N ALA A 671 10.05 -26.42 41.50
CA ALA A 671 10.00 -25.23 42.35
C ALA A 671 9.46 -24.05 41.56
N GLU A 672 8.99 -23.05 42.28
CA GLU A 672 8.54 -21.81 41.66
C GLU A 672 9.31 -20.64 42.23
N VAL A 673 9.55 -19.66 41.38
CA VAL A 673 10.01 -18.36 41.83
C VAL A 673 9.29 -17.32 41.01
N THR A 674 9.04 -16.18 41.63
CA THR A 674 8.31 -15.10 41.00
C THR A 674 9.23 -13.93 40.73
N LEU A 675 9.18 -13.43 39.51
CA LEU A 675 10.04 -12.36 39.04
C LEU A 675 9.20 -11.18 38.63
N THR A 676 9.64 -9.98 38.99
CA THR A 676 8.96 -8.76 38.59
C THR A 676 9.96 -7.79 37.98
N ASN A 677 9.63 -7.29 36.81
CA ASN A 677 10.36 -6.21 36.18
C ASN A 677 9.81 -4.91 36.77
N THR A 678 10.40 -4.47 37.87
CA THR A 678 10.01 -3.22 38.52
C THR A 678 10.70 -2.01 37.93
N GLY A 679 11.18 -2.09 36.69
CA GLY A 679 11.77 -0.95 36.04
C GLY A 679 11.06 -0.67 34.73
N SER A 680 11.61 0.25 33.93
CA SER A 680 10.92 0.75 32.74
C SER A 680 11.52 0.21 31.44
N ARG A 681 12.09 -1.00 31.47
CA ARG A 681 12.83 -1.36 30.27
C ARG A 681 12.86 -2.88 30.13
N PRO A 682 12.72 -3.42 28.93
CA PRO A 682 12.62 -4.89 28.80
C PRO A 682 13.92 -5.60 29.15
N VAL A 683 13.80 -6.86 29.55
CA VAL A 683 14.95 -7.66 29.98
C VAL A 683 14.71 -9.13 29.67
N ARG A 684 15.78 -9.84 29.33
CA ARG A 684 15.80 -11.29 29.36
C ARG A 684 16.69 -11.67 30.53
N GLU A 685 16.09 -12.11 31.62
CA GLU A 685 16.81 -12.41 32.83
C GLU A 685 17.22 -13.88 32.84
N THR A 686 18.35 -14.17 33.45
CA THR A 686 18.85 -15.54 33.54
C THR A 686 18.72 -16.01 34.98
N VAL A 687 17.69 -16.79 35.26
CA VAL A 687 17.44 -17.34 36.59
C VAL A 687 18.35 -18.54 36.81
N GLN A 688 19.05 -18.56 37.94
CA GLN A 688 20.09 -19.55 38.21
C GLN A 688 19.71 -20.40 39.42
N VAL A 689 19.92 -21.71 39.30
CA VAL A 689 19.47 -22.64 40.31
C VAL A 689 20.67 -23.40 40.83
N TYR A 690 20.95 -23.24 42.13
CA TYR A 690 22.07 -23.89 42.79
C TYR A 690 21.54 -24.87 43.83
N VAL A 691 22.29 -25.94 44.04
CA VAL A 691 21.95 -26.96 45.01
C VAL A 691 23.09 -27.05 46.01
N SER A 692 22.73 -27.01 47.29
CA SER A 692 23.66 -27.21 48.38
C SER A 692 23.31 -28.49 49.14
N ASP A 693 24.29 -29.36 49.32
CA ASP A 693 24.16 -30.57 50.12
C ASP A 693 24.59 -30.25 51.55
N THR A 694 23.60 -30.10 52.46
CA THR A 694 23.84 -29.56 53.79
C THR A 694 24.88 -30.35 54.57
N VAL A 695 24.77 -31.68 54.59
CA VAL A 695 25.75 -32.53 55.28
C VAL A 695 26.15 -33.65 54.32
N THR A 696 27.44 -33.92 54.25
CA THR A 696 27.97 -34.86 53.28
C THR A 696 28.90 -35.84 53.99
N SER A 697 29.16 -36.98 53.38
CA SER A 697 30.09 -37.90 54.03
C SER A 697 31.54 -37.50 53.81
N VAL A 698 31.79 -36.71 52.78
CA VAL A 698 33.10 -36.19 52.45
C VAL A 698 32.94 -34.70 52.29
N THR A 699 34.05 -33.97 52.44
CA THR A 699 33.96 -32.53 52.24
C THR A 699 33.60 -32.25 50.79
N TRP A 700 32.70 -31.30 50.60
CA TRP A 700 32.17 -31.04 49.28
C TRP A 700 31.97 -29.54 49.11
N ALA A 701 31.68 -29.15 47.88
CA ALA A 701 31.39 -27.76 47.57
C ALA A 701 30.21 -27.27 48.37
N GLU A 702 30.25 -26.00 48.77
CA GLU A 702 29.11 -25.38 49.44
C GLU A 702 27.87 -25.27 48.56
N LYS A 703 28.03 -25.16 47.25
CA LYS A 703 26.88 -25.19 46.36
C LYS A 703 27.38 -25.40 44.94
N GLU A 704 26.46 -25.84 44.08
CA GLU A 704 26.77 -26.12 42.68
C GLU A 704 25.60 -25.73 41.81
N LEU A 705 25.88 -25.12 40.65
CA LEU A 705 24.84 -24.87 39.67
C LEU A 705 24.33 -26.20 39.12
N LYS A 706 23.00 -26.35 39.09
CA LYS A 706 22.36 -27.54 38.53
C LYS A 706 21.33 -27.24 37.45
N ALA A 707 20.80 -26.03 37.38
CA ALA A 707 19.88 -25.69 36.31
C ALA A 707 19.83 -24.18 36.22
N TYR A 708 19.29 -23.70 35.11
CA TYR A 708 19.04 -22.27 34.93
C TYR A 708 17.94 -22.12 33.89
N ARG A 709 17.47 -20.89 33.73
CA ARG A 709 16.36 -20.64 32.82
C ARG A 709 16.23 -19.16 32.51
N LYS A 710 16.08 -18.83 31.24
CA LYS A 710 15.89 -17.46 30.81
C LYS A 710 14.42 -17.10 30.77
N VAL A 711 14.10 -15.90 31.24
CA VAL A 711 12.73 -15.40 31.33
C VAL A 711 12.69 -14.02 30.69
N ASP A 712 11.81 -13.83 29.72
CA ASP A 712 11.57 -12.50 29.17
C ASP A 712 10.58 -11.75 30.05
N LEU A 713 10.80 -10.44 30.20
CA LEU A 713 9.95 -9.59 31.04
C LEU A 713 9.85 -8.22 30.39
N ALA A 714 8.65 -7.85 29.94
CA ALA A 714 8.38 -6.46 29.59
C ALA A 714 8.35 -5.61 30.87
N PRO A 715 8.49 -4.29 30.74
CA PRO A 715 8.44 -3.42 31.94
C PRO A 715 7.14 -3.59 32.70
N GLY A 716 7.26 -3.73 34.03
CA GLY A 716 6.10 -3.88 34.89
C GLY A 716 5.53 -5.29 34.96
N GLU A 717 5.87 -6.16 34.02
CA GLU A 717 5.36 -7.51 34.00
C GLU A 717 5.87 -8.31 35.20
N SER A 718 5.04 -9.23 35.69
CA SER A 718 5.48 -10.31 36.56
C SER A 718 5.38 -11.64 35.84
N ALA A 719 6.07 -12.63 36.40
CA ALA A 719 6.06 -13.97 35.85
C ALA A 719 6.46 -14.91 36.95
N THR A 720 5.64 -15.93 37.17
CA THR A 720 6.01 -17.03 38.05
C THR A 720 6.64 -18.11 37.18
N VAL A 721 7.81 -18.58 37.59
CA VAL A 721 8.69 -19.37 36.73
C VAL A 721 8.85 -20.75 37.36
N GLY A 722 8.63 -21.79 36.56
CA GLY A 722 8.83 -23.15 37.01
C GLY A 722 10.27 -23.60 36.82
N LEU A 723 10.79 -24.30 37.82
CA LEU A 723 12.18 -24.75 37.84
C LEU A 723 12.19 -26.23 38.13
N GLU A 724 13.09 -26.97 37.49
CA GLU A 724 13.22 -28.38 37.82
C GLU A 724 14.69 -28.79 37.83
N VAL A 725 15.06 -29.57 38.86
CA VAL A 725 16.37 -30.19 38.95
C VAL A 725 16.12 -31.67 39.17
N PRO A 726 16.62 -32.55 38.32
CA PRO A 726 16.54 -34.00 38.62
C PRO A 726 17.32 -34.32 39.89
N VAL A 727 16.70 -35.12 40.75
CA VAL A 727 17.38 -35.63 41.93
C VAL A 727 18.67 -36.34 41.56
N ALA A 728 18.72 -36.93 40.35
CA ALA A 728 19.91 -37.67 39.94
C ALA A 728 21.11 -36.79 39.62
N ASP A 729 20.94 -35.45 39.59
CA ASP A 729 22.07 -34.53 39.46
C ASP A 729 22.60 -33.99 40.77
N CYS A 730 21.93 -34.27 41.89
CA CYS A 730 22.36 -33.75 43.19
C CYS A 730 23.35 -34.68 43.85
N THR A 731 24.41 -35.00 43.11
CA THR A 731 25.35 -36.03 43.52
C THR A 731 26.60 -35.41 44.09
N LEU A 732 27.39 -36.26 44.73
CA LEU A 732 28.75 -35.95 45.09
C LEU A 732 29.60 -37.18 44.75
N VAL A 733 30.91 -36.99 44.75
CA VAL A 733 31.84 -38.10 44.64
C VAL A 733 32.28 -38.44 46.06
N ASP A 734 32.01 -39.67 46.48
CA ASP A 734 32.33 -40.04 47.84
C ASP A 734 33.79 -40.44 47.94
N ALA A 735 34.19 -40.87 49.13
CA ALA A 735 35.33 -41.76 49.19
C ALA A 735 35.00 -43.05 48.45
N HIS A 736 36.04 -43.76 48.00
CA HIS A 736 35.99 -44.85 47.03
C HIS A 736 35.85 -44.23 45.64
N GLY A 737 35.26 -43.03 45.58
CA GLY A 737 35.29 -42.22 44.39
C GLY A 737 34.15 -42.45 43.43
N ARG A 738 32.92 -42.45 43.91
CA ARG A 738 31.82 -42.83 43.03
C ARG A 738 30.67 -41.87 43.20
N ARG A 739 30.05 -41.51 42.08
CA ARG A 739 29.09 -40.43 42.05
C ARG A 739 27.75 -40.99 42.49
N VAL A 740 27.23 -40.44 43.59
CA VAL A 740 26.04 -40.96 44.24
C VAL A 740 25.26 -39.78 44.81
N VAL A 741 23.94 -39.90 44.81
CA VAL A 741 23.12 -39.01 45.60
C VAL A 741 23.07 -39.57 47.01
N GLU A 742 23.51 -38.77 47.98
CA GLU A 742 23.47 -39.19 49.37
C GLU A 742 22.17 -38.70 50.00
N PRO A 743 21.35 -39.58 50.55
CA PRO A 743 20.10 -39.14 51.16
C PRO A 743 20.34 -38.13 52.28
N GLY A 744 19.48 -37.12 52.34
CA GLY A 744 19.56 -36.16 53.41
C GLY A 744 18.94 -34.84 52.97
N GLU A 745 19.31 -33.80 53.71
CA GLU A 745 18.81 -32.45 53.48
C GLU A 745 19.63 -31.69 52.43
N PHE A 746 18.95 -30.84 51.68
CA PHE A 746 19.56 -30.02 50.66
C PHE A 746 18.92 -28.65 50.71
N GLU A 747 19.65 -27.62 50.27
CA GLU A 747 19.06 -26.32 50.03
C GLU A 747 19.05 -26.05 48.54
N LEU A 748 17.96 -25.42 48.08
CA LEU A 748 17.84 -24.93 46.72
C LEU A 748 18.07 -23.42 46.77
N ARG A 749 19.05 -22.92 46.02
CA ARG A 749 19.36 -21.50 46.03
C ARG A 749 19.16 -20.97 44.63
N VAL A 750 18.30 -19.96 44.51
CA VAL A 750 17.83 -19.45 43.24
C VAL A 750 17.96 -17.94 43.30
N GLY A 751 18.46 -17.36 42.21
CA GLY A 751 18.66 -15.94 42.15
C GLY A 751 19.33 -15.54 40.84
N PRO A 752 19.68 -14.26 40.72
CA PRO A 752 20.33 -13.77 39.49
C PRO A 752 21.84 -13.92 39.44
N SER A 753 22.49 -14.53 40.44
CA SER A 753 23.93 -14.72 40.43
C SER A 753 24.29 -15.73 41.50
N SER A 754 25.56 -16.08 41.59
CA SER A 754 26.02 -16.95 42.67
C SER A 754 26.29 -16.22 43.98
N ARG A 755 26.11 -14.91 44.06
CA ARG A 755 26.31 -14.22 45.34
C ARG A 755 25.27 -14.71 46.36
N GLU A 756 25.75 -15.09 47.55
CA GLU A 756 24.85 -15.61 48.58
C GLU A 756 23.79 -14.59 49.00
N ASP A 757 24.08 -13.30 48.92
CA ASP A 757 23.09 -12.30 49.32
C ASP A 757 22.14 -11.94 48.18
N ALA A 758 22.27 -12.60 47.04
CA ALA A 758 21.34 -12.43 45.95
C ALA A 758 20.44 -13.65 45.78
N LEU A 759 20.57 -14.64 46.67
CA LEU A 759 19.99 -15.96 46.47
C LEU A 759 18.88 -16.19 47.48
N LEU A 760 17.66 -16.37 46.99
CA LEU A 760 16.62 -17.00 47.78
C LEU A 760 16.98 -18.46 48.03
N ARG A 761 16.54 -18.99 49.17
CA ARG A 761 16.81 -20.39 49.52
C ARG A 761 15.56 -21.08 50.06
N ALA A 762 15.42 -22.36 49.73
CA ALA A 762 14.40 -23.23 50.30
C ALA A 762 14.99 -24.62 50.43
N SER A 763 14.66 -25.32 51.52
CA SER A 763 15.25 -26.64 51.70
C SER A 763 14.31 -27.72 51.14
N PHE A 764 14.88 -28.91 51.01
CA PHE A 764 14.13 -30.08 50.58
C PHE A 764 14.93 -31.30 51.01
N THR A 765 14.26 -32.44 51.03
CA THR A 765 14.88 -33.69 51.47
C THR A 765 14.86 -34.69 50.33
N VAL A 766 15.95 -35.45 50.24
CA VAL A 766 16.03 -36.60 49.36
C VAL A 766 16.17 -37.80 50.28
N ALA A 767 15.07 -38.53 50.48
CA ALA A 767 15.13 -39.81 51.14
C ALA A 767 15.16 -40.91 50.08
CA THR B 6 47.88 -52.48 98.55
C THR B 6 47.58 -52.84 97.08
N LEU B 7 46.93 -51.91 96.37
CA LEU B 7 46.41 -52.20 95.04
C LEU B 7 47.55 -52.51 94.06
N PRO B 8 47.27 -53.31 93.03
CA PRO B 8 48.34 -53.69 92.08
C PRO B 8 48.76 -52.59 91.12
N TYR B 9 47.83 -51.71 90.70
CA TYR B 9 48.21 -50.63 89.80
C TYR B 9 49.02 -49.55 90.52
N LEU B 10 48.97 -49.54 91.85
CA LEU B 10 49.78 -48.66 92.69
C LEU B 10 51.06 -49.34 93.17
N ASP B 11 51.57 -50.30 92.41
CA ASP B 11 52.70 -51.12 92.83
C ASP B 11 53.82 -51.05 91.80
N PRO B 12 54.89 -50.28 92.06
CA PRO B 12 56.00 -50.17 91.10
C PRO B 12 56.78 -51.47 90.89
N ALA B 13 56.38 -52.57 91.51
CA ALA B 13 57.00 -53.87 91.25
C ALA B 13 56.24 -54.70 90.22
N VAL B 14 54.94 -54.45 90.04
CA VAL B 14 54.09 -55.12 89.07
C VAL B 14 54.39 -54.55 87.68
N PRO B 15 54.43 -55.37 86.62
CA PRO B 15 54.71 -54.84 85.28
C PRO B 15 53.61 -53.91 84.77
N VAL B 16 53.98 -53.13 83.76
CA VAL B 16 53.09 -52.11 83.22
C VAL B 16 51.76 -52.73 82.79
N ALA B 17 51.83 -53.82 82.01
CA ALA B 17 50.62 -54.36 81.39
C ALA B 17 49.57 -54.71 82.45
N ASP B 18 50.00 -55.29 83.57
CA ASP B 18 49.05 -55.73 84.60
C ASP B 18 48.42 -54.54 85.31
N ARG B 19 49.27 -53.58 85.74
CA ARG B 19 48.76 -52.38 86.38
C ARG B 19 47.82 -51.62 85.47
N VAL B 20 48.03 -51.72 84.15
CA VAL B 20 47.08 -51.18 83.19
C VAL B 20 45.74 -51.90 83.31
N GLU B 21 45.79 -53.23 83.21
CA GLU B 21 44.55 -54.01 83.25
C GLU B 21 43.88 -53.92 84.62
N ASP B 22 44.68 -53.89 85.68
CA ASP B 22 44.15 -53.65 87.02
C ASP B 22 43.38 -52.34 87.06
N LEU B 23 44.04 -51.24 86.68
CA LEU B 23 43.40 -49.93 86.72
C LEU B 23 42.17 -49.86 85.82
N LEU B 24 42.27 -50.40 84.60
CA LEU B 24 41.13 -50.40 83.70
C LEU B 24 39.93 -51.07 84.34
N ALA B 25 40.18 -52.15 85.09
CA ALA B 25 39.08 -52.86 85.73
C ALA B 25 38.42 -52.04 86.83
N ARG B 26 39.13 -51.08 87.47
CA ARG B 26 38.43 -50.29 88.48
C ARG B 26 37.78 -49.04 87.91
N MET B 27 37.88 -48.78 86.61
CA MET B 27 37.41 -47.52 86.07
C MET B 27 36.01 -47.67 85.51
N THR B 28 35.23 -46.60 85.64
CA THR B 28 33.91 -46.57 85.06
C THR B 28 34.04 -46.37 83.55
N LEU B 29 32.92 -46.23 82.90
CA LEU B 29 33.03 -45.83 81.51
C LEU B 29 33.14 -44.31 81.39
N PRO B 30 32.42 -43.52 82.20
CA PRO B 30 32.71 -42.07 82.21
C PRO B 30 34.16 -41.73 82.53
N GLU B 31 34.85 -42.51 83.38
CA GLU B 31 36.26 -42.25 83.65
C GLU B 31 37.17 -42.76 82.54
N LYS B 32 36.76 -43.79 81.79
CA LYS B 32 37.56 -44.23 80.65
C LYS B 32 37.49 -43.23 79.51
N VAL B 33 36.28 -42.70 79.23
CA VAL B 33 36.10 -41.70 78.18
C VAL B 33 36.90 -40.44 78.49
N GLY B 34 36.85 -39.99 79.74
CA GLY B 34 37.65 -38.85 80.16
C GLY B 34 39.14 -39.05 80.05
N GLN B 35 39.60 -40.30 80.18
CA GLN B 35 41.03 -40.55 80.13
C GLN B 35 41.61 -40.33 78.74
N MET B 36 40.76 -40.32 77.72
CA MET B 36 41.18 -39.91 76.38
C MET B 36 41.14 -38.40 76.25
N LEU B 37 40.31 -37.75 77.06
CA LEU B 37 40.11 -36.31 76.96
C LEU B 37 41.39 -35.55 77.31
N GLN B 38 41.60 -34.43 76.61
CA GLN B 38 42.62 -33.44 76.97
C GLN B 38 41.94 -32.08 76.83
N LEU B 39 41.72 -31.42 77.96
CA LEU B 39 40.84 -30.25 77.99
C LEU B 39 41.64 -28.97 78.17
N ASP B 40 40.98 -27.88 77.79
CA ASP B 40 41.47 -26.51 77.93
C ASP B 40 41.42 -26.11 79.41
N ALA B 41 42.60 -25.87 80.00
CA ALA B 41 42.66 -25.50 81.41
C ALA B 41 42.12 -24.11 81.67
N ARG B 42 42.09 -23.25 80.64
CA ARG B 42 41.60 -21.88 80.79
C ARG B 42 40.08 -21.79 80.97
N ASP B 43 39.32 -22.87 80.76
CA ASP B 43 37.88 -22.90 81.05
C ASP B 43 37.57 -23.54 82.40
N GLY B 44 38.54 -23.62 83.31
CA GLY B 44 38.25 -24.18 84.61
C GLY B 44 38.83 -25.57 84.84
N VAL B 45 39.98 -25.60 85.50
CA VAL B 45 40.62 -26.85 85.90
C VAL B 45 39.69 -27.72 86.75
N GLY B 46 38.80 -27.10 87.52
CA GLY B 46 37.96 -27.80 88.46
C GLY B 46 37.02 -28.80 87.82
N PRO B 47 36.07 -28.31 87.02
CA PRO B 47 35.15 -29.22 86.32
C PRO B 47 35.85 -30.19 85.38
N ALA B 48 37.02 -29.85 84.86
CA ALA B 48 37.70 -30.73 83.92
C ALA B 48 38.32 -31.96 84.61
N VAL B 49 38.85 -31.79 85.82
CA VAL B 49 39.48 -32.91 86.51
C VAL B 49 38.42 -33.77 87.21
N LEU B 50 37.36 -33.14 87.68
CA LEU B 50 36.33 -33.74 88.52
C LEU B 50 35.08 -34.22 87.80
N GLU B 51 34.27 -33.31 87.24
CA GLU B 51 33.05 -33.73 86.56
C GLU B 51 33.35 -34.61 85.36
N LYS B 52 34.12 -34.08 84.41
CA LYS B 52 34.77 -34.92 83.41
C LYS B 52 36.06 -35.47 83.99
N HIS B 53 36.52 -36.61 83.49
CA HIS B 53 37.66 -37.20 84.19
C HIS B 53 38.89 -37.21 83.32
N ALA B 54 39.35 -35.99 82.99
CA ALA B 54 40.34 -35.79 81.94
C ALA B 54 41.64 -36.52 82.24
N GLY B 55 42.30 -36.97 81.18
CA GLY B 55 43.61 -37.60 81.29
C GLY B 55 44.73 -36.62 81.02
N SER B 56 44.38 -35.43 80.54
CA SER B 56 45.41 -34.47 80.18
C SER B 56 44.84 -33.07 80.22
N LEU B 57 45.72 -32.12 80.49
CA LEU B 57 45.40 -30.70 80.43
C LEU B 57 46.42 -30.01 79.54
N LEU B 58 45.95 -29.03 78.77
CA LEU B 58 46.85 -28.15 78.03
C LEU B 58 46.45 -26.72 78.34
N HIS B 59 47.36 -25.78 78.05
CA HIS B 59 47.13 -24.35 78.27
C HIS B 59 46.87 -24.07 79.75
N THR B 60 47.76 -24.60 80.60
CA THR B 60 47.64 -24.58 82.05
C THR B 60 48.58 -23.50 82.62
N SER B 61 48.00 -22.41 83.14
CA SER B 61 48.80 -21.38 83.77
C SER B 61 49.53 -21.95 84.99
N PRO B 62 50.55 -21.22 85.49
CA PRO B 62 51.29 -21.70 86.68
C PRO B 62 50.40 -21.99 87.89
N GLU B 63 49.43 -21.12 88.18
CA GLU B 63 48.48 -21.37 89.26
C GLU B 63 47.61 -22.59 88.98
N ASN B 64 47.10 -22.72 87.74
CA ASN B 64 46.27 -23.88 87.42
C ASN B 64 47.07 -25.17 87.45
N VAL B 65 48.37 -25.12 87.11
CA VAL B 65 49.21 -26.32 87.22
C VAL B 65 49.17 -26.84 88.65
N LEU B 66 49.41 -25.94 89.62
CA LEU B 66 49.33 -26.33 91.02
C LEU B 66 47.93 -26.85 91.38
N ALA B 67 46.89 -26.10 90.98
CA ALA B 67 45.51 -26.49 91.29
C ALA B 67 45.15 -27.86 90.71
N ALA B 68 45.70 -28.22 89.55
CA ALA B 68 45.36 -29.50 88.92
C ALA B 68 45.91 -30.68 89.72
N HIS B 69 47.13 -30.56 90.24
CA HIS B 69 47.72 -31.64 91.04
C HIS B 69 46.90 -31.91 92.30
N GLU B 70 46.36 -30.87 92.92
CA GLU B 70 45.58 -31.04 94.15
C GLU B 70 44.13 -31.42 93.87
N LEU B 71 43.63 -31.14 92.67
CA LEU B 71 42.35 -31.71 92.24
C LEU B 71 42.47 -33.19 91.88
N THR B 72 43.69 -33.66 91.61
CA THR B 72 43.90 -35.07 91.32
C THR B 72 43.85 -35.93 92.59
N GLY B 73 44.39 -35.41 93.70
CA GLY B 73 44.25 -36.12 94.96
C GLY B 73 42.82 -36.30 95.41
N ARG B 74 41.90 -35.46 94.91
CA ARG B 74 40.48 -35.47 95.29
C ARG B 74 39.60 -36.29 94.36
N THR B 75 40.13 -36.84 93.26
CA THR B 75 39.36 -37.79 92.45
C THR B 75 39.41 -39.19 93.10
N ARG B 76 38.59 -40.09 92.57
CA ARG B 76 38.46 -41.42 93.19
C ARG B 76 39.75 -42.22 93.05
N LEU B 77 40.20 -42.47 91.82
CA LEU B 77 41.37 -43.32 91.58
C LEU B 77 42.67 -42.53 91.55
N ARG B 78 42.60 -41.23 91.28
CA ARG B 78 43.76 -40.34 91.26
C ARG B 78 44.79 -40.78 90.22
N ILE B 79 44.39 -40.73 88.94
CA ILE B 79 45.33 -40.94 87.83
C ILE B 79 46.12 -39.66 87.62
N PRO B 80 47.45 -39.72 87.57
CA PRO B 80 48.24 -38.50 87.30
C PRO B 80 47.90 -37.91 85.94
N LEU B 81 47.67 -36.59 85.93
CA LEU B 81 47.45 -35.88 84.69
C LEU B 81 48.71 -35.89 83.82
N LEU B 82 48.50 -35.83 82.50
CA LEU B 82 49.55 -35.46 81.55
C LEU B 82 49.38 -33.97 81.26
N LEU B 83 50.45 -33.21 81.48
CA LEU B 83 50.42 -31.76 81.34
C LEU B 83 51.18 -31.38 80.09
N ALA B 84 50.48 -30.82 79.12
CA ALA B 84 51.04 -30.54 77.82
C ALA B 84 50.92 -29.06 77.54
N GLU B 85 51.94 -28.52 76.89
CA GLU B 85 51.95 -27.12 76.55
C GLU B 85 52.61 -26.97 75.19
N ASP B 86 52.26 -25.87 74.52
CA ASP B 86 52.93 -25.43 73.32
C ASP B 86 54.22 -24.74 73.74
N CYS B 87 55.34 -25.48 73.69
CA CYS B 87 56.67 -24.89 73.89
C CYS B 87 57.35 -24.93 72.53
N ILE B 88 56.97 -23.97 71.68
CA ILE B 88 57.24 -24.03 70.24
C ILE B 88 58.66 -23.57 69.89
N HIS B 89 59.21 -22.59 70.61
CA HIS B 89 60.61 -22.16 70.36
C HIS B 89 61.13 -21.52 71.65
N GLY B 90 61.27 -22.37 72.66
CA GLY B 90 61.36 -21.94 74.04
C GLY B 90 60.05 -22.21 74.77
N HIS B 91 60.11 -22.10 76.10
CA HIS B 91 58.91 -22.23 76.90
C HIS B 91 58.02 -21.03 76.60
N SER B 92 57.31 -21.10 75.47
CA SER B 92 56.55 -19.99 74.89
C SER B 92 55.81 -19.12 75.91
N PHE B 93 55.08 -19.77 76.79
CA PHE B 93 54.15 -19.02 77.68
C PHE B 93 54.59 -19.01 79.16
N TRP B 94 55.85 -19.26 79.47
CA TRP B 94 56.36 -19.07 80.85
C TRP B 94 56.89 -17.65 80.93
N VAL B 95 56.29 -16.79 81.75
CA VAL B 95 56.61 -15.33 81.77
C VAL B 95 58.10 -15.00 81.60
N GLY B 96 59.04 -15.66 82.25
CA GLY B 96 60.43 -15.20 82.01
C GLY B 96 61.33 -16.20 81.33
N ALA B 97 60.83 -16.94 80.36
CA ALA B 97 61.65 -18.02 79.78
C ALA B 97 62.48 -17.57 78.58
N THR B 98 63.53 -18.33 78.29
CA THR B 98 64.33 -18.09 77.09
C THR B 98 63.48 -18.35 75.84
N ILE B 99 63.19 -17.29 75.08
CA ILE B 99 62.48 -17.45 73.80
C ILE B 99 63.51 -17.39 72.66
N PHE B 100 63.53 -18.45 71.86
CA PHE B 100 64.47 -18.60 70.75
C PHE B 100 63.84 -18.13 69.45
N PRO B 101 64.62 -18.02 68.37
CA PRO B 101 64.00 -17.74 67.06
C PRO B 101 62.92 -18.77 66.76
N THR B 102 61.95 -18.37 65.94
CA THR B 102 61.01 -19.33 65.43
C THR B 102 61.75 -20.44 64.67
N GLN B 103 61.04 -21.54 64.49
CA GLN B 103 61.59 -22.69 63.79
C GLN B 103 62.08 -22.30 62.39
N LEU B 104 61.41 -21.33 61.73
CA LEU B 104 61.86 -20.87 60.41
C LEU B 104 63.20 -20.16 60.48
N GLY B 105 63.39 -19.34 61.51
CA GLY B 105 64.67 -18.67 61.68
C GLY B 105 65.77 -19.63 62.07
N MET B 106 65.45 -20.64 62.87
CA MET B 106 66.45 -21.64 63.21
C MET B 106 66.86 -22.45 61.98
N ALA B 107 65.96 -22.65 61.02
CA ALA B 107 66.29 -23.46 59.86
C ALA B 107 67.40 -22.83 59.03
N ALA B 108 67.55 -21.51 59.11
CA ALA B 108 68.58 -20.82 58.34
C ALA B 108 69.99 -21.06 58.88
N THR B 109 70.12 -21.55 60.12
CA THR B 109 71.43 -21.95 60.61
C THR B 109 71.94 -23.22 59.92
N TRP B 110 71.04 -24.04 59.37
CA TRP B 110 71.41 -25.35 58.80
C TRP B 110 72.26 -26.15 59.77
N ASP B 111 72.01 -26.01 61.07
CA ASP B 111 72.91 -26.53 62.11
C ASP B 111 72.12 -27.40 63.08
N PRO B 112 72.03 -28.71 62.82
CA PRO B 112 71.22 -29.56 63.70
C PRO B 112 71.79 -29.75 65.10
N ALA B 113 73.13 -29.76 65.26
CA ALA B 113 73.69 -29.83 66.60
C ALA B 113 73.27 -28.62 67.42
N LEU B 114 73.25 -27.44 66.80
CA LEU B 114 72.75 -26.26 67.49
C LEU B 114 71.25 -26.37 67.78
N VAL B 115 70.47 -26.90 66.86
CA VAL B 115 69.03 -27.00 67.09
C VAL B 115 68.73 -28.01 68.17
N GLU B 116 69.53 -29.07 68.25
CA GLU B 116 69.47 -29.97 69.40
C GLU B 116 69.65 -29.20 70.71
N GLN B 117 70.68 -28.34 70.76
CA GLN B 117 70.95 -27.59 71.98
C GLN B 117 69.76 -26.73 72.35
N VAL B 118 69.07 -26.15 71.36
CA VAL B 118 67.92 -25.31 71.64
C VAL B 118 66.79 -26.15 72.24
N ALA B 119 66.50 -27.28 71.62
CA ALA B 119 65.43 -28.14 72.12
C ALA B 119 65.76 -28.61 73.53
N HIS B 120 67.03 -28.94 73.80
CA HIS B 120 67.41 -29.40 75.13
C HIS B 120 67.27 -28.28 76.16
N ALA B 121 67.82 -27.10 75.85
CA ALA B 121 67.62 -25.93 76.72
C ALA B 121 66.15 -25.70 77.02
N THR B 122 65.30 -25.76 75.99
CA THR B 122 63.87 -25.60 76.20
C THR B 122 63.32 -26.66 77.15
N ALA B 123 63.73 -27.92 76.96
CA ALA B 123 63.25 -29.01 77.81
C ALA B 123 63.63 -28.79 79.28
N VAL B 124 64.85 -28.32 79.54
CA VAL B 124 65.28 -28.08 80.92
C VAL B 124 64.35 -27.06 81.57
N GLU B 125 64.13 -25.93 80.89
CA GLU B 125 63.20 -24.94 81.40
C GLU B 125 61.79 -25.51 81.54
N VAL B 126 61.35 -26.33 80.57
CA VAL B 126 59.96 -26.77 80.56
C VAL B 126 59.70 -27.76 81.70
N ALA B 127 60.63 -28.68 81.92
CA ALA B 127 60.43 -29.68 82.97
C ALA B 127 60.37 -29.03 84.35
N ALA B 128 61.18 -27.98 84.55
CA ALA B 128 61.15 -27.24 85.81
C ALA B 128 59.76 -26.69 86.14
N THR B 129 58.92 -26.45 85.14
CA THR B 129 57.59 -25.90 85.40
C THR B 129 56.52 -26.98 85.49
N GLY B 130 56.92 -28.26 85.52
CA GLY B 130 55.96 -29.33 85.67
C GLY B 130 55.13 -29.64 84.45
N VAL B 131 55.68 -29.39 83.25
CA VAL B 131 55.05 -29.79 81.99
C VAL B 131 55.82 -30.97 81.42
N HIS B 132 55.11 -32.01 81.01
CA HIS B 132 55.72 -33.26 80.58
C HIS B 132 55.81 -33.42 79.05
N TRP B 133 55.10 -32.58 78.31
CA TRP B 133 54.77 -32.88 76.93
C TRP B 133 54.69 -31.56 76.17
N THR B 134 55.60 -31.36 75.21
CA THR B 134 55.49 -30.21 74.32
C THR B 134 54.95 -30.64 72.95
N PHE B 135 54.03 -29.82 72.44
CA PHE B 135 53.48 -29.94 71.09
C PHE B 135 54.45 -29.36 70.07
N SER B 136 55.60 -30.04 69.93
CA SER B 136 56.71 -29.55 69.14
C SER B 136 57.60 -30.74 68.86
N PRO B 137 58.29 -30.79 67.70
CA PRO B 137 58.42 -29.83 66.59
C PRO B 137 57.34 -29.90 65.52
N VAL B 138 57.31 -28.87 64.69
CA VAL B 138 56.45 -28.85 63.52
C VAL B 138 57.21 -29.43 62.34
N LEU B 139 56.57 -30.33 61.60
CA LEU B 139 57.21 -30.97 60.46
C LEU B 139 56.54 -30.62 59.14
N CYS B 140 55.51 -29.76 59.16
CA CYS B 140 54.91 -29.24 57.94
C CYS B 140 55.97 -28.60 57.05
N ILE B 141 55.71 -28.60 55.76
CA ILE B 141 56.66 -28.10 54.77
C ILE B 141 56.06 -26.87 54.11
N ALA B 142 56.84 -25.78 54.07
CA ALA B 142 56.34 -24.49 53.60
C ALA B 142 56.31 -24.49 52.07
N ARG B 143 55.20 -24.93 51.50
CA ARG B 143 55.10 -24.97 50.05
C ARG B 143 54.22 -23.88 49.46
N ASP B 144 53.44 -23.16 50.27
CA ASP B 144 52.64 -22.03 49.83
C ASP B 144 52.89 -20.87 50.79
N LEU B 145 53.48 -19.78 50.28
CA LEU B 145 53.90 -18.68 51.14
C LEU B 145 52.71 -17.96 51.75
N ARG B 146 51.52 -18.07 51.15
CA ARG B 146 50.33 -17.45 51.68
C ARG B 146 49.92 -18.00 53.04
N TRP B 147 50.35 -19.21 53.36
CA TRP B 147 49.93 -19.85 54.58
C TRP B 147 50.41 -19.08 55.81
N GLY B 148 49.54 -18.96 56.80
CA GLY B 148 49.85 -18.13 57.93
C GLY B 148 50.92 -18.69 58.84
N ARG B 149 51.17 -20.00 58.78
CA ARG B 149 52.01 -20.66 59.77
C ARG B 149 53.36 -21.08 59.21
N VAL B 150 53.79 -20.47 58.10
CA VAL B 150 55.12 -20.71 57.57
C VAL B 150 56.21 -20.51 58.62
N ASP B 151 56.04 -19.50 59.50
CA ASP B 151 57.05 -19.23 60.54
C ASP B 151 57.30 -20.44 61.43
N GLU B 152 56.29 -21.31 61.60
CA GLU B 152 56.43 -22.51 62.41
C GLU B 152 57.12 -23.67 61.69
N THR B 153 57.41 -23.57 60.39
CA THR B 153 58.08 -24.67 59.69
C THR B 153 59.59 -24.44 59.64
N PHE B 154 60.31 -25.52 59.34
CA PHE B 154 61.73 -25.46 58.99
C PHE B 154 61.96 -25.17 57.51
N GLY B 155 60.98 -24.69 56.77
CA GLY B 155 61.20 -24.29 55.39
C GLY B 155 60.57 -25.23 54.40
N GLU B 156 61.14 -25.25 53.19
CA GLU B 156 60.51 -25.90 52.05
C GLU B 156 61.22 -27.18 51.60
N ASP B 157 62.25 -27.63 52.31
CA ASP B 157 62.94 -28.85 51.88
C ASP B 157 62.65 -30.02 52.81
N PRO B 158 62.18 -31.15 52.26
CA PRO B 158 61.93 -32.33 53.10
C PRO B 158 63.17 -32.83 53.82
N PHE B 159 64.34 -32.74 53.20
CA PHE B 159 65.53 -33.29 53.82
C PHE B 159 65.99 -32.42 54.99
N LEU B 160 66.12 -31.11 54.75
CA LEU B 160 66.48 -30.19 55.84
C LEU B 160 65.46 -30.26 56.99
N ILE B 161 64.16 -30.37 56.66
CA ILE B 161 63.16 -30.47 57.72
C ILE B 161 63.37 -31.72 58.57
N GLY B 162 63.65 -32.85 57.92
CA GLY B 162 63.93 -34.07 58.66
C GLY B 162 65.15 -33.99 59.55
N GLU B 163 66.19 -33.29 59.09
CA GLU B 163 67.39 -33.06 59.89
C GLU B 163 67.07 -32.25 61.13
N LEU B 164 66.39 -31.12 60.95
CA LEU B 164 66.19 -30.22 62.08
C LEU B 164 65.13 -30.74 63.04
N ALA B 165 64.04 -31.32 62.52
CA ALA B 165 63.04 -31.91 63.41
C ALA B 165 63.59 -33.09 64.17
N SER B 166 64.40 -33.93 63.50
CA SER B 166 65.04 -35.03 64.22
C SER B 166 65.89 -34.52 65.39
N ALA B 167 66.64 -33.43 65.18
CA ALA B 167 67.44 -32.83 66.23
C ALA B 167 66.59 -32.24 67.34
N MET B 168 65.41 -31.71 67.01
CA MET B 168 64.50 -31.20 68.03
C MET B 168 63.97 -32.33 68.90
N VAL B 169 63.65 -33.48 68.29
CA VAL B 169 63.09 -34.58 69.07
C VAL B 169 64.16 -35.16 69.99
N ARG B 170 65.35 -35.39 69.43
CA ARG B 170 66.51 -35.81 70.21
C ARG B 170 66.71 -34.93 71.44
N GLY B 171 66.67 -33.60 71.26
CA GLY B 171 66.97 -32.70 72.36
C GLY B 171 65.87 -32.63 73.42
N TYR B 172 64.61 -32.55 72.99
CA TYR B 172 63.49 -32.53 73.92
C TYR B 172 63.46 -33.79 74.79
N GLN B 173 63.58 -34.96 74.18
CA GLN B 173 63.31 -36.19 74.89
C GLN B 173 64.52 -36.68 75.71
N GLY B 174 65.71 -36.19 75.41
CA GLY B 174 66.89 -36.57 76.17
C GLY B 174 67.19 -38.06 76.17
N ASP B 175 67.07 -38.68 77.34
CA ASP B 175 67.46 -40.07 77.55
C ASP B 175 66.29 -41.04 77.62
N GLY B 176 65.07 -40.54 77.74
CA GLY B 176 63.91 -41.40 77.71
C GLY B 176 62.93 -41.03 78.78
N LEU B 177 62.07 -42.00 79.10
CA LEU B 177 61.01 -41.86 80.08
C LEU B 177 61.51 -41.79 81.51
N SER B 178 62.83 -41.77 81.73
CA SER B 178 63.42 -41.63 83.06
C SER B 178 64.40 -40.47 83.14
N ASP B 179 64.49 -39.66 82.10
CA ASP B 179 65.27 -38.43 82.17
C ASP B 179 64.46 -37.37 82.91
N PRO B 180 64.98 -36.80 84.00
CA PRO B 180 64.23 -35.73 84.68
C PRO B 180 63.97 -34.51 83.80
N THR B 181 64.94 -34.13 82.96
CA THR B 181 64.80 -32.98 82.09
C THR B 181 64.37 -33.32 80.67
N GLY B 182 63.98 -34.58 80.41
CA GLY B 182 63.41 -34.93 79.13
C GLY B 182 61.91 -34.73 79.16
N ILE B 183 61.33 -34.46 77.99
CA ILE B 183 59.88 -34.34 77.86
C ILE B 183 59.43 -35.06 76.60
N LEU B 184 58.14 -35.31 76.53
CA LEU B 184 57.55 -35.88 75.32
C LEU B 184 57.54 -34.87 74.18
N ALA B 185 58.07 -35.27 73.03
CA ALA B 185 57.93 -34.50 71.81
C ALA B 185 56.66 -34.90 71.05
N THR B 186 56.22 -34.03 70.15
CA THR B 186 55.09 -34.28 69.27
C THR B 186 55.46 -34.01 67.82
N ALA B 187 55.35 -35.01 66.97
CA ALA B 187 55.38 -34.75 65.54
C ALA B 187 54.06 -34.13 65.12
N LYS B 188 54.11 -32.89 64.65
CA LYS B 188 52.97 -32.00 64.67
C LYS B 188 52.48 -31.73 63.25
N HIS B 189 51.20 -32.04 63.03
CA HIS B 189 50.31 -31.72 61.92
C HIS B 189 50.46 -32.77 60.83
N PHE B 190 50.42 -34.01 61.29
CA PHE B 190 50.38 -35.19 60.43
C PHE B 190 49.04 -35.30 59.70
N ALA B 191 49.04 -35.24 58.36
CA ALA B 191 50.13 -34.72 57.53
C ALA B 191 49.48 -33.93 56.39
N GLY B 192 50.25 -33.07 55.71
CA GLY B 192 49.73 -32.27 54.61
C GLY B 192 49.00 -30.99 54.96
N TYR B 193 49.01 -30.59 56.24
CA TYR B 193 48.31 -29.40 56.69
C TYR B 193 48.82 -28.13 55.99
N SER B 194 50.08 -28.10 55.56
CA SER B 194 50.69 -26.86 55.10
C SER B 194 50.39 -26.48 53.64
N GLU B 195 49.87 -27.38 52.79
CA GLU B 195 49.55 -27.06 51.40
C GLU B 195 48.07 -27.36 51.12
N THR B 196 47.24 -26.37 51.42
CA THR B 196 45.80 -26.45 51.26
C THR B 196 45.37 -25.39 50.26
N GLN B 197 44.11 -25.49 49.81
CA GLN B 197 43.59 -24.60 48.78
C GLN B 197 43.76 -23.14 49.18
N GLY B 198 44.32 -22.36 48.25
CA GLY B 198 44.49 -20.93 48.39
C GLY B 198 45.40 -20.52 49.52
N GLY B 199 46.22 -21.44 50.04
CA GLY B 199 47.04 -21.19 51.20
C GLY B 199 46.26 -20.93 52.47
N ARG B 200 44.95 -21.15 52.45
CA ARG B 200 44.08 -20.85 53.58
C ARG B 200 44.26 -21.88 54.69
N ASP B 201 43.86 -21.49 55.90
CA ASP B 201 44.07 -22.32 57.09
C ASP B 201 43.06 -23.46 57.12
N ALA B 202 43.53 -24.70 56.89
CA ALA B 202 42.73 -25.93 56.97
C ALA B 202 41.60 -25.96 55.95
N SER B 203 41.72 -25.23 54.84
CA SER B 203 40.92 -25.54 53.67
C SER B 203 41.29 -26.93 53.14
N GLU B 204 40.66 -27.36 52.06
CA GLU B 204 40.91 -28.67 51.50
C GLU B 204 42.37 -28.84 51.07
N ALA B 205 42.97 -29.96 51.45
CA ALA B 205 44.25 -30.38 50.87
C ALA B 205 43.97 -31.28 49.67
N ASP B 206 44.20 -30.75 48.46
CA ASP B 206 44.09 -31.51 47.22
C ASP B 206 45.37 -32.31 46.99
N ILE B 207 45.62 -33.25 47.89
CA ILE B 207 46.87 -34.00 47.91
C ILE B 207 46.52 -35.47 47.77
N SER B 208 47.11 -36.12 46.77
CA SER B 208 46.95 -37.54 46.58
C SER B 208 47.92 -38.32 47.47
N GLN B 209 47.66 -39.63 47.59
CA GLN B 209 48.57 -40.49 48.33
C GLN B 209 49.99 -40.32 47.86
N ARG B 210 50.20 -40.30 46.54
CA ARG B 210 51.56 -40.19 46.02
C ARG B 210 52.17 -38.84 46.35
N LYS B 211 51.41 -37.74 46.18
CA LYS B 211 51.94 -36.43 46.54
C LYS B 211 52.31 -36.34 48.01
N LEU B 212 51.46 -36.90 48.89
CA LEU B 212 51.77 -36.94 50.31
C LEU B 212 53.06 -37.70 50.57
N ARG B 213 53.23 -38.86 49.93
CA ARG B 213 54.42 -39.68 50.15
C ARG B 213 55.66 -39.00 49.64
N SER B 214 55.51 -38.11 48.66
CA SER B 214 56.67 -37.53 47.98
C SER B 214 57.28 -36.41 48.79
N TRP B 215 56.48 -35.42 49.20
CA TRP B 215 57.03 -34.22 49.80
C TRP B 215 56.60 -33.96 51.22
N PHE B 216 55.68 -34.76 51.78
CA PHE B 216 55.21 -34.47 53.14
C PHE B 216 55.57 -35.53 54.16
N LEU B 217 55.53 -36.81 53.80
CA LEU B 217 55.75 -37.89 54.75
C LEU B 217 57.20 -38.14 55.16
N PRO B 218 58.22 -37.88 54.32
CA PRO B 218 59.62 -38.20 54.72
C PRO B 218 60.01 -37.68 56.10
N PRO B 219 59.81 -36.40 56.43
CA PRO B 219 60.19 -35.96 57.80
C PRO B 219 59.47 -36.74 58.90
N PHE B 220 58.15 -36.94 58.76
CA PHE B 220 57.40 -37.68 59.78
C PHE B 220 57.91 -39.11 59.93
N GLU B 221 58.17 -39.80 58.82
CA GLU B 221 58.66 -41.17 58.89
C GLU B 221 59.98 -41.25 59.63
N ARG B 222 60.88 -40.28 59.39
CA ARG B 222 62.17 -40.30 60.05
C ARG B 222 62.05 -40.14 61.57
N VAL B 223 61.25 -39.17 62.04
CA VAL B 223 61.13 -39.05 63.48
C VAL B 223 60.35 -40.24 64.04
N ALA B 224 59.42 -40.80 63.27
CA ALA B 224 58.63 -41.92 63.78
C ALA B 224 59.52 -43.11 64.10
N ARG B 225 60.54 -43.36 63.28
CA ARG B 225 61.46 -44.47 63.53
C ARG B 225 62.58 -44.09 64.48
N GLU B 226 62.69 -42.83 64.88
CA GLU B 226 63.70 -42.42 65.84
C GLU B 226 63.15 -42.23 67.25
N GLY B 227 61.87 -42.51 67.47
CA GLY B 227 61.31 -42.51 68.80
C GLY B 227 60.56 -41.26 69.23
N CYS B 228 60.02 -40.48 68.31
CA CYS B 228 59.16 -39.37 68.70
C CYS B 228 57.92 -39.90 69.43
N ALA B 229 57.69 -39.38 70.64
CA ALA B 229 56.75 -40.03 71.56
C ALA B 229 55.30 -39.91 71.08
N THR B 230 54.93 -38.79 70.50
CA THR B 230 53.57 -38.60 70.07
C THR B 230 53.55 -37.99 68.68
N PHE B 231 52.41 -38.16 68.02
CA PHE B 231 52.11 -37.53 66.74
C PHE B 231 50.82 -36.74 66.95
N MET B 232 50.70 -35.60 66.28
CA MET B 232 49.44 -34.85 66.31
C MET B 232 48.81 -34.81 64.93
N LEU B 233 47.52 -35.07 64.90
CA LEU B 233 46.77 -35.09 63.65
C LEU B 233 46.30 -33.71 63.23
N GLY B 234 46.40 -33.44 61.93
CA GLY B 234 46.12 -32.12 61.42
C GLY B 234 44.63 -31.84 61.32
N TYR B 235 44.34 -30.55 61.20
CA TYR B 235 42.96 -30.07 61.05
C TYR B 235 42.32 -30.56 59.75
N GLN B 236 43.09 -30.63 58.69
CA GLN B 236 42.52 -30.44 57.37
C GLN B 236 41.93 -31.73 56.77
N SER B 237 40.91 -31.54 55.95
CA SER B 237 40.39 -32.62 55.13
C SER B 237 41.28 -32.82 53.91
N MET B 238 41.59 -34.07 53.63
CA MET B 238 42.59 -34.41 52.64
C MET B 238 41.98 -35.38 51.66
N ASP B 239 41.71 -34.91 50.43
CA ASP B 239 41.01 -35.69 49.41
C ASP B 239 39.62 -36.09 49.91
N GLY B 240 38.93 -35.15 50.59
CA GLY B 240 37.59 -35.36 51.08
C GLY B 240 37.49 -35.86 52.52
N VAL B 241 38.54 -36.48 53.05
CA VAL B 241 38.48 -37.18 54.33
C VAL B 241 39.38 -36.48 55.33
N PRO B 242 38.84 -35.95 56.44
CA PRO B 242 39.68 -35.37 57.49
C PRO B 242 40.65 -36.38 58.09
N VAL B 243 41.83 -35.90 58.44
CA VAL B 243 42.90 -36.77 58.95
C VAL B 243 42.42 -37.59 60.14
N THR B 244 41.58 -36.98 60.99
CA THR B 244 41.11 -37.63 62.20
C THR B 244 40.47 -38.99 61.91
N VAL B 245 39.82 -39.14 60.76
CA VAL B 245 39.10 -40.37 60.44
C VAL B 245 39.68 -41.03 59.18
N ASN B 246 40.98 -40.86 58.96
CA ASN B 246 41.64 -41.25 57.72
C ASN B 246 42.42 -42.55 57.94
N GLY B 247 41.75 -43.66 57.66
CA GLY B 247 42.34 -44.96 57.95
C GLY B 247 43.56 -45.27 57.11
N TRP B 248 43.59 -44.80 55.87
CA TRP B 248 44.79 -44.99 55.06
C TRP B 248 46.01 -44.40 55.76
N LEU B 249 45.87 -43.19 56.27
CA LEU B 249 47.03 -42.51 56.82
C LEU B 249 47.33 -43.00 58.23
N LEU B 250 46.29 -43.13 59.06
CA LEU B 250 46.49 -43.55 60.44
C LEU B 250 46.92 -45.01 60.53
N ASP B 251 46.29 -45.87 59.74
CA ASP B 251 46.50 -47.31 59.87
C ASP B 251 47.54 -47.82 58.88
N ASP B 252 47.23 -47.77 57.59
CA ASP B 252 48.11 -48.37 56.59
C ASP B 252 49.50 -47.76 56.61
N VAL B 253 49.61 -46.44 56.78
CA VAL B 253 50.92 -45.82 56.83
C VAL B 253 51.48 -45.81 58.25
N LEU B 254 50.86 -45.03 59.14
CA LEU B 254 51.48 -44.74 60.43
C LEU B 254 51.70 -46.01 61.24
N ARG B 255 50.63 -46.77 61.46
CA ARG B 255 50.74 -48.02 62.21
C ARG B 255 51.24 -49.15 61.33
N GLY B 256 50.76 -49.23 60.09
CA GLY B 256 51.09 -50.33 59.20
C GLY B 256 52.50 -50.27 58.63
N GLU B 257 52.73 -49.40 57.65
CA GLU B 257 54.04 -49.34 57.01
C GLU B 257 55.15 -48.95 57.98
N TRP B 258 54.87 -48.00 58.88
CA TRP B 258 55.94 -47.51 59.74
C TRP B 258 56.04 -48.26 61.06
N GLY B 259 54.96 -48.90 61.49
CA GLY B 259 55.01 -49.62 62.76
C GLY B 259 55.17 -48.69 63.95
N TYR B 260 54.49 -47.55 63.92
CA TYR B 260 54.65 -46.55 64.94
C TYR B 260 53.83 -46.93 66.17
N THR B 261 54.50 -47.03 67.32
CA THR B 261 53.89 -47.38 68.60
C THR B 261 53.64 -46.19 69.50
N GLY B 262 53.83 -44.96 69.02
CA GLY B 262 53.61 -43.79 69.85
C GLY B 262 52.13 -43.43 69.98
N THR B 263 51.89 -42.33 70.67
CA THR B 263 50.53 -41.95 71.02
C THR B 263 50.03 -40.87 70.06
N LEU B 264 48.74 -40.91 69.78
CA LEU B 264 48.08 -39.98 68.88
C LEU B 264 47.25 -38.99 69.68
N VAL B 265 47.38 -37.72 69.36
CA VAL B 265 46.46 -36.71 69.87
C VAL B 265 45.88 -36.00 68.66
N THR B 266 44.60 -35.67 68.72
CA THR B 266 44.04 -34.89 67.64
C THR B 266 44.53 -33.45 67.74
N ASP B 267 44.16 -32.65 66.77
CA ASP B 267 44.27 -31.22 66.96
C ASP B 267 43.04 -30.66 67.64
N TRP B 268 43.09 -29.38 68.01
CA TRP B 268 42.01 -28.67 68.74
C TRP B 268 40.62 -28.91 68.15
N ASP B 269 39.71 -29.50 68.92
CA ASP B 269 38.30 -29.74 68.49
C ASP B 269 38.22 -30.40 67.11
N ASN B 270 39.16 -31.28 66.76
CA ASN B 270 39.12 -32.02 65.49
C ASN B 270 37.80 -32.79 65.40
N VAL B 271 37.40 -33.47 66.46
CA VAL B 271 36.14 -34.25 66.51
C VAL B 271 34.95 -33.31 66.27
N GLY B 272 34.86 -32.22 67.02
CA GLY B 272 33.75 -31.27 66.87
C GLY B 272 33.71 -30.62 65.50
N ARG B 273 34.85 -30.27 64.93
CA ARG B 273 34.86 -29.55 63.64
C ARG B 273 34.22 -30.42 62.55
N MET B 274 34.27 -31.74 62.70
CA MET B 274 33.63 -32.61 61.73
C MET B 274 32.14 -32.33 61.63
N VAL B 275 31.54 -31.85 62.72
CA VAL B 275 30.14 -31.45 62.72
C VAL B 275 30.02 -30.05 62.11
N TRP B 276 30.52 -29.03 62.81
CA TRP B 276 30.11 -27.66 62.50
C TRP B 276 30.98 -26.95 61.46
N GLU B 277 32.05 -27.56 60.99
CA GLU B 277 32.87 -26.78 60.06
C GLU B 277 33.14 -27.49 58.75
N GLN B 278 33.38 -28.79 58.80
CA GLN B 278 33.51 -29.63 57.63
C GLN B 278 32.17 -30.21 57.16
N HIS B 279 31.20 -30.34 58.08
CA HIS B 279 29.86 -30.83 57.76
C HIS B 279 29.90 -32.26 57.22
N ILE B 280 30.75 -33.09 57.81
CA ILE B 280 30.83 -34.50 57.45
C ILE B 280 30.28 -35.41 58.53
N GLN B 281 29.77 -34.85 59.63
CA GLN B 281 29.05 -35.59 60.65
C GLN B 281 27.79 -34.82 61.01
N PRO B 282 26.67 -35.51 61.32
CA PRO B 282 25.43 -34.80 61.63
C PRO B 282 25.33 -34.37 63.09
N ASP B 283 26.00 -35.09 64.00
CA ASP B 283 25.95 -34.76 65.41
C ASP B 283 27.21 -35.25 66.11
N TYR B 284 27.34 -34.86 67.39
CA TYR B 284 28.55 -35.16 68.17
C TYR B 284 28.64 -36.61 68.59
N VAL B 285 27.55 -37.36 68.55
CA VAL B 285 27.61 -38.76 68.91
C VAL B 285 28.26 -39.57 67.79
N HIS B 286 27.88 -39.28 66.54
CA HIS B 286 28.50 -39.94 65.39
C HIS B 286 29.95 -39.50 65.22
N ALA B 287 30.18 -38.19 65.37
CA ALA B 287 31.54 -37.66 65.28
C ALA B 287 32.46 -38.35 66.28
N SER B 288 32.04 -38.41 67.54
CA SER B 288 32.81 -39.14 68.54
C SER B 288 33.06 -40.57 68.08
N ALA B 289 31.99 -41.24 67.66
CA ALA B 289 32.08 -42.63 67.23
C ALA B 289 33.12 -42.81 66.13
N ALA B 290 33.05 -41.97 65.10
CA ALA B 290 33.96 -42.10 63.96
C ALA B 290 35.41 -41.95 64.37
N ALA B 291 35.68 -41.01 65.28
CA ALA B 291 37.05 -40.79 65.75
C ALA B 291 37.55 -42.00 66.51
N VAL B 292 36.67 -42.67 67.26
CA VAL B 292 37.04 -43.89 67.97
C VAL B 292 37.43 -44.98 66.98
N ARG B 293 36.61 -45.21 65.96
CA ARG B 293 36.88 -46.26 64.98
C ARG B 293 38.21 -46.04 64.25
N ALA B 294 38.60 -44.78 64.01
CA ALA B 294 39.80 -44.55 63.21
C ALA B 294 41.10 -44.84 63.96
N GLY B 295 41.07 -44.99 65.28
CA GLY B 295 42.28 -45.26 66.03
C GLY B 295 42.87 -44.08 66.78
N ASN B 296 42.06 -43.06 67.11
CA ASN B 296 42.54 -41.95 67.91
C ASN B 296 42.81 -42.40 69.34
N ASP B 297 43.85 -41.81 69.95
CA ASP B 297 44.09 -41.99 71.39
C ASP B 297 43.53 -40.78 72.15
N MET B 298 44.28 -39.70 72.21
CA MET B 298 43.82 -38.47 72.88
C MET B 298 42.91 -37.66 71.96
N VAL B 299 41.80 -37.19 72.49
CA VAL B 299 40.95 -36.22 71.83
C VAL B 299 41.20 -34.87 72.50
N MET B 300 41.69 -33.90 71.73
CA MET B 300 42.05 -32.59 72.29
C MET B 300 40.85 -31.64 72.21
N THR B 301 40.47 -31.07 73.35
CA THR B 301 39.51 -29.96 73.47
C THR B 301 38.26 -30.14 72.60
N THR B 302 37.65 -31.32 72.67
CA THR B 302 36.28 -31.51 72.22
C THR B 302 35.55 -31.99 73.47
N PRO B 303 35.02 -31.07 74.28
CA PRO B 303 34.34 -31.50 75.52
C PRO B 303 33.16 -32.41 75.25
N ARG B 304 32.31 -32.05 74.29
CA ARG B 304 31.15 -32.87 73.95
C ARG B 304 31.52 -34.32 73.60
N PHE B 305 32.80 -34.60 73.34
CA PHE B 305 33.24 -35.98 73.19
C PHE B 305 33.01 -36.79 74.46
N PHE B 306 32.92 -36.12 75.63
CA PHE B 306 32.69 -36.84 76.87
C PHE B 306 31.34 -37.56 76.84
N GLU B 307 30.25 -36.79 76.76
CA GLU B 307 28.92 -37.39 76.66
C GLU B 307 28.68 -37.99 75.28
N GLY B 308 29.39 -37.49 74.26
CA GLY B 308 29.24 -38.04 72.93
C GLY B 308 29.71 -39.48 72.83
N ALA B 309 30.93 -39.77 73.33
CA ALA B 309 31.43 -41.13 73.31
C ALA B 309 30.66 -42.03 74.24
N LEU B 310 30.04 -41.45 75.28
CA LEU B 310 29.19 -42.21 76.18
C LEU B 310 27.86 -42.58 75.50
N GLU B 311 27.14 -41.58 74.99
CA GLU B 311 25.91 -41.86 74.25
C GLU B 311 26.16 -42.85 73.11
N ALA B 312 27.37 -42.86 72.56
CA ALA B 312 27.73 -43.71 71.43
C ALA B 312 28.10 -45.13 71.82
N VAL B 313 28.62 -45.35 73.03
CA VAL B 313 28.78 -46.73 73.50
C VAL B 313 27.44 -47.26 74.02
N ASP B 314 26.59 -46.37 74.53
CA ASP B 314 25.23 -46.74 74.94
C ASP B 314 24.43 -47.24 73.75
N ARG B 315 24.37 -46.44 72.68
CA ARG B 315 23.60 -46.78 71.50
C ARG B 315 24.33 -47.75 70.57
N GLY B 316 25.42 -48.36 71.02
CA GLY B 316 26.09 -49.40 70.28
C GLY B 316 26.80 -48.97 69.00
N LEU B 317 26.97 -47.66 68.78
CA LEU B 317 27.68 -47.18 67.60
C LEU B 317 29.16 -47.57 67.64
N VAL B 318 29.75 -47.54 68.84
CA VAL B 318 31.06 -48.13 69.09
C VAL B 318 30.94 -48.98 70.34
N GLU B 319 31.73 -50.04 70.39
CA GLU B 319 31.75 -50.90 71.56
C GLU B 319 32.61 -50.26 72.65
N GLU B 320 32.41 -50.75 73.88
CA GLU B 320 33.29 -50.34 74.97
C GLU B 320 34.73 -50.84 74.76
N ALA B 321 34.90 -51.93 73.99
CA ALA B 321 36.22 -52.53 73.81
C ALA B 321 37.15 -51.69 72.95
N ALA B 322 36.63 -50.70 72.23
CA ALA B 322 37.47 -49.75 71.52
C ALA B 322 38.02 -48.68 72.47
N ILE B 323 37.14 -48.11 73.30
CA ILE B 323 37.57 -47.17 74.34
C ILE B 323 38.69 -47.78 75.17
N ASP B 324 38.57 -49.07 75.48
CA ASP B 324 39.60 -49.77 76.26
C ASP B 324 40.94 -49.76 75.53
N ALA B 325 40.94 -50.08 74.23
CA ALA B 325 42.18 -50.09 73.47
C ALA B 325 42.93 -48.77 73.57
N ALA B 326 42.19 -47.65 73.53
CA ALA B 326 42.81 -46.33 73.62
C ALA B 326 43.32 -46.06 75.04
N VAL B 327 42.44 -46.18 76.04
CA VAL B 327 42.81 -45.99 77.44
C VAL B 327 44.01 -46.86 77.80
N ARG B 328 44.15 -48.02 77.16
CA ARG B 328 45.31 -48.88 77.42
C ARG B 328 46.60 -48.20 76.98
N ARG B 329 46.62 -47.64 75.77
CA ARG B 329 47.85 -47.02 75.27
C ARG B 329 48.16 -45.72 76.01
N ILE B 330 47.12 -45.04 76.50
CA ILE B 330 47.32 -43.80 77.24
C ILE B 330 47.94 -44.09 78.62
N LEU B 331 47.27 -44.94 79.41
CA LEU B 331 47.79 -45.31 80.73
C LEU B 331 49.15 -45.99 80.64
N THR B 332 49.39 -46.77 79.59
CA THR B 332 50.71 -47.35 79.36
C THR B 332 51.77 -46.27 79.36
N LEU B 333 51.47 -45.14 78.71
CA LEU B 333 52.43 -44.05 78.65
C LEU B 333 52.67 -43.43 80.03
N LYS B 334 51.59 -43.14 80.75
CA LYS B 334 51.74 -42.54 82.08
C LYS B 334 52.49 -43.48 83.03
N PHE B 335 52.23 -44.79 82.93
CA PHE B 335 52.95 -45.74 83.77
C PHE B 335 54.44 -45.79 83.42
N ARG B 336 54.78 -45.75 82.13
CA ARG B 336 56.16 -45.75 81.66
C ARG B 336 56.92 -44.47 81.99
N LEU B 337 56.25 -43.38 82.36
CA LEU B 337 56.94 -42.17 82.81
C LEU B 337 57.17 -42.15 84.31
N GLY B 338 56.60 -43.10 85.06
CA GLY B 338 56.67 -43.07 86.51
C GLY B 338 55.73 -42.06 87.13
N LEU B 339 54.63 -41.72 86.46
CA LEU B 339 53.78 -40.63 86.91
C LEU B 339 52.90 -41.01 88.10
N PHE B 340 52.58 -42.30 88.25
CA PHE B 340 51.88 -42.73 89.46
C PHE B 340 52.82 -42.74 90.66
N GLU B 341 54.11 -42.94 90.43
CA GLU B 341 55.12 -42.82 91.48
C GLU B 341 55.45 -41.35 91.76
N ASP B 342 56.05 -40.69 90.78
CA ASP B 342 56.41 -39.27 90.88
C ASP B 342 55.70 -38.49 89.77
N PRO B 343 54.73 -37.62 90.09
CA PRO B 343 53.98 -36.91 89.05
C PRO B 343 54.70 -35.71 88.45
N ARG B 344 55.99 -35.52 88.75
CA ARG B 344 56.80 -34.42 88.24
C ARG B 344 56.12 -33.07 88.45
N ARG B 345 55.94 -32.72 89.73
CA ARG B 345 55.41 -31.41 90.11
C ARG B 345 56.42 -30.32 89.76
N PRO B 346 55.95 -29.09 89.54
CA PRO B 346 56.89 -27.98 89.36
C PRO B 346 57.73 -27.79 90.62
N ASP B 347 59.03 -27.57 90.42
CA ASP B 347 59.97 -27.34 91.51
C ASP B 347 60.52 -25.93 91.39
N VAL B 348 60.10 -25.06 92.32
CA VAL B 348 60.42 -23.64 92.24
C VAL B 348 61.93 -23.40 92.36
N ALA B 349 62.60 -24.13 93.26
CA ALA B 349 64.05 -24.04 93.33
C ALA B 349 64.69 -24.31 91.97
N ARG B 350 64.24 -25.36 91.29
CA ARG B 350 64.81 -25.67 89.98
C ARG B 350 64.47 -24.61 88.95
N GLN B 351 63.28 -24.01 89.04
CA GLN B 351 62.94 -22.93 88.12
C GLN B 351 63.94 -21.79 88.24
N GLN B 352 64.33 -21.44 89.48
CA GLN B 352 65.23 -20.31 89.67
C GLN B 352 66.64 -20.64 89.23
N ALA B 353 67.00 -21.93 89.24
CA ALA B 353 68.34 -22.32 88.82
C ALA B 353 68.49 -22.31 87.30
N VAL B 354 67.51 -22.79 86.54
CA VAL B 354 67.73 -23.10 85.13
C VAL B 354 67.02 -22.13 84.18
N ILE B 355 65.85 -21.61 84.52
CA ILE B 355 65.08 -20.80 83.58
C ILE B 355 65.82 -19.48 83.34
N ALA B 356 65.99 -19.15 82.06
CA ALA B 356 66.71 -17.94 81.64
C ALA B 356 68.14 -17.91 82.19
N SER B 357 68.70 -19.09 82.46
CA SER B 357 70.09 -19.20 82.89
C SER B 357 71.03 -18.56 81.88
N ALA B 358 72.25 -18.27 82.33
CA ALA B 358 73.21 -17.64 81.42
C ALA B 358 73.64 -18.57 80.30
N GLU B 359 73.55 -19.88 80.47
CA GLU B 359 74.09 -20.70 79.42
C GLU B 359 73.02 -20.95 78.37
N HIS B 360 71.76 -20.85 78.78
CA HIS B 360 70.65 -20.84 77.83
C HIS B 360 70.67 -19.57 76.97
N ALA B 361 70.95 -18.43 77.59
CA ALA B 361 71.10 -17.19 76.83
C ALA B 361 72.22 -17.30 75.81
N ALA B 362 73.28 -18.05 76.13
CA ALA B 362 74.39 -18.16 75.21
C ALA B 362 74.02 -19.02 74.01
N VAL B 363 73.25 -20.09 74.24
CA VAL B 363 72.70 -20.87 73.14
C VAL B 363 71.83 -19.98 72.27
N ASN B 364 70.96 -19.19 72.90
CA ASN B 364 70.06 -18.32 72.16
C ASN B 364 70.82 -17.32 71.31
N LEU B 365 71.87 -16.71 71.88
CA LEU B 365 72.69 -15.79 71.08
C LEU B 365 73.31 -16.50 69.87
N GLU B 366 73.80 -17.73 70.05
CA GLU B 366 74.47 -18.41 68.94
C GLU B 366 73.49 -18.66 67.77
N VAL B 367 72.29 -19.17 68.07
CA VAL B 367 71.28 -19.36 67.04
C VAL B 367 70.94 -18.04 66.36
N ALA B 368 70.67 -17.01 67.16
CA ALA B 368 70.41 -15.69 66.61
C ALA B 368 71.49 -15.29 65.62
N ARG B 369 72.75 -15.39 66.04
CA ARG B 369 73.84 -14.93 65.19
C ARG B 369 73.95 -15.78 63.93
N ARG B 370 73.68 -17.07 64.05
CA ARG B 370 73.87 -17.93 62.90
C ARG B 370 72.67 -17.94 61.96
N SER B 371 71.54 -17.38 62.38
CA SER B 371 70.32 -17.49 61.59
C SER B 371 70.08 -16.30 60.67
N LEU B 372 70.82 -15.20 60.83
CA LEU B 372 70.62 -14.06 59.95
C LEU B 372 71.12 -14.36 58.55
N VAL B 373 70.35 -13.97 57.55
CA VAL B 373 70.69 -14.20 56.16
C VAL B 373 70.88 -12.85 55.50
N LEU B 374 72.11 -12.59 55.07
CA LEU B 374 72.37 -11.41 54.28
C LEU B 374 72.02 -11.74 52.83
N LEU B 375 71.04 -11.03 52.27
CA LEU B 375 70.50 -11.33 50.96
C LEU B 375 71.09 -10.50 49.85
N THR B 376 71.31 -9.21 50.10
CA THR B 376 72.03 -8.37 49.15
C THR B 376 72.91 -7.41 49.93
N ASN B 377 73.88 -6.85 49.21
CA ASN B 377 74.88 -6.00 49.81
C ASN B 377 75.71 -5.34 48.70
N ASP B 378 75.58 -4.03 48.52
CA ASP B 378 76.35 -3.39 47.47
C ASP B 378 77.78 -3.07 47.91
N GLY B 379 78.18 -3.50 49.10
CA GLY B 379 79.48 -3.17 49.66
C GLY B 379 79.41 -2.20 50.83
N THR B 380 78.24 -1.61 51.09
CA THR B 380 78.04 -0.79 52.28
C THR B 380 78.32 -1.57 53.57
N LEU B 381 78.09 -2.89 53.56
CA LEU B 381 78.31 -3.70 54.76
C LEU B 381 79.60 -4.53 54.62
N PRO B 382 80.35 -4.75 55.73
CA PRO B 382 80.06 -4.28 57.12
C PRO B 382 80.30 -2.80 57.26
N PHE B 383 79.48 -2.12 58.06
CA PHE B 383 79.42 -0.67 58.00
C PHE B 383 80.76 -0.06 58.37
N ALA B 384 81.20 0.92 57.58
CA ALA B 384 82.45 1.66 57.80
C ALA B 384 83.67 0.74 57.71
N GLY B 385 83.58 -0.34 56.93
CA GLY B 385 84.66 -1.29 56.80
C GLY B 385 84.69 -2.38 57.84
N GLY B 386 83.90 -2.27 58.90
CA GLY B 386 83.94 -3.29 59.93
C GLY B 386 84.54 -2.75 61.23
N LEU B 387 84.04 -3.29 62.34
CA LEU B 387 84.48 -2.89 63.67
C LEU B 387 85.03 -4.10 64.43
N ASP B 388 85.96 -3.81 65.33
CA ASP B 388 86.41 -4.68 66.42
C ASP B 388 85.87 -4.20 67.75
N ARG B 389 85.98 -5.08 68.75
CA ARG B 389 85.77 -4.71 70.14
C ARG B 389 87.11 -4.36 70.76
N ALA B 390 87.05 -3.58 71.85
CA ALA B 390 88.27 -3.39 72.64
C ALA B 390 88.79 -4.78 72.96
N ASP B 395 82.40 -9.52 74.05
CA ASP B 395 81.17 -8.71 74.15
C ASP B 395 81.65 -7.26 74.18
N GLY B 396 81.03 -6.38 74.96
CA GLY B 396 81.55 -5.03 75.07
C GLY B 396 81.43 -4.15 73.84
N ARG B 397 81.71 -2.87 74.01
CA ARG B 397 81.45 -1.87 72.99
C ARG B 397 82.50 -1.91 71.89
N ALA B 398 82.07 -1.64 70.66
CA ALA B 398 82.99 -1.58 69.54
C ALA B 398 83.80 -0.30 69.55
N LEU B 399 85.04 -0.40 69.07
CA LEU B 399 85.89 0.76 68.79
C LEU B 399 85.53 1.42 67.47
N ALA B 400 85.59 2.75 67.43
CA ALA B 400 85.37 3.46 66.18
C ALA B 400 86.51 3.14 65.21
N PRO B 401 86.21 2.81 63.96
CA PRO B 401 87.29 2.53 63.00
C PRO B 401 88.08 3.78 62.65
N ALA B 402 89.33 3.54 62.24
CA ALA B 402 90.18 4.61 61.74
C ALA B 402 89.48 5.33 60.60
N GLY B 403 89.30 6.64 60.74
CA GLY B 403 88.64 7.45 59.75
C GLY B 403 87.12 7.48 59.83
N ALA B 404 86.51 6.86 60.84
CA ALA B 404 85.06 6.96 61.06
C ALA B 404 84.78 7.27 62.53
N PRO B 405 85.19 8.45 63.00
CA PRO B 405 85.06 8.76 64.43
C PRO B 405 83.64 9.03 64.88
N ALA B 406 82.84 9.72 64.08
CA ALA B 406 81.49 10.11 64.47
C ALA B 406 80.54 9.75 63.34
N ARG B 407 79.77 8.69 63.53
CA ARG B 407 78.74 8.30 62.60
C ARG B 407 77.41 8.30 63.32
N THR B 408 76.34 8.57 62.59
CA THR B 408 74.99 8.42 63.08
C THR B 408 74.28 7.31 62.32
N ILE B 409 73.74 6.35 63.05
CA ILE B 409 72.87 5.31 62.52
C ILE B 409 71.43 5.64 62.92
N ALA B 410 70.59 5.91 61.94
CA ALA B 410 69.16 6.11 62.16
C ALA B 410 68.44 4.76 62.02
N VAL B 411 67.89 4.26 63.13
CA VAL B 411 67.12 3.03 63.16
C VAL B 411 65.65 3.39 63.05
N VAL B 412 65.03 2.99 61.94
CA VAL B 412 63.66 3.40 61.60
C VAL B 412 62.80 2.19 61.27
N GLY B 413 61.49 2.44 61.14
CA GLY B 413 60.55 1.42 60.77
C GLY B 413 59.80 0.80 61.93
N PRO B 414 58.61 0.26 61.65
CA PRO B 414 57.71 -0.20 62.74
C PRO B 414 58.25 -1.38 63.55
N ASN B 415 59.19 -2.16 63.04
CA ASN B 415 59.67 -3.30 63.78
C ASN B 415 61.01 -3.03 64.46
N ALA B 416 61.50 -1.78 64.42
CA ALA B 416 62.82 -1.43 64.94
C ALA B 416 62.91 -1.60 66.45
N ASP B 417 61.84 -1.32 67.17
CA ASP B 417 61.86 -1.47 68.63
C ASP B 417 60.70 -2.30 69.13
N ASP B 418 60.15 -3.18 68.29
CA ASP B 418 58.96 -3.96 68.63
C ASP B 418 59.40 -5.35 69.07
N ASP B 419 59.41 -5.56 70.37
CA ASP B 419 59.90 -6.81 70.90
C ASP B 419 58.86 -7.93 70.85
N HIS B 420 57.58 -7.58 70.67
CA HIS B 420 56.57 -8.62 70.51
C HIS B 420 56.67 -9.25 69.13
N THR B 421 56.76 -8.43 68.10
CA THR B 421 56.93 -8.95 66.74
C THR B 421 58.24 -9.70 66.60
N GLN B 422 59.26 -9.31 67.35
CA GLN B 422 60.55 -9.96 67.25
C GLN B 422 60.51 -11.40 67.77
N LEU B 423 59.71 -11.64 68.82
CA LEU B 423 59.55 -12.99 69.33
C LEU B 423 58.68 -13.84 68.42
N GLY B 424 57.72 -13.22 67.74
CA GLY B 424 56.89 -13.94 66.82
C GLY B 424 55.72 -14.63 67.48
N ASP B 425 55.02 -15.39 66.62
CA ASP B 425 53.89 -16.20 67.05
C ASP B 425 54.35 -17.30 68.01
N TRP B 426 53.38 -17.82 68.76
CA TRP B 426 53.59 -18.88 69.74
C TRP B 426 54.61 -18.48 70.81
N ALA B 427 54.47 -17.26 71.31
CA ALA B 427 55.36 -16.77 72.35
C ALA B 427 54.71 -15.59 73.05
N GLY B 428 54.87 -15.51 74.36
CA GLY B 428 54.42 -14.35 75.10
C GLY B 428 52.97 -14.03 74.88
N ALA B 429 52.68 -12.84 74.34
CA ALA B 429 51.31 -12.37 74.17
C ALA B 429 50.78 -12.62 72.76
N SER B 430 51.31 -13.62 72.05
CA SER B 430 50.80 -13.91 70.71
C SER B 430 49.34 -14.35 70.75
N GLY B 431 48.83 -14.82 71.90
CA GLY B 431 47.39 -14.90 72.09
C GLY B 431 46.81 -16.23 72.55
N GLN B 432 47.58 -17.31 72.49
CA GLN B 432 47.03 -18.60 72.86
C GLN B 432 46.98 -18.82 74.37
N ALA B 433 47.66 -17.97 75.15
CA ALA B 433 47.68 -18.06 76.60
C ALA B 433 47.11 -16.77 77.18
N ASP B 434 46.03 -16.88 77.95
CA ASP B 434 45.39 -15.69 78.50
C ASP B 434 46.04 -15.16 79.76
N TRP B 435 47.15 -15.76 80.19
CA TRP B 435 47.85 -15.35 81.44
C TRP B 435 49.10 -14.50 81.19
N LEU B 436 49.40 -14.15 79.95
CA LEU B 436 50.54 -13.23 79.65
C LEU B 436 50.02 -12.08 78.79
N PRO B 437 49.18 -11.14 79.27
CA PRO B 437 48.64 -10.09 78.39
C PRO B 437 49.74 -9.09 78.03
N ASP B 438 50.75 -8.95 78.86
CA ASP B 438 51.90 -8.07 78.66
C ASP B 438 53.10 -8.77 78.03
N GLY B 439 53.00 -10.09 77.90
CA GLY B 439 54.08 -10.86 77.28
C GLY B 439 55.27 -11.09 78.17
N HIS B 440 56.43 -11.27 77.56
CA HIS B 440 57.68 -11.55 78.31
C HIS B 440 58.32 -10.25 78.79
N PRO B 441 59.14 -10.28 79.85
CA PRO B 441 59.79 -9.07 80.39
C PRO B 441 60.69 -8.41 79.35
N ARG B 442 60.46 -7.11 79.17
CA ARG B 442 61.13 -6.30 78.15
C ARG B 442 62.65 -6.39 78.22
N GLU B 443 63.20 -6.46 79.42
CA GLU B 443 64.66 -6.52 79.55
C GLU B 443 65.27 -7.76 78.92
N MET B 444 64.51 -8.85 78.80
CA MET B 444 65.08 -10.06 78.25
C MET B 444 65.28 -9.99 76.73
N THR B 445 64.70 -9.00 76.05
CA THR B 445 64.75 -8.91 74.61
C THR B 445 65.58 -7.71 74.18
N THR B 446 66.51 -7.92 73.27
CA THR B 446 67.24 -6.85 72.63
C THR B 446 66.61 -6.62 71.26
N THR B 447 65.95 -5.48 71.07
CA THR B 447 65.44 -5.16 69.75
C THR B 447 66.59 -4.67 68.87
N VAL B 448 66.29 -4.43 67.60
CA VAL B 448 67.29 -3.89 66.70
C VAL B 448 67.78 -2.53 67.20
N LEU B 449 66.84 -1.67 67.63
CA LEU B 449 67.25 -0.40 68.23
C LEU B 449 68.15 -0.61 69.43
N ASP B 450 67.75 -1.47 70.37
CA ASP B 450 68.60 -1.72 71.54
C ASP B 450 69.99 -2.17 71.11
N GLY B 451 70.06 -3.02 70.08
CA GLY B 451 71.34 -3.62 69.69
C GLY B 451 72.33 -2.58 69.22
N PHE B 452 71.89 -1.69 68.32
CA PHE B 452 72.77 -0.61 67.88
C PHE B 452 73.12 0.33 69.04
N ARG B 453 72.16 0.64 69.91
CA ARG B 453 72.47 1.55 71.02
C ARG B 453 73.50 0.95 71.96
N ALA B 454 73.48 -0.36 72.17
CA ALA B 454 74.45 -0.96 73.07
C ALA B 454 75.83 -1.16 72.42
N LEU B 455 75.90 -1.38 71.11
CA LEU B 455 77.18 -1.74 70.49
C LEU B 455 77.84 -0.60 69.73
N ALA B 456 77.13 0.46 69.38
CA ALA B 456 77.75 1.57 68.68
C ALA B 456 78.95 2.10 69.49
N PRO B 457 80.05 2.45 68.83
CA PRO B 457 81.16 3.10 69.53
C PRO B 457 80.72 4.38 70.23
N GLU B 458 81.52 4.77 71.23
CA GLU B 458 81.14 5.87 72.10
C GLU B 458 81.01 7.21 71.36
N GLY B 459 81.82 7.44 70.33
CA GLY B 459 81.63 8.68 69.59
C GLY B 459 80.49 8.68 68.57
N TRP B 460 79.72 7.59 68.47
CA TRP B 460 78.67 7.47 67.47
C TRP B 460 77.31 7.71 68.09
N ALA B 461 76.35 8.10 67.27
CA ALA B 461 74.99 8.28 67.75
C ALA B 461 74.04 7.32 67.04
N VAL B 462 73.03 6.88 67.78
CA VAL B 462 71.96 6.03 67.27
C VAL B 462 70.65 6.78 67.48
N THR B 463 69.99 7.17 66.39
CA THR B 463 68.67 7.79 66.47
C THR B 463 67.58 6.81 66.09
N HIS B 464 66.34 7.18 66.43
CA HIS B 464 65.18 6.33 66.24
C HIS B 464 64.03 7.16 65.69
N ALA B 465 63.31 6.60 64.73
CA ALA B 465 62.06 7.19 64.25
C ALA B 465 61.19 6.05 63.72
N ARG B 466 60.07 5.81 64.39
CA ARG B 466 58.98 5.06 63.78
C ARG B 466 58.69 5.72 62.44
N GLY B 467 58.67 4.94 61.38
CA GLY B 467 58.48 5.71 60.16
C GLY B 467 57.14 5.48 59.52
N ALA B 468 56.51 4.37 59.90
CA ALA B 468 55.27 3.91 59.31
C ALA B 468 54.56 3.09 60.36
N ASP B 469 53.25 3.07 60.27
CA ASP B 469 52.46 2.04 60.95
C ASP B 469 52.10 0.94 59.95
N ILE B 470 51.69 -0.20 60.50
CA ILE B 470 51.25 -1.29 59.69
C ILE B 470 49.74 -1.34 59.61
N LEU B 471 49.04 -1.32 60.74
CA LEU B 471 47.61 -1.61 60.69
C LEU B 471 46.89 -1.09 61.92
N THR B 472 45.56 -1.10 61.82
CA THR B 472 44.67 -1.07 62.98
C THR B 472 43.60 -2.13 62.79
N LEU B 473 42.88 -2.41 63.88
CA LEU B 473 41.77 -3.34 63.90
C LEU B 473 40.44 -2.58 63.84
N ALA B 474 39.44 -3.20 63.21
CA ALA B 474 38.12 -2.60 63.05
C ALA B 474 37.09 -3.71 62.92
N PRO B 475 35.77 -3.44 63.05
CA PRO B 475 34.80 -4.47 62.72
C PRO B 475 34.29 -4.29 61.29
N ASP B 476 33.91 -5.38 60.64
CA ASP B 476 33.22 -5.23 59.33
C ASP B 476 31.74 -5.40 59.65
N GLN B 490 38.16 -6.60 64.58
CA GLN B 490 37.88 -7.85 63.88
C GLN B 490 38.78 -8.05 62.64
N VAL B 491 38.78 -7.09 61.72
CA VAL B 491 39.57 -7.21 60.50
C VAL B 491 40.72 -6.19 60.50
N VAL B 492 41.77 -6.54 59.77
CA VAL B 492 42.92 -5.66 59.60
C VAL B 492 42.54 -4.53 58.66
N VAL B 493 42.70 -3.30 59.14
CA VAL B 493 42.69 -2.12 58.30
C VAL B 493 44.13 -1.67 58.13
N PRO B 494 44.71 -1.78 56.94
CA PRO B 494 46.09 -1.30 56.76
C PRO B 494 46.16 0.19 57.03
N ALA B 495 47.23 0.61 57.70
CA ALA B 495 47.44 2.03 57.96
C ALA B 495 47.83 2.76 56.69
N ALA B 496 47.25 3.93 56.48
CA ALA B 496 47.68 4.75 55.35
C ALA B 496 49.12 5.25 55.56
N PRO B 497 49.85 5.53 54.47
CA PRO B 497 51.04 6.37 54.59
C PRO B 497 50.70 7.69 55.29
N ASP B 498 51.58 8.09 56.20
CA ASP B 498 51.33 9.17 57.14
C ASP B 498 52.48 10.14 56.97
N ASP B 499 52.21 11.29 56.34
CA ASP B 499 53.28 12.16 55.84
C ASP B 499 54.15 12.71 56.96
N ALA B 500 53.56 13.02 58.12
CA ALA B 500 54.37 13.52 59.22
C ALA B 500 55.25 12.41 59.77
N LEU B 501 54.71 11.20 59.91
CA LEU B 501 55.54 10.06 60.33
C LEU B 501 56.70 9.83 59.37
N ILE B 502 56.46 9.94 58.05
CA ILE B 502 57.51 9.69 57.07
C ILE B 502 58.50 10.86 57.04
N ALA B 503 58.00 12.08 57.08
CA ALA B 503 58.86 13.25 57.17
C ALA B 503 59.84 13.14 58.33
N GLU B 504 59.38 12.65 59.48
CA GLU B 504 60.28 12.52 60.63
C GLU B 504 61.35 11.45 60.39
N ALA B 505 60.99 10.30 59.85
CA ALA B 505 62.00 9.28 59.55
C ALA B 505 62.94 9.75 58.45
N VAL B 506 62.43 10.51 57.47
CA VAL B 506 63.30 11.04 56.42
C VAL B 506 64.29 12.04 57.00
N ALA B 507 63.83 12.94 57.87
CA ALA B 507 64.74 13.88 58.51
C ALA B 507 65.83 13.16 59.30
N ALA B 508 65.47 12.09 60.00
CA ALA B 508 66.46 11.26 60.70
C ALA B 508 67.47 10.64 59.73
N ALA B 509 67.02 10.13 58.61
CA ALA B 509 67.94 9.54 57.60
C ALA B 509 68.81 10.65 56.98
N ARG B 510 68.23 11.78 56.66
CA ARG B 510 68.98 12.91 56.08
C ARG B 510 70.04 13.37 57.07
N ASP B 511 69.90 13.00 58.34
CA ASP B 511 70.87 13.42 59.33
C ASP B 511 71.74 12.26 59.82
N ALA B 512 71.90 11.23 58.99
CA ALA B 512 72.62 10.06 59.42
C ALA B 512 73.49 9.54 58.28
N ASP B 513 74.39 8.64 58.63
CA ASP B 513 75.29 7.99 57.69
C ASP B 513 74.77 6.66 57.22
N LEU B 514 73.85 6.07 57.98
CA LEU B 514 73.24 4.80 57.65
C LEU B 514 71.81 4.83 58.17
N ALA B 515 70.88 4.32 57.36
CA ALA B 515 69.49 4.19 57.77
C ALA B 515 69.17 2.71 57.81
N VAL B 516 68.79 2.22 58.98
CA VAL B 516 68.47 0.82 59.18
C VAL B 516 66.95 0.74 59.31
N ALA B 517 66.30 0.28 58.24
CA ALA B 517 64.84 0.22 58.16
C ALA B 517 64.41 -1.19 58.52
N VAL B 518 63.72 -1.34 59.65
CA VAL B 518 63.26 -2.62 60.16
C VAL B 518 61.76 -2.77 59.84
N VAL B 519 61.45 -3.66 58.89
CA VAL B 519 60.14 -3.80 58.30
C VAL B 519 59.70 -5.26 58.40
N GLY B 520 58.46 -5.54 58.02
CA GLY B 520 57.98 -6.90 58.12
C GLY B 520 56.48 -6.97 58.37
N ASP B 521 56.09 -7.94 59.17
CA ASP B 521 54.68 -8.11 59.52
C ASP B 521 54.53 -8.09 61.04
N ARG B 522 53.36 -8.50 61.51
CA ARG B 522 53.09 -8.55 62.94
C ARG B 522 51.93 -9.52 63.15
N ILE B 523 51.56 -9.71 64.42
CA ILE B 523 50.81 -10.91 64.81
C ILE B 523 49.44 -11.00 64.13
N GLU B 524 48.77 -9.87 63.88
CA GLU B 524 47.45 -9.91 63.22
C GLU B 524 47.54 -10.29 61.73
N LEU B 525 48.75 -10.45 61.20
CA LEU B 525 48.96 -10.91 59.83
C LEU B 525 49.69 -12.25 59.81
N VAL B 526 49.66 -12.99 60.91
CA VAL B 526 50.44 -14.20 61.07
C VAL B 526 49.59 -15.25 61.75
N GLY B 527 49.78 -16.52 61.38
CA GLY B 527 49.29 -17.61 62.21
C GLY B 527 47.94 -18.17 61.81
N GLU B 528 47.35 -18.88 62.77
CA GLU B 528 46.08 -19.59 62.55
C GLU B 528 44.96 -18.65 62.16
N GLY B 529 44.25 -19.01 61.09
CA GLY B 529 43.24 -18.14 60.56
C GLY B 529 43.74 -16.87 59.93
N ARG B 530 45.05 -16.69 59.79
CA ARG B 530 45.61 -15.42 59.30
C ARG B 530 46.55 -15.65 58.12
N SER B 531 46.06 -16.37 57.12
CA SER B 531 46.77 -16.45 55.86
C SER B 531 46.72 -15.09 55.18
N THR B 532 47.72 -14.80 54.33
CA THR B 532 47.75 -13.55 53.59
C THR B 532 47.78 -13.84 52.09
N ALA B 533 47.17 -12.96 51.31
CA ALA B 533 47.05 -13.16 49.87
C ALA B 533 48.14 -12.48 49.06
N THR B 534 48.61 -11.31 49.51
CA THR B 534 49.50 -10.51 48.68
C THR B 534 50.97 -10.74 48.95
N LEU B 535 51.31 -11.16 50.18
CA LEU B 535 52.69 -11.35 50.63
C LEU B 535 53.47 -10.03 50.70
N GLU B 536 52.82 -8.88 50.56
CA GLU B 536 53.53 -7.61 50.59
C GLU B 536 53.53 -6.96 51.98
N LEU B 537 54.43 -5.98 52.14
CA LEU B 537 54.46 -5.13 53.34
C LEU B 537 53.16 -4.35 53.49
N VAL B 538 52.43 -4.62 54.57
CA VAL B 538 51.15 -3.96 54.80
C VAL B 538 51.39 -2.58 55.41
N GLY B 539 50.55 -1.61 55.04
CA GLY B 539 50.52 -0.32 55.71
C GLY B 539 51.37 0.78 55.09
N GLY B 540 52.06 1.56 55.92
CA GLY B 540 52.89 2.62 55.41
C GLY B 540 54.30 2.23 55.04
N GLN B 541 54.67 0.96 55.19
CA GLN B 541 56.06 0.56 55.07
C GLN B 541 56.62 0.79 53.65
N VAL B 542 55.82 0.52 52.62
CA VAL B 542 56.34 0.72 51.27
C VAL B 542 56.63 2.20 51.05
N ALA B 543 55.70 3.07 51.43
CA ALA B 543 55.93 4.50 51.30
C ALA B 543 57.17 4.93 52.09
N LEU B 544 57.32 4.43 53.32
CA LEU B 544 58.53 4.66 54.10
C LEU B 544 59.80 4.25 53.34
N LEU B 545 59.85 3.00 52.84
CA LEU B 545 61.07 2.55 52.18
C LEU B 545 61.39 3.40 50.97
N ASP B 546 60.38 3.76 50.17
CA ASP B 546 60.62 4.62 49.00
C ASP B 546 61.26 5.93 49.41
N ALA B 547 60.74 6.55 50.48
CA ALA B 547 61.22 7.88 50.89
C ALA B 547 62.60 7.80 51.53
N LEU B 548 62.87 6.75 52.31
CA LEU B 548 64.21 6.56 52.87
C LEU B 548 65.26 6.42 51.76
N VAL B 549 64.99 5.56 50.77
CA VAL B 549 66.00 5.31 49.75
C VAL B 549 66.28 6.58 48.95
N ALA B 550 65.24 7.38 48.72
CA ALA B 550 65.40 8.63 47.98
C ALA B 550 66.17 9.71 48.73
N THR B 551 66.49 9.55 50.02
CA THR B 551 67.35 10.53 50.68
C THR B 551 68.80 10.43 50.24
N GLY B 552 69.24 9.28 49.72
CA GLY B 552 70.63 9.07 49.38
C GLY B 552 71.50 8.60 50.52
N THR B 553 70.98 8.60 51.73
CA THR B 553 71.61 7.87 52.83
C THR B 553 71.49 6.38 52.55
N PRO B 554 72.60 5.61 52.63
CA PRO B 554 72.49 4.16 52.40
C PRO B 554 71.53 3.52 53.37
N VAL B 555 70.73 2.58 52.86
CA VAL B 555 69.62 2.00 53.62
C VAL B 555 69.86 0.51 53.72
N VAL B 556 69.91 0.01 54.95
CA VAL B 556 69.89 -1.43 55.19
C VAL B 556 68.47 -1.80 55.58
N VAL B 557 67.85 -2.66 54.79
CA VAL B 557 66.51 -3.17 55.06
C VAL B 557 66.66 -4.43 55.89
N VAL B 558 66.18 -4.41 57.12
CA VAL B 558 66.17 -5.59 57.99
C VAL B 558 64.73 -6.09 58.06
N VAL B 559 64.47 -7.26 57.53
CA VAL B 559 63.14 -7.83 57.46
C VAL B 559 62.91 -8.69 58.69
N VAL B 560 62.09 -8.18 59.61
CA VAL B 560 61.70 -8.94 60.78
C VAL B 560 60.24 -9.33 60.55
N ALA B 561 60.02 -10.59 60.20
CA ALA B 561 58.73 -10.99 59.68
C ALA B 561 58.54 -12.48 59.91
N SER B 562 57.30 -12.92 59.89
CA SER B 562 57.05 -14.34 60.12
C SER B 562 57.45 -15.20 58.94
N LYS B 563 57.38 -14.68 57.73
CA LYS B 563 57.55 -15.49 56.53
C LYS B 563 58.09 -14.60 55.41
N PRO B 564 58.62 -15.20 54.33
CA PRO B 564 59.13 -14.40 53.22
C PRO B 564 58.05 -13.49 52.63
N LEU B 565 58.41 -12.24 52.37
CA LEU B 565 57.49 -11.26 51.83
C LEU B 565 57.99 -10.78 50.47
N VAL B 566 57.05 -10.34 49.63
CA VAL B 566 57.40 -9.56 48.45
C VAL B 566 57.88 -8.20 48.89
N LEU B 567 59.10 -7.86 48.55
CA LEU B 567 59.62 -6.54 48.87
C LEU B 567 59.41 -5.60 47.68
N PRO B 568 59.22 -4.32 47.95
CA PRO B 568 58.99 -3.36 46.86
C PRO B 568 60.28 -3.06 46.11
N PRO B 569 60.18 -2.47 44.91
CA PRO B 569 61.41 -2.09 44.18
C PRO B 569 62.43 -1.29 45.00
N SER B 570 61.97 -0.35 45.83
CA SER B 570 62.89 0.44 46.65
C SER B 570 63.77 -0.44 47.53
N ALA B 571 63.26 -1.57 48.00
CA ALA B 571 64.10 -2.48 48.79
C ALA B 571 65.19 -3.14 47.95
N HIS B 572 64.99 -3.30 46.65
CA HIS B 572 66.04 -3.86 45.80
C HIS B 572 66.98 -2.77 45.30
N ALA B 573 66.63 -1.50 45.51
CA ALA B 573 67.53 -0.38 45.29
C ALA B 573 68.32 0.00 46.54
N ALA B 574 67.98 -0.58 47.69
CA ALA B 574 68.65 -0.25 48.93
C ALA B 574 70.03 -0.91 48.99
N ALA B 575 70.85 -0.43 49.93
CA ALA B 575 72.25 -0.85 49.99
C ALA B 575 72.38 -2.32 50.36
N ALA B 576 71.52 -2.81 51.25
CA ALA B 576 71.63 -4.16 51.76
C ALA B 576 70.26 -4.60 52.25
N VAL B 577 70.04 -5.92 52.26
CA VAL B 577 68.81 -6.53 52.73
C VAL B 577 69.22 -7.70 53.63
N VAL B 578 68.72 -7.69 54.87
CA VAL B 578 68.95 -8.76 55.83
C VAL B 578 67.61 -9.39 56.20
N TRP B 579 67.54 -10.72 56.08
CA TRP B 579 66.38 -11.47 56.52
C TRP B 579 66.61 -12.01 57.92
N ALA B 580 65.73 -11.67 58.87
CA ALA B 580 65.87 -12.12 60.24
C ALA B 580 64.77 -13.05 60.77
N ALA B 581 63.63 -13.19 60.08
CA ALA B 581 62.58 -14.18 60.40
C ALA B 581 62.19 -14.28 61.88
N ASN B 582 61.77 -13.21 62.51
CA ASN B 582 61.53 -13.33 63.98
C ASN B 582 62.70 -13.99 64.71
N PRO B 583 63.78 -13.24 64.95
CA PRO B 583 65.00 -13.84 65.50
C PRO B 583 64.99 -14.04 67.01
N GLY B 584 63.89 -13.80 67.71
CA GLY B 584 63.88 -14.12 69.12
C GLY B 584 64.51 -13.04 69.99
N MET B 585 64.87 -13.48 71.21
CA MET B 585 65.19 -12.55 72.29
C MET B 585 66.53 -11.84 72.10
N ARG B 586 67.55 -12.51 71.56
CA ARG B 586 68.83 -11.89 71.25
C ARG B 586 68.92 -11.38 69.82
N GLY B 587 67.81 -11.34 69.08
CA GLY B 587 67.86 -11.06 67.65
C GLY B 587 68.45 -9.71 67.33
N GLY B 588 68.09 -8.68 68.10
CA GLY B 588 68.59 -7.35 67.84
C GLY B 588 70.09 -7.23 68.09
N GLN B 589 70.61 -8.01 69.04
CA GLN B 589 72.05 -8.05 69.21
C GLN B 589 72.72 -8.61 67.96
N ALA B 590 72.23 -9.74 67.46
CA ALA B 590 72.79 -10.33 66.25
C ALA B 590 72.75 -9.37 65.07
N VAL B 591 71.61 -8.69 64.87
CA VAL B 591 71.47 -7.81 63.70
C VAL B 591 72.48 -6.69 63.77
N ALA B 592 72.64 -6.08 64.94
CA ALA B 592 73.61 -5.01 65.11
C ALA B 592 75.04 -5.52 64.91
N GLU B 593 75.38 -6.68 65.49
CA GLU B 593 76.72 -7.25 65.26
C GLU B 593 76.96 -7.51 63.77
N LEU B 594 75.94 -7.93 63.04
CA LEU B 594 76.15 -8.24 61.64
C LEU B 594 76.40 -6.97 60.83
N VAL B 595 75.60 -5.94 61.09
CA VAL B 595 75.72 -4.69 60.33
C VAL B 595 77.07 -4.04 60.60
N LEU B 596 77.56 -4.12 61.84
CA LEU B 596 78.83 -3.52 62.22
C LEU B 596 80.05 -4.39 61.92
N GLY B 597 79.85 -5.63 61.47
CA GLY B 597 80.97 -6.50 61.22
C GLY B 597 81.55 -7.16 62.46
N LEU B 598 80.85 -7.13 63.60
CA LEU B 598 81.36 -7.85 64.75
C LEU B 598 81.18 -9.36 64.60
N ILE B 599 80.36 -9.80 63.66
CA ILE B 599 80.24 -11.21 63.32
C ILE B 599 80.13 -11.29 61.81
N GLU B 600 80.41 -12.48 61.27
CA GLU B 600 80.22 -12.74 59.84
C GLU B 600 78.87 -13.39 59.56
N PRO B 601 78.19 -13.01 58.48
CA PRO B 601 76.94 -13.68 58.14
C PRO B 601 77.18 -15.16 57.86
N GLU B 602 76.23 -15.99 58.27
CA GLU B 602 76.34 -17.41 58.06
C GLU B 602 75.07 -18.05 57.59
N GLY B 603 73.91 -17.43 57.83
CA GLY B 603 72.65 -18.05 57.47
C GLY B 603 72.49 -18.24 55.97
N ARG B 604 71.76 -19.27 55.62
CA ARG B 604 71.36 -19.56 54.25
C ARG B 604 69.86 -19.81 54.27
N LEU B 605 69.17 -19.40 53.22
CA LEU B 605 67.71 -19.51 53.19
C LEU B 605 67.28 -20.97 53.26
N PRO B 606 66.36 -21.32 54.16
CA PRO B 606 65.67 -22.63 54.08
C PRO B 606 64.37 -22.59 53.29
N ILE B 607 64.14 -21.53 52.52
CA ILE B 607 62.85 -21.24 51.88
C ILE B 607 63.10 -20.19 50.82
N SER B 608 62.43 -20.34 49.67
CA SER B 608 62.52 -19.35 48.59
C SER B 608 61.55 -18.17 48.79
N PHE B 609 61.96 -16.99 48.30
CA PHE B 609 61.16 -15.76 48.33
C PHE B 609 60.51 -15.53 46.96
N ALA B 610 59.18 -15.42 46.93
CA ALA B 610 58.51 -15.14 45.67
C ALA B 610 58.64 -13.66 45.30
N ARG B 611 58.59 -13.38 43.99
CA ARG B 611 58.52 -12.00 43.54
C ARG B 611 57.10 -11.46 43.57
N HIS B 612 56.12 -12.34 43.63
CA HIS B 612 54.71 -11.99 43.56
C HIS B 612 53.94 -13.25 43.95
N ALA B 613 52.80 -13.06 44.62
CA ALA B 613 52.02 -14.22 45.04
C ALA B 613 51.63 -15.12 43.85
N GLY B 614 51.39 -14.52 42.68
CA GLY B 614 51.01 -15.29 41.52
C GLY B 614 52.15 -16.08 40.91
N GLN B 615 53.38 -15.82 41.35
CA GLN B 615 54.54 -16.51 40.84
C GLN B 615 54.64 -17.93 41.34
N GLN B 616 53.95 -18.23 42.44
CA GLN B 616 54.08 -19.52 43.10
C GLN B 616 53.60 -20.67 42.21
N PRO B 617 54.16 -21.89 42.37
CA PRO B 617 55.14 -22.29 43.40
C PRO B 617 56.59 -21.86 43.10
N THR B 618 57.26 -21.45 44.18
CA THR B 618 58.62 -20.96 44.10
C THR B 618 59.60 -21.78 44.91
N TYR B 619 59.17 -22.86 45.57
CA TYR B 619 60.14 -23.77 46.13
C TYR B 619 61.07 -24.33 45.05
N TYR B 620 62.24 -24.77 45.48
CA TYR B 620 63.31 -25.06 44.55
C TYR B 620 63.09 -26.39 43.82
N ASN B 621 62.38 -27.35 44.44
CA ASN B 621 62.21 -28.70 43.90
C ASN B 621 60.90 -28.85 43.11
N VAL B 622 60.71 -27.98 42.12
CA VAL B 622 59.55 -28.07 41.22
C VAL B 622 59.69 -29.24 40.26
N VAL B 623 58.57 -29.92 40.05
CA VAL B 623 58.51 -31.10 39.20
C VAL B 623 58.58 -30.70 37.73
N ARG B 624 59.34 -31.45 36.95
CA ARG B 624 59.55 -31.13 35.55
C ARG B 624 58.25 -31.18 34.76
N GLY B 625 58.27 -30.54 33.58
CA GLY B 625 57.19 -30.77 32.62
C GLY B 625 56.63 -29.55 31.92
N GLN B 626 56.81 -28.37 32.53
CA GLN B 626 56.20 -27.15 32.02
C GLN B 626 56.64 -26.82 30.59
N HIS B 627 55.72 -26.23 29.83
CA HIS B 627 55.94 -25.68 28.49
C HIS B 627 56.38 -24.23 28.66
N GLY B 628 57.65 -23.94 28.40
CA GLY B 628 58.20 -22.63 28.70
C GLY B 628 58.69 -22.53 30.14
N VAL B 629 59.28 -21.38 30.45
CA VAL B 629 60.06 -21.16 31.67
C VAL B 629 59.68 -19.87 32.40
N ARG B 630 58.55 -19.27 32.02
CA ARG B 630 58.38 -17.84 32.17
C ARG B 630 56.88 -17.59 32.15
N TYR B 631 56.35 -16.83 33.11
CA TYR B 631 55.06 -16.19 32.87
C TYR B 631 55.24 -15.09 31.84
N ALA B 632 54.21 -14.87 31.02
CA ALA B 632 54.33 -13.84 30.00
C ALA B 632 54.58 -12.47 30.62
N ASP B 633 54.14 -12.25 31.86
CA ASP B 633 54.35 -10.94 32.49
C ASP B 633 55.39 -10.95 33.61
N LEU B 634 56.05 -12.07 33.88
CA LEU B 634 56.89 -12.16 35.06
C LEU B 634 57.83 -13.36 34.94
N THR B 635 59.10 -13.16 35.26
CA THR B 635 60.01 -14.28 35.37
C THR B 635 59.48 -15.32 36.36
N GLN B 636 59.90 -16.55 36.20
CA GLN B 636 59.68 -17.53 37.27
C GLN B 636 60.86 -17.62 38.23
N SER B 637 61.89 -16.82 38.05
CA SER B 637 63.00 -16.86 38.97
C SER B 637 62.58 -16.24 40.31
N PRO B 638 62.75 -16.95 41.43
CA PRO B 638 62.37 -16.37 42.72
C PRO B 638 63.21 -15.14 43.04
N ALA B 639 62.66 -14.28 43.90
CA ALA B 639 63.41 -13.10 44.32
C ALA B 639 64.69 -13.52 45.02
N PHE B 640 64.61 -14.54 45.87
CA PHE B 640 65.74 -15.14 46.56
C PHE B 640 65.48 -16.63 46.68
N ALA B 641 66.49 -17.43 46.40
CA ALA B 641 66.30 -18.86 46.27
C ALA B 641 66.73 -19.60 47.53
N PHE B 642 66.11 -20.76 47.73
CA PHE B 642 66.54 -21.73 48.71
C PHE B 642 68.06 -21.88 48.72
N GLY B 643 68.64 -21.89 49.91
CA GLY B 643 70.06 -22.09 50.09
C GLY B 643 70.92 -20.87 49.91
N GLU B 644 70.37 -19.71 49.58
CA GLU B 644 71.28 -18.62 49.26
C GLU B 644 71.47 -17.69 50.45
N GLY B 645 72.47 -16.82 50.33
CA GLY B 645 72.93 -16.04 51.46
C GLY B 645 74.36 -15.60 51.25
N LEU B 646 74.70 -14.40 51.70
CA LEU B 646 76.02 -13.87 51.45
C LEU B 646 76.90 -14.03 52.70
N SER B 647 78.18 -13.78 52.50
CA SER B 647 79.09 -13.60 53.59
C SER B 647 79.74 -12.22 53.42
N TYR B 648 80.81 -11.98 54.15
CA TYR B 648 81.59 -10.77 53.95
C TYR B 648 82.87 -11.05 53.15
N THR B 649 82.92 -12.18 52.46
CA THR B 649 84.06 -12.55 51.66
C THR B 649 83.53 -13.22 50.38
N THR B 650 84.40 -13.77 49.58
CA THR B 650 83.99 -14.49 48.37
C THR B 650 84.64 -15.86 48.39
N VAL B 651 83.84 -16.90 48.14
CA VAL B 651 84.32 -18.27 48.09
C VAL B 651 84.19 -18.79 46.66
N GLU B 652 85.28 -19.33 46.15
CA GLU B 652 85.33 -19.89 44.80
C GLU B 652 85.12 -21.39 44.90
N TYR B 653 84.23 -21.92 44.08
CA TYR B 653 83.98 -23.35 44.03
C TYR B 653 84.59 -23.90 42.74
N ALA B 654 85.33 -25.00 42.86
CA ALA B 654 86.00 -25.57 41.68
C ALA B 654 86.26 -27.07 41.77
N ASP B 655 86.37 -27.73 40.61
CA ASP B 655 86.75 -29.17 40.52
C ASP B 655 85.83 -30.12 41.30
N LEU B 656 84.57 -30.26 40.87
CA LEU B 656 83.70 -31.30 41.50
C LEU B 656 84.01 -32.64 40.82
N ARG B 657 84.44 -33.63 41.60
CA ARG B 657 84.80 -34.95 41.03
C ARG B 657 84.09 -36.07 41.78
N VAL B 658 83.25 -36.82 41.08
CA VAL B 658 82.65 -38.03 41.72
C VAL B 658 83.74 -39.09 41.72
N LEU B 659 83.95 -39.74 42.85
CA LEU B 659 85.03 -40.70 43.03
C LEU B 659 84.46 -42.08 42.74
N GLY B 660 84.62 -42.55 41.50
CA GLY B 660 83.97 -43.77 41.08
C GLY B 660 82.50 -43.52 40.82
N THR B 661 82.11 -43.52 39.56
CA THR B 661 80.77 -43.07 39.15
C THR B 661 79.74 -44.20 39.12
N GLU B 662 80.09 -45.43 39.49
CA GLU B 662 79.19 -46.56 39.35
C GLU B 662 78.91 -47.20 40.71
N HIS B 663 77.64 -47.53 40.94
CA HIS B 663 77.12 -47.78 42.28
C HIS B 663 75.95 -48.76 42.19
N GLY B 664 75.76 -49.53 43.25
CA GLY B 664 74.55 -50.30 43.42
C GLY B 664 73.64 -49.61 44.42
N PRO B 665 72.50 -50.23 44.71
CA PRO B 665 71.45 -49.54 45.49
C PRO B 665 71.79 -49.33 46.96
N ASP B 666 72.90 -49.90 47.45
CA ASP B 666 73.30 -49.74 48.85
C ASP B 666 74.64 -49.03 48.97
N ASP B 667 75.09 -48.39 47.93
CA ASP B 667 76.39 -47.77 47.99
C ASP B 667 76.28 -46.34 48.51
N VAL B 668 77.39 -45.64 48.42
CA VAL B 668 77.41 -44.21 48.83
C VAL B 668 78.10 -43.47 47.69
N VAL B 669 77.49 -42.40 47.21
CA VAL B 669 78.17 -41.58 46.19
C VAL B 669 79.16 -40.68 46.94
N ARG B 670 80.44 -40.82 46.61
CA ARG B 670 81.48 -40.01 47.28
C ARG B 670 82.02 -39.01 46.27
N ALA B 671 82.24 -37.79 46.73
CA ALA B 671 82.76 -36.75 45.82
C ALA B 671 83.67 -35.75 46.54
N GLU B 672 84.32 -34.90 45.76
CA GLU B 672 85.22 -33.89 46.27
C GLU B 672 84.92 -32.59 45.54
N VAL B 673 85.00 -31.48 46.27
CA VAL B 673 84.97 -30.16 45.67
C VAL B 673 86.02 -29.34 46.39
N THR B 674 86.57 -28.34 45.71
CA THR B 674 87.62 -27.50 46.27
C THR B 674 87.11 -26.08 46.45
N LEU B 675 87.18 -25.57 47.69
CA LEU B 675 86.72 -24.22 48.02
C LEU B 675 87.90 -23.33 48.35
N THR B 676 87.84 -22.09 47.87
CA THR B 676 88.89 -21.12 48.13
C THR B 676 88.27 -19.83 48.67
N ASN B 677 88.68 -19.46 49.88
CA ASN B 677 88.33 -18.14 50.40
C ASN B 677 89.24 -17.15 49.72
N THR B 678 88.72 -16.42 48.74
CA THR B 678 89.51 -15.48 47.98
C THR B 678 89.38 -14.05 48.49
N GLY B 679 88.73 -13.86 49.65
CA GLY B 679 88.56 -12.55 50.23
C GLY B 679 89.34 -12.37 51.51
N SER B 680 88.99 -11.31 52.26
CA SER B 680 89.79 -10.83 53.39
C SER B 680 89.27 -11.24 54.75
N ARG B 681 88.20 -12.02 54.84
CA ARG B 681 87.57 -12.31 56.11
C ARG B 681 87.30 -13.81 56.22
N PRO B 682 87.31 -14.35 57.43
CA PRO B 682 86.91 -15.75 57.60
C PRO B 682 85.43 -15.93 57.29
N VAL B 683 85.08 -17.17 56.95
CA VAL B 683 83.71 -17.52 56.62
C VAL B 683 83.49 -18.96 57.06
N ARG B 684 82.26 -19.24 57.51
CA ARG B 684 81.74 -20.59 57.59
C ARG B 684 80.77 -20.77 56.41
N GLU B 685 81.22 -21.49 55.38
CA GLU B 685 80.45 -21.70 54.16
C GLU B 685 79.59 -22.96 54.31
N THR B 686 78.36 -22.93 53.77
CA THR B 686 77.46 -24.11 53.77
C THR B 686 77.40 -24.67 52.35
N VAL B 687 78.15 -25.74 52.09
CA VAL B 687 78.18 -26.41 50.79
C VAL B 687 76.95 -27.29 50.67
N GLN B 688 76.26 -27.21 49.53
CA GLN B 688 74.97 -27.86 49.36
C GLN B 688 75.05 -28.91 48.25
N VAL B 689 74.49 -30.09 48.51
CA VAL B 689 74.58 -31.22 47.58
C VAL B 689 73.20 -31.62 47.10
N TYR B 690 72.97 -31.45 45.80
CA TYR B 690 71.69 -31.78 45.17
C TYR B 690 71.88 -32.96 44.21
N VAL B 691 70.87 -33.82 44.16
CA VAL B 691 70.86 -34.95 43.25
C VAL B 691 69.71 -34.77 42.28
N SER B 692 70.01 -34.94 40.99
CA SER B 692 69.01 -34.93 39.94
C SER B 692 68.94 -36.30 39.29
N ASP B 693 67.74 -36.84 39.22
CA ASP B 693 67.51 -38.12 38.58
C ASP B 693 67.11 -37.87 37.12
N THR B 694 68.01 -38.19 36.19
CA THR B 694 67.92 -37.67 34.83
C THR B 694 66.69 -38.15 34.08
N VAL B 695 66.37 -39.44 34.19
CA VAL B 695 65.16 -40.00 33.61
C VAL B 695 64.44 -40.79 34.70
N THR B 696 63.15 -40.54 34.85
CA THR B 696 62.39 -41.12 35.95
C THR B 696 61.17 -41.82 35.38
N SER B 697 60.65 -42.82 36.10
CA SER B 697 59.50 -43.54 35.55
C SER B 697 58.25 -42.68 35.58
N VAL B 698 58.16 -41.80 36.56
CA VAL B 698 57.06 -40.85 36.71
C VAL B 698 57.71 -39.47 36.86
N THR B 699 56.93 -38.42 36.64
CA THR B 699 57.52 -37.08 36.71
C THR B 699 58.00 -36.79 38.12
N TRP B 700 59.16 -36.12 38.21
CA TRP B 700 59.81 -35.91 39.48
C TRP B 700 60.46 -34.53 39.49
N ALA B 701 60.84 -34.11 40.70
CA ALA B 701 61.55 -32.87 40.90
C ALA B 701 62.79 -32.81 40.01
N GLU B 702 63.09 -31.60 39.55
CA GLU B 702 64.30 -31.42 38.77
C GLU B 702 65.55 -31.72 39.59
N LYS B 703 65.53 -31.41 40.88
CA LYS B 703 66.63 -31.72 41.78
C LYS B 703 66.10 -31.71 43.20
N GLU B 704 66.84 -32.36 44.10
CA GLU B 704 66.49 -32.44 45.51
C GLU B 704 67.75 -32.33 46.35
N LEU B 705 67.64 -31.64 47.48
CA LEU B 705 68.75 -31.55 48.42
C LEU B 705 68.90 -32.87 49.17
N LYS B 706 70.12 -33.35 49.25
CA LYS B 706 70.39 -34.64 49.86
C LYS B 706 71.45 -34.59 50.94
N ALA B 707 72.28 -33.54 50.98
CA ALA B 707 73.38 -33.43 51.92
C ALA B 707 73.93 -32.01 51.87
N TYR B 708 74.70 -31.69 52.89
CA TYR B 708 75.37 -30.41 52.98
C TYR B 708 76.51 -30.52 53.98
N ARG B 709 77.43 -29.57 53.89
CA ARG B 709 78.57 -29.59 54.79
C ARG B 709 78.98 -28.17 55.10
N LYS B 710 79.15 -27.87 56.38
CA LYS B 710 79.72 -26.60 56.77
C LYS B 710 81.23 -26.68 56.75
N VAL B 711 81.88 -25.61 56.30
CA VAL B 711 83.31 -25.61 56.03
C VAL B 711 83.89 -24.29 56.51
N ASP B 712 84.83 -24.34 57.46
CA ASP B 712 85.51 -23.14 57.96
C ASP B 712 86.69 -22.81 57.07
N LEU B 713 86.82 -21.54 56.69
CA LEU B 713 87.85 -21.10 55.75
C LEU B 713 88.41 -19.77 56.18
N ALA B 714 89.72 -19.72 56.43
CA ALA B 714 90.40 -18.47 56.72
C ALA B 714 90.67 -17.70 55.43
N PRO B 715 90.89 -16.38 55.51
CA PRO B 715 91.18 -15.61 54.29
C PRO B 715 92.38 -16.18 53.55
N GLY B 716 92.17 -16.49 52.28
CA GLY B 716 93.18 -17.13 51.46
C GLY B 716 93.23 -18.64 51.56
N GLU B 717 92.60 -19.23 52.56
CA GLU B 717 92.70 -20.67 52.76
C GLU B 717 91.90 -21.41 51.69
N SER B 718 92.47 -22.48 51.18
CA SER B 718 91.78 -23.35 50.25
C SER B 718 91.63 -24.73 50.88
N ALA B 719 90.49 -25.37 50.64
CA ALA B 719 90.22 -26.69 51.20
C ALA B 719 89.54 -27.58 50.18
N THR B 720 89.95 -28.84 50.13
CA THR B 720 89.26 -29.84 49.33
C THR B 720 88.35 -30.61 50.27
N VAL B 721 87.06 -30.64 49.94
CA VAL B 721 86.00 -31.07 50.84
C VAL B 721 85.43 -32.38 50.32
N GLY B 722 85.37 -33.38 51.20
CA GLY B 722 84.71 -34.63 50.89
C GLY B 722 83.20 -34.53 51.07
N LEU B 723 82.47 -35.03 50.08
CA LEU B 723 81.01 -35.07 50.08
C LEU B 723 80.53 -36.49 49.85
N GLU B 724 79.25 -36.68 50.09
CA GLU B 724 78.73 -38.00 50.45
C GLU B 724 77.22 -38.10 50.59
N VAL B 725 76.61 -38.89 49.70
CA VAL B 725 75.16 -39.04 49.59
C VAL B 725 74.90 -40.54 49.54
N PRO B 726 74.13 -41.10 50.46
CA PRO B 726 73.73 -42.51 50.31
C PRO B 726 72.84 -42.70 49.09
N VAL B 727 73.18 -43.72 48.29
CA VAL B 727 72.36 -44.11 47.14
C VAL B 727 70.93 -44.40 47.57
N ALA B 728 70.75 -45.03 48.74
CA ALA B 728 69.41 -45.30 49.25
C ALA B 728 68.61 -44.03 49.53
N ASP B 729 69.20 -42.84 49.42
CA ASP B 729 68.45 -41.60 49.49
C ASP B 729 68.12 -40.99 48.13
N CYS B 730 68.69 -41.51 47.04
CA CYS B 730 68.33 -41.05 45.69
C CYS B 730 67.09 -41.79 45.19
N THR B 731 65.97 -41.53 45.85
CA THR B 731 64.71 -42.21 45.59
C THR B 731 63.71 -41.26 44.93
N LEU B 732 62.65 -41.87 44.40
CA LEU B 732 61.42 -41.20 44.03
C LEU B 732 60.27 -42.08 44.50
N VAL B 733 59.06 -41.55 44.45
CA VAL B 733 57.86 -42.35 44.65
C VAL B 733 57.33 -42.68 43.28
N ASP B 734 57.23 -43.95 42.96
CA ASP B 734 56.77 -44.30 41.63
C ASP B 734 55.25 -44.37 41.65
N ALA B 735 54.65 -44.81 40.55
CA ALA B 735 53.27 -45.26 40.57
C ALA B 735 53.15 -46.43 41.55
N HIS B 736 51.94 -46.78 41.94
CA HIS B 736 51.72 -47.73 43.05
C HIS B 736 52.06 -47.09 44.40
N GLY B 737 53.04 -46.18 44.43
CA GLY B 737 53.34 -45.44 45.63
C GLY B 737 54.51 -45.96 46.44
N ARG B 738 55.46 -46.65 45.82
CA ARG B 738 56.65 -47.14 46.49
C ARG B 738 57.79 -46.13 46.35
N ARG B 739 58.54 -45.93 47.43
CA ARG B 739 59.74 -45.11 47.40
C ARG B 739 60.91 -46.02 47.06
N VAL B 740 61.43 -45.90 45.84
CA VAL B 740 62.44 -46.82 45.32
C VAL B 740 63.58 -46.03 44.72
N VAL B 741 64.76 -46.65 44.68
CA VAL B 741 65.85 -46.17 43.85
C VAL B 741 65.69 -46.80 42.48
N GLU B 742 65.72 -45.99 41.43
CA GLU B 742 65.52 -46.49 40.09
C GLU B 742 66.87 -46.43 39.38
N PRO B 743 67.32 -47.55 38.83
CA PRO B 743 68.61 -47.54 38.12
C PRO B 743 68.59 -46.54 36.97
N GLY B 744 69.72 -45.89 36.77
CA GLY B 744 69.83 -44.97 35.65
C GLY B 744 70.89 -43.94 35.93
N GLU B 745 70.97 -42.97 35.01
CA GLU B 745 71.89 -41.85 35.14
C GLU B 745 71.37 -40.86 36.18
N PHE B 746 72.30 -40.27 36.91
CA PHE B 746 72.02 -39.27 37.93
C PHE B 746 72.95 -38.10 37.74
N GLU B 747 72.63 -37.00 38.41
CA GLU B 747 73.52 -35.86 38.37
C GLU B 747 73.67 -35.31 39.78
N LEU B 748 74.91 -35.11 40.18
CA LEU B 748 75.21 -34.48 41.46
C LEU B 748 75.47 -33.02 41.19
N ARG B 749 74.83 -32.14 41.98
CA ARG B 749 74.95 -30.70 41.81
C ARG B 749 75.36 -30.11 43.15
N VAL B 750 76.48 -29.38 43.15
CA VAL B 750 77.13 -28.95 44.38
C VAL B 750 77.44 -27.47 44.23
N GLY B 751 77.10 -26.69 45.26
CA GLY B 751 77.37 -25.27 45.26
C GLY B 751 76.80 -24.54 46.45
N PRO B 752 76.95 -23.21 46.44
CA PRO B 752 76.54 -22.42 47.60
C PRO B 752 75.04 -22.12 47.67
N SER B 753 74.26 -22.37 46.62
CA SER B 753 72.82 -22.20 46.66
C SER B 753 72.13 -23.15 45.68
N SER B 754 70.80 -23.07 45.63
CA SER B 754 70.02 -23.89 44.72
C SER B 754 69.91 -23.28 43.33
N ARG B 755 70.48 -22.10 43.08
CA ARG B 755 70.44 -21.53 41.74
C ARG B 755 71.27 -22.37 40.77
N GLU B 756 70.70 -22.68 39.60
CA GLU B 756 71.40 -23.55 38.64
C GLU B 756 72.70 -22.93 38.14
N ASP B 757 72.75 -21.61 38.03
CA ASP B 757 73.99 -20.94 37.62
C ASP B 757 75.02 -20.86 38.73
N ALA B 758 74.79 -21.53 39.86
CA ALA B 758 75.77 -21.57 40.94
C ALA B 758 76.19 -23.00 41.28
N LEU B 759 75.70 -24.00 40.55
CA LEU B 759 75.95 -25.40 40.86
C LEU B 759 76.94 -26.01 39.87
N LEU B 760 78.04 -26.53 40.39
CA LEU B 760 78.85 -27.49 39.64
C LEU B 760 78.11 -28.81 39.57
N ARG B 761 78.37 -29.58 38.51
CA ARG B 761 77.66 -30.84 38.33
C ARG B 761 78.60 -31.93 37.87
N ALA B 762 78.25 -33.17 38.20
CA ALA B 762 79.02 -34.33 37.81
C ALA B 762 78.07 -35.51 37.76
N SER B 763 78.27 -36.34 36.74
CA SER B 763 77.39 -37.48 36.51
C SER B 763 77.79 -38.67 37.37
N PHE B 764 76.80 -39.50 37.66
CA PHE B 764 77.04 -40.84 38.17
C PHE B 764 75.84 -41.70 37.81
N THR B 765 75.98 -43.00 38.06
CA THR B 765 74.97 -43.96 37.65
C THR B 765 74.74 -44.94 38.78
N VAL B 766 73.52 -45.45 38.85
CA VAL B 766 73.15 -46.52 39.77
C VAL B 766 72.74 -47.72 38.91
N ALA B 767 73.43 -48.85 39.10
CA ALA B 767 73.03 -50.10 38.47
C ALA B 767 72.24 -50.96 39.46
N GLY B 768 71.49 -51.91 38.91
CA GLY B 768 70.75 -52.85 39.74
C GLY B 768 71.63 -53.79 40.55
N PRO C 8 -68.85 87.98 -40.57
CA PRO C 8 -69.61 86.98 -41.34
C PRO C 8 -69.62 85.58 -40.75
N TYR C 9 -68.87 85.32 -39.67
CA TYR C 9 -68.94 83.99 -39.05
C TYR C 9 -70.18 83.86 -38.19
N LEU C 10 -70.66 84.97 -37.63
CA LEU C 10 -71.94 85.03 -36.93
C LEU C 10 -73.13 85.23 -37.88
N ASP C 11 -72.91 85.05 -39.19
CA ASP C 11 -73.89 85.35 -40.23
C ASP C 11 -74.62 84.07 -40.65
N PRO C 12 -75.85 83.84 -40.19
CA PRO C 12 -76.55 82.58 -40.56
C PRO C 12 -76.83 82.44 -42.04
N ALA C 13 -76.53 83.45 -42.86
CA ALA C 13 -76.71 83.34 -44.30
C ALA C 13 -75.46 82.80 -44.99
N VAL C 14 -74.29 83.26 -44.56
CA VAL C 14 -73.01 82.82 -45.15
C VAL C 14 -72.90 81.31 -45.01
N PRO C 15 -72.53 80.57 -46.07
CA PRO C 15 -72.31 79.12 -45.93
C PRO C 15 -71.30 78.76 -44.85
N VAL C 16 -71.29 77.47 -44.52
CA VAL C 16 -70.61 77.01 -43.31
C VAL C 16 -69.10 77.23 -43.41
N ALA C 17 -68.49 76.74 -44.50
CA ALA C 17 -67.04 76.74 -44.60
C ALA C 17 -66.44 78.14 -44.55
N ASP C 18 -67.20 79.14 -45.02
CA ASP C 18 -66.70 80.51 -45.01
C ASP C 18 -66.66 81.07 -43.59
N ARG C 19 -67.69 80.76 -42.79
CA ARG C 19 -67.68 81.15 -41.39
C ARG C 19 -66.59 80.44 -40.61
N VAL C 20 -66.23 79.23 -41.05
CA VAL C 20 -65.08 78.53 -40.49
C VAL C 20 -63.81 79.36 -40.72
N GLU C 21 -63.46 79.58 -41.99
CA GLU C 21 -62.26 80.32 -42.35
C GLU C 21 -62.28 81.71 -41.74
N ASP C 22 -63.45 82.36 -41.72
CA ASP C 22 -63.55 83.70 -41.14
C ASP C 22 -63.31 83.67 -39.64
N LEU C 23 -63.86 82.65 -38.94
CA LEU C 23 -63.63 82.55 -37.50
C LEU C 23 -62.20 82.12 -37.18
N LEU C 24 -61.73 81.04 -37.81
CA LEU C 24 -60.33 80.61 -37.78
C LEU C 24 -59.38 81.79 -38.01
N ALA C 25 -59.84 82.77 -38.79
CA ALA C 25 -59.00 83.92 -39.11
C ALA C 25 -58.89 84.90 -37.93
N ARG C 26 -59.87 84.96 -37.01
CA ARG C 26 -59.69 85.84 -35.85
C ARG C 26 -59.17 85.09 -34.64
N MET C 27 -58.81 83.81 -34.79
CA MET C 27 -58.40 83.00 -33.67
C MET C 27 -56.89 83.06 -33.50
N THR C 28 -56.46 83.28 -32.27
CA THR C 28 -55.07 83.05 -31.88
C THR C 28 -54.77 81.56 -31.90
N LEU C 29 -53.48 81.23 -31.95
CA LEU C 29 -53.12 79.83 -31.84
C LEU C 29 -53.59 79.22 -30.52
N PRO C 30 -53.35 79.83 -29.34
CA PRO C 30 -53.81 79.20 -28.10
C PRO C 30 -55.32 78.94 -28.03
N GLU C 31 -56.12 79.72 -28.77
CA GLU C 31 -57.56 79.48 -28.90
C GLU C 31 -57.87 78.39 -29.93
N LYS C 32 -57.15 78.36 -31.09
CA LYS C 32 -57.04 77.14 -31.94
C LYS C 32 -56.79 75.85 -31.13
N VAL C 33 -55.76 75.84 -30.29
CA VAL C 33 -55.43 74.61 -29.58
C VAL C 33 -56.52 74.28 -28.56
N GLY C 34 -57.14 75.30 -27.97
CA GLY C 34 -58.20 75.08 -27.01
C GLY C 34 -59.48 74.55 -27.65
N GLN C 35 -59.70 74.87 -28.93
CA GLN C 35 -60.87 74.37 -29.63
C GLN C 35 -60.85 72.85 -29.71
N MET C 36 -59.66 72.28 -29.87
CA MET C 36 -59.50 70.83 -29.86
C MET C 36 -59.62 70.23 -28.48
N LEU C 37 -59.60 71.06 -27.42
CA LEU C 37 -59.63 70.52 -26.08
C LEU C 37 -61.05 70.19 -25.62
N GLN C 38 -61.12 69.27 -24.67
CA GLN C 38 -62.38 68.91 -24.03
C GLN C 38 -62.01 68.60 -22.57
N LEU C 39 -62.42 69.47 -21.64
CA LEU C 39 -61.87 69.42 -20.30
C LEU C 39 -62.89 68.89 -19.30
N ASP C 40 -62.37 68.47 -18.15
CA ASP C 40 -63.18 67.97 -17.04
C ASP C 40 -63.76 69.17 -16.29
N ALA C 41 -65.06 69.43 -16.48
CA ALA C 41 -65.71 70.54 -15.78
C ALA C 41 -65.60 70.41 -14.27
N ARG C 42 -65.47 69.19 -13.75
CA ARG C 42 -65.33 68.96 -12.32
C ARG C 42 -64.05 69.53 -11.73
N ASP C 43 -63.08 69.93 -12.57
CA ASP C 43 -61.84 70.53 -12.10
C ASP C 43 -61.89 72.05 -12.09
N GLY C 44 -62.99 72.65 -12.54
CA GLY C 44 -63.09 74.09 -12.55
C GLY C 44 -63.34 74.64 -13.93
N VAL C 45 -64.58 75.14 -14.13
CA VAL C 45 -64.99 75.58 -15.45
C VAL C 45 -64.32 76.90 -15.82
N GLY C 46 -64.08 77.76 -14.83
CA GLY C 46 -63.43 79.04 -15.05
C GLY C 46 -62.10 78.93 -15.76
N PRO C 47 -61.12 78.26 -15.14
CA PRO C 47 -59.84 78.03 -15.82
C PRO C 47 -60.01 77.38 -17.19
N ALA C 48 -61.00 76.50 -17.35
CA ALA C 48 -61.12 75.74 -18.60
C ALA C 48 -61.62 76.61 -19.74
N VAL C 49 -62.77 77.28 -19.56
CA VAL C 49 -63.33 78.07 -20.65
C VAL C 49 -62.48 79.29 -20.92
N LEU C 50 -61.87 79.86 -19.87
CA LEU C 50 -61.17 81.15 -19.95
C LEU C 50 -59.69 81.00 -20.26
N GLU C 51 -58.92 80.48 -19.30
CA GLU C 51 -57.47 80.44 -19.43
C GLU C 51 -57.00 79.41 -20.46
N LYS C 52 -57.79 78.37 -20.74
CA LYS C 52 -57.43 77.36 -21.71
C LYS C 52 -58.26 77.40 -22.99
N HIS C 53 -59.35 78.20 -23.02
CA HIS C 53 -60.14 78.44 -24.23
C HIS C 53 -60.75 77.15 -24.78
N ALA C 54 -61.28 76.32 -23.87
CA ALA C 54 -61.74 75.00 -24.23
C ALA C 54 -62.90 75.08 -25.22
N GLY C 55 -62.86 74.22 -26.26
CA GLY C 55 -63.95 74.09 -27.20
C GLY C 55 -65.07 73.16 -26.77
N SER C 56 -64.88 72.43 -25.69
CA SER C 56 -65.88 71.47 -25.24
C SER C 56 -65.63 71.17 -23.78
N LEU C 57 -66.68 70.70 -23.11
CA LEU C 57 -66.62 70.32 -21.71
C LEU C 57 -67.38 69.02 -21.51
N LEU C 58 -66.91 68.23 -20.56
CA LEU C 58 -67.61 67.04 -20.13
C LEU C 58 -67.76 67.06 -18.61
N HIS C 59 -68.59 66.15 -18.09
CA HIS C 59 -68.77 65.99 -16.65
C HIS C 59 -69.18 67.32 -16.00
N THR C 60 -70.21 67.94 -16.56
CA THR C 60 -70.65 69.29 -16.20
C THR C 60 -71.93 69.20 -15.36
N SER C 61 -71.77 69.32 -14.04
CA SER C 61 -72.85 69.44 -13.06
C SER C 61 -73.86 70.50 -13.48
N PRO C 62 -75.13 70.37 -13.06
CA PRO C 62 -76.16 71.34 -13.49
C PRO C 62 -75.76 72.78 -13.21
N GLU C 63 -75.09 73.03 -12.08
CA GLU C 63 -74.56 74.36 -11.77
C GLU C 63 -73.53 74.80 -12.81
N ASN C 64 -72.57 73.91 -13.11
CA ASN C 64 -71.48 74.26 -14.02
C ASN C 64 -71.97 74.48 -15.45
N VAL C 65 -73.08 73.86 -15.86
CA VAL C 65 -73.61 74.09 -17.21
C VAL C 65 -74.04 75.55 -17.36
N LEU C 66 -74.81 76.05 -16.39
CA LEU C 66 -75.21 77.45 -16.38
C LEU C 66 -74.00 78.37 -16.28
N ALA C 67 -73.06 78.01 -15.39
CA ALA C 67 -71.81 78.74 -15.27
C ALA C 67 -71.04 78.76 -16.59
N ALA C 68 -71.06 77.64 -17.32
CA ALA C 68 -70.34 77.53 -18.59
C ALA C 68 -70.86 78.54 -19.62
N HIS C 69 -72.18 78.55 -19.83
CA HIS C 69 -72.75 79.51 -20.76
C HIS C 69 -72.47 80.95 -20.33
N GLU C 70 -72.43 81.20 -19.01
CA GLU C 70 -71.96 82.49 -18.51
C GLU C 70 -70.55 82.79 -18.99
N LEU C 71 -69.61 81.88 -18.69
CA LEU C 71 -68.20 82.15 -18.99
C LEU C 71 -67.97 82.34 -20.49
N THR C 72 -68.77 81.68 -21.33
CA THR C 72 -68.62 81.84 -22.78
C THR C 72 -68.85 83.29 -23.19
N GLY C 73 -69.78 83.98 -22.51
CA GLY C 73 -70.04 85.37 -22.86
C GLY C 73 -68.88 86.30 -22.54
N ARG C 74 -68.08 85.95 -21.52
CA ARG C 74 -66.96 86.78 -21.09
C ARG C 74 -65.66 86.47 -21.86
N THR C 75 -65.70 85.67 -22.92
CA THR C 75 -64.51 85.44 -23.72
C THR C 75 -64.50 86.38 -24.93
N ARG C 76 -63.35 86.39 -25.62
CA ARG C 76 -63.18 87.28 -26.77
C ARG C 76 -64.19 86.96 -27.88
N LEU C 77 -64.15 85.75 -28.41
CA LEU C 77 -64.98 85.40 -29.55
C LEU C 77 -66.27 84.69 -29.18
N ARG C 78 -66.43 84.29 -27.91
CA ARG C 78 -67.69 83.71 -27.38
C ARG C 78 -68.15 82.52 -28.23
N ILE C 79 -67.25 81.55 -28.42
CA ILE C 79 -67.55 80.39 -29.26
C ILE C 79 -68.37 79.40 -28.46
N PRO C 80 -69.51 78.93 -28.97
CA PRO C 80 -70.38 78.06 -28.17
C PRO C 80 -69.70 76.73 -27.87
N LEU C 81 -69.69 76.37 -26.60
CA LEU C 81 -69.19 75.07 -26.19
C LEU C 81 -70.07 73.94 -26.68
N LEU C 82 -69.43 72.81 -26.95
CA LEU C 82 -70.10 71.52 -27.00
C LEU C 82 -70.05 70.94 -25.60
N LEU C 83 -71.20 70.63 -25.03
CA LEU C 83 -71.27 70.00 -23.72
C LEU C 83 -71.55 68.52 -23.94
N ALA C 84 -70.63 67.68 -23.50
CA ALA C 84 -70.73 66.24 -23.67
C ALA C 84 -70.89 65.61 -22.31
N GLU C 85 -71.59 64.48 -22.28
CA GLU C 85 -71.72 63.74 -21.04
C GLU C 85 -71.87 62.26 -21.34
N ASP C 86 -71.47 61.44 -20.38
CA ASP C 86 -71.80 60.02 -20.40
C ASP C 86 -73.26 59.83 -20.06
N CYS C 87 -74.09 59.57 -21.07
CA CYS C 87 -75.47 59.14 -20.88
C CYS C 87 -75.53 57.74 -21.44
N ILE C 88 -75.15 56.77 -20.62
CA ILE C 88 -74.83 55.44 -21.10
C ILE C 88 -76.05 54.52 -21.14
N HIS C 89 -76.99 54.64 -20.21
CA HIS C 89 -78.23 53.86 -20.27
C HIS C 89 -79.28 54.69 -19.53
N GLY C 90 -79.65 55.80 -20.17
CA GLY C 90 -80.37 56.88 -19.53
C GLY C 90 -79.43 58.02 -19.22
N HIS C 91 -79.96 59.06 -18.58
CA HIS C 91 -79.14 60.23 -18.31
C HIS C 91 -78.41 59.96 -16.99
N SER C 92 -77.36 59.14 -17.08
CA SER C 92 -76.64 58.55 -15.95
C SER C 92 -76.54 59.40 -14.68
N PHE C 93 -76.08 60.64 -14.83
CA PHE C 93 -75.65 61.43 -13.68
C PHE C 93 -76.55 62.62 -13.44
N TRP C 94 -77.80 62.55 -13.92
CA TRP C 94 -78.86 63.55 -13.59
C TRP C 94 -79.76 62.94 -12.54
N VAL C 95 -79.88 63.54 -11.35
CA VAL C 95 -80.58 62.95 -10.18
C VAL C 95 -81.95 62.34 -10.50
N GLY C 96 -82.90 63.06 -11.06
CA GLY C 96 -84.18 62.34 -11.14
C GLY C 96 -84.41 61.71 -12.49
N ALA C 97 -83.38 61.17 -13.12
CA ALA C 97 -83.55 60.70 -14.51
C ALA C 97 -83.91 59.24 -14.64
N THR C 98 -84.55 58.88 -15.75
CA THR C 98 -84.89 57.51 -16.07
C THR C 98 -83.60 56.70 -16.34
N ILE C 99 -83.26 55.76 -15.45
CA ILE C 99 -82.11 54.88 -15.65
C ILE C 99 -82.62 53.53 -16.16
N PHE C 100 -82.25 53.21 -17.40
CA PHE C 100 -82.65 51.98 -18.07
C PHE C 100 -81.71 50.84 -17.72
N PRO C 101 -82.02 49.61 -18.15
CA PRO C 101 -81.03 48.53 -18.01
C PRO C 101 -79.74 48.92 -18.71
N THR C 102 -78.64 48.34 -18.23
CA THR C 102 -77.38 48.49 -18.92
C THR C 102 -77.50 47.98 -20.36
N GLN C 103 -76.51 48.34 -21.16
CA GLN C 103 -76.50 47.92 -22.55
C GLN C 103 -76.58 46.39 -22.65
N LEU C 104 -75.89 45.68 -21.76
CA LEU C 104 -75.94 44.21 -21.81
C LEU C 104 -77.31 43.68 -21.41
N GLY C 105 -78.00 44.36 -20.49
CA GLY C 105 -79.37 43.98 -20.19
C GLY C 105 -80.28 44.19 -21.37
N MET C 106 -80.18 45.35 -22.03
CA MET C 106 -81.06 45.63 -23.17
C MET C 106 -80.80 44.70 -24.35
N ALA C 107 -79.57 44.18 -24.49
CA ALA C 107 -79.30 43.28 -25.60
C ALA C 107 -80.13 42.01 -25.47
N ALA C 108 -80.48 41.61 -24.25
CA ALA C 108 -81.27 40.39 -24.10
C ALA C 108 -82.68 40.52 -24.65
N THR C 109 -83.18 41.76 -24.86
CA THR C 109 -84.49 41.96 -25.52
C THR C 109 -84.46 41.60 -27.01
N TRP C 110 -83.30 41.56 -27.65
CA TRP C 110 -83.20 41.41 -29.11
C TRP C 110 -84.21 42.29 -29.85
N ASP C 111 -84.46 43.50 -29.37
CA ASP C 111 -85.57 44.33 -29.84
C ASP C 111 -85.06 45.72 -30.18
N PRO C 112 -84.56 45.92 -31.40
CA PRO C 112 -83.98 47.23 -31.74
C PRO C 112 -84.99 48.36 -31.73
N ALA C 113 -86.26 48.10 -32.06
CA ALA C 113 -87.25 49.18 -32.04
C ALA C 113 -87.44 49.70 -30.61
N LEU C 114 -87.42 48.79 -29.64
CA LEU C 114 -87.45 49.19 -28.24
C LEU C 114 -86.19 49.95 -27.85
N VAL C 115 -85.04 49.50 -28.35
CA VAL C 115 -83.78 50.12 -27.95
C VAL C 115 -83.67 51.52 -28.54
N GLU C 116 -84.18 51.71 -29.77
CA GLU C 116 -84.33 53.05 -30.31
C GLU C 116 -85.21 53.94 -29.42
N GLN C 117 -86.29 53.37 -28.86
CA GLN C 117 -87.13 54.16 -27.98
C GLN C 117 -86.43 54.54 -26.69
N VAL C 118 -85.56 53.65 -26.19
CA VAL C 118 -84.77 53.96 -25.00
C VAL C 118 -83.82 55.10 -25.30
N ALA C 119 -83.17 55.06 -26.46
CA ALA C 119 -82.21 56.12 -26.77
C ALA C 119 -82.92 57.43 -27.06
N HIS C 120 -84.12 57.38 -27.64
CA HIS C 120 -84.84 58.62 -27.86
C HIS C 120 -85.36 59.19 -26.54
N ALA C 121 -85.96 58.35 -25.68
CA ALA C 121 -86.29 58.80 -24.33
C ALA C 121 -85.08 59.43 -23.65
N THR C 122 -83.91 58.79 -23.76
CA THR C 122 -82.72 59.35 -23.13
C THR C 122 -82.38 60.72 -23.71
N ALA C 123 -82.42 60.86 -25.04
CA ALA C 123 -82.07 62.13 -25.66
C ALA C 123 -83.01 63.25 -25.26
N VAL C 124 -84.29 62.94 -25.05
CA VAL C 124 -85.24 63.95 -24.62
C VAL C 124 -84.82 64.49 -23.25
N GLU C 125 -84.56 63.59 -22.31
CA GLU C 125 -84.13 64.02 -20.98
C GLU C 125 -82.80 64.76 -21.04
N VAL C 126 -81.89 64.29 -21.88
CA VAL C 126 -80.54 64.86 -21.93
C VAL C 126 -80.57 66.26 -22.52
N ALA C 127 -81.29 66.45 -23.63
CA ALA C 127 -81.29 67.76 -24.28
C ALA C 127 -81.96 68.81 -23.40
N ALA C 128 -82.96 68.40 -22.61
CA ALA C 128 -83.57 69.29 -21.63
C ALA C 128 -82.59 69.80 -20.58
N THR C 129 -81.45 69.13 -20.39
CA THR C 129 -80.47 69.58 -19.41
C THR C 129 -79.32 70.36 -20.05
N GLY C 130 -79.37 70.64 -21.34
CA GLY C 130 -78.33 71.42 -21.98
C GLY C 130 -77.14 70.65 -22.50
N VAL C 131 -77.17 69.31 -22.48
CA VAL C 131 -76.09 68.50 -23.04
C VAL C 131 -76.38 68.25 -24.51
N HIS C 132 -75.37 68.44 -25.36
CA HIS C 132 -75.50 68.28 -26.82
C HIS C 132 -75.04 66.92 -27.35
N TRP C 133 -74.38 66.10 -26.54
CA TRP C 133 -73.51 65.06 -27.08
C TRP C 133 -73.34 63.98 -26.02
N THR C 134 -73.74 62.76 -26.32
CA THR C 134 -73.57 61.64 -25.39
C THR C 134 -72.47 60.72 -25.91
N PHE C 135 -71.61 60.27 -24.99
CA PHE C 135 -70.59 59.25 -25.26
C PHE C 135 -71.20 57.85 -25.25
N SER C 136 -72.12 57.64 -26.18
CA SER C 136 -72.89 56.41 -26.26
C SER C 136 -73.33 56.26 -27.72
N PRO C 137 -73.48 55.03 -28.21
CA PRO C 137 -73.40 53.70 -27.60
C PRO C 137 -72.02 53.04 -27.65
N VAL C 138 -71.86 51.97 -26.88
CA VAL C 138 -70.65 51.16 -26.90
C VAL C 138 -70.81 50.05 -27.94
N LEU C 139 -69.82 49.90 -28.81
CA LEU C 139 -69.84 48.88 -29.85
C LEU C 139 -68.80 47.79 -29.63
N CYS C 140 -68.11 47.85 -28.50
CA CYS C 140 -67.22 46.78 -28.09
C CYS C 140 -67.98 45.46 -27.98
N ILE C 141 -67.24 44.38 -28.23
CA ILE C 141 -67.77 43.03 -28.27
C ILE C 141 -67.19 42.24 -27.10
N ALA C 142 -68.06 41.53 -26.39
CA ALA C 142 -67.69 40.91 -25.12
C ALA C 142 -67.09 39.53 -25.38
N ARG C 143 -65.81 39.50 -25.66
CA ARG C 143 -65.19 38.22 -25.98
C ARG C 143 -64.39 37.62 -24.82
N ASP C 144 -64.07 38.39 -23.78
CA ASP C 144 -63.38 37.86 -22.58
C ASP C 144 -64.19 38.28 -21.37
N LEU C 145 -64.78 37.29 -20.67
CA LEU C 145 -65.70 37.61 -19.59
C LEU C 145 -64.99 38.24 -18.40
N ARG C 146 -63.67 38.10 -18.31
CA ARG C 146 -62.93 38.75 -17.23
C ARG C 146 -62.97 40.27 -17.32
N TRP C 147 -63.21 40.83 -18.49
CA TRP C 147 -63.16 42.27 -18.71
C TRP C 147 -64.17 43.01 -17.81
N GLY C 148 -63.70 44.05 -17.15
CA GLY C 148 -64.57 44.80 -16.26
C GLY C 148 -65.74 45.47 -16.96
N ARG C 149 -65.69 45.62 -18.29
CA ARG C 149 -66.66 46.49 -18.95
C ARG C 149 -67.68 45.73 -19.80
N VAL C 150 -67.85 44.43 -19.56
CA VAL C 150 -68.79 43.63 -20.34
C VAL C 150 -70.20 44.21 -20.26
N ASP C 151 -70.59 44.70 -19.07
CA ASP C 151 -71.93 45.27 -18.87
C ASP C 151 -72.22 46.40 -19.84
N GLU C 152 -71.20 47.10 -20.30
CA GLU C 152 -71.44 48.18 -21.24
C GLU C 152 -71.59 47.72 -22.67
N THR C 153 -71.32 46.44 -22.98
CA THR C 153 -71.43 45.95 -24.37
C THR C 153 -72.84 45.44 -24.64
N PHE C 154 -73.11 45.18 -25.91
CA PHE C 154 -74.33 44.51 -26.34
C PHE C 154 -74.15 43.00 -26.47
N GLY C 155 -73.13 42.44 -25.85
CA GLY C 155 -72.92 41.01 -25.91
C GLY C 155 -71.74 40.65 -26.80
N GLU C 156 -71.76 39.39 -27.29
CA GLU C 156 -70.64 38.80 -28.01
C GLU C 156 -70.87 38.62 -29.51
N ASP C 157 -72.02 39.04 -30.03
CA ASP C 157 -72.28 38.85 -31.45
C ASP C 157 -72.16 40.14 -32.25
N PRO C 158 -71.33 40.16 -33.29
CA PRO C 158 -71.16 41.38 -34.10
C PRO C 158 -72.43 41.84 -34.80
N PHE C 159 -73.31 40.92 -35.19
CA PHE C 159 -74.51 41.32 -35.89
C PHE C 159 -75.53 41.94 -34.92
N LEU C 160 -75.83 41.24 -33.82
CA LEU C 160 -76.70 41.77 -32.79
C LEU C 160 -76.19 43.11 -32.25
N ILE C 161 -74.88 43.25 -32.07
CA ILE C 161 -74.36 44.55 -31.65
C ILE C 161 -74.65 45.61 -32.71
N GLY C 162 -74.36 45.29 -33.98
CA GLY C 162 -74.65 46.23 -35.03
C GLY C 162 -76.12 46.64 -35.07
N GLU C 163 -77.03 45.69 -34.81
CA GLU C 163 -78.46 45.99 -34.79
C GLU C 163 -78.81 46.97 -33.68
N LEU C 164 -78.30 46.74 -32.47
CA LEU C 164 -78.72 47.57 -31.34
C LEU C 164 -77.99 48.91 -31.32
N ALA C 165 -76.70 48.91 -31.67
CA ALA C 165 -75.97 50.16 -31.75
C ALA C 165 -76.59 51.08 -32.79
N SER C 166 -76.95 50.52 -33.95
CA SER C 166 -77.58 51.34 -34.99
C SER C 166 -78.90 51.94 -34.50
N ALA C 167 -79.73 51.15 -33.82
CA ALA C 167 -80.97 51.65 -33.26
C ALA C 167 -80.73 52.76 -32.21
N MET C 168 -79.72 52.62 -31.39
CA MET C 168 -79.39 53.73 -30.49
C MET C 168 -78.86 54.96 -31.19
N VAL C 169 -78.13 54.82 -32.27
CA VAL C 169 -77.70 56.03 -32.92
C VAL C 169 -78.91 56.77 -33.49
N ARG C 170 -79.83 56.03 -34.14
CA ARG C 170 -81.07 56.61 -34.66
C ARG C 170 -81.86 57.35 -33.57
N GLY C 171 -82.06 56.69 -32.43
CA GLY C 171 -82.90 57.28 -31.39
C GLY C 171 -82.27 58.51 -30.75
N TYR C 172 -80.95 58.48 -30.53
CA TYR C 172 -80.22 59.62 -29.99
C TYR C 172 -80.30 60.82 -30.92
N GLN C 173 -80.08 60.59 -32.20
CA GLN C 173 -79.86 61.72 -33.11
C GLN C 173 -81.15 62.23 -33.73
N GLY C 174 -82.24 61.47 -33.62
CA GLY C 174 -83.53 61.99 -34.05
C GLY C 174 -83.55 62.27 -35.54
N ASP C 175 -83.98 63.48 -35.89
CA ASP C 175 -84.03 63.92 -37.28
C ASP C 175 -82.82 64.77 -37.65
N GLY C 176 -81.75 64.68 -36.89
CA GLY C 176 -80.50 65.31 -37.26
C GLY C 176 -80.19 66.56 -36.48
N LEU C 177 -79.30 67.36 -37.07
CA LEU C 177 -78.68 68.51 -36.43
C LEU C 177 -79.64 69.65 -36.14
N SER C 178 -80.91 69.54 -36.53
CA SER C 178 -81.90 70.57 -36.25
C SER C 178 -83.03 70.08 -35.37
N ASP C 179 -83.08 68.79 -35.06
CA ASP C 179 -84.05 68.27 -34.09
C ASP C 179 -83.72 68.83 -32.70
N PRO C 180 -84.68 69.46 -32.02
CA PRO C 180 -84.39 69.99 -30.67
C PRO C 180 -84.13 68.90 -29.63
N THR C 181 -84.70 67.70 -29.80
CA THR C 181 -84.45 66.58 -28.90
C THR C 181 -83.44 65.60 -29.46
N GLY C 182 -82.67 66.00 -30.47
CA GLY C 182 -81.60 65.16 -31.02
C GLY C 182 -80.27 65.59 -30.45
N ILE C 183 -79.45 64.62 -30.07
CA ILE C 183 -78.13 64.89 -29.55
C ILE C 183 -77.13 64.09 -30.36
N LEU C 184 -75.85 64.39 -30.16
CA LEU C 184 -74.79 63.72 -30.88
C LEU C 184 -74.53 62.37 -30.24
N ALA C 185 -74.43 61.33 -31.07
CA ALA C 185 -74.00 60.03 -30.59
C ALA C 185 -72.50 59.86 -30.83
N THR C 186 -71.93 58.88 -30.12
CA THR C 186 -70.53 58.54 -30.22
C THR C 186 -70.42 57.04 -30.44
N ALA C 187 -69.70 56.63 -31.49
CA ALA C 187 -69.35 55.23 -31.66
C ALA C 187 -68.14 54.97 -30.79
N LYS C 188 -68.34 54.25 -29.71
CA LYS C 188 -67.39 54.30 -28.60
C LYS C 188 -66.57 53.03 -28.54
N HIS C 189 -65.24 53.25 -28.54
CA HIS C 189 -64.11 52.43 -28.16
C HIS C 189 -63.56 51.76 -29.41
N PHE C 190 -63.45 52.58 -30.45
CA PHE C 190 -62.91 52.20 -31.75
C PHE C 190 -61.41 52.00 -31.65
N ALA C 191 -60.90 50.79 -31.92
CA ALA C 191 -61.63 49.51 -31.97
C ALA C 191 -60.73 48.45 -31.30
N GLY C 192 -61.31 47.36 -30.80
CA GLY C 192 -60.50 46.33 -30.18
C GLY C 192 -60.29 46.46 -28.67
N TYR C 193 -60.93 47.44 -28.03
CA TYR C 193 -60.68 47.71 -26.63
C TYR C 193 -61.09 46.54 -25.76
N SER C 194 -62.07 45.76 -26.18
CA SER C 194 -62.66 44.73 -25.34
C SER C 194 -61.92 43.40 -25.31
N GLU C 195 -60.93 43.12 -26.17
CA GLU C 195 -60.20 41.85 -26.13
C GLU C 195 -58.71 42.17 -26.02
N THR C 196 -58.22 42.24 -24.78
CA THR C 196 -56.84 42.56 -24.46
C THR C 196 -56.32 41.49 -23.50
N GLN C 197 -55.01 41.50 -23.30
CA GLN C 197 -54.36 40.42 -22.57
C GLN C 197 -54.94 40.23 -21.18
N GLY C 198 -55.26 38.99 -20.85
CA GLY C 198 -55.78 38.69 -19.53
C GLY C 198 -57.14 39.28 -19.20
N GLY C 199 -57.84 39.87 -20.16
CA GLY C 199 -59.08 40.53 -19.81
C GLY C 199 -58.91 41.81 -19.02
N ARG C 200 -57.68 42.31 -18.88
CA ARG C 200 -57.37 43.48 -18.10
C ARG C 200 -57.73 44.75 -18.87
N ASP C 201 -57.88 45.84 -18.13
CA ASP C 201 -58.36 47.09 -18.69
C ASP C 201 -57.23 47.79 -19.44
N ALA C 202 -57.34 47.85 -20.76
CA ALA C 202 -56.38 48.52 -21.64
C ALA C 202 -54.98 47.92 -21.53
N SER C 203 -54.90 46.63 -21.22
CA SER C 203 -53.66 45.92 -21.48
C SER C 203 -53.49 45.80 -23.00
N GLU C 204 -52.47 45.06 -23.43
CA GLU C 204 -52.17 44.97 -24.86
C GLU C 204 -53.28 44.24 -25.62
N ALA C 205 -53.73 44.79 -26.75
CA ALA C 205 -54.58 44.05 -27.68
C ALA C 205 -53.71 43.35 -28.73
N ASP C 206 -53.59 42.02 -28.63
CA ASP C 206 -52.86 41.19 -29.60
C ASP C 206 -53.75 40.86 -30.80
N ILE C 207 -54.17 41.89 -31.50
CA ILE C 207 -55.23 41.75 -32.50
C ILE C 207 -54.64 42.15 -33.84
N SER C 208 -54.55 41.18 -34.76
CA SER C 208 -54.07 41.48 -36.09
C SER C 208 -55.11 42.32 -36.84
N GLN C 209 -54.69 42.87 -37.98
CA GLN C 209 -55.64 43.57 -38.84
C GLN C 209 -56.78 42.65 -39.27
N ARG C 210 -56.47 41.41 -39.66
CA ARG C 210 -57.55 40.52 -40.09
C ARG C 210 -58.51 40.24 -38.95
N LYS C 211 -57.99 40.04 -37.73
CA LYS C 211 -58.86 39.75 -36.61
C LYS C 211 -59.74 40.95 -36.26
N LEU C 212 -59.17 42.14 -36.32
CA LEU C 212 -59.97 43.34 -36.08
C LEU C 212 -61.07 43.49 -37.12
N ARG C 213 -60.73 43.21 -38.39
CA ARG C 213 -61.73 43.28 -39.45
C ARG C 213 -62.79 42.22 -39.28
N SER C 214 -62.41 41.06 -38.75
CA SER C 214 -63.33 39.92 -38.73
C SER C 214 -64.42 40.10 -37.68
N TRP C 215 -64.04 40.47 -36.46
CA TRP C 215 -64.98 40.45 -35.34
C TRP C 215 -65.25 41.79 -34.70
N PHE C 216 -64.39 42.80 -34.89
CA PHE C 216 -64.54 44.05 -34.16
C PHE C 216 -65.05 45.22 -35.00
N LEU C 217 -64.60 45.36 -36.26
CA LEU C 217 -64.98 46.47 -37.13
C LEU C 217 -66.41 46.48 -37.66
N PRO C 218 -67.08 45.34 -37.87
CA PRO C 218 -68.42 45.36 -38.57
C PRO C 218 -69.44 46.29 -37.94
N PRO C 219 -69.64 46.29 -36.62
CA PRO C 219 -70.63 47.24 -36.07
C PRO C 219 -70.20 48.70 -36.16
N PHE C 220 -68.91 49.00 -36.01
CA PHE C 220 -68.44 50.36 -36.24
C PHE C 220 -68.68 50.80 -37.69
N GLU C 221 -68.45 49.90 -38.65
CA GLU C 221 -68.65 50.27 -40.04
C GLU C 221 -70.11 50.55 -40.32
N ARG C 222 -71.00 49.73 -39.79
CA ARG C 222 -72.43 49.96 -39.97
C ARG C 222 -72.85 51.34 -39.47
N VAL C 223 -72.41 51.74 -38.27
CA VAL C 223 -72.89 53.04 -37.79
C VAL C 223 -72.13 54.19 -38.44
N ALA C 224 -70.88 53.96 -38.88
CA ALA C 224 -70.21 54.99 -39.67
C ALA C 224 -71.02 55.34 -40.91
N ARG C 225 -71.55 54.33 -41.60
CA ARG C 225 -72.30 54.64 -42.82
C ARG C 225 -73.68 55.19 -42.52
N GLU C 226 -74.20 54.93 -41.32
CA GLU C 226 -75.56 55.36 -41.02
C GLU C 226 -75.62 56.73 -40.40
N GLY C 227 -74.48 57.42 -40.32
CA GLY C 227 -74.48 58.78 -39.85
C GLY C 227 -74.19 59.00 -38.37
N CYS C 228 -73.48 58.09 -37.70
CA CYS C 228 -73.01 58.39 -36.35
C CYS C 228 -72.16 59.66 -36.35
N ALA C 229 -72.52 60.62 -35.51
CA ALA C 229 -71.89 61.94 -35.61
C ALA C 229 -70.43 61.92 -35.17
N THR C 230 -70.07 61.09 -34.21
CA THR C 230 -68.70 61.11 -33.70
C THR C 230 -68.26 59.68 -33.40
N PHE C 231 -66.94 59.52 -33.27
CA PHE C 231 -66.29 58.28 -32.87
C PHE C 231 -65.34 58.59 -31.75
N MET C 232 -65.23 57.68 -30.78
CA MET C 232 -64.26 57.83 -29.70
C MET C 232 -63.21 56.75 -29.82
N LEU C 233 -61.93 57.15 -29.83
CA LEU C 233 -60.83 56.20 -29.89
C LEU C 233 -60.60 55.51 -28.55
N GLY C 234 -60.10 54.29 -28.63
CA GLY C 234 -59.90 53.52 -27.42
C GLY C 234 -58.56 53.77 -26.75
N TYR C 235 -58.47 53.30 -25.51
CA TYR C 235 -57.25 53.42 -24.70
C TYR C 235 -56.13 52.56 -25.23
N GLN C 236 -56.46 51.37 -25.74
CA GLN C 236 -55.49 50.30 -25.74
C GLN C 236 -54.50 50.39 -26.89
N SER C 237 -53.31 49.89 -26.61
CA SER C 237 -52.31 49.71 -27.62
C SER C 237 -52.59 48.42 -28.37
N MET C 238 -52.47 48.48 -29.68
CA MET C 238 -52.85 47.36 -30.53
C MET C 238 -51.71 47.08 -31.49
N ASP C 239 -51.19 45.84 -31.44
CA ASP C 239 -49.96 45.47 -32.11
C ASP C 239 -48.85 46.50 -31.86
N GLY C 240 -48.80 47.03 -30.62
CA GLY C 240 -47.75 47.93 -30.20
C GLY C 240 -48.05 49.42 -30.35
N VAL C 241 -49.09 49.76 -31.10
CA VAL C 241 -49.43 51.13 -31.43
C VAL C 241 -50.74 51.49 -30.73
N PRO C 242 -50.75 52.47 -29.82
CA PRO C 242 -52.02 52.95 -29.27
C PRO C 242 -52.92 53.50 -30.37
N VAL C 243 -54.23 53.30 -30.20
CA VAL C 243 -55.19 53.67 -31.25
C VAL C 243 -55.04 55.13 -31.62
N THR C 244 -54.61 55.96 -30.66
CA THR C 244 -54.60 57.41 -30.84
C THR C 244 -53.62 57.84 -31.94
N VAL C 245 -52.54 57.09 -32.13
CA VAL C 245 -51.55 57.37 -33.16
C VAL C 245 -51.54 56.29 -34.26
N ASN C 246 -52.60 55.49 -34.35
CA ASN C 246 -52.66 54.31 -35.23
C ASN C 246 -53.13 54.75 -36.61
N GLY C 247 -52.16 55.06 -37.48
CA GLY C 247 -52.49 55.62 -38.79
C GLY C 247 -53.24 54.67 -39.69
N TRP C 248 -52.96 53.37 -39.58
CA TRP C 248 -53.71 52.42 -40.39
C TRP C 248 -55.19 52.49 -40.06
N LEU C 249 -55.52 52.48 -38.77
CA LEU C 249 -56.91 52.40 -38.35
C LEU C 249 -57.65 53.72 -38.61
N LEU C 250 -57.01 54.85 -38.31
CA LEU C 250 -57.69 56.13 -38.41
C LEU C 250 -57.76 56.62 -39.86
N ASP C 251 -56.75 56.32 -40.67
CA ASP C 251 -56.64 56.87 -42.01
C ASP C 251 -57.00 55.86 -43.08
N ASP C 252 -56.32 54.72 -43.13
CA ASP C 252 -56.65 53.73 -44.14
C ASP C 252 -58.08 53.25 -43.98
N VAL C 253 -58.50 52.91 -42.75
CA VAL C 253 -59.79 52.27 -42.59
C VAL C 253 -60.88 53.33 -42.41
N LEU C 254 -60.85 54.09 -41.32
CA LEU C 254 -61.98 55.00 -40.99
C LEU C 254 -62.24 56.08 -42.04
N ARG C 255 -61.22 56.87 -42.36
CA ARG C 255 -61.40 58.00 -43.29
C ARG C 255 -61.18 57.57 -44.74
N GLY C 256 -60.50 56.44 -44.97
CA GLY C 256 -60.25 55.95 -46.32
C GLY C 256 -61.31 55.00 -46.82
N GLU C 257 -61.21 53.74 -46.43
CA GLU C 257 -62.17 52.70 -46.86
C GLU C 257 -63.61 53.10 -46.55
N TRP C 258 -63.87 53.60 -45.35
CA TRP C 258 -65.26 53.90 -45.01
C TRP C 258 -65.68 55.30 -45.41
N GLY C 259 -64.73 56.22 -45.60
CA GLY C 259 -65.12 57.56 -45.98
C GLY C 259 -65.83 58.30 -44.86
N TYR C 260 -65.48 58.02 -43.61
CA TYR C 260 -66.18 58.63 -42.50
C TYR C 260 -65.77 60.10 -42.37
N THR C 261 -66.78 60.96 -42.28
CA THR C 261 -66.58 62.41 -42.18
C THR C 261 -66.93 62.98 -40.80
N GLY C 262 -67.31 62.15 -39.83
CA GLY C 262 -67.62 62.63 -38.50
C GLY C 262 -66.39 63.00 -37.71
N THR C 263 -66.63 63.40 -36.47
CA THR C 263 -65.57 63.94 -35.61
C THR C 263 -64.99 62.85 -34.71
N LEU C 264 -63.68 62.91 -34.51
CA LEU C 264 -62.97 61.98 -33.64
C LEU C 264 -62.70 62.63 -32.30
N VAL C 265 -62.91 61.88 -31.23
CA VAL C 265 -62.48 62.30 -29.91
C VAL C 265 -61.66 61.16 -29.32
N THR C 266 -60.62 61.49 -28.56
CA THR C 266 -59.88 60.46 -27.86
C THR C 266 -60.68 59.97 -26.64
N ASP C 267 -60.19 58.90 -26.03
CA ASP C 267 -60.63 58.53 -24.69
C ASP C 267 -59.91 59.41 -23.65
N TRP C 268 -60.25 59.19 -22.37
CA TRP C 268 -59.81 60.02 -21.26
C TRP C 268 -58.30 60.09 -21.10
N ASP C 269 -57.69 61.23 -21.45
CA ASP C 269 -56.25 61.41 -21.33
C ASP C 269 -55.45 60.41 -22.18
N ASN C 270 -55.95 60.08 -23.37
CA ASN C 270 -55.20 59.19 -24.28
C ASN C 270 -53.83 59.77 -24.62
N VAL C 271 -53.80 61.06 -24.97
CA VAL C 271 -52.56 61.69 -25.39
C VAL C 271 -51.52 61.67 -24.28
N GLY C 272 -51.94 61.93 -23.04
CA GLY C 272 -51.00 61.95 -21.94
C GLY C 272 -50.66 60.58 -21.42
N ARG C 273 -51.58 59.62 -21.55
CA ARG C 273 -51.25 58.25 -21.15
C ARG C 273 -50.11 57.70 -21.96
N MET C 274 -49.93 58.18 -23.20
CA MET C 274 -48.80 57.72 -24.01
C MET C 274 -47.48 57.99 -23.31
N VAL C 275 -47.43 59.02 -22.47
CA VAL C 275 -46.23 59.30 -21.69
C VAL C 275 -46.19 58.43 -20.44
N TRP C 276 -47.14 58.64 -19.51
CA TRP C 276 -46.96 58.08 -18.17
C TRP C 276 -47.39 56.61 -18.03
N GLU C 277 -48.12 56.04 -18.97
CA GLU C 277 -48.63 54.69 -18.74
C GLU C 277 -48.28 53.68 -19.83
N GLN C 278 -48.29 54.06 -21.09
CA GLN C 278 -47.80 53.17 -22.14
C GLN C 278 -46.29 53.31 -22.36
N HIS C 279 -45.69 54.42 -21.91
CA HIS C 279 -44.26 54.69 -22.06
C HIS C 279 -43.80 54.57 -23.51
N ILE C 280 -44.55 55.20 -24.41
CA ILE C 280 -44.14 55.29 -25.82
C ILE C 280 -43.85 56.71 -26.25
N GLN C 281 -44.09 57.68 -25.39
CA GLN C 281 -43.62 59.01 -25.71
C GLN C 281 -42.85 59.52 -24.51
N PRO C 282 -41.74 60.22 -24.74
CA PRO C 282 -40.90 60.63 -23.60
C PRO C 282 -41.45 61.83 -22.84
N ASP C 283 -42.32 62.63 -23.46
CA ASP C 283 -42.75 63.93 -22.94
C ASP C 283 -44.12 64.27 -23.53
N TYR C 284 -44.70 65.38 -23.01
CA TYR C 284 -46.02 65.83 -23.47
C TYR C 284 -45.96 66.59 -24.79
N VAL C 285 -44.85 67.27 -25.06
CA VAL C 285 -44.76 68.00 -26.32
C VAL C 285 -44.81 67.05 -27.50
N HIS C 286 -44.09 65.92 -27.40
CA HIS C 286 -44.04 64.98 -28.52
C HIS C 286 -45.30 64.15 -28.62
N ALA C 287 -45.95 63.85 -27.48
CA ALA C 287 -47.23 63.17 -27.53
C ALA C 287 -48.25 64.00 -28.27
N SER C 288 -48.26 65.33 -28.04
CA SER C 288 -49.20 66.20 -28.72
C SER C 288 -48.96 66.19 -30.22
N ALA C 289 -47.71 66.33 -30.62
CA ALA C 289 -47.36 66.30 -32.04
C ALA C 289 -47.87 65.03 -32.70
N ALA C 290 -47.60 63.87 -32.09
CA ALA C 290 -47.98 62.59 -32.70
C ALA C 290 -49.49 62.48 -32.86
N ALA C 291 -50.25 62.93 -31.86
CA ALA C 291 -51.71 62.84 -31.94
C ALA C 291 -52.26 63.74 -33.01
N VAL C 292 -51.75 64.97 -33.09
CA VAL C 292 -52.09 65.88 -34.19
C VAL C 292 -51.77 65.24 -35.52
N ARG C 293 -50.51 64.78 -35.69
CA ARG C 293 -50.10 64.13 -36.94
C ARG C 293 -51.05 63.00 -37.32
N ALA C 294 -51.56 62.27 -36.33
CA ALA C 294 -52.42 61.14 -36.61
C ALA C 294 -53.83 61.53 -37.03
N GLY C 295 -54.16 62.81 -37.04
CA GLY C 295 -55.47 63.23 -37.50
C GLY C 295 -56.57 63.15 -36.46
N ASN C 296 -56.21 63.32 -35.19
CA ASN C 296 -57.20 63.43 -34.14
C ASN C 296 -57.90 64.79 -34.23
N ASP C 297 -59.19 64.81 -33.89
CA ASP C 297 -59.90 66.08 -33.86
C ASP C 297 -59.95 66.63 -32.45
N MET C 298 -60.72 66.01 -31.57
CA MET C 298 -60.75 66.51 -30.21
C MET C 298 -59.94 65.65 -29.26
N VAL C 299 -59.35 66.33 -28.27
CA VAL C 299 -58.43 65.75 -27.31
C VAL C 299 -59.09 65.87 -25.95
N MET C 300 -59.29 64.74 -25.29
CA MET C 300 -60.13 64.71 -24.11
C MET C 300 -59.29 64.58 -22.85
N THR C 301 -59.54 65.50 -21.91
CA THR C 301 -58.94 65.59 -20.57
C THR C 301 -57.45 65.26 -20.53
N THR C 302 -56.70 65.82 -21.48
CA THR C 302 -55.25 65.93 -21.39
C THR C 302 -55.00 67.43 -21.42
N PRO C 303 -55.11 68.10 -20.27
CA PRO C 303 -54.95 69.57 -20.28
C PRO C 303 -53.58 70.00 -20.72
N ARG C 304 -52.53 69.23 -20.37
CA ARG C 304 -51.18 69.61 -20.74
C ARG C 304 -50.96 69.55 -22.25
N PHE C 305 -51.91 69.00 -23.02
CA PHE C 305 -51.90 69.16 -24.48
C PHE C 305 -51.92 70.61 -24.87
N PHE C 306 -52.51 71.46 -24.01
CA PHE C 306 -52.51 72.89 -24.24
C PHE C 306 -51.08 73.40 -24.37
N GLU C 307 -50.23 73.21 -23.36
CA GLU C 307 -48.88 73.73 -23.50
C GLU C 307 -48.11 72.87 -24.50
N GLY C 308 -48.35 71.54 -24.47
CA GLY C 308 -47.68 70.63 -25.38
C GLY C 308 -47.91 70.93 -26.84
N ALA C 309 -49.19 71.08 -27.25
CA ALA C 309 -49.45 71.34 -28.67
C ALA C 309 -48.90 72.69 -29.08
N LEU C 310 -49.00 73.68 -28.19
CA LEU C 310 -48.46 75.00 -28.47
C LEU C 310 -46.94 74.94 -28.65
N GLU C 311 -46.23 74.41 -27.65
CA GLU C 311 -44.78 74.28 -27.75
C GLU C 311 -44.36 73.46 -28.97
N ALA C 312 -45.17 72.48 -29.37
CA ALA C 312 -44.86 71.70 -30.57
C ALA C 312 -45.14 72.45 -31.85
N VAL C 313 -46.02 73.46 -31.84
CA VAL C 313 -46.05 74.37 -32.96
C VAL C 313 -44.80 75.23 -32.96
N ASP C 314 -44.44 75.77 -31.79
CA ASP C 314 -43.27 76.63 -31.60
C ASP C 314 -41.94 75.90 -31.86
N ARG C 315 -41.92 74.57 -31.95
CA ARG C 315 -40.69 73.81 -32.15
C ARG C 315 -40.66 73.10 -33.50
N GLY C 316 -41.64 73.33 -34.37
CA GLY C 316 -41.61 72.79 -35.72
C GLY C 316 -42.07 71.35 -35.88
N LEU C 317 -42.35 70.64 -34.77
CA LEU C 317 -42.74 69.23 -34.84
C LEU C 317 -44.01 69.04 -35.67
N VAL C 318 -45.01 69.91 -35.47
CA VAL C 318 -46.22 69.91 -36.28
C VAL C 318 -46.43 71.32 -36.82
N GLU C 319 -46.89 71.40 -38.07
CA GLU C 319 -47.24 72.69 -38.63
C GLU C 319 -48.56 73.17 -38.03
N GLU C 320 -48.66 74.48 -37.79
CA GLU C 320 -49.95 75.04 -37.40
C GLU C 320 -51.02 74.81 -38.47
N ALA C 321 -50.62 74.51 -39.72
CA ALA C 321 -51.57 74.09 -40.74
C ALA C 321 -52.31 72.82 -40.36
N ALA C 322 -51.74 72.03 -39.44
CA ALA C 322 -52.39 70.82 -38.94
C ALA C 322 -53.41 71.15 -37.85
N ILE C 323 -53.02 71.95 -36.84
CA ILE C 323 -53.98 72.45 -35.86
C ILE C 323 -55.18 73.05 -36.56
N ASP C 324 -54.94 73.82 -37.63
CA ASP C 324 -56.03 74.38 -38.43
C ASP C 324 -56.95 73.29 -38.97
N ALA C 325 -56.37 72.17 -39.40
CA ALA C 325 -57.17 71.08 -39.92
C ALA C 325 -58.20 70.62 -38.88
N ALA C 326 -57.74 70.27 -37.68
CA ALA C 326 -58.66 69.77 -36.66
C ALA C 326 -59.74 70.81 -36.33
N VAL C 327 -59.33 72.06 -36.13
CA VAL C 327 -60.25 73.12 -35.72
C VAL C 327 -61.37 73.31 -36.74
N ARG C 328 -61.12 72.99 -38.02
CA ARG C 328 -62.18 73.11 -39.02
C ARG C 328 -63.28 72.06 -38.79
N ARG C 329 -62.89 70.84 -38.42
CA ARG C 329 -63.85 69.74 -38.24
C ARG C 329 -64.76 70.01 -37.05
N ILE C 330 -64.17 70.37 -35.91
CA ILE C 330 -64.85 70.78 -34.69
C ILE C 330 -65.81 71.94 -34.97
N LEU C 331 -65.26 73.07 -35.43
CA LEU C 331 -66.07 74.26 -35.67
C LEU C 331 -67.20 73.98 -36.62
N THR C 332 -66.94 73.19 -37.66
CA THR C 332 -67.99 72.89 -38.61
C THR C 332 -69.08 72.05 -37.98
N LEU C 333 -68.74 71.20 -37.02
CA LEU C 333 -69.79 70.49 -36.28
C LEU C 333 -70.69 71.48 -35.54
N LYS C 334 -70.06 72.45 -34.86
CA LYS C 334 -70.80 73.43 -34.08
C LYS C 334 -71.71 74.27 -34.97
N PHE C 335 -71.23 74.64 -36.17
CA PHE C 335 -72.06 75.43 -37.06
C PHE C 335 -73.27 74.65 -37.55
N ARG C 336 -73.10 73.35 -37.87
CA ARG C 336 -74.23 72.69 -38.50
C ARG C 336 -75.25 72.35 -37.46
N LEU C 337 -74.85 72.36 -36.20
CA LEU C 337 -75.77 72.15 -35.11
C LEU C 337 -76.62 73.39 -34.85
N GLY C 338 -76.18 74.54 -35.33
CA GLY C 338 -76.84 75.79 -35.07
C GLY C 338 -76.38 76.48 -33.81
N LEU C 339 -75.35 75.96 -33.15
CA LEU C 339 -74.97 76.45 -31.82
C LEU C 339 -74.74 77.95 -31.78
N PHE C 340 -74.26 78.53 -32.89
CA PHE C 340 -74.02 79.97 -32.93
C PHE C 340 -75.31 80.78 -32.94
N GLU C 341 -76.42 80.16 -33.33
CA GLU C 341 -77.73 80.76 -33.34
C GLU C 341 -78.55 80.41 -32.11
N ASP C 342 -78.35 79.22 -31.54
CA ASP C 342 -79.13 78.73 -30.41
C ASP C 342 -78.21 77.76 -29.67
N PRO C 343 -77.53 78.22 -28.61
CA PRO C 343 -76.57 77.36 -27.92
C PRO C 343 -77.21 76.23 -27.14
N ARG C 344 -78.53 76.06 -27.22
CA ARG C 344 -79.26 75.02 -26.50
C ARG C 344 -78.93 75.04 -25.00
N ARG C 345 -79.41 76.11 -24.35
CA ARG C 345 -79.30 76.21 -22.90
C ARG C 345 -80.21 75.19 -22.24
N PRO C 346 -79.93 74.83 -20.99
CA PRO C 346 -80.90 74.00 -20.28
C PRO C 346 -82.21 74.76 -20.12
N ASP C 347 -83.30 74.02 -20.00
CA ASP C 347 -84.63 74.59 -19.88
C ASP C 347 -85.35 73.88 -18.74
N VAL C 348 -85.57 74.60 -17.63
CA VAL C 348 -86.16 74.02 -16.42
C VAL C 348 -87.59 73.57 -16.70
N ALA C 349 -88.38 74.44 -17.33
CA ALA C 349 -89.73 74.03 -17.71
C ALA C 349 -89.69 72.77 -18.55
N ARG C 350 -88.81 72.72 -19.54
CA ARG C 350 -88.71 71.50 -20.32
C ARG C 350 -88.34 70.32 -19.41
N GLN C 351 -87.40 70.53 -18.48
CA GLN C 351 -86.95 69.47 -17.58
C GLN C 351 -88.09 68.89 -16.78
N GLN C 352 -88.90 69.77 -16.18
CA GLN C 352 -89.96 69.30 -15.30
C GLN C 352 -91.04 68.57 -16.09
N ALA C 353 -91.22 68.90 -17.35
CA ALA C 353 -92.21 68.19 -18.17
C ALA C 353 -91.72 66.82 -18.64
N VAL C 354 -90.42 66.64 -18.95
CA VAL C 354 -90.05 65.43 -19.68
C VAL C 354 -89.11 64.49 -18.92
N ILE C 355 -88.28 65.00 -18.01
CA ILE C 355 -87.39 64.12 -17.29
C ILE C 355 -88.20 63.25 -16.32
N ALA C 356 -88.01 61.94 -16.42
CA ALA C 356 -88.70 60.95 -15.59
C ALA C 356 -90.21 61.01 -15.77
N SER C 357 -90.64 61.47 -16.94
CA SER C 357 -92.06 61.46 -17.30
C SER C 357 -92.65 60.06 -17.20
N ALA C 358 -93.98 59.98 -17.22
CA ALA C 358 -94.65 58.69 -17.14
C ALA C 358 -94.46 57.86 -18.41
N GLU C 359 -94.30 58.51 -19.56
CA GLU C 359 -94.08 57.77 -20.79
C GLU C 359 -92.68 57.18 -20.86
N HIS C 360 -91.70 57.84 -20.24
CA HIS C 360 -90.35 57.28 -20.16
C HIS C 360 -90.30 56.08 -19.21
N ALA C 361 -90.96 56.19 -18.07
CA ALA C 361 -91.02 55.06 -17.15
C ALA C 361 -91.76 53.87 -17.75
N ALA C 362 -92.65 54.11 -18.72
CA ALA C 362 -93.33 53.02 -19.40
C ALA C 362 -92.42 52.31 -20.38
N VAL C 363 -91.55 53.07 -21.08
CA VAL C 363 -90.53 52.48 -21.92
C VAL C 363 -89.54 51.68 -21.08
N ASN C 364 -89.11 52.27 -19.95
CA ASN C 364 -88.23 51.56 -19.04
C ASN C 364 -88.85 50.25 -18.55
N LEU C 365 -90.13 50.26 -18.18
CA LEU C 365 -90.75 49.03 -17.72
C LEU C 365 -90.75 47.96 -18.81
N GLU C 366 -91.06 48.33 -20.05
CA GLU C 366 -91.09 47.35 -21.12
C GLU C 366 -89.72 46.70 -21.33
N VAL C 367 -88.65 47.50 -21.35
CA VAL C 367 -87.32 46.95 -21.55
C VAL C 367 -86.94 46.04 -20.39
N ALA C 368 -87.18 46.50 -19.16
CA ALA C 368 -86.93 45.65 -18.02
C ALA C 368 -87.67 44.33 -18.17
N ARG C 369 -88.95 44.39 -18.53
CA ARG C 369 -89.73 43.16 -18.67
C ARG C 369 -89.20 42.26 -19.79
N ARG C 370 -88.81 42.85 -20.92
CA ARG C 370 -88.39 42.00 -22.04
C ARG C 370 -86.96 41.49 -21.87
N SER C 371 -86.18 42.09 -20.98
CA SER C 371 -84.77 41.78 -20.85
C SER C 371 -84.45 40.61 -19.91
N LEU C 372 -85.34 40.27 -18.98
CA LEU C 372 -85.04 39.15 -18.07
C LEU C 372 -84.94 37.85 -18.85
N VAL C 373 -83.94 37.03 -18.51
CA VAL C 373 -83.73 35.74 -19.18
C VAL C 373 -83.88 34.62 -18.14
N LEU C 374 -84.86 33.76 -18.35
CA LEU C 374 -85.02 32.56 -17.54
C LEU C 374 -84.12 31.46 -18.11
N LEU C 375 -83.16 30.99 -17.32
CA LEU C 375 -82.17 30.05 -17.84
C LEU C 375 -82.46 28.62 -17.44
N THR C 376 -83.01 28.40 -16.25
CA THR C 376 -83.39 27.08 -15.81
C THR C 376 -84.71 27.19 -15.07
N ASN C 377 -85.45 26.08 -15.06
CA ASN C 377 -86.74 26.05 -14.39
C ASN C 377 -87.23 24.61 -14.27
N ASP C 378 -87.26 24.06 -13.06
CA ASP C 378 -87.70 22.68 -12.87
C ASP C 378 -89.22 22.55 -12.85
N GLY C 379 -89.95 23.62 -13.15
CA GLY C 379 -91.38 23.63 -13.04
C GLY C 379 -91.91 24.48 -11.92
N THR C 380 -91.06 24.88 -10.97
CA THR C 380 -91.48 25.75 -9.86
C THR C 380 -92.05 27.07 -10.36
N LEU C 381 -91.52 27.60 -11.51
CA LEU C 381 -92.06 28.84 -12.01
C LEU C 381 -93.03 28.59 -13.16
N PRO C 382 -94.08 29.43 -13.36
CA PRO C 382 -94.50 30.60 -12.53
C PRO C 382 -95.04 30.19 -11.16
N PHE C 383 -94.81 31.01 -10.14
CA PHE C 383 -94.98 30.50 -8.79
C PHE C 383 -96.44 30.24 -8.49
N ALA C 384 -96.70 29.10 -7.84
CA ALA C 384 -98.06 28.65 -7.51
C ALA C 384 -98.92 28.46 -8.77
N GLY C 385 -98.28 28.13 -9.89
CA GLY C 385 -98.99 27.99 -11.15
C GLY C 385 -99.29 29.29 -11.85
N GLY C 386 -99.03 30.43 -11.22
CA GLY C 386 -99.20 31.68 -11.95
C GLY C 386 -100.35 32.51 -11.40
N LEU C 387 -100.17 33.82 -11.40
CA LEU C 387 -101.15 34.74 -10.85
C LEU C 387 -101.68 35.66 -11.95
N ASP C 388 -102.74 36.38 -11.59
CA ASP C 388 -103.35 37.42 -12.39
C ASP C 388 -103.64 38.64 -11.55
N ARG C 389 -103.74 39.77 -12.24
CA ARG C 389 -104.22 40.97 -11.59
C ARG C 389 -105.74 40.98 -11.63
N ALA C 390 -106.35 41.86 -10.83
CA ALA C 390 -107.78 42.02 -10.94
C ALA C 390 -108.17 42.34 -12.39
N PRO C 394 -104.43 46.54 -14.73
CA PRO C 394 -103.11 46.02 -15.12
C PRO C 394 -101.96 46.68 -14.33
N ASP C 395 -102.19 47.02 -13.06
CA ASP C 395 -101.17 47.75 -12.28
C ASP C 395 -101.23 47.38 -10.80
N GLY C 396 -102.36 46.88 -10.28
CA GLY C 396 -102.40 46.61 -8.86
C GLY C 396 -101.76 45.28 -8.46
N ARG C 397 -101.96 44.92 -7.20
CA ARG C 397 -101.53 43.63 -6.70
C ARG C 397 -102.17 42.51 -7.48
N ALA C 398 -101.47 41.39 -7.52
CA ALA C 398 -102.08 40.16 -7.99
C ALA C 398 -103.12 39.67 -6.98
N LEU C 399 -104.12 38.94 -7.48
CA LEU C 399 -105.00 38.21 -6.59
C LEU C 399 -104.36 36.88 -6.22
N ALA C 400 -104.69 36.37 -5.04
CA ALA C 400 -104.20 35.03 -4.71
C ALA C 400 -104.75 34.05 -5.73
N PRO C 401 -103.94 33.13 -6.23
CA PRO C 401 -104.45 32.18 -7.22
C PRO C 401 -105.17 31.04 -6.53
N ALA C 402 -106.14 30.47 -7.25
CA ALA C 402 -106.85 29.28 -6.78
C ALA C 402 -105.88 28.23 -6.26
N GLY C 403 -106.07 27.82 -5.01
CA GLY C 403 -105.24 26.79 -4.43
C GLY C 403 -103.99 27.27 -3.75
N ALA C 404 -103.80 28.59 -3.62
CA ALA C 404 -102.64 29.15 -2.92
C ALA C 404 -103.06 30.38 -2.08
N PRO C 405 -103.93 30.18 -1.09
CA PRO C 405 -104.44 31.36 -0.36
C PRO C 405 -103.37 32.08 0.45
N ALA C 406 -102.45 31.37 1.11
CA ALA C 406 -101.37 32.00 1.88
C ALA C 406 -100.02 31.36 1.52
N ARG C 407 -99.09 32.19 1.08
CA ARG C 407 -97.72 31.77 0.80
C ARG C 407 -96.78 32.80 1.40
N THR C 408 -95.61 32.35 1.79
CA THR C 408 -94.55 33.26 2.20
C THR C 408 -93.41 33.17 1.21
N ILE C 409 -92.93 34.32 0.76
CA ILE C 409 -91.76 34.41 -0.10
C ILE C 409 -90.64 35.07 0.68
N ALA C 410 -89.54 34.35 0.86
CA ALA C 410 -88.34 34.90 1.49
C ALA C 410 -87.40 35.43 0.40
N VAL C 411 -87.24 36.74 0.36
CA VAL C 411 -86.31 37.42 -0.55
C VAL C 411 -85.02 37.66 0.21
N VAL C 412 -83.95 36.99 -0.19
CA VAL C 412 -82.70 36.98 0.54
C VAL C 412 -81.55 37.28 -0.42
N GLY C 413 -80.40 37.57 0.17
CA GLY C 413 -79.19 37.76 -0.61
C GLY C 413 -78.76 39.20 -0.67
N PRO C 414 -77.48 39.42 -0.91
CA PRO C 414 -76.94 40.79 -0.82
C PRO C 414 -77.56 41.77 -1.80
N ASN C 415 -78.07 41.32 -2.94
CA ASN C 415 -78.53 42.26 -3.96
C ASN C 415 -80.04 42.41 -3.98
N ALA C 416 -80.74 41.75 -3.06
CA ALA C 416 -82.21 41.72 -3.07
C ALA C 416 -82.83 43.11 -2.88
N ASP C 417 -82.14 44.01 -2.18
CA ASP C 417 -82.65 45.34 -1.90
C ASP C 417 -81.61 46.42 -2.20
N ASP C 418 -80.63 46.12 -3.06
CA ASP C 418 -79.50 47.02 -3.35
C ASP C 418 -79.80 47.75 -4.65
N ASP C 419 -80.25 49.01 -4.52
CA ASP C 419 -80.66 49.76 -5.70
C ASP C 419 -79.48 50.33 -6.48
N HIS C 420 -78.36 50.61 -5.81
CA HIS C 420 -77.14 51.01 -6.52
C HIS C 420 -76.68 49.90 -7.47
N THR C 421 -76.57 48.68 -6.97
CA THR C 421 -76.10 47.59 -7.81
C THR C 421 -77.08 47.31 -8.92
N GLN C 422 -78.37 47.51 -8.65
CA GLN C 422 -79.37 47.26 -9.67
C GLN C 422 -79.21 48.19 -10.86
N LEU C 423 -78.80 49.44 -10.62
CA LEU C 423 -78.62 50.35 -11.74
C LEU C 423 -77.29 50.13 -12.45
N GLY C 424 -76.33 49.46 -11.81
CA GLY C 424 -75.10 49.16 -12.49
C GLY C 424 -74.13 50.34 -12.58
N ASP C 425 -73.04 50.10 -13.31
CA ASP C 425 -72.02 51.10 -13.56
C ASP C 425 -72.56 52.17 -14.52
N TRP C 426 -71.85 53.31 -14.57
CA TRP C 426 -72.25 54.46 -15.39
C TRP C 426 -73.65 54.95 -15.04
N ALA C 427 -73.92 55.07 -13.74
CA ALA C 427 -75.18 55.57 -13.22
C ALA C 427 -74.99 56.04 -11.79
N GLY C 428 -75.58 57.18 -11.47
CA GLY C 428 -75.69 57.57 -10.06
C GLY C 428 -74.35 57.71 -9.38
N ALA C 429 -74.18 56.98 -8.29
CA ALA C 429 -72.95 57.05 -7.50
C ALA C 429 -71.91 56.00 -7.94
N SER C 430 -71.96 55.56 -9.21
CA SER C 430 -70.99 54.57 -9.69
C SER C 430 -69.57 55.11 -9.67
N GLY C 431 -69.41 56.44 -9.69
CA GLY C 431 -68.14 57.06 -9.35
C GLY C 431 -67.64 58.14 -10.29
N GLN C 432 -68.14 58.17 -11.53
CA GLN C 432 -67.55 59.04 -12.54
C GLN C 432 -67.95 60.50 -12.33
N ALA C 433 -69.12 60.74 -11.75
CA ALA C 433 -69.57 62.07 -11.38
C ALA C 433 -69.47 62.24 -9.87
N ASP C 434 -69.17 63.45 -9.42
CA ASP C 434 -69.03 63.69 -7.99
C ASP C 434 -70.14 64.57 -7.41
N TRP C 435 -71.14 64.93 -8.18
CA TRP C 435 -72.22 65.78 -7.70
C TRP C 435 -73.48 65.02 -7.33
N LEU C 436 -73.41 63.68 -7.28
CA LEU C 436 -74.48 62.87 -6.69
C LEU C 436 -73.85 61.68 -5.98
N PRO C 437 -73.24 61.92 -4.82
CA PRO C 437 -72.57 60.84 -4.10
C PRO C 437 -73.52 59.90 -3.40
N ASP C 438 -74.81 60.24 -3.30
CA ASP C 438 -75.84 59.34 -2.79
C ASP C 438 -76.57 58.60 -3.89
N GLY C 439 -76.28 58.89 -5.14
CA GLY C 439 -76.90 58.17 -6.22
C GLY C 439 -78.22 58.82 -6.62
N HIS C 440 -79.05 58.02 -7.23
CA HIS C 440 -80.39 58.47 -7.56
C HIS C 440 -81.32 58.26 -6.38
N PRO C 441 -82.46 58.96 -6.35
CA PRO C 441 -83.38 58.83 -5.22
C PRO C 441 -83.99 57.42 -5.14
N ARG C 442 -83.87 56.83 -3.93
CA ARG C 442 -84.34 55.46 -3.67
C ARG C 442 -85.76 55.21 -4.15
N GLU C 443 -86.66 56.19 -4.00
CA GLU C 443 -88.03 55.99 -4.41
C GLU C 443 -88.15 55.66 -5.89
N MET C 444 -87.19 56.09 -6.73
CA MET C 444 -87.35 55.86 -8.16
C MET C 444 -86.99 54.45 -8.59
N THR C 445 -86.39 53.65 -7.72
CA THR C 445 -86.02 52.28 -8.03
C THR C 445 -86.91 51.31 -7.26
N THR C 446 -87.35 50.28 -7.96
CA THR C 446 -87.99 49.12 -7.37
C THR C 446 -86.94 48.02 -7.36
N THR C 447 -86.49 47.65 -6.17
CA THR C 447 -85.63 46.50 -5.99
C THR C 447 -86.45 45.22 -6.10
N VAL C 448 -85.78 44.07 -6.04
CA VAL C 448 -86.49 42.80 -6.04
C VAL C 448 -87.36 42.66 -4.80
N LEU C 449 -86.81 43.01 -3.61
CA LEU C 449 -87.63 43.05 -2.41
C LEU C 449 -88.88 43.92 -2.61
N ASP C 450 -88.69 45.17 -3.07
CA ASP C 450 -89.82 46.06 -3.30
C ASP C 450 -90.86 45.44 -4.22
N GLY C 451 -90.39 44.83 -5.32
CA GLY C 451 -91.31 44.27 -6.32
C GLY C 451 -92.22 43.21 -5.74
N PHE C 452 -91.65 42.29 -4.97
CA PHE C 452 -92.45 41.27 -4.33
C PHE C 452 -93.38 41.86 -3.27
N ARG C 453 -92.95 42.90 -2.58
CA ARG C 453 -93.83 43.50 -1.57
C ARG C 453 -94.98 44.25 -2.22
N ALA C 454 -94.75 44.89 -3.36
CA ALA C 454 -95.81 45.62 -4.02
C ALA C 454 -96.83 44.67 -4.66
N LEU C 455 -96.37 43.52 -5.17
CA LEU C 455 -97.20 42.70 -6.06
C LEU C 455 -97.75 41.45 -5.41
N ALA C 456 -97.15 40.98 -4.32
CA ALA C 456 -97.66 39.78 -3.66
C ALA C 456 -99.12 40.00 -3.23
N PRO C 457 -99.97 38.98 -3.36
CA PRO C 457 -101.37 39.11 -2.93
C PRO C 457 -101.54 39.52 -1.46
N GLU C 458 -102.70 40.08 -1.14
CA GLU C 458 -102.95 40.57 0.22
C GLU C 458 -102.69 39.50 1.28
N GLY C 459 -103.13 38.25 1.04
CA GLY C 459 -102.89 37.22 2.03
C GLY C 459 -101.50 36.61 2.07
N TRP C 460 -100.56 37.08 1.27
CA TRP C 460 -99.21 36.54 1.25
C TRP C 460 -98.28 37.41 2.08
N ALA C 461 -97.19 36.81 2.53
CA ALA C 461 -96.17 37.55 3.26
C ALA C 461 -94.86 37.52 2.46
N VAL C 462 -94.12 38.61 2.55
CA VAL C 462 -92.81 38.72 1.90
C VAL C 462 -91.81 39.04 2.99
N THR C 463 -90.91 38.10 3.29
CA THR C 463 -89.85 38.34 4.26
C THR C 463 -88.51 38.64 3.58
N HIS C 464 -87.62 39.25 4.36
CA HIS C 464 -86.31 39.65 3.85
C HIS C 464 -85.19 39.23 4.81
N ALA C 465 -84.08 38.76 4.25
CA ALA C 465 -82.89 38.50 5.04
C ALA C 465 -81.68 38.71 4.15
N ARG C 466 -80.82 39.66 4.47
CA ARG C 466 -79.52 39.71 3.80
C ARG C 466 -78.77 38.49 4.26
N GLY C 467 -78.32 37.66 3.35
CA GLY C 467 -77.84 36.41 3.92
C GLY C 467 -76.34 36.27 3.81
N ALA C 468 -75.71 37.24 3.13
CA ALA C 468 -74.28 37.25 2.92
C ALA C 468 -73.85 38.68 2.68
N ASP C 469 -72.60 38.97 3.02
CA ASP C 469 -71.95 40.15 2.47
C ASP C 469 -71.08 39.73 1.30
N ILE C 470 -70.69 40.72 0.50
CA ILE C 470 -69.81 40.48 -0.63
C ILE C 470 -68.38 40.87 -0.29
N LEU C 471 -68.16 42.08 0.18
CA LEU C 471 -66.78 42.56 0.33
C LEU C 471 -66.74 43.74 1.29
N THR C 472 -65.53 44.03 1.76
CA THR C 472 -65.16 45.32 2.31
C THR C 472 -63.92 45.81 1.56
N LEU C 473 -63.54 47.06 1.80
CA LEU C 473 -62.37 47.67 1.20
C LEU C 473 -61.27 47.83 2.25
N ALA C 474 -60.02 47.74 1.82
CA ALA C 474 -58.86 47.79 2.71
C ALA C 474 -57.65 48.26 1.92
N PRO C 475 -56.60 48.74 2.61
CA PRO C 475 -55.37 49.14 1.90
C PRO C 475 -54.59 47.94 1.37
N ASP C 476 -53.76 48.21 0.37
CA ASP C 476 -53.08 47.12 -0.36
C ASP C 476 -52.09 46.41 0.56
N PRO C 477 -52.16 45.06 0.69
CA PRO C 477 -51.05 44.31 1.29
C PRO C 477 -49.87 44.23 0.32
N GLU C 478 -49.21 45.38 0.09
CA GLU C 478 -48.13 45.49 -0.90
C GLU C 478 -47.02 44.48 -0.66
N GLN C 490 -58.52 50.37 -0.55
CA GLN C 490 -58.32 50.41 -2.00
C GLN C 490 -58.45 49.03 -2.64
N VAL C 491 -58.17 48.00 -1.87
CA VAL C 491 -58.24 46.63 -2.36
C VAL C 491 -59.51 45.98 -1.85
N VAL C 492 -60.10 45.11 -2.67
CA VAL C 492 -61.30 44.38 -2.27
C VAL C 492 -60.91 43.25 -1.35
N VAL C 493 -61.54 43.20 -0.17
CA VAL C 493 -61.40 42.04 0.70
C VAL C 493 -62.72 41.26 0.65
N PRO C 494 -62.73 40.06 0.13
CA PRO C 494 -63.98 39.27 0.13
C PRO C 494 -64.41 38.97 1.56
N ALA C 495 -65.72 39.07 1.79
CA ALA C 495 -66.28 38.79 3.10
C ALA C 495 -66.29 37.29 3.40
N ALA C 496 -66.06 36.94 4.65
CA ALA C 496 -66.25 35.56 5.09
C ALA C 496 -67.73 35.18 5.02
N PRO C 497 -68.04 33.91 4.77
CA PRO C 497 -69.34 33.37 5.20
C PRO C 497 -69.55 33.72 6.67
N ASP C 498 -70.71 34.25 6.97
CA ASP C 498 -71.04 34.74 8.31
C ASP C 498 -72.17 33.86 8.84
N ASP C 499 -71.86 33.03 9.83
CA ASP C 499 -72.79 32.00 10.28
C ASP C 499 -74.11 32.59 10.78
N ALA C 500 -74.05 33.69 11.52
CA ALA C 500 -75.29 34.28 12.01
C ALA C 500 -76.10 34.83 10.85
N LEU C 501 -75.43 35.48 9.90
CA LEU C 501 -76.15 36.01 8.75
C LEU C 501 -76.75 34.88 7.91
N ILE C 502 -76.02 33.77 7.76
CA ILE C 502 -76.54 32.64 7.00
C ILE C 502 -77.71 31.98 7.74
N ALA C 503 -77.54 31.77 9.05
CA ALA C 503 -78.59 31.10 9.83
C ALA C 503 -79.90 31.86 9.75
N GLU C 504 -79.84 33.20 9.70
CA GLU C 504 -81.06 33.99 9.66
C GLU C 504 -81.78 33.82 8.31
N ALA C 505 -81.04 33.81 7.20
CA ALA C 505 -81.65 33.57 5.90
C ALA C 505 -82.21 32.14 5.81
N VAL C 506 -81.49 31.17 6.35
CA VAL C 506 -81.96 29.78 6.40
C VAL C 506 -83.27 29.67 7.16
N ALA C 507 -83.33 30.29 8.34
CA ALA C 507 -84.58 30.28 9.10
C ALA C 507 -85.71 30.89 8.27
N ALA C 508 -85.42 32.01 7.59
CA ALA C 508 -86.44 32.63 6.75
C ALA C 508 -86.88 31.68 5.64
N ALA C 509 -85.93 30.99 4.99
CA ALA C 509 -86.28 30.05 3.94
C ALA C 509 -87.08 28.88 4.50
N ARG C 510 -86.72 28.42 5.69
CA ARG C 510 -87.42 27.29 6.28
C ARG C 510 -88.86 27.63 6.68
N ASP C 511 -89.18 28.90 6.93
CA ASP C 511 -90.57 29.29 7.13
C ASP C 511 -91.20 29.90 5.87
N ALA C 512 -90.82 29.42 4.69
CA ALA C 512 -91.33 30.02 3.47
C ALA C 512 -91.57 28.95 2.41
N ASP C 513 -92.39 29.34 1.42
CA ASP C 513 -92.72 28.50 0.28
C ASP C 513 -91.75 28.69 -0.88
N LEU C 514 -91.06 29.82 -0.93
CA LEU C 514 -90.17 30.16 -2.03
C LEU C 514 -89.05 31.02 -1.48
N ALA C 515 -87.80 30.69 -1.80
CA ALA C 515 -86.67 31.52 -1.45
C ALA C 515 -86.17 32.17 -2.72
N VAL C 516 -86.21 33.48 -2.80
CA VAL C 516 -85.67 34.20 -3.95
C VAL C 516 -84.31 34.75 -3.52
N ALA C 517 -83.25 34.12 -3.99
CA ALA C 517 -81.88 34.51 -3.63
C ALA C 517 -81.31 35.40 -4.73
N VAL C 518 -81.12 36.68 -4.41
CA VAL C 518 -80.62 37.69 -5.33
C VAL C 518 -79.14 37.89 -5.07
N VAL C 519 -78.32 37.48 -6.04
CA VAL C 519 -76.86 37.42 -5.90
C VAL C 519 -76.22 38.09 -7.11
N GLY C 520 -74.91 38.26 -7.06
CA GLY C 520 -74.24 38.89 -8.16
C GLY C 520 -72.95 39.56 -7.72
N ASP C 521 -72.65 40.68 -8.35
CA ASP C 521 -71.51 41.52 -7.96
C ASP C 521 -71.98 42.91 -7.57
N ARG C 522 -71.05 43.86 -7.53
CA ARG C 522 -71.34 45.26 -7.23
C ARG C 522 -70.18 46.09 -7.76
N ILE C 523 -70.27 47.40 -7.56
CA ILE C 523 -69.49 48.36 -8.34
C ILE C 523 -67.98 48.18 -8.17
N GLU C 524 -67.50 47.72 -7.01
CA GLU C 524 -66.06 47.55 -6.82
C GLU C 524 -65.50 46.38 -7.63
N LEU C 525 -66.35 45.49 -8.14
CA LEU C 525 -65.92 44.37 -8.96
C LEU C 525 -66.32 44.55 -10.42
N VAL C 526 -66.56 45.79 -10.84
CA VAL C 526 -67.11 46.08 -12.17
C VAL C 526 -66.38 47.29 -12.72
N GLY C 527 -66.22 47.32 -14.05
CA GLY C 527 -65.89 48.56 -14.75
C GLY C 527 -64.40 48.80 -14.91
N GLU C 528 -64.08 50.06 -15.20
CA GLU C 528 -62.71 50.43 -15.52
C GLU C 528 -61.76 50.09 -14.38
N GLY C 529 -60.63 49.50 -14.74
CA GLY C 529 -59.65 49.04 -13.76
C GLY C 529 -60.09 47.89 -12.91
N ARG C 530 -61.27 47.33 -13.14
CA ARG C 530 -61.86 46.35 -12.24
C ARG C 530 -62.24 45.07 -12.99
N SER C 531 -61.31 44.54 -13.78
CA SER C 531 -61.50 43.22 -14.34
C SER C 531 -61.47 42.19 -13.23
N THR C 532 -62.11 41.03 -13.46
CA THR C 532 -62.06 39.96 -12.47
C THR C 532 -61.46 38.70 -13.09
N ALA C 533 -60.63 38.01 -12.31
CA ALA C 533 -59.99 36.80 -12.77
C ALA C 533 -60.89 35.57 -12.63
N THR C 534 -61.68 35.46 -11.56
CA THR C 534 -62.32 34.17 -11.30
C THR C 534 -63.72 34.04 -11.86
N LEU C 535 -64.42 35.16 -12.11
CA LEU C 535 -65.80 35.20 -12.57
C LEU C 535 -66.79 34.66 -11.54
N GLU C 536 -66.35 34.38 -10.32
CA GLU C 536 -67.17 33.69 -9.33
C GLU C 536 -67.86 34.70 -8.41
N LEU C 537 -68.90 34.25 -7.75
CA LEU C 537 -69.58 35.06 -6.75
C LEU C 537 -68.66 35.33 -5.56
N VAL C 538 -68.39 36.60 -5.29
CA VAL C 538 -67.43 36.98 -4.27
C VAL C 538 -68.09 36.99 -2.90
N GLY C 539 -67.37 36.49 -1.88
CA GLY C 539 -67.78 36.67 -0.49
C GLY C 539 -68.56 35.52 0.10
N GLY C 540 -69.63 35.83 0.83
CA GLY C 540 -70.45 34.80 1.44
C GLY C 540 -71.54 34.20 0.58
N GLN C 541 -71.62 34.63 -0.68
CA GLN C 541 -72.76 34.25 -1.54
C GLN C 541 -72.83 32.75 -1.77
N VAL C 542 -71.68 32.09 -1.99
CA VAL C 542 -71.71 30.66 -2.29
C VAL C 542 -72.19 29.88 -1.07
N ALA C 543 -71.63 30.20 0.11
CA ALA C 543 -72.09 29.53 1.32
C ALA C 543 -73.57 29.79 1.57
N LEU C 544 -74.05 30.99 1.23
CA LEU C 544 -75.49 31.26 1.35
C LEU C 544 -76.31 30.40 0.41
N LEU C 545 -75.93 30.34 -0.87
CA LEU C 545 -76.70 29.52 -1.82
C LEU C 545 -76.67 28.04 -1.42
N ASP C 546 -75.52 27.53 -0.98
CA ASP C 546 -75.43 26.16 -0.51
C ASP C 546 -76.42 25.90 0.62
N ALA C 547 -76.43 26.77 1.63
CA ALA C 547 -77.30 26.59 2.77
C ALA C 547 -78.77 26.72 2.38
N LEU C 548 -79.10 27.69 1.52
CA LEU C 548 -80.50 27.84 1.09
C LEU C 548 -80.99 26.60 0.36
N VAL C 549 -80.21 26.11 -0.60
CA VAL C 549 -80.67 24.95 -1.39
C VAL C 549 -80.85 23.74 -0.48
N ALA C 550 -79.98 23.57 0.52
CA ALA C 550 -80.06 22.47 1.45
C ALA C 550 -81.30 22.50 2.35
N THR C 551 -82.01 23.64 2.48
CA THR C 551 -83.23 23.63 3.28
C THR C 551 -84.34 22.79 2.65
N GLY C 552 -84.31 22.59 1.33
CA GLY C 552 -85.38 21.95 0.62
C GLY C 552 -86.50 22.87 0.17
N THR C 553 -86.56 24.08 0.71
CA THR C 553 -87.42 25.11 0.14
C THR C 553 -86.93 25.46 -1.27
N PRO C 554 -87.82 25.54 -2.26
CA PRO C 554 -87.35 25.82 -3.62
C PRO C 554 -86.76 27.23 -3.71
N VAL C 555 -85.65 27.32 -4.42
CA VAL C 555 -84.82 28.52 -4.47
C VAL C 555 -84.78 28.99 -5.91
N VAL C 556 -85.17 30.24 -6.12
CA VAL C 556 -84.98 30.92 -7.39
C VAL C 556 -83.73 31.80 -7.23
N VAL C 557 -82.69 31.50 -7.99
CA VAL C 557 -81.52 32.36 -8.01
C VAL C 557 -81.77 33.47 -9.01
N VAL C 558 -81.82 34.71 -8.53
CA VAL C 558 -81.85 35.87 -9.41
C VAL C 558 -80.47 36.51 -9.39
N VAL C 559 -79.83 36.54 -10.55
CA VAL C 559 -78.49 37.06 -10.67
C VAL C 559 -78.61 38.49 -11.13
N VAL C 560 -78.27 39.42 -10.25
CA VAL C 560 -78.15 40.82 -10.62
C VAL C 560 -76.67 41.12 -10.63
N ALA C 561 -76.12 41.24 -11.82
CA ALA C 561 -74.68 41.31 -11.93
C ALA C 561 -74.36 42.05 -13.22
N SER C 562 -73.16 42.63 -13.26
CA SER C 562 -72.77 43.36 -14.45
C SER C 562 -72.53 42.43 -15.64
N LYS C 563 -72.19 41.16 -15.42
CA LYS C 563 -71.69 40.35 -16.51
C LYS C 563 -71.81 38.88 -16.10
N PRO C 564 -71.83 37.97 -17.07
CA PRO C 564 -71.96 36.54 -16.74
C PRO C 564 -70.97 36.10 -15.67
N LEU C 565 -71.47 35.32 -14.73
CA LEU C 565 -70.68 34.80 -13.62
C LEU C 565 -70.69 33.28 -13.66
N VAL C 566 -69.60 32.68 -13.23
CA VAL C 566 -69.60 31.27 -12.88
C VAL C 566 -70.40 31.08 -11.61
N LEU C 567 -71.52 30.35 -11.70
CA LEU C 567 -72.42 30.00 -10.61
C LEU C 567 -71.99 28.70 -9.95
N PRO C 568 -72.06 28.62 -8.63
CA PRO C 568 -71.63 27.41 -7.92
C PRO C 568 -72.55 26.24 -8.21
N PRO C 569 -72.14 25.02 -7.89
CA PRO C 569 -73.03 23.85 -8.10
C PRO C 569 -74.44 23.99 -7.50
N SER C 570 -74.57 24.58 -6.30
CA SER C 570 -75.90 24.69 -5.70
C SER C 570 -76.85 25.57 -6.51
N ALA C 571 -76.33 26.49 -7.33
CA ALA C 571 -77.23 27.23 -8.21
C ALA C 571 -77.78 26.35 -9.32
N HIS C 572 -76.99 25.39 -9.80
CA HIS C 572 -77.51 24.48 -10.82
C HIS C 572 -78.43 23.43 -10.22
N ALA C 573 -78.39 23.23 -8.90
CA ALA C 573 -79.35 22.37 -8.24
C ALA C 573 -80.59 23.14 -7.79
N ALA C 574 -80.62 24.46 -7.97
CA ALA C 574 -81.74 25.26 -7.52
C ALA C 574 -82.91 25.12 -8.49
N ALA C 575 -84.10 25.48 -8.00
CA ALA C 575 -85.33 25.28 -8.76
C ALA C 575 -85.34 26.08 -10.06
N ALA C 576 -84.74 27.29 -10.05
CA ALA C 576 -84.76 28.13 -11.23
C ALA C 576 -83.68 29.18 -11.12
N VAL C 577 -83.24 29.67 -12.28
CA VAL C 577 -82.21 30.69 -12.39
C VAL C 577 -82.69 31.76 -13.36
N VAL C 578 -82.73 33.00 -12.88
CA VAL C 578 -83.09 34.16 -13.68
C VAL C 578 -81.87 35.06 -13.81
N TRP C 579 -81.54 35.43 -15.04
CA TRP C 579 -80.45 36.37 -15.31
C TRP C 579 -81.05 37.73 -15.58
N ALA C 580 -80.63 38.73 -14.81
CA ALA C 580 -81.23 40.06 -14.91
C ALA C 580 -80.26 41.17 -15.31
N ALA C 581 -78.96 40.87 -15.45
CA ALA C 581 -77.93 41.84 -15.83
C ALA C 581 -78.15 43.31 -15.47
N ASN C 582 -78.12 43.71 -14.22
CA ASN C 582 -78.34 45.17 -14.01
C ASN C 582 -79.57 45.72 -14.73
N PRO C 583 -80.77 45.46 -14.25
CA PRO C 583 -81.97 45.78 -15.04
C PRO C 583 -82.56 47.17 -14.81
N GLY C 584 -81.83 48.08 -14.21
CA GLY C 584 -82.35 49.44 -14.11
C GLY C 584 -83.41 49.65 -13.06
N MET C 585 -84.06 50.82 -13.13
CA MET C 585 -84.94 51.30 -12.06
C MET C 585 -86.17 50.43 -11.87
N ARG C 586 -86.79 49.96 -12.98
CA ARG C 586 -87.95 49.08 -12.91
C ARG C 586 -87.57 47.61 -12.83
N GLY C 587 -86.29 47.30 -12.61
CA GLY C 587 -85.87 45.91 -12.68
C GLY C 587 -86.59 45.00 -11.71
N GLY C 588 -86.81 45.47 -10.47
CA GLY C 588 -87.34 44.62 -9.44
C GLY C 588 -88.81 44.32 -9.60
N GLN C 589 -89.55 45.23 -10.26
CA GLN C 589 -90.91 44.89 -10.63
C GLN C 589 -90.93 43.81 -11.69
N ALA C 590 -90.06 43.95 -12.70
CA ALA C 590 -89.98 42.94 -13.77
C ALA C 590 -89.69 41.56 -13.20
N VAL C 591 -88.71 41.46 -12.29
CA VAL C 591 -88.34 40.17 -11.70
C VAL C 591 -89.53 39.55 -10.97
N ALA C 592 -90.21 40.36 -10.16
CA ALA C 592 -91.35 39.84 -9.39
C ALA C 592 -92.48 39.44 -10.32
N GLU C 593 -92.83 40.29 -11.30
CA GLU C 593 -93.84 39.89 -12.30
C GLU C 593 -93.46 38.58 -12.97
N LEU C 594 -92.18 38.39 -13.27
CA LEU C 594 -91.76 37.16 -13.95
C LEU C 594 -91.96 35.94 -13.07
N VAL C 595 -91.45 35.99 -11.84
CA VAL C 595 -91.56 34.87 -10.90
C VAL C 595 -93.03 34.54 -10.62
N LEU C 596 -93.89 35.55 -10.57
CA LEU C 596 -95.31 35.38 -10.24
C LEU C 596 -96.18 35.05 -11.45
N GLY C 597 -95.61 34.99 -12.65
CA GLY C 597 -96.39 34.69 -13.82
C GLY C 597 -97.25 35.82 -14.35
N LEU C 598 -97.04 37.05 -13.87
CA LEU C 598 -97.76 38.17 -14.43
C LEU C 598 -97.22 38.59 -15.79
N ILE C 599 -96.02 38.14 -16.17
CA ILE C 599 -95.50 38.34 -17.51
C ILE C 599 -94.92 37.01 -17.97
N GLU C 600 -94.85 36.85 -19.29
CA GLU C 600 -94.09 35.70 -19.79
C GLU C 600 -92.64 36.12 -20.05
N PRO C 601 -91.69 35.23 -19.74
CA PRO C 601 -90.28 35.53 -20.06
C PRO C 601 -90.11 35.65 -21.56
N GLU C 602 -89.16 36.48 -21.95
CA GLU C 602 -88.89 36.79 -23.35
C GLU C 602 -87.42 36.95 -23.65
N GLY C 603 -86.60 37.29 -22.67
CA GLY C 603 -85.16 37.41 -22.84
C GLY C 603 -84.51 36.21 -23.47
N ARG C 604 -83.44 36.46 -24.21
CA ARG C 604 -82.57 35.45 -24.77
C ARG C 604 -81.17 35.98 -24.58
N LEU C 605 -80.21 35.10 -24.29
CA LEU C 605 -78.90 35.59 -23.87
C LEU C 605 -78.18 36.26 -25.04
N PRO C 606 -77.58 37.43 -24.85
CA PRO C 606 -76.75 38.01 -25.91
C PRO C 606 -75.28 37.66 -25.74
N ILE C 607 -75.00 36.68 -24.88
CA ILE C 607 -73.66 36.37 -24.42
C ILE C 607 -73.71 34.98 -23.80
N SER C 608 -72.63 34.24 -23.91
CA SER C 608 -72.51 32.91 -23.32
C SER C 608 -71.85 32.96 -21.94
N PHE C 609 -72.21 32.00 -21.09
CA PHE C 609 -71.68 31.86 -19.73
C PHE C 609 -70.68 30.72 -19.67
N ALA C 610 -69.46 31.01 -19.24
CA ALA C 610 -68.45 29.98 -19.03
C ALA C 610 -68.74 29.14 -17.79
N ARG C 611 -68.21 27.91 -17.77
CA ARG C 611 -68.27 27.13 -16.55
C ARG C 611 -67.09 27.42 -15.63
N HIS C 612 -66.05 28.05 -16.16
CA HIS C 612 -64.81 28.33 -15.46
C HIS C 612 -64.10 29.37 -16.30
N ALA C 613 -63.36 30.27 -15.65
CA ALA C 613 -62.59 31.25 -16.42
C ALA C 613 -61.59 30.56 -17.36
N GLY C 614 -61.01 29.43 -16.94
CA GLY C 614 -60.08 28.69 -17.79
C GLY C 614 -60.70 28.06 -19.02
N GLN C 615 -62.03 28.07 -19.11
CA GLN C 615 -62.73 27.50 -20.23
C GLN C 615 -62.75 28.41 -21.45
N GLN C 616 -62.42 29.69 -21.28
CA GLN C 616 -62.54 30.65 -22.37
C GLN C 616 -61.54 30.36 -23.49
N PRO C 617 -61.89 30.73 -24.75
CA PRO C 617 -63.11 31.42 -25.18
C PRO C 617 -64.36 30.55 -25.18
N THR C 618 -65.49 31.15 -24.82
CA THR C 618 -66.76 30.44 -24.79
C THR C 618 -67.84 31.12 -25.61
N TYR C 619 -67.53 32.22 -26.31
CA TYR C 619 -68.49 32.80 -27.23
C TYR C 619 -68.82 31.81 -28.36
N TYR C 620 -70.02 31.98 -28.93
CA TYR C 620 -70.61 30.96 -29.77
C TYR C 620 -69.94 30.86 -31.15
N ASN C 621 -69.26 31.92 -31.62
CA ASN C 621 -68.69 31.94 -32.96
C ASN C 621 -67.18 31.73 -32.93
N VAL C 622 -66.72 30.73 -32.17
CA VAL C 622 -65.31 30.38 -32.13
C VAL C 622 -64.84 29.88 -33.49
N VAL C 623 -63.58 30.19 -33.83
CA VAL C 623 -62.99 29.77 -35.08
C VAL C 623 -62.75 28.27 -35.06
N ARG C 624 -63.16 27.60 -36.13
CA ARG C 624 -62.94 26.16 -36.29
C ARG C 624 -61.47 25.80 -36.07
N GLY C 625 -61.25 24.59 -35.56
CA GLY C 625 -59.90 24.06 -35.48
C GLY C 625 -59.47 23.70 -34.09
N GLN C 626 -59.21 22.41 -33.85
CA GLN C 626 -58.72 21.96 -32.57
C GLN C 626 -58.35 20.51 -32.69
N HIS C 627 -57.32 20.08 -31.96
CA HIS C 627 -57.09 18.66 -31.73
C HIS C 627 -57.68 18.34 -30.37
N GLY C 628 -58.79 17.59 -30.37
CA GLY C 628 -59.58 17.32 -29.19
C GLY C 628 -60.87 18.13 -29.19
N VAL C 629 -61.75 17.80 -28.24
CA VAL C 629 -63.08 18.40 -28.23
C VAL C 629 -63.39 18.92 -26.83
N ARG C 630 -62.36 18.95 -25.99
CA ARG C 630 -62.58 18.86 -24.56
C ARG C 630 -61.27 19.20 -23.87
N TYR C 631 -61.34 19.98 -22.78
CA TYR C 631 -60.24 19.98 -21.82
C TYR C 631 -60.22 18.65 -21.11
N ALA C 632 -59.02 18.19 -20.76
CA ALA C 632 -58.91 16.91 -20.07
C ALA C 632 -59.67 16.92 -18.74
N ASP C 633 -59.82 18.08 -18.10
CA ASP C 633 -60.52 18.20 -16.82
C ASP C 633 -61.88 18.88 -16.92
N LEU C 634 -62.35 19.20 -18.13
CA LEU C 634 -63.54 20.05 -18.25
C LEU C 634 -64.10 20.11 -19.66
N THR C 635 -65.40 19.94 -19.79
CA THR C 635 -66.05 20.15 -21.06
C THR C 635 -65.79 21.57 -21.57
N GLN C 636 -65.89 21.74 -22.89
CA GLN C 636 -65.90 23.05 -23.52
C GLN C 636 -67.30 23.59 -23.77
N SER C 637 -68.31 22.84 -23.40
CA SER C 637 -69.68 23.35 -23.46
C SER C 637 -69.88 24.51 -22.47
N PRO C 638 -70.36 25.67 -22.93
CA PRO C 638 -70.65 26.76 -21.98
C PRO C 638 -71.73 26.36 -20.99
N ALA C 639 -71.76 27.06 -19.84
CA ALA C 639 -72.86 26.85 -18.89
C ALA C 639 -74.20 27.20 -19.56
N PHE C 640 -74.22 28.29 -20.32
CA PHE C 640 -75.40 28.75 -21.00
C PHE C 640 -74.92 29.40 -22.28
N ALA C 641 -75.60 29.13 -23.37
CA ALA C 641 -75.09 29.50 -24.67
C ALA C 641 -75.78 30.76 -25.16
N PHE C 642 -75.07 31.50 -26.01
CA PHE C 642 -75.68 32.59 -26.77
C PHE C 642 -77.07 32.22 -27.25
N GLY C 643 -78.02 33.14 -27.03
CA GLY C 643 -79.37 32.98 -27.54
C GLY C 643 -80.31 32.12 -26.72
N GLU C 644 -79.88 31.53 -25.61
CA GLU C 644 -80.85 30.68 -24.97
C GLU C 644 -81.66 31.45 -23.91
N GLY C 645 -82.66 30.78 -23.36
CA GLY C 645 -83.66 31.44 -22.56
C GLY C 645 -84.95 30.68 -22.69
N LEU C 646 -85.65 30.51 -21.58
CA LEU C 646 -86.87 29.71 -21.55
C LEU C 646 -88.08 30.62 -21.67
N SER C 647 -89.22 30.01 -21.87
CA SER C 647 -90.50 30.71 -21.72
C SER C 647 -91.32 29.93 -20.68
N TYR C 648 -92.59 30.28 -20.58
CA TYR C 648 -93.49 29.49 -19.74
C TYR C 648 -94.31 28.48 -20.55
N THR C 649 -93.88 28.19 -21.77
CA THR C 649 -94.56 27.23 -22.64
C THR C 649 -93.50 26.50 -23.45
N THR C 650 -93.95 25.64 -24.35
CA THR C 650 -93.05 24.89 -25.22
C THR C 650 -93.36 25.21 -26.67
N VAL C 651 -92.33 25.44 -27.46
CA VAL C 651 -92.47 25.73 -28.87
C VAL C 651 -91.73 24.67 -29.64
N GLU C 652 -92.40 24.06 -30.60
CA GLU C 652 -91.72 23.12 -31.48
C GLU C 652 -91.43 23.78 -32.82
N TYR C 653 -90.22 23.52 -33.31
CA TYR C 653 -89.76 24.02 -34.59
C TYR C 653 -89.78 22.86 -35.57
N ALA C 654 -90.39 23.06 -36.74
CA ALA C 654 -90.73 21.92 -37.61
C ALA C 654 -89.87 21.93 -38.86
N ASP C 655 -90.28 22.60 -39.93
CA ASP C 655 -89.87 22.18 -41.28
C ASP C 655 -89.14 23.32 -41.96
N LEU C 656 -87.86 23.44 -41.66
CA LEU C 656 -87.04 24.47 -42.28
C LEU C 656 -86.80 24.10 -43.75
N ARG C 657 -87.29 24.92 -44.66
CA ARG C 657 -87.02 24.78 -46.09
C ARG C 657 -86.31 26.03 -46.57
N VAL C 658 -85.26 25.85 -47.35
CA VAL C 658 -84.75 26.94 -48.19
C VAL C 658 -85.57 26.98 -49.46
N LEU C 659 -86.02 28.17 -49.85
CA LEU C 659 -86.84 28.34 -51.05
C LEU C 659 -85.90 28.71 -52.19
N GLY C 660 -85.64 27.77 -53.08
CA GLY C 660 -84.60 27.97 -54.07
C GLY C 660 -83.21 27.92 -53.45
N THR C 661 -82.41 26.94 -53.84
CA THR C 661 -81.15 26.69 -53.15
C THR C 661 -79.91 27.24 -53.87
N GLU C 662 -80.06 27.85 -55.05
CA GLU C 662 -78.96 28.52 -55.74
C GLU C 662 -79.04 30.01 -55.53
N HIS C 663 -77.89 30.66 -55.37
CA HIS C 663 -77.86 32.10 -55.18
C HIS C 663 -76.62 32.68 -55.83
N GLY C 664 -76.79 33.88 -56.34
CA GLY C 664 -75.60 34.62 -56.79
C GLY C 664 -75.13 35.52 -55.66
N PRO C 665 -74.02 36.25 -55.81
CA PRO C 665 -73.46 37.05 -54.71
C PRO C 665 -74.34 38.14 -54.07
N ASP C 666 -75.24 38.76 -54.82
CA ASP C 666 -76.05 39.89 -54.29
C ASP C 666 -77.52 39.47 -54.21
N ASP C 667 -77.75 38.19 -53.92
CA ASP C 667 -79.13 37.67 -53.79
C ASP C 667 -79.57 37.63 -52.33
N VAL C 668 -80.74 37.09 -52.08
CA VAL C 668 -81.23 36.94 -50.69
C VAL C 668 -81.61 35.48 -50.48
N VAL C 669 -81.10 34.86 -49.43
CA VAL C 669 -81.51 33.52 -49.07
C VAL C 669 -82.88 33.66 -48.40
N ARG C 670 -83.86 32.93 -48.91
CA ARG C 670 -85.22 32.96 -48.40
C ARG C 670 -85.55 31.59 -47.83
N ALA C 671 -86.19 31.59 -46.66
CA ALA C 671 -86.52 30.32 -46.03
C ALA C 671 -87.81 30.45 -45.24
N GLU C 672 -88.28 29.30 -44.79
CA GLU C 672 -89.49 29.17 -44.01
C GLU C 672 -89.26 28.13 -42.93
N VAL C 673 -89.86 28.38 -41.76
CA VAL C 673 -89.88 27.41 -40.69
C VAL C 673 -91.25 27.46 -40.04
N THR C 674 -91.71 26.32 -39.53
CA THR C 674 -92.98 26.22 -38.86
C THR C 674 -92.79 26.15 -37.35
N LEU C 675 -93.44 27.06 -36.62
CA LEU C 675 -93.42 27.05 -35.15
C LEU C 675 -94.80 26.73 -34.62
N THR C 676 -94.86 25.85 -33.62
CA THR C 676 -96.11 25.53 -32.94
C THR C 676 -95.94 25.73 -31.43
N ASN C 677 -96.80 26.56 -30.85
CA ASN C 677 -96.90 26.70 -29.38
C ASN C 677 -97.69 25.51 -28.85
N THR C 678 -96.99 24.55 -28.26
CA THR C 678 -97.62 23.30 -27.83
C THR C 678 -97.92 23.26 -26.35
N GLY C 679 -97.81 24.39 -25.64
CA GLY C 679 -98.14 24.46 -24.24
C GLY C 679 -99.35 25.33 -23.96
N SER C 680 -99.46 25.78 -22.71
CA SER C 680 -100.68 26.43 -22.25
C SER C 680 -100.61 27.95 -22.21
N ARG C 681 -99.47 28.57 -22.55
CA ARG C 681 -99.37 30.00 -22.32
C ARG C 681 -98.86 30.70 -23.57
N PRO C 682 -99.27 31.95 -23.80
CA PRO C 682 -98.76 32.70 -24.95
C PRO C 682 -97.26 32.94 -24.82
N VAL C 683 -96.63 33.17 -25.96
CA VAL C 683 -95.19 33.36 -26.01
C VAL C 683 -94.87 34.32 -27.16
N ARG C 684 -93.85 35.15 -26.94
CA ARG C 684 -93.16 35.83 -28.03
C ARG C 684 -91.81 35.14 -28.19
N GLU C 685 -91.69 34.35 -29.25
CA GLU C 685 -90.53 33.53 -29.54
C GLU C 685 -89.50 34.31 -30.34
N THR C 686 -88.21 34.03 -30.11
CA THR C 686 -87.15 34.67 -30.88
C THR C 686 -86.45 33.63 -31.75
N VAL C 687 -86.84 33.57 -33.02
CA VAL C 687 -86.23 32.65 -33.96
C VAL C 687 -84.88 33.20 -34.38
N GLN C 688 -83.86 32.36 -34.29
CA GLN C 688 -82.49 32.77 -34.57
C GLN C 688 -81.98 32.07 -35.83
N VAL C 689 -81.32 32.83 -36.70
CA VAL C 689 -80.87 32.34 -38.00
C VAL C 689 -79.36 32.45 -38.07
N TYR C 690 -78.69 31.30 -38.13
CA TYR C 690 -77.25 31.20 -38.24
C TYR C 690 -76.87 30.70 -39.63
N VAL C 691 -75.76 31.21 -40.14
CA VAL C 691 -75.20 30.74 -41.39
C VAL C 691 -73.87 30.09 -41.10
N SER C 692 -73.67 28.88 -41.62
CA SER C 692 -72.41 28.17 -41.53
C SER C 692 -71.84 28.03 -42.94
N ASP C 693 -70.66 28.60 -43.14
CA ASP C 693 -69.89 28.43 -44.37
C ASP C 693 -69.12 27.11 -44.27
N THR C 694 -69.63 26.09 -44.97
CA THR C 694 -69.22 24.70 -44.68
C THR C 694 -67.73 24.50 -44.92
N VAL C 695 -67.23 25.01 -46.03
CA VAL C 695 -65.84 24.91 -46.42
C VAL C 695 -65.33 26.31 -46.69
N THR C 696 -64.13 26.61 -46.18
CA THR C 696 -63.60 27.95 -46.31
C THR C 696 -62.13 27.87 -46.69
N SER C 697 -61.64 28.94 -47.32
CA SER C 697 -60.24 28.98 -47.75
C SER C 697 -59.32 29.46 -46.65
N VAL C 698 -59.89 30.05 -45.60
CA VAL C 698 -59.20 30.44 -44.38
C VAL C 698 -60.04 29.96 -43.22
N THR C 699 -59.40 29.79 -42.07
CA THR C 699 -60.13 29.44 -40.86
C THR C 699 -61.14 30.52 -40.50
N TRP C 700 -62.32 30.08 -40.09
CA TRP C 700 -63.43 30.97 -39.87
C TRP C 700 -64.30 30.35 -38.79
N ALA C 701 -65.21 31.17 -38.26
CA ALA C 701 -66.20 30.72 -37.30
C ALA C 701 -67.01 29.56 -37.85
N GLU C 702 -67.39 28.64 -36.97
CA GLU C 702 -68.22 27.53 -37.38
C GLU C 702 -69.62 27.99 -37.82
N LYS C 703 -70.17 29.00 -37.15
CA LYS C 703 -71.44 29.59 -37.59
C LYS C 703 -71.52 31.02 -37.08
N GLU C 704 -72.42 31.80 -37.70
CA GLU C 704 -72.60 33.20 -37.33
C GLU C 704 -74.07 33.58 -37.40
N LEU C 705 -74.52 34.35 -36.40
CA LEU C 705 -75.87 34.89 -36.47
C LEU C 705 -75.94 35.93 -37.58
N LYS C 706 -77.00 35.82 -38.39
CA LYS C 706 -77.22 36.72 -39.50
C LYS C 706 -78.61 37.32 -39.52
N ALA C 707 -79.58 36.71 -38.84
CA ALA C 707 -80.95 37.19 -38.85
C ALA C 707 -81.69 36.61 -37.64
N TYR C 708 -82.80 37.25 -37.29
CA TYR C 708 -83.67 36.69 -36.26
C TYR C 708 -85.07 37.26 -36.46
N ARG C 709 -86.06 36.53 -35.95
CA ARG C 709 -87.41 37.02 -36.07
C ARG C 709 -88.18 36.74 -34.78
N LYS C 710 -88.92 37.73 -34.31
CA LYS C 710 -89.80 37.58 -33.17
C LYS C 710 -91.19 37.18 -33.65
N VAL C 711 -91.77 36.17 -33.01
CA VAL C 711 -93.00 35.55 -33.49
C VAL C 711 -93.94 35.35 -32.31
N ASP C 712 -95.12 35.96 -32.36
CA ASP C 712 -96.12 35.79 -31.31
C ASP C 712 -96.98 34.56 -31.55
N LEU C 713 -97.12 33.73 -30.53
CA LEU C 713 -97.93 32.51 -30.62
C LEU C 713 -98.84 32.40 -29.40
N ALA C 714 -100.14 32.36 -29.65
CA ALA C 714 -101.10 31.98 -28.62
C ALA C 714 -101.00 30.47 -28.37
N PRO C 715 -101.50 29.99 -27.23
CA PRO C 715 -101.45 28.55 -26.97
C PRO C 715 -102.16 27.79 -28.08
N GLY C 716 -101.53 26.71 -28.55
CA GLY C 716 -102.05 25.93 -29.65
C GLY C 716 -101.73 26.45 -31.05
N GLU C 717 -101.35 27.72 -31.21
CA GLU C 717 -101.22 28.32 -32.53
C GLU C 717 -99.94 27.86 -33.26
N SER C 718 -100.08 27.58 -34.54
CA SER C 718 -98.96 27.34 -35.44
C SER C 718 -98.79 28.53 -36.36
N ALA C 719 -97.55 28.81 -36.71
CA ALA C 719 -97.25 29.85 -37.68
C ALA C 719 -96.09 29.36 -38.53
N THR C 720 -96.23 29.54 -39.83
CA THR C 720 -95.13 29.35 -40.75
C THR C 720 -94.50 30.71 -40.99
N VAL C 721 -93.19 30.78 -40.84
CA VAL C 721 -92.48 32.04 -40.68
C VAL C 721 -91.46 32.18 -41.81
N GLY C 722 -91.51 33.33 -42.49
CA GLY C 722 -90.55 33.62 -43.53
C GLY C 722 -89.28 34.24 -42.99
N LEU C 723 -88.14 33.72 -43.44
CA LEU C 723 -86.82 34.16 -43.01
C LEU C 723 -86.02 34.63 -44.21
N GLU C 724 -85.27 35.71 -44.03
CA GLU C 724 -84.43 36.24 -45.09
C GLU C 724 -83.02 36.51 -44.56
N VAL C 725 -82.01 36.08 -45.31
CA VAL C 725 -80.63 36.45 -45.05
C VAL C 725 -79.98 36.94 -46.34
N PRO C 726 -79.47 38.16 -46.39
CA PRO C 726 -78.70 38.61 -47.56
C PRO C 726 -77.42 37.80 -47.74
N VAL C 727 -77.21 37.31 -48.98
CA VAL C 727 -75.99 36.61 -49.34
C VAL C 727 -74.78 37.51 -49.12
N ALA C 728 -74.93 38.81 -49.36
CA ALA C 728 -73.80 39.72 -49.15
C ALA C 728 -73.38 39.82 -47.69
N ASP C 729 -74.15 39.27 -46.75
CA ASP C 729 -73.70 39.15 -45.37
C ASP C 729 -73.07 37.81 -45.06
N CYS C 730 -73.06 36.87 -46.00
CA CYS C 730 -72.46 35.57 -45.77
C CYS C 730 -70.99 35.60 -46.16
N THR C 731 -70.26 36.49 -45.51
CA THR C 731 -68.88 36.80 -45.86
C THR C 731 -67.91 36.22 -44.83
N LEU C 732 -66.66 36.16 -45.25
CA LEU C 732 -65.54 35.95 -44.38
C LEU C 732 -64.48 36.98 -44.77
N VAL C 733 -63.48 37.13 -43.92
CA VAL C 733 -62.33 37.95 -44.24
C VAL C 733 -61.22 36.99 -44.66
N ASP C 734 -60.72 37.14 -45.87
CA ASP C 734 -59.63 36.25 -46.29
C ASP C 734 -58.31 36.79 -45.75
N ALA C 735 -57.23 36.04 -45.99
CA ALA C 735 -55.90 36.59 -45.73
C ALA C 735 -55.65 37.71 -46.74
N HIS C 736 -55.12 38.84 -46.23
CA HIS C 736 -55.03 40.14 -46.93
C HIS C 736 -56.17 41.05 -46.47
N GLY C 737 -57.16 40.49 -45.80
CA GLY C 737 -58.14 41.29 -45.12
C GLY C 737 -59.31 41.80 -45.93
N ARG C 738 -59.65 41.17 -47.07
CA ARG C 738 -60.84 41.54 -47.80
C ARG C 738 -62.03 40.72 -47.29
N ARG C 739 -63.14 41.38 -47.05
CA ARG C 739 -64.37 40.71 -46.69
C ARG C 739 -65.08 40.35 -47.99
N VAL C 740 -65.34 39.07 -48.20
CA VAL C 740 -65.85 38.59 -49.48
C VAL C 740 -66.82 37.44 -49.25
N VAL C 741 -67.74 37.26 -50.19
CA VAL C 741 -68.55 36.05 -50.27
C VAL C 741 -67.77 35.02 -51.07
N GLU C 742 -67.64 33.84 -50.51
CA GLU C 742 -66.82 32.79 -51.09
C GLU C 742 -67.73 31.66 -51.53
N PRO C 743 -67.79 31.42 -52.85
CA PRO C 743 -68.75 30.44 -53.39
C PRO C 743 -68.55 29.07 -52.78
N GLY C 744 -69.66 28.34 -52.68
CA GLY C 744 -69.64 26.98 -52.17
C GLY C 744 -70.90 26.71 -51.38
N GLU C 745 -70.86 25.63 -50.59
CA GLU C 745 -71.99 25.22 -49.79
C GLU C 745 -72.05 26.00 -48.49
N PHE C 746 -73.25 26.38 -48.10
CA PHE C 746 -73.53 26.95 -46.79
C PHE C 746 -74.61 26.12 -46.11
N GLU C 747 -74.74 26.30 -44.81
CA GLU C 747 -75.83 25.69 -44.06
C GLU C 747 -76.59 26.80 -43.33
N LEU C 748 -77.90 26.83 -43.52
CA LEU C 748 -78.78 27.68 -42.73
C LEU C 748 -79.15 26.90 -41.48
N ARG C 749 -79.08 27.56 -40.31
CA ARG C 749 -79.35 26.90 -39.04
C ARG C 749 -80.30 27.77 -38.25
N VAL C 750 -81.48 27.23 -37.93
CA VAL C 750 -82.58 28.00 -37.42
C VAL C 750 -83.09 27.29 -36.18
N GLY C 751 -83.29 28.05 -35.09
CA GLY C 751 -83.75 27.48 -33.85
C GLY C 751 -83.86 28.50 -32.74
N PRO C 752 -84.14 28.04 -31.52
CA PRO C 752 -84.37 28.98 -30.41
C PRO C 752 -83.13 29.40 -29.65
N SER C 753 -81.95 28.86 -29.97
CA SER C 753 -80.68 29.27 -29.38
C SER C 753 -79.55 28.87 -30.33
N SER C 754 -78.32 29.18 -29.94
CA SER C 754 -77.13 28.77 -30.70
C SER C 754 -76.69 27.36 -30.38
N ARG C 755 -77.41 26.60 -29.55
CA ARG C 755 -77.03 25.22 -29.28
C ARG C 755 -77.27 24.34 -30.52
N GLU C 756 -76.26 23.55 -30.90
CA GLU C 756 -76.40 22.74 -32.10
C GLU C 756 -77.52 21.71 -31.96
N ASP C 757 -77.64 21.08 -30.78
CA ASP C 757 -78.74 20.15 -30.57
C ASP C 757 -80.10 20.84 -30.61
N ALA C 758 -80.16 22.13 -30.90
CA ALA C 758 -81.41 22.86 -30.94
C ALA C 758 -81.71 23.46 -32.31
N LEU C 759 -80.83 23.32 -33.29
CA LEU C 759 -80.98 24.00 -34.56
C LEU C 759 -81.43 23.00 -35.63
N LEU C 760 -82.44 23.39 -36.40
CA LEU C 760 -82.71 22.77 -37.68
C LEU C 760 -81.70 23.30 -38.71
N ARG C 761 -81.44 22.51 -39.75
CA ARG C 761 -80.45 22.92 -40.73
C ARG C 761 -80.91 22.64 -42.16
N ALA C 762 -80.50 23.50 -43.08
CA ALA C 762 -80.84 23.35 -44.49
C ALA C 762 -79.70 23.91 -45.33
N SER C 763 -79.34 23.18 -46.38
CA SER C 763 -78.24 23.58 -47.25
C SER C 763 -78.68 24.65 -48.24
N PHE C 764 -77.72 25.48 -48.64
CA PHE C 764 -77.93 26.31 -49.81
C PHE C 764 -76.58 26.60 -50.44
N THR C 765 -76.62 27.17 -51.63
CA THR C 765 -75.44 27.32 -52.46
C THR C 765 -75.30 28.76 -52.89
N VAL C 766 -74.06 29.22 -52.96
CA VAL C 766 -73.69 30.49 -53.59
C VAL C 766 -72.68 30.19 -54.69
N ALA C 767 -72.95 30.69 -55.89
CA ALA C 767 -72.03 30.46 -57.01
C ALA C 767 -72.13 31.63 -57.97
N GLY C 768 -70.98 32.06 -58.47
CA GLY C 768 -70.93 33.14 -59.45
C GLY C 768 -71.17 32.61 -60.85
CA THR D 6 -15.47 7.20 -59.62
C THR D 6 -17.01 7.02 -59.67
N LEU D 7 -17.70 8.04 -60.24
CA LEU D 7 -19.14 8.31 -60.27
C LEU D 7 -19.36 9.37 -59.16
N PRO D 8 -19.42 10.65 -59.51
CA PRO D 8 -19.03 11.68 -58.50
C PRO D 8 -19.88 11.74 -57.25
N TYR D 9 -21.19 11.46 -57.30
CA TYR D 9 -21.93 11.55 -56.04
C TYR D 9 -21.50 10.47 -55.03
N LEU D 10 -20.78 9.43 -55.47
CA LEU D 10 -20.24 8.45 -54.55
C LEU D 10 -18.82 8.78 -54.08
N ASP D 11 -18.21 9.84 -54.59
CA ASP D 11 -16.82 10.12 -54.30
C ASP D 11 -16.72 11.05 -53.09
N PRO D 12 -16.20 10.58 -51.95
CA PRO D 12 -16.11 11.46 -50.77
C PRO D 12 -15.14 12.62 -50.93
N ALA D 13 -14.27 12.57 -51.94
CA ALA D 13 -13.38 13.71 -52.22
C ALA D 13 -14.05 14.82 -53.02
N VAL D 14 -15.30 14.63 -53.46
CA VAL D 14 -15.98 15.67 -54.22
C VAL D 14 -16.74 16.55 -53.23
N PRO D 15 -16.75 17.87 -53.40
CA PRO D 15 -17.50 18.73 -52.46
C PRO D 15 -18.98 18.36 -52.41
N VAL D 16 -19.55 18.47 -51.19
CA VAL D 16 -20.92 18.02 -50.92
C VAL D 16 -21.88 18.59 -51.95
N ALA D 17 -21.76 19.89 -52.24
CA ALA D 17 -22.72 20.51 -53.17
C ALA D 17 -22.58 19.94 -54.59
N ASP D 18 -21.36 19.55 -54.98
CA ASP D 18 -21.21 18.90 -56.27
C ASP D 18 -21.78 17.49 -56.25
N ARG D 19 -21.55 16.75 -55.16
CA ARG D 19 -22.20 15.46 -55.00
C ARG D 19 -23.73 15.57 -55.08
N VAL D 20 -24.32 16.59 -54.44
CA VAL D 20 -25.78 16.75 -54.48
C VAL D 20 -26.24 16.97 -55.92
N GLU D 21 -25.56 17.86 -56.66
CA GLU D 21 -25.98 18.12 -58.03
C GLU D 21 -25.79 16.89 -58.92
N ASP D 22 -24.83 16.02 -58.62
CA ASP D 22 -24.63 14.85 -59.46
C ASP D 22 -25.66 13.78 -59.19
N LEU D 23 -26.13 13.64 -57.95
CA LEU D 23 -27.20 12.69 -57.68
C LEU D 23 -28.51 13.23 -58.22
N LEU D 24 -28.80 14.49 -57.90
CA LEU D 24 -30.05 15.13 -58.29
C LEU D 24 -30.30 15.00 -59.80
N ALA D 25 -29.26 15.11 -60.60
CA ALA D 25 -29.44 15.03 -62.04
C ALA D 25 -29.84 13.63 -62.51
N ARG D 26 -29.53 12.58 -61.77
CA ARG D 26 -29.85 11.22 -62.17
C ARG D 26 -31.23 10.77 -61.74
N MET D 27 -31.95 11.59 -60.99
CA MET D 27 -33.21 11.16 -60.41
C MET D 27 -34.39 11.44 -61.34
N THR D 28 -35.27 10.45 -61.46
CA THR D 28 -36.59 10.65 -62.01
C THR D 28 -37.43 11.52 -61.09
N LEU D 29 -38.44 12.17 -61.69
CA LEU D 29 -39.36 12.97 -60.90
C LEU D 29 -40.00 12.18 -59.76
N PRO D 30 -40.51 10.95 -59.98
CA PRO D 30 -41.03 10.19 -58.83
C PRO D 30 -39.99 9.84 -57.77
N GLU D 31 -38.72 9.72 -58.12
CA GLU D 31 -37.71 9.54 -57.08
C GLU D 31 -37.49 10.82 -56.28
N LYS D 32 -37.58 11.97 -56.94
CA LYS D 32 -37.39 13.24 -56.26
C LYS D 32 -38.52 13.49 -55.27
N VAL D 33 -39.76 13.40 -55.76
CA VAL D 33 -40.92 13.52 -54.88
C VAL D 33 -40.86 12.48 -53.78
N GLY D 34 -40.42 11.26 -54.10
CA GLY D 34 -40.29 10.25 -53.06
C GLY D 34 -39.27 10.64 -52.00
N GLN D 35 -38.18 11.28 -52.43
CA GLN D 35 -37.16 11.72 -51.49
C GLN D 35 -37.71 12.71 -50.47
N MET D 36 -38.83 13.39 -50.79
CA MET D 36 -39.49 14.32 -49.89
C MET D 36 -40.44 13.65 -48.90
N LEU D 37 -40.74 12.35 -49.05
CA LEU D 37 -41.64 11.67 -48.13
C LEU D 37 -40.93 11.17 -46.87
N GLN D 38 -41.57 11.36 -45.72
CA GLN D 38 -41.20 10.68 -44.48
C GLN D 38 -42.38 9.80 -44.08
N LEU D 39 -42.20 8.48 -44.15
CA LEU D 39 -43.30 7.58 -43.97
C LEU D 39 -43.19 6.80 -42.66
N ASP D 40 -44.36 6.39 -42.17
CA ASP D 40 -44.47 5.57 -40.96
C ASP D 40 -44.06 4.14 -41.30
N ALA D 41 -42.93 3.68 -40.77
CA ALA D 41 -42.46 2.32 -41.05
C ALA D 41 -43.42 1.25 -40.54
N ARG D 42 -44.26 1.57 -39.56
CA ARG D 42 -45.20 0.60 -39.04
C ARG D 42 -46.23 0.18 -40.09
N ASP D 43 -46.44 0.99 -41.14
CA ASP D 43 -47.25 0.54 -42.26
C ASP D 43 -46.41 -0.40 -43.13
N GLY D 44 -46.44 -0.26 -44.44
CA GLY D 44 -45.56 -1.13 -45.20
C GLY D 44 -44.17 -0.55 -45.37
N VAL D 45 -43.12 -1.26 -44.95
CA VAL D 45 -41.78 -0.76 -45.21
C VAL D 45 -41.40 -1.00 -46.67
N GLY D 46 -41.83 -2.12 -47.25
CA GLY D 46 -41.54 -2.43 -48.63
C GLY D 46 -42.10 -1.41 -49.62
N PRO D 47 -43.41 -1.21 -49.58
CA PRO D 47 -44.00 -0.17 -50.44
C PRO D 47 -43.39 1.21 -50.20
N ALA D 48 -43.05 1.53 -48.94
CA ALA D 48 -42.49 2.84 -48.64
C ALA D 48 -41.16 3.04 -49.35
N VAL D 49 -40.25 2.05 -49.24
CA VAL D 49 -38.91 2.22 -49.77
C VAL D 49 -38.86 1.94 -51.27
N LEU D 50 -39.56 0.90 -51.76
CA LEU D 50 -39.50 0.59 -53.20
C LEU D 50 -40.49 1.42 -54.02
N GLU D 51 -41.78 1.18 -53.81
CA GLU D 51 -42.79 1.78 -54.67
C GLU D 51 -42.82 3.30 -54.55
N LYS D 52 -42.69 3.83 -53.33
CA LYS D 52 -42.74 5.29 -53.14
C LYS D 52 -41.37 5.95 -53.08
N HIS D 53 -40.27 5.18 -53.04
CA HIS D 53 -38.91 5.74 -53.00
C HIS D 53 -38.71 6.72 -51.83
N ALA D 54 -39.18 6.33 -50.65
CA ALA D 54 -39.21 7.27 -49.52
C ALA D 54 -37.80 7.70 -49.11
N GLY D 55 -37.67 8.99 -48.76
CA GLY D 55 -36.41 9.49 -48.24
C GLY D 55 -36.19 9.28 -46.76
N SER D 56 -37.25 9.06 -45.99
CA SER D 56 -37.09 8.90 -44.55
C SER D 56 -38.19 7.98 -44.03
N LEU D 57 -37.88 7.28 -42.95
CA LEU D 57 -38.85 6.50 -42.18
C LEU D 57 -38.85 6.99 -40.74
N LEU D 58 -40.00 6.87 -40.10
CA LEU D 58 -40.08 7.04 -38.66
C LEU D 58 -40.79 5.85 -38.05
N HIS D 59 -40.58 5.68 -36.74
CA HIS D 59 -41.12 4.55 -35.99
C HIS D 59 -40.68 3.22 -36.62
N THR D 60 -39.38 3.05 -36.72
CA THR D 60 -38.79 1.91 -37.41
C THR D 60 -38.26 0.93 -36.37
N SER D 61 -38.99 -0.16 -36.19
CA SER D 61 -38.57 -1.19 -35.26
C SER D 61 -37.24 -1.80 -35.72
N PRO D 62 -36.45 -2.32 -34.78
CA PRO D 62 -35.15 -2.90 -35.19
C PRO D 62 -35.27 -3.94 -36.27
N GLU D 63 -36.36 -4.70 -36.29
CA GLU D 63 -36.63 -5.63 -37.38
C GLU D 63 -36.81 -4.86 -38.68
N ASN D 64 -37.56 -3.75 -38.64
CA ASN D 64 -37.77 -2.96 -39.85
C ASN D 64 -36.55 -2.13 -40.23
N VAL D 65 -35.69 -1.79 -39.25
CA VAL D 65 -34.46 -1.08 -39.57
C VAL D 65 -33.61 -1.94 -40.49
N LEU D 66 -33.44 -3.20 -40.14
CA LEU D 66 -32.53 -4.04 -40.89
C LEU D 66 -33.16 -4.50 -42.21
N ALA D 67 -34.49 -4.48 -42.31
CA ALA D 67 -35.17 -4.74 -43.58
C ALA D 67 -35.20 -3.52 -44.49
N ALA D 68 -35.17 -2.31 -43.90
CA ALA D 68 -35.13 -1.10 -44.71
C ALA D 68 -33.77 -0.90 -45.36
N HIS D 69 -32.68 -1.22 -44.65
CA HIS D 69 -31.36 -1.16 -45.26
C HIS D 69 -31.25 -2.11 -46.45
N GLU D 70 -31.95 -3.23 -46.41
CA GLU D 70 -31.83 -4.14 -47.52
C GLU D 70 -32.86 -3.86 -48.61
N LEU D 71 -33.97 -3.21 -48.29
CA LEU D 71 -34.79 -2.68 -49.39
C LEU D 71 -34.05 -1.56 -50.12
N THR D 72 -33.24 -0.78 -49.40
CA THR D 72 -32.47 0.26 -50.04
C THR D 72 -31.48 -0.32 -51.04
N GLY D 73 -30.84 -1.44 -50.68
CA GLY D 73 -29.88 -2.07 -51.58
C GLY D 73 -30.47 -2.50 -52.90
N ARG D 74 -31.79 -2.68 -52.94
CA ARG D 74 -32.53 -3.10 -54.12
C ARG D 74 -33.18 -1.94 -54.86
N THR D 75 -32.94 -0.69 -54.45
CA THR D 75 -33.67 0.40 -55.08
C THR D 75 -33.14 0.61 -56.48
N ARG D 76 -32.11 1.44 -56.64
CA ARG D 76 -31.67 1.86 -57.96
C ARG D 76 -30.56 2.86 -57.79
N LEU D 77 -30.88 3.98 -57.17
CA LEU D 77 -29.87 4.94 -56.78
C LEU D 77 -29.28 4.61 -55.40
N ARG D 78 -29.91 3.69 -54.68
CA ARG D 78 -29.42 3.27 -53.37
C ARG D 78 -29.21 4.44 -52.40
N ILE D 79 -30.12 5.40 -52.42
CA ILE D 79 -30.05 6.56 -51.54
C ILE D 79 -30.41 6.16 -50.11
N PRO D 80 -29.47 6.30 -49.13
CA PRO D 80 -29.72 5.83 -47.79
C PRO D 80 -30.89 6.56 -47.13
N LEU D 81 -31.68 5.82 -46.39
CA LEU D 81 -32.85 6.38 -45.68
C LEU D 81 -32.43 7.16 -44.46
N LEU D 82 -33.14 8.24 -44.16
CA LEU D 82 -32.94 8.94 -42.88
C LEU D 82 -33.94 8.31 -41.91
N LEU D 83 -33.47 7.61 -40.89
CA LEU D 83 -34.35 7.00 -39.89
C LEU D 83 -34.54 8.01 -38.75
N ALA D 84 -35.75 8.52 -38.60
CA ALA D 84 -36.04 9.52 -37.59
C ALA D 84 -36.90 8.92 -36.48
N GLU D 85 -36.84 9.56 -35.30
CA GLU D 85 -37.59 9.09 -34.15
C GLU D 85 -37.74 10.24 -33.15
N ASP D 86 -38.75 10.12 -32.26
CA ASP D 86 -38.97 11.08 -31.18
C ASP D 86 -38.09 10.70 -29.99
N CYS D 87 -37.00 11.42 -29.79
CA CYS D 87 -36.11 11.17 -28.64
C CYS D 87 -36.10 12.47 -27.86
N ILE D 88 -37.11 12.63 -27.01
CA ILE D 88 -37.53 13.93 -26.49
C ILE D 88 -36.79 14.32 -25.22
N HIS D 89 -36.53 13.36 -24.33
CA HIS D 89 -35.73 13.62 -23.14
C HIS D 89 -35.12 12.26 -22.76
N GLY D 90 -34.17 11.86 -23.59
CA GLY D 90 -33.76 10.49 -23.68
C GLY D 90 -34.40 9.81 -24.87
N HIS D 91 -33.88 8.62 -25.17
CA HIS D 91 -34.35 7.83 -26.29
C HIS D 91 -35.67 7.19 -25.84
N SER D 92 -36.77 7.92 -26.13
CA SER D 92 -38.03 7.80 -25.39
C SER D 92 -38.67 6.43 -25.51
N PHE D 93 -38.58 5.81 -26.68
CA PHE D 93 -39.33 4.55 -26.89
C PHE D 93 -38.39 3.35 -27.05
N TRP D 94 -37.19 3.41 -26.50
CA TRP D 94 -36.25 2.26 -26.48
C TRP D 94 -36.29 1.69 -25.08
N VAL D 95 -36.70 0.44 -24.92
CA VAL D 95 -36.95 -0.15 -23.56
C VAL D 95 -35.85 0.13 -22.54
N GLY D 96 -34.59 -0.06 -22.86
CA GLY D 96 -33.64 0.18 -21.75
C GLY D 96 -32.93 1.51 -21.72
N ALA D 97 -33.45 2.54 -22.37
CA ALA D 97 -32.70 3.80 -22.51
C ALA D 97 -32.74 4.73 -21.30
N THR D 98 -31.76 5.63 -21.20
CA THR D 98 -31.79 6.62 -20.12
C THR D 98 -32.88 7.65 -20.39
N ILE D 99 -33.85 7.74 -19.48
CA ILE D 99 -34.91 8.74 -19.60
C ILE D 99 -34.57 9.86 -18.63
N PHE D 100 -34.27 11.03 -19.19
CA PHE D 100 -33.94 12.22 -18.43
C PHE D 100 -35.22 12.95 -18.01
N PRO D 101 -35.12 14.01 -17.21
CA PRO D 101 -36.30 14.86 -16.98
C PRO D 101 -36.82 15.42 -18.29
N THR D 102 -38.10 15.80 -18.27
CA THR D 102 -38.64 16.59 -19.37
C THR D 102 -37.84 17.88 -19.53
N GLN D 103 -37.91 18.47 -20.73
CA GLN D 103 -37.27 19.76 -20.95
C GLN D 103 -37.65 20.77 -19.87
N LEU D 104 -38.90 20.76 -19.42
CA LEU D 104 -39.29 21.73 -18.39
C LEU D 104 -38.57 21.44 -17.09
N GLY D 105 -38.32 20.17 -16.78
CA GLY D 105 -37.52 19.85 -15.61
C GLY D 105 -36.08 20.29 -15.76
N MET D 106 -35.47 19.98 -16.92
CA MET D 106 -34.08 20.37 -17.17
C MET D 106 -33.92 21.88 -17.19
N ALA D 107 -34.92 22.60 -17.70
CA ALA D 107 -34.87 24.06 -17.69
C ALA D 107 -34.57 24.62 -16.30
N ALA D 108 -35.02 23.96 -15.23
CA ALA D 108 -34.85 24.52 -13.90
C ALA D 108 -33.41 24.51 -13.43
N THR D 109 -32.55 23.74 -14.11
CA THR D 109 -31.13 23.76 -13.78
C THR D 109 -30.44 25.04 -14.24
N TRP D 110 -31.01 25.75 -15.22
CA TRP D 110 -30.38 26.91 -15.87
C TRP D 110 -28.93 26.60 -16.30
N ASP D 111 -28.65 25.36 -16.67
CA ASP D 111 -27.27 24.89 -16.86
C ASP D 111 -27.11 24.35 -18.27
N PRO D 112 -26.74 25.19 -19.25
CA PRO D 112 -26.58 24.68 -20.64
C PRO D 112 -25.51 23.59 -20.79
N ALA D 113 -24.39 23.68 -20.08
CA ALA D 113 -23.37 22.65 -20.25
C ALA D 113 -23.88 21.29 -19.76
N LEU D 114 -24.70 21.30 -18.72
CA LEU D 114 -25.36 20.07 -18.29
C LEU D 114 -26.35 19.58 -19.34
N VAL D 115 -27.18 20.49 -19.86
CA VAL D 115 -28.17 20.11 -20.86
C VAL D 115 -27.48 19.59 -22.11
N GLU D 116 -26.37 20.22 -22.50
CA GLU D 116 -25.58 19.71 -23.61
C GLU D 116 -25.10 18.28 -23.35
N GLN D 117 -24.67 17.99 -22.11
CA GLN D 117 -24.29 16.62 -21.77
C GLN D 117 -25.46 15.66 -21.88
N VAL D 118 -26.67 16.09 -21.51
CA VAL D 118 -27.83 15.22 -21.63
C VAL D 118 -28.10 14.90 -23.09
N ALA D 119 -28.01 15.91 -23.95
CA ALA D 119 -28.29 15.68 -25.36
C ALA D 119 -27.23 14.80 -26.00
N HIS D 120 -25.98 14.94 -25.57
CA HIS D 120 -24.91 14.08 -26.09
C HIS D 120 -25.09 12.63 -25.66
N ALA D 121 -25.45 12.40 -24.40
CA ALA D 121 -25.71 11.04 -23.93
C ALA D 121 -26.90 10.41 -24.65
N THR D 122 -27.96 11.20 -24.88
CA THR D 122 -29.08 10.70 -25.65
C THR D 122 -28.64 10.33 -27.06
N ALA D 123 -27.83 11.17 -27.70
CA ALA D 123 -27.39 10.92 -29.06
C ALA D 123 -26.55 9.63 -29.16
N VAL D 124 -25.69 9.38 -28.18
CA VAL D 124 -24.92 8.14 -28.16
C VAL D 124 -25.86 6.93 -28.14
N GLU D 125 -26.88 6.97 -27.27
CA GLU D 125 -27.82 5.85 -27.20
C GLU D 125 -28.66 5.75 -28.48
N VAL D 126 -29.10 6.89 -29.03
CA VAL D 126 -29.91 6.89 -30.24
C VAL D 126 -29.10 6.32 -31.42
N ALA D 127 -27.85 6.76 -31.57
CA ALA D 127 -27.03 6.37 -32.71
C ALA D 127 -26.74 4.86 -32.70
N ALA D 128 -26.55 4.29 -31.51
CA ALA D 128 -26.31 2.85 -31.40
C ALA D 128 -27.50 2.02 -31.89
N THR D 129 -28.70 2.57 -31.83
CA THR D 129 -29.88 1.85 -32.30
C THR D 129 -30.14 2.09 -33.78
N GLY D 130 -29.28 2.84 -34.46
CA GLY D 130 -29.41 3.05 -35.88
C GLY D 130 -30.24 4.24 -36.29
N VAL D 131 -30.61 5.11 -35.35
CA VAL D 131 -31.43 6.27 -35.69
C VAL D 131 -30.52 7.45 -35.97
N HIS D 132 -30.88 8.26 -36.96
CA HIS D 132 -30.04 9.33 -37.47
C HIS D 132 -30.51 10.71 -37.07
N TRP D 133 -31.73 10.83 -36.54
CA TRP D 133 -32.44 12.10 -36.57
C TRP D 133 -33.48 12.08 -35.46
N THR D 134 -33.36 13.00 -34.51
CA THR D 134 -34.34 13.12 -33.44
C THR D 134 -35.22 14.36 -33.62
N PHE D 135 -36.50 14.21 -33.30
CA PHE D 135 -37.46 15.32 -33.36
C PHE D 135 -37.43 16.13 -32.05
N SER D 136 -36.26 16.69 -31.78
CA SER D 136 -35.95 17.39 -30.54
C SER D 136 -34.81 18.35 -30.84
N PRO D 137 -34.73 19.50 -30.14
CA PRO D 137 -35.51 19.97 -28.99
C PRO D 137 -36.75 20.80 -29.35
N VAL D 138 -37.57 21.11 -28.34
CA VAL D 138 -38.74 21.94 -28.52
C VAL D 138 -38.37 23.37 -28.16
N LEU D 139 -38.67 24.32 -29.05
CA LEU D 139 -38.42 25.73 -28.82
C LEU D 139 -39.70 26.51 -28.54
N CYS D 140 -40.83 25.82 -28.41
CA CYS D 140 -42.08 26.49 -28.08
C CYS D 140 -41.94 27.19 -26.73
N ILE D 141 -42.67 28.28 -26.57
CA ILE D 141 -42.58 29.10 -25.38
C ILE D 141 -43.88 28.98 -24.59
N ALA D 142 -43.74 28.62 -23.31
CA ALA D 142 -44.91 28.30 -22.49
C ALA D 142 -45.58 29.58 -22.04
N ARG D 143 -46.54 30.07 -22.81
CA ARG D 143 -47.24 31.29 -22.47
C ARG D 143 -48.69 31.08 -22.03
N ASP D 144 -49.24 29.88 -22.18
CA ASP D 144 -50.55 29.57 -21.63
C ASP D 144 -50.43 28.25 -20.88
N LEU D 145 -50.57 28.33 -19.55
CA LEU D 145 -50.42 27.15 -18.69
C LEU D 145 -51.47 26.07 -18.97
N ARG D 146 -52.61 26.44 -19.57
CA ARG D 146 -53.63 25.46 -19.92
C ARG D 146 -53.14 24.47 -20.97
N TRP D 147 -52.22 24.90 -21.82
CA TRP D 147 -51.75 24.07 -22.94
C TRP D 147 -51.18 22.75 -22.44
N GLY D 148 -51.58 21.66 -23.11
CA GLY D 148 -51.21 20.32 -22.66
C GLY D 148 -49.75 19.98 -22.80
N ARG D 149 -48.99 20.72 -23.61
CA ARG D 149 -47.63 20.33 -23.95
C ARG D 149 -46.55 21.19 -23.28
N VAL D 150 -46.90 21.97 -22.26
CA VAL D 150 -45.95 22.84 -21.56
C VAL D 150 -44.73 22.07 -21.03
N ASP D 151 -44.92 20.81 -20.61
CA ASP D 151 -43.80 19.96 -20.17
C ASP D 151 -42.73 19.79 -21.23
N GLU D 152 -43.07 20.01 -22.49
CA GLU D 152 -42.10 19.85 -23.57
C GLU D 152 -41.27 21.10 -23.81
N THR D 153 -41.63 22.23 -23.17
CA THR D 153 -40.92 23.48 -23.39
C THR D 153 -39.83 23.66 -22.34
N PHE D 154 -38.94 24.62 -22.61
CA PHE D 154 -37.98 25.09 -21.61
C PHE D 154 -38.54 26.23 -20.76
N GLY D 155 -39.85 26.44 -20.74
CA GLY D 155 -40.45 27.47 -19.93
C GLY D 155 -40.94 28.65 -20.73
N GLU D 156 -41.01 29.82 -20.08
CA GLU D 156 -41.66 30.98 -20.67
C GLU D 156 -40.71 32.05 -21.19
N ASP D 157 -39.39 31.88 -21.10
CA ASP D 157 -38.52 33.00 -21.44
C ASP D 157 -37.74 32.79 -22.74
N PRO D 158 -37.86 33.69 -23.72
CA PRO D 158 -37.16 33.48 -25.00
C PRO D 158 -35.65 33.32 -24.86
N PHE D 159 -35.03 34.00 -23.89
CA PHE D 159 -33.59 33.90 -23.77
C PHE D 159 -33.16 32.55 -23.20
N LEU D 160 -33.79 32.11 -22.11
CA LEU D 160 -33.46 30.80 -21.55
C LEU D 160 -33.78 29.68 -22.56
N ILE D 161 -34.89 29.79 -23.28
CA ILE D 161 -35.20 28.78 -24.30
C ILE D 161 -34.07 28.69 -25.32
N GLY D 162 -33.62 29.85 -25.85
CA GLY D 162 -32.55 29.84 -26.84
C GLY D 162 -31.26 29.28 -26.28
N GLU D 163 -30.96 29.60 -25.03
CA GLU D 163 -29.77 29.11 -24.35
C GLU D 163 -29.78 27.59 -24.25
N LEU D 164 -30.92 27.01 -23.86
CA LEU D 164 -30.98 25.56 -23.65
C LEU D 164 -31.21 24.81 -24.95
N ALA D 165 -32.03 25.36 -25.85
CA ALA D 165 -32.18 24.73 -27.17
C ALA D 165 -30.84 24.72 -27.90
N SER D 166 -30.06 25.79 -27.75
CA SER D 166 -28.76 25.85 -28.39
C SER D 166 -27.83 24.78 -27.82
N ALA D 167 -27.89 24.56 -26.51
CA ALA D 167 -27.08 23.49 -25.93
C ALA D 167 -27.54 22.12 -26.40
N MET D 168 -28.85 21.91 -26.58
CA MET D 168 -29.30 20.60 -27.02
C MET D 168 -28.82 20.30 -28.44
N VAL D 169 -28.94 21.27 -29.36
CA VAL D 169 -28.49 21.05 -30.72
C VAL D 169 -27.02 20.67 -30.76
N ARG D 170 -26.18 21.40 -29.99
CA ARG D 170 -24.76 21.08 -29.89
C ARG D 170 -24.55 19.65 -29.45
N GLY D 171 -25.20 19.25 -28.35
CA GLY D 171 -25.05 17.90 -27.84
C GLY D 171 -25.47 16.85 -28.84
N TYR D 172 -26.59 17.07 -29.52
CA TYR D 172 -27.11 16.11 -30.48
C TYR D 172 -26.16 15.96 -31.65
N GLN D 173 -25.75 17.07 -32.24
CA GLN D 173 -25.07 17.02 -33.52
C GLN D 173 -23.57 16.82 -33.41
N GLY D 174 -23.00 16.90 -32.20
CA GLY D 174 -21.59 16.58 -31.96
C GLY D 174 -20.64 17.48 -32.74
N ASP D 175 -19.51 16.88 -33.16
CA ASP D 175 -18.66 17.47 -34.21
C ASP D 175 -19.29 17.44 -35.59
N GLY D 176 -20.60 17.64 -35.65
CA GLY D 176 -21.37 17.62 -36.87
C GLY D 176 -20.97 16.49 -37.78
N SER D 178 -19.53 13.69 -40.10
CA SER D 178 -19.47 12.24 -39.98
C SER D 178 -19.17 11.78 -38.55
N ASP D 179 -19.41 12.62 -37.55
CA ASP D 179 -19.33 12.16 -36.16
C ASP D 179 -20.30 11.00 -35.98
N PRO D 180 -19.83 9.81 -35.59
CA PRO D 180 -20.71 8.62 -35.57
C PRO D 180 -21.71 8.60 -34.41
N THR D 181 -21.48 9.38 -33.36
CA THR D 181 -22.41 9.52 -32.25
C THR D 181 -23.24 10.79 -32.35
N GLY D 182 -23.19 11.48 -33.49
CA GLY D 182 -23.99 12.66 -33.73
C GLY D 182 -25.20 12.37 -34.61
N ILE D 183 -26.30 13.07 -34.35
CA ILE D 183 -27.56 12.87 -35.06
C ILE D 183 -28.12 14.24 -35.43
N LEU D 184 -28.96 14.26 -36.47
CA LEU D 184 -29.69 15.50 -36.77
C LEU D 184 -30.60 15.90 -35.61
N ALA D 185 -30.59 17.19 -35.30
CA ALA D 185 -31.59 17.78 -34.41
C ALA D 185 -32.67 18.45 -35.24
N THR D 186 -33.78 18.77 -34.58
CA THR D 186 -34.95 19.40 -35.21
C THR D 186 -35.42 20.55 -34.33
N ALA D 187 -35.55 21.74 -34.91
CA ALA D 187 -36.15 22.85 -34.19
C ALA D 187 -37.67 22.75 -34.36
N LYS D 188 -38.35 22.38 -33.29
CA LYS D 188 -39.67 21.78 -33.35
C LYS D 188 -40.78 22.76 -32.96
N HIS D 189 -41.80 22.81 -33.83
CA HIS D 189 -43.09 23.51 -33.78
C HIS D 189 -42.86 24.97 -34.12
N PHE D 190 -42.20 25.14 -35.26
CA PHE D 190 -42.01 26.41 -35.93
C PHE D 190 -43.32 26.78 -36.63
N ALA D 191 -43.92 27.92 -36.27
CA ALA D 191 -43.68 28.67 -35.03
C ALA D 191 -45.02 29.19 -34.47
N GLY D 192 -45.10 29.41 -33.17
CA GLY D 192 -46.31 29.98 -32.59
C GLY D 192 -47.37 28.97 -32.21
N TYR D 193 -47.00 27.70 -32.06
CA TYR D 193 -47.92 26.61 -31.78
C TYR D 193 -48.37 26.57 -30.31
N SER D 194 -47.60 27.15 -29.39
CA SER D 194 -47.92 27.07 -27.97
C SER D 194 -48.88 28.13 -27.45
N GLU D 195 -49.25 29.14 -28.24
CA GLU D 195 -50.16 30.19 -27.75
C GLU D 195 -51.34 30.27 -28.71
N THR D 196 -52.30 29.40 -28.50
CA THR D 196 -53.51 29.35 -29.29
C THR D 196 -54.72 29.51 -28.39
N GLN D 197 -55.85 29.84 -29.00
CA GLN D 197 -57.07 30.18 -28.28
C GLN D 197 -57.41 29.10 -27.25
N GLY D 198 -57.78 29.56 -26.05
CA GLY D 198 -58.18 28.67 -24.97
C GLY D 198 -57.07 27.83 -24.38
N GLY D 199 -55.83 28.04 -24.82
CA GLY D 199 -54.79 27.06 -24.54
C GLY D 199 -55.09 25.70 -25.12
N ARG D 200 -55.97 25.62 -26.11
CA ARG D 200 -56.33 24.34 -26.69
C ARG D 200 -55.31 23.90 -27.74
N ASP D 201 -55.22 22.60 -27.94
CA ASP D 201 -54.22 22.05 -28.84
C ASP D 201 -54.61 22.30 -30.30
N ALA D 202 -53.77 23.05 -31.01
CA ALA D 202 -53.88 23.25 -32.46
C ALA D 202 -55.11 24.04 -32.85
N SER D 203 -55.66 24.80 -31.91
CA SER D 203 -56.66 25.81 -32.22
C SER D 203 -55.97 27.02 -32.86
N GLU D 204 -56.80 28.01 -33.21
CA GLU D 204 -56.33 29.22 -33.87
C GLU D 204 -55.29 29.99 -33.06
N ALA D 205 -54.21 30.38 -33.71
CA ALA D 205 -53.23 31.29 -33.13
C ALA D 205 -53.52 32.70 -33.62
N ASP D 206 -53.93 33.57 -32.70
CA ASP D 206 -54.23 34.97 -32.98
C ASP D 206 -52.95 35.79 -32.86
N ILE D 207 -51.96 35.39 -33.63
CA ILE D 207 -50.60 35.90 -33.50
C ILE D 207 -50.26 36.68 -34.76
N SER D 208 -50.17 37.99 -34.65
CA SER D 208 -49.68 38.83 -35.73
C SER D 208 -48.19 38.57 -36.00
N GLN D 209 -47.72 39.15 -37.10
CA GLN D 209 -46.31 39.02 -37.44
C GLN D 209 -45.42 39.68 -36.40
N ARG D 210 -45.79 40.87 -35.90
CA ARG D 210 -44.94 41.49 -34.89
C ARG D 210 -44.90 40.62 -33.63
N LYS D 211 -46.06 40.13 -33.19
CA LYS D 211 -46.07 39.27 -32.01
C LYS D 211 -45.17 38.06 -32.20
N LEU D 212 -45.27 37.41 -33.38
CA LEU D 212 -44.43 36.25 -33.66
C LEU D 212 -42.95 36.60 -33.62
N ARG D 213 -42.58 37.73 -34.24
CA ARG D 213 -41.19 38.18 -34.16
C ARG D 213 -40.78 38.50 -32.71
N SER D 214 -41.71 39.03 -31.91
CA SER D 214 -41.33 39.51 -30.58
C SER D 214 -41.01 38.37 -29.62
N TRP D 215 -41.87 37.36 -29.56
CA TRP D 215 -41.78 36.38 -28.50
C TRP D 215 -41.52 34.96 -28.97
N PHE D 216 -41.80 34.63 -30.24
CA PHE D 216 -41.71 33.24 -30.66
C PHE D 216 -40.47 32.94 -31.51
N LEU D 217 -40.09 33.83 -32.42
CA LEU D 217 -38.98 33.58 -33.34
C LEU D 217 -37.57 33.54 -32.75
N PRO D 218 -37.21 34.33 -31.73
CA PRO D 218 -35.78 34.45 -31.31
C PRO D 218 -35.07 33.13 -31.05
N PRO D 219 -35.68 32.13 -30.38
CA PRO D 219 -34.94 30.86 -30.23
C PRO D 219 -34.70 30.17 -31.55
N PHE D 220 -35.64 30.29 -32.49
CA PHE D 220 -35.48 29.65 -33.79
C PHE D 220 -34.40 30.34 -34.59
N GLU D 221 -34.38 31.68 -34.57
CA GLU D 221 -33.32 32.38 -35.30
C GLU D 221 -31.95 31.99 -34.76
N ARG D 222 -31.84 31.82 -33.45
CA ARG D 222 -30.56 31.48 -32.88
C ARG D 222 -30.09 30.09 -33.33
N VAL D 223 -30.95 29.08 -33.26
CA VAL D 223 -30.43 27.75 -33.57
C VAL D 223 -30.35 27.54 -35.07
N ALA D 224 -31.02 28.37 -35.87
CA ALA D 224 -30.86 28.34 -37.31
C ALA D 224 -29.45 28.77 -37.71
N ARG D 225 -28.97 29.88 -37.12
CA ARG D 225 -27.66 30.36 -37.52
C ARG D 225 -26.53 29.56 -36.87
N GLU D 226 -26.83 28.82 -35.80
CA GLU D 226 -25.84 27.90 -35.27
C GLU D 226 -25.88 26.54 -35.95
N GLY D 227 -26.72 26.37 -36.98
CA GLY D 227 -26.66 25.16 -37.77
C GLY D 227 -27.45 23.98 -37.25
N CYS D 228 -28.63 24.24 -36.66
CA CYS D 228 -29.60 23.16 -36.45
C CYS D 228 -29.99 22.52 -37.79
N ALA D 229 -29.91 21.18 -37.87
CA ALA D 229 -30.01 20.52 -39.18
C ALA D 229 -31.39 20.64 -39.80
N THR D 230 -32.45 20.51 -39.01
CA THR D 230 -33.80 20.52 -39.55
C THR D 230 -34.70 21.39 -38.66
N PHE D 231 -35.82 21.82 -39.25
CA PHE D 231 -36.90 22.53 -38.58
C PHE D 231 -38.18 21.73 -38.81
N MET D 232 -39.07 21.71 -37.81
CA MET D 232 -40.35 21.03 -37.97
C MET D 232 -41.50 21.97 -37.63
N LEU D 233 -42.52 21.99 -38.48
CA LEU D 233 -43.76 22.75 -38.32
C LEU D 233 -44.59 22.26 -37.13
N GLY D 234 -45.50 23.12 -36.71
CA GLY D 234 -46.55 22.76 -35.78
C GLY D 234 -47.83 22.43 -36.51
N TYR D 235 -48.94 22.47 -35.78
CA TYR D 235 -50.25 22.13 -36.31
C TYR D 235 -51.17 23.32 -36.54
N GLN D 236 -50.91 24.47 -35.93
CA GLN D 236 -51.95 25.47 -35.78
C GLN D 236 -52.05 26.35 -37.01
N SER D 237 -53.23 26.93 -37.22
CA SER D 237 -53.39 28.01 -38.17
C SER D 237 -53.16 29.34 -37.45
N MET D 238 -52.47 30.25 -38.12
CA MET D 238 -52.19 31.58 -37.62
C MET D 238 -52.85 32.59 -38.52
N ASP D 239 -53.65 33.50 -37.93
CA ASP D 239 -54.27 34.59 -38.67
C ASP D 239 -55.01 34.08 -39.90
N GLY D 240 -55.74 32.98 -39.72
CA GLY D 240 -56.52 32.38 -40.79
C GLY D 240 -55.83 31.28 -41.60
N VAL D 241 -54.51 31.15 -41.54
CA VAL D 241 -53.75 30.36 -42.51
C VAL D 241 -53.07 29.21 -41.78
N PRO D 242 -53.24 27.97 -42.22
CA PRO D 242 -52.37 26.87 -41.75
C PRO D 242 -50.90 27.25 -41.90
N VAL D 243 -50.11 27.02 -40.85
CA VAL D 243 -48.67 27.30 -40.96
C VAL D 243 -48.08 26.55 -42.15
N THR D 244 -48.61 25.37 -42.47
CA THR D 244 -48.04 24.57 -43.56
C THR D 244 -47.98 25.35 -44.88
N VAL D 245 -48.79 26.39 -45.06
CA VAL D 245 -48.79 27.10 -46.33
C VAL D 245 -48.52 28.58 -46.12
N ASN D 246 -47.75 28.89 -45.08
CA ASN D 246 -47.45 30.27 -44.67
C ASN D 246 -46.11 30.66 -45.29
N GLY D 247 -46.16 31.16 -46.52
CA GLY D 247 -44.93 31.44 -47.23
C GLY D 247 -44.15 32.59 -46.63
N TRP D 248 -44.84 33.56 -46.03
CA TRP D 248 -44.15 34.60 -45.30
C TRP D 248 -43.18 33.98 -44.30
N LEU D 249 -43.65 33.02 -43.52
CA LEU D 249 -42.81 32.46 -42.46
C LEU D 249 -41.82 31.43 -42.99
N LEU D 250 -42.26 30.54 -43.86
CA LEU D 250 -41.42 29.41 -44.26
C LEU D 250 -40.42 29.82 -45.32
N ASP D 251 -40.66 30.92 -46.02
CA ASP D 251 -39.78 31.36 -47.09
C ASP D 251 -39.18 32.74 -46.80
N ASP D 252 -39.98 33.81 -46.74
CA ASP D 252 -39.44 35.15 -46.57
C ASP D 252 -38.61 35.26 -45.29
N VAL D 253 -39.08 34.68 -44.20
CA VAL D 253 -38.34 34.77 -42.93
C VAL D 253 -37.27 33.69 -42.88
N LEU D 254 -37.68 32.41 -42.91
CA LEU D 254 -36.73 31.33 -42.63
C LEU D 254 -35.56 31.31 -43.62
N ARG D 255 -35.82 31.64 -44.88
CA ARG D 255 -34.75 31.62 -45.87
C ARG D 255 -34.36 33.00 -46.37
N GLY D 256 -35.32 33.90 -46.61
CA GLY D 256 -34.94 35.25 -47.00
C GLY D 256 -34.22 36.01 -45.91
N GLU D 257 -34.77 35.99 -44.69
CA GLU D 257 -34.16 36.83 -43.65
C GLU D 257 -33.02 36.12 -42.92
N TRP D 258 -33.17 34.82 -42.62
CA TRP D 258 -32.16 34.15 -41.82
C TRP D 258 -31.15 33.36 -42.67
N GLY D 259 -31.45 33.12 -43.94
CA GLY D 259 -30.52 32.37 -44.77
C GLY D 259 -30.35 30.93 -44.36
N TYR D 260 -31.38 30.31 -43.81
CA TYR D 260 -31.30 28.94 -43.37
C TYR D 260 -31.19 27.98 -44.56
N THR D 261 -30.30 26.98 -44.45
CA THR D 261 -30.16 25.97 -45.51
C THR D 261 -30.51 24.56 -45.05
N GLY D 262 -31.08 24.39 -43.86
CA GLY D 262 -31.55 23.08 -43.42
C GLY D 262 -32.87 22.68 -44.06
N THR D 263 -33.40 21.57 -43.56
CA THR D 263 -34.63 20.97 -44.08
C THR D 263 -35.81 21.36 -43.20
N LEU D 264 -36.90 21.82 -43.82
CA LEU D 264 -38.20 21.91 -43.18
C LEU D 264 -38.98 20.64 -43.37
N VAL D 265 -39.39 20.04 -42.27
CA VAL D 265 -40.34 18.93 -42.32
C VAL D 265 -41.66 19.43 -41.73
N THR D 266 -42.77 18.96 -42.32
CA THR D 266 -44.06 19.20 -41.71
C THR D 266 -44.24 18.36 -40.45
N ASP D 267 -45.24 18.74 -39.66
CA ASP D 267 -45.75 17.88 -38.61
C ASP D 267 -46.65 16.80 -39.20
N TRP D 268 -47.05 15.86 -38.36
CA TRP D 268 -47.73 14.63 -38.78
C TRP D 268 -48.99 14.86 -39.62
N ASP D 269 -48.93 14.43 -40.90
CA ASP D 269 -50.04 14.52 -41.83
C ASP D 269 -50.54 15.96 -41.98
N ASN D 270 -49.64 16.93 -41.86
CA ASN D 270 -50.04 18.33 -42.02
C ASN D 270 -50.71 18.56 -43.38
N VAL D 271 -50.08 18.07 -44.45
CA VAL D 271 -50.60 18.34 -45.79
C VAL D 271 -51.96 17.65 -45.97
N GLY D 272 -52.08 16.39 -45.55
CA GLY D 272 -53.35 15.70 -45.64
C GLY D 272 -54.44 16.36 -44.81
N ARG D 273 -54.12 16.75 -43.56
CA ARG D 273 -55.09 17.41 -42.69
C ARG D 273 -55.76 18.60 -43.39
N MET D 274 -55.00 19.35 -44.20
CA MET D 274 -55.61 20.47 -44.92
C MET D 274 -56.78 20.04 -45.79
N VAL D 275 -56.87 18.77 -46.15
CA VAL D 275 -57.96 18.32 -47.00
C VAL D 275 -59.05 17.71 -46.12
N TRP D 276 -58.69 16.70 -45.33
CA TRP D 276 -59.71 15.88 -44.69
C TRP D 276 -60.13 16.38 -43.32
N GLU D 277 -59.33 17.24 -42.67
CA GLU D 277 -59.63 17.70 -41.32
C GLU D 277 -60.09 19.15 -41.31
N GLN D 278 -59.33 20.05 -41.95
CA GLN D 278 -59.59 21.48 -41.93
C GLN D 278 -60.35 21.97 -43.16
N HIS D 279 -60.46 21.16 -44.21
CA HIS D 279 -61.19 21.52 -45.42
C HIS D 279 -60.80 22.91 -45.94
N ILE D 280 -59.51 23.25 -45.81
CA ILE D 280 -58.99 24.47 -46.46
C ILE D 280 -58.44 24.19 -47.85
N GLN D 281 -58.33 22.93 -48.26
CA GLN D 281 -57.91 22.62 -49.63
C GLN D 281 -58.89 21.62 -50.24
N PRO D 282 -59.25 21.80 -51.51
CA PRO D 282 -60.25 20.89 -52.10
C PRO D 282 -59.74 19.46 -52.29
N ASP D 283 -58.45 19.23 -52.45
CA ASP D 283 -58.00 17.88 -52.80
C ASP D 283 -56.49 17.79 -52.61
N TYR D 284 -55.99 16.55 -52.65
CA TYR D 284 -54.59 16.32 -52.32
C TYR D 284 -53.63 16.94 -53.34
N VAL D 285 -54.07 17.13 -54.59
CA VAL D 285 -53.21 17.77 -55.58
C VAL D 285 -52.94 19.22 -55.18
N HIS D 286 -53.98 19.98 -54.87
CA HIS D 286 -53.80 21.37 -54.46
C HIS D 286 -53.12 21.51 -53.10
N ALA D 287 -53.31 20.53 -52.20
CA ALA D 287 -52.65 20.62 -50.89
C ALA D 287 -51.15 20.46 -51.06
N SER D 288 -50.72 19.45 -51.84
CA SER D 288 -49.31 19.23 -52.13
C SER D 288 -48.70 20.46 -52.76
N ALA D 289 -49.38 21.02 -53.75
CA ALA D 289 -48.82 22.16 -54.48
C ALA D 289 -48.64 23.34 -53.54
N ALA D 290 -49.63 23.59 -52.69
CA ALA D 290 -49.53 24.71 -51.76
C ALA D 290 -48.40 24.48 -50.75
N ALA D 291 -48.29 23.26 -50.21
CA ALA D 291 -47.22 22.97 -49.26
C ALA D 291 -45.85 23.17 -49.90
N VAL D 292 -45.68 22.77 -51.16
CA VAL D 292 -44.39 22.93 -51.81
C VAL D 292 -44.11 24.41 -52.09
N ARG D 293 -45.12 25.14 -52.55
CA ARG D 293 -44.92 26.55 -52.89
C ARG D 293 -44.58 27.38 -51.65
N ALA D 294 -45.06 26.98 -50.46
CA ALA D 294 -44.73 27.72 -49.24
C ALA D 294 -43.30 27.50 -48.79
N GLY D 295 -42.68 26.36 -49.14
CA GLY D 295 -41.29 26.15 -48.80
C GLY D 295 -40.99 24.92 -47.97
N ASN D 296 -41.96 24.02 -47.80
CA ASN D 296 -41.68 22.76 -47.16
C ASN D 296 -40.83 21.87 -48.04
N ASP D 297 -39.86 21.19 -47.42
CA ASP D 297 -38.95 20.28 -48.10
C ASP D 297 -39.31 18.82 -47.90
N MET D 298 -39.85 18.48 -46.74
CA MET D 298 -40.15 17.09 -46.48
C MET D 298 -41.53 17.03 -45.85
N VAL D 299 -42.33 16.08 -46.32
CA VAL D 299 -43.72 15.90 -45.92
C VAL D 299 -43.80 14.70 -44.99
N MET D 300 -44.23 14.91 -43.75
CA MET D 300 -44.34 13.81 -42.78
C MET D 300 -45.69 13.10 -42.95
N THR D 301 -45.65 11.78 -43.13
CA THR D 301 -46.81 10.85 -43.08
C THR D 301 -48.06 11.39 -43.78
N THR D 302 -47.87 11.94 -44.99
CA THR D 302 -48.98 12.16 -45.92
C THR D 302 -48.64 11.36 -47.18
N PRO D 303 -48.93 10.04 -47.19
CA PRO D 303 -48.55 9.20 -48.35
C PRO D 303 -49.13 9.65 -49.67
N ARG D 304 -50.32 10.25 -49.68
CA ARG D 304 -50.91 10.72 -50.93
C ARG D 304 -50.21 11.95 -51.50
N PHE D 305 -49.31 12.58 -50.74
CA PHE D 305 -48.44 13.62 -51.32
C PHE D 305 -47.69 13.10 -52.55
N PHE D 306 -47.39 11.80 -52.58
CA PHE D 306 -46.64 11.20 -53.69
C PHE D 306 -47.31 11.48 -55.04
N GLU D 307 -48.41 10.81 -55.34
CA GLU D 307 -49.16 11.14 -56.56
C GLU D 307 -49.81 12.50 -56.52
N GLY D 308 -50.06 13.05 -55.33
CA GLY D 308 -50.58 14.41 -55.27
C GLY D 308 -49.61 15.42 -55.86
N ALA D 309 -48.35 15.33 -55.46
CA ALA D 309 -47.34 16.24 -55.97
C ALA D 309 -46.92 15.88 -57.39
N LEU D 310 -46.94 14.60 -57.77
CA LEU D 310 -46.66 14.26 -59.17
C LEU D 310 -47.71 14.85 -60.10
N GLU D 311 -48.98 14.82 -59.68
CA GLU D 311 -50.02 15.30 -60.59
C GLU D 311 -49.92 16.82 -60.69
N ALA D 312 -49.41 17.46 -59.63
CA ALA D 312 -49.33 18.90 -59.54
C ALA D 312 -48.22 19.44 -60.43
N VAL D 313 -47.05 18.80 -60.42
CA VAL D 313 -46.02 19.16 -61.37
C VAL D 313 -46.51 18.89 -62.79
N ASP D 314 -47.15 17.74 -63.00
CA ASP D 314 -47.72 17.41 -64.30
C ASP D 314 -48.73 18.46 -64.76
N ARG D 315 -49.62 18.89 -63.86
CA ARG D 315 -50.66 19.84 -64.24
C ARG D 315 -50.17 21.28 -64.25
N GLY D 316 -48.93 21.53 -63.85
CA GLY D 316 -48.37 22.87 -63.83
C GLY D 316 -48.64 23.69 -62.57
N LEU D 317 -49.10 23.07 -61.48
CA LEU D 317 -49.36 23.82 -60.25
C LEU D 317 -48.12 24.14 -59.45
N VAL D 318 -47.04 23.41 -59.67
CA VAL D 318 -45.77 23.68 -59.02
C VAL D 318 -44.67 23.34 -60.01
N GLU D 319 -43.64 24.18 -60.06
CA GLU D 319 -42.51 23.96 -60.95
C GLU D 319 -41.62 22.85 -60.38
N GLU D 320 -41.04 22.05 -61.29
CA GLU D 320 -40.09 21.01 -60.89
C GLU D 320 -38.88 21.60 -60.18
N ALA D 321 -38.47 22.82 -60.54
CA ALA D 321 -37.36 23.48 -59.85
C ALA D 321 -37.61 23.58 -58.34
N ALA D 322 -38.87 23.63 -57.92
CA ALA D 322 -39.14 23.70 -56.49
C ALA D 322 -38.97 22.35 -55.82
N ILE D 323 -39.33 21.26 -56.52
CA ILE D 323 -39.00 19.94 -56.01
C ILE D 323 -37.50 19.78 -55.85
N ASP D 324 -36.73 20.31 -56.82
CA ASP D 324 -35.28 20.14 -56.79
C ASP D 324 -34.69 20.83 -55.57
N ALA D 325 -35.14 22.07 -55.32
CA ALA D 325 -34.68 22.83 -54.17
C ALA D 325 -34.92 22.06 -52.89
N ALA D 326 -36.07 21.41 -52.77
CA ALA D 326 -36.36 20.60 -51.59
C ALA D 326 -35.42 19.40 -51.50
N VAL D 327 -35.22 18.69 -52.61
CA VAL D 327 -34.40 17.49 -52.61
C VAL D 327 -32.95 17.85 -52.27
N ARG D 328 -32.47 19.01 -52.77
CA ARG D 328 -31.08 19.39 -52.56
C ARG D 328 -30.74 19.50 -51.09
N ARG D 329 -31.66 20.08 -50.31
CA ARG D 329 -31.46 20.22 -48.87
C ARG D 329 -31.46 18.87 -48.18
N ILE D 330 -32.38 17.98 -48.57
CA ILE D 330 -32.45 16.66 -47.94
C ILE D 330 -31.17 15.88 -48.22
N LEU D 331 -30.74 15.85 -49.49
CA LEU D 331 -29.54 15.10 -49.85
C LEU D 331 -28.31 15.69 -49.17
N THR D 332 -28.27 17.03 -49.05
CA THR D 332 -27.16 17.65 -48.36
C THR D 332 -27.00 17.08 -46.96
N LEU D 333 -28.11 16.89 -46.24
CA LEU D 333 -28.00 16.32 -44.91
C LEU D 333 -27.42 14.91 -44.96
N LYS D 334 -27.92 14.10 -45.90
CA LYS D 334 -27.45 12.71 -45.99
C LYS D 334 -25.98 12.64 -46.36
N PHE D 335 -25.51 13.54 -47.23
CA PHE D 335 -24.08 13.57 -47.54
C PHE D 335 -23.27 14.01 -46.32
N ARG D 336 -23.68 15.09 -45.64
CA ARG D 336 -22.93 15.55 -44.48
C ARG D 336 -22.85 14.52 -43.37
N LEU D 337 -23.89 13.70 -43.17
CA LEU D 337 -23.77 12.57 -42.25
C LEU D 337 -22.89 11.44 -42.77
N GLY D 338 -22.47 11.47 -44.03
CA GLY D 338 -21.70 10.37 -44.54
C GLY D 338 -22.48 9.10 -44.71
N LEU D 339 -23.80 9.20 -44.89
CA LEU D 339 -24.62 8.00 -45.07
C LEU D 339 -24.29 7.25 -46.36
N PHE D 340 -23.71 7.90 -47.36
CA PHE D 340 -23.37 7.18 -48.58
C PHE D 340 -22.12 6.34 -48.42
N GLU D 341 -21.19 6.75 -47.57
CA GLU D 341 -20.04 5.92 -47.24
C GLU D 341 -20.35 4.94 -46.11
N ASP D 342 -21.06 5.38 -45.07
CA ASP D 342 -21.44 4.52 -43.96
C ASP D 342 -22.90 4.75 -43.63
N PRO D 343 -23.79 3.79 -43.89
CA PRO D 343 -25.23 4.02 -43.68
C PRO D 343 -25.66 3.97 -42.22
N ARG D 344 -24.71 3.75 -41.32
CA ARG D 344 -24.92 3.80 -39.86
C ARG D 344 -25.97 2.79 -39.42
N ARG D 345 -25.69 1.52 -39.71
CA ARG D 345 -26.52 0.43 -39.25
C ARG D 345 -26.50 0.38 -37.73
N PRO D 346 -27.50 -0.25 -37.12
CA PRO D 346 -27.43 -0.48 -35.68
C PRO D 346 -26.34 -1.49 -35.34
N ASP D 347 -25.92 -1.46 -34.08
CA ASP D 347 -24.82 -2.30 -33.61
C ASP D 347 -25.16 -2.75 -32.20
N VAL D 348 -25.52 -4.02 -32.06
CA VAL D 348 -25.95 -4.56 -30.78
C VAL D 348 -24.82 -4.50 -29.75
N ALA D 349 -23.59 -4.77 -30.19
CA ALA D 349 -22.46 -4.69 -29.25
C ALA D 349 -22.36 -3.29 -28.66
N ARG D 350 -22.49 -2.27 -29.49
CA ARG D 350 -22.40 -0.90 -29.02
C ARG D 350 -23.61 -0.55 -28.14
N GLN D 351 -24.79 -1.03 -28.53
CA GLN D 351 -26.00 -0.88 -27.71
C GLN D 351 -25.79 -1.41 -26.30
N GLN D 352 -25.25 -2.63 -26.19
CA GLN D 352 -25.02 -3.22 -24.88
C GLN D 352 -23.90 -2.52 -24.12
N ALA D 353 -23.06 -1.77 -24.82
CA ALA D 353 -21.97 -1.04 -24.19
C ALA D 353 -22.33 0.39 -23.80
N VAL D 354 -23.32 1.03 -24.42
CA VAL D 354 -23.55 2.44 -24.15
C VAL D 354 -24.96 2.74 -23.65
N ILE D 355 -25.95 1.90 -23.94
CA ILE D 355 -27.31 2.18 -23.51
C ILE D 355 -27.44 1.90 -22.02
N ALA D 356 -27.98 2.89 -21.28
CA ALA D 356 -28.11 2.84 -19.83
C ALA D 356 -26.78 2.52 -19.17
N SER D 357 -25.71 3.08 -19.74
CA SER D 357 -24.38 2.97 -19.16
C SER D 357 -24.28 3.78 -17.86
N ALA D 358 -23.22 3.51 -17.09
CA ALA D 358 -23.06 4.19 -15.81
C ALA D 358 -22.74 5.67 -15.99
N GLU D 359 -21.99 6.02 -17.04
CA GLU D 359 -21.76 7.44 -17.31
C GLU D 359 -23.06 8.16 -17.59
N HIS D 360 -23.99 7.51 -18.31
CA HIS D 360 -25.24 8.15 -18.66
C HIS D 360 -26.16 8.27 -17.44
N ALA D 361 -26.16 7.27 -16.58
CA ALA D 361 -26.90 7.38 -15.34
C ALA D 361 -26.36 8.51 -14.46
N ALA D 362 -25.04 8.75 -14.49
CA ALA D 362 -24.46 9.80 -13.66
C ALA D 362 -24.87 11.18 -14.17
N VAL D 363 -24.99 11.31 -15.49
CA VAL D 363 -25.52 12.55 -16.06
C VAL D 363 -26.98 12.73 -15.67
N ASN D 364 -27.78 11.66 -15.73
CA ASN D 364 -29.18 11.74 -15.33
C ASN D 364 -29.32 12.17 -13.87
N LEU D 365 -28.50 11.59 -12.99
CA LEU D 365 -28.53 11.95 -11.59
C LEU D 365 -28.18 13.41 -11.36
N GLU D 366 -27.19 13.93 -12.09
CA GLU D 366 -26.82 15.33 -11.90
C GLU D 366 -27.96 16.25 -12.32
N VAL D 367 -28.56 15.98 -13.49
CA VAL D 367 -29.58 16.90 -13.97
C VAL D 367 -30.83 16.81 -13.09
N ALA D 368 -31.17 15.61 -12.60
CA ALA D 368 -32.28 15.49 -11.67
C ALA D 368 -32.03 16.30 -10.38
N ARG D 369 -30.81 16.23 -9.84
CA ARG D 369 -30.48 16.94 -8.60
C ARG D 369 -30.51 18.46 -8.79
N ARG D 370 -29.91 18.96 -9.88
CA ARG D 370 -29.93 20.40 -10.09
C ARG D 370 -31.30 20.93 -10.52
N SER D 371 -32.25 20.05 -10.85
CA SER D 371 -33.53 20.51 -11.36
C SER D 371 -34.60 20.69 -10.28
N LEU D 372 -34.48 20.07 -9.11
CA LEU D 372 -35.54 20.22 -8.13
C LEU D 372 -35.57 21.66 -7.62
N VAL D 373 -36.76 22.19 -7.41
CA VAL D 373 -36.96 23.58 -7.01
C VAL D 373 -37.64 23.57 -5.64
N LEU D 374 -36.91 23.99 -4.61
CA LEU D 374 -37.52 24.15 -3.30
C LEU D 374 -38.29 25.47 -3.31
N LEU D 375 -39.62 25.40 -3.20
CA LEU D 375 -40.47 26.58 -3.35
C LEU D 375 -40.84 27.22 -2.02
N THR D 376 -41.04 26.45 -0.96
CA THR D 376 -41.23 27.03 0.36
C THR D 376 -40.58 26.10 1.37
N ASN D 377 -40.23 26.67 2.50
CA ASN D 377 -39.59 25.89 3.57
C ASN D 377 -39.69 26.70 4.85
N ASP D 378 -40.42 26.19 5.83
CA ASP D 378 -40.53 26.89 7.10
C ASP D 378 -39.39 26.55 8.05
N GLY D 379 -38.42 25.76 7.61
CA GLY D 379 -37.30 25.33 8.43
C GLY D 379 -37.26 23.86 8.69
N THR D 380 -38.37 23.16 8.40
CA THR D 380 -38.39 21.72 8.54
C THR D 380 -37.31 21.05 7.68
N LEU D 381 -37.00 21.62 6.51
CA LEU D 381 -35.96 21.04 5.66
C LEU D 381 -34.63 21.77 5.81
N PRO D 382 -33.47 21.08 5.74
CA PRO D 382 -33.31 19.63 5.58
C PRO D 382 -33.74 18.87 6.82
N PHE D 383 -34.43 17.75 6.64
CA PHE D 383 -35.09 17.08 7.76
C PHE D 383 -34.09 16.65 8.82
N ALA D 384 -34.46 16.84 10.09
CA ALA D 384 -33.63 16.53 11.25
C ALA D 384 -32.29 17.26 11.22
N GLY D 385 -32.24 18.40 10.53
CA GLY D 385 -31.01 19.16 10.41
C GLY D 385 -30.13 18.73 9.27
N GLY D 386 -30.46 17.65 8.58
CA GLY D 386 -29.60 17.27 7.48
C GLY D 386 -28.77 16.05 7.84
N LEU D 387 -28.48 15.25 6.82
CA LEU D 387 -27.78 14.00 7.03
C LEU D 387 -26.50 14.01 6.21
N ASP D 388 -25.62 13.08 6.55
CA ASP D 388 -24.43 12.80 5.76
C ASP D 388 -24.39 11.32 5.41
N ARG D 389 -23.65 11.01 4.36
CA ARG D 389 -23.35 9.62 4.07
C ARG D 389 -22.09 9.22 4.84
N ALA D 390 -21.92 7.90 5.02
CA ALA D 390 -20.66 7.38 5.55
C ALA D 390 -19.49 7.97 4.77
N ALA D 391 -18.60 8.68 5.49
CA ALA D 391 -17.62 9.55 4.85
C ALA D 391 -16.75 8.81 3.84
N PRO D 394 -18.93 7.53 -1.44
CA PRO D 394 -19.82 8.40 -2.21
C PRO D 394 -20.94 7.43 -2.61
N ASP D 395 -22.17 7.93 -2.77
CA ASP D 395 -23.32 7.00 -3.02
C ASP D 395 -23.38 6.04 -1.82
N GLY D 396 -24.58 5.55 -1.51
CA GLY D 396 -24.73 4.74 -0.32
C GLY D 396 -25.68 5.34 0.71
N ARG D 397 -26.13 4.52 1.65
CA ARG D 397 -27.17 4.89 2.61
C ARG D 397 -26.68 5.93 3.62
N ALA D 398 -27.59 6.80 4.05
CA ALA D 398 -27.22 7.88 4.94
C ALA D 398 -27.06 7.40 6.38
N LEU D 399 -26.25 8.13 7.13
CA LEU D 399 -26.05 7.86 8.55
C LEU D 399 -27.07 8.65 9.37
N ALA D 400 -27.61 8.02 10.41
CA ALA D 400 -28.53 8.73 11.30
C ALA D 400 -27.84 9.98 11.85
N PRO D 401 -28.48 11.13 11.84
CA PRO D 401 -27.83 12.35 12.33
C PRO D 401 -27.90 12.44 13.84
N ALA D 402 -26.97 13.22 14.40
CA ALA D 402 -26.96 13.49 15.82
C ALA D 402 -28.36 13.88 16.28
N GLY D 403 -28.81 13.22 17.34
CA GLY D 403 -30.09 13.55 17.95
C GLY D 403 -31.33 13.05 17.24
N ALA D 404 -31.21 12.11 16.30
CA ALA D 404 -32.37 11.58 15.57
C ALA D 404 -32.10 10.12 15.19
N PRO D 405 -32.10 9.22 16.18
CA PRO D 405 -31.71 7.83 15.90
C PRO D 405 -32.78 7.07 15.14
N ALA D 406 -34.05 7.29 15.51
CA ALA D 406 -35.19 6.61 14.93
C ALA D 406 -36.21 7.65 14.50
N ARG D 407 -36.43 7.76 13.20
CA ARG D 407 -37.49 8.57 12.62
C ARG D 407 -38.30 7.69 11.69
N THR D 408 -39.57 8.02 11.53
CA THR D 408 -40.42 7.39 10.53
C THR D 408 -40.83 8.45 9.51
N ILE D 409 -40.66 8.13 8.23
CA ILE D 409 -41.10 8.99 7.14
C ILE D 409 -42.25 8.30 6.44
N ALA D 410 -43.38 8.99 6.36
CA ALA D 410 -44.57 8.49 5.68
C ALA D 410 -44.60 9.11 4.28
N VAL D 411 -44.44 8.28 3.26
CA VAL D 411 -44.46 8.71 1.87
C VAL D 411 -45.84 8.37 1.30
N VAL D 412 -46.67 9.40 1.10
CA VAL D 412 -48.06 9.22 0.74
C VAL D 412 -48.34 9.93 -0.59
N GLY D 413 -49.52 9.69 -1.14
CA GLY D 413 -49.89 10.36 -2.36
C GLY D 413 -49.84 9.47 -3.59
N PRO D 414 -50.65 9.83 -4.59
CA PRO D 414 -50.77 8.96 -5.78
C PRO D 414 -49.51 8.87 -6.64
N ASN D 415 -48.65 9.90 -6.65
CA ASN D 415 -47.44 9.90 -7.47
C ASN D 415 -46.20 9.47 -6.70
N ALA D 416 -46.36 8.94 -5.48
CA ALA D 416 -45.20 8.61 -4.65
C ALA D 416 -44.48 7.35 -5.13
N ASP D 417 -45.19 6.42 -5.76
CA ASP D 417 -44.58 5.25 -6.36
C ASP D 417 -45.05 5.05 -7.79
N ASP D 418 -45.37 6.15 -8.49
CA ASP D 418 -45.84 6.08 -9.87
C ASP D 418 -44.67 6.32 -10.82
N ASP D 419 -43.90 5.26 -10.98
CA ASP D 419 -43.13 4.90 -12.16
C ASP D 419 -43.44 5.73 -13.42
N HIS D 420 -44.61 5.52 -14.03
CA HIS D 420 -44.86 6.11 -15.35
C HIS D 420 -45.04 7.62 -15.27
N THR D 421 -45.72 8.11 -14.23
CA THR D 421 -45.96 9.55 -14.16
C THR D 421 -44.66 10.32 -13.91
N GLN D 422 -43.70 9.70 -13.25
CA GLN D 422 -42.44 10.36 -13.00
C GLN D 422 -41.67 10.60 -14.30
N LEU D 423 -41.81 9.70 -15.28
CA LEU D 423 -41.12 9.89 -16.53
C LEU D 423 -41.82 10.91 -17.43
N GLY D 424 -43.11 11.13 -17.23
CA GLY D 424 -43.83 12.12 -18.01
C GLY D 424 -44.14 11.66 -19.42
N ASP D 425 -44.65 12.62 -20.19
CA ASP D 425 -45.03 12.38 -21.58
C ASP D 425 -43.78 12.20 -22.44
N TRP D 426 -43.98 11.64 -23.62
CA TRP D 426 -42.92 11.32 -24.60
C TRP D 426 -41.83 10.47 -23.97
N ALA D 427 -42.26 9.37 -23.36
CA ALA D 427 -41.38 8.38 -22.76
C ALA D 427 -42.22 7.15 -22.51
N GLY D 428 -41.66 5.99 -22.79
CA GLY D 428 -42.28 4.72 -22.43
C GLY D 428 -43.73 4.54 -22.86
N ALA D 429 -44.61 4.36 -21.88
CA ALA D 429 -46.00 4.03 -22.15
C ALA D 429 -46.88 5.28 -22.33
N SER D 430 -46.28 6.44 -22.59
CA SER D 430 -47.06 7.67 -22.67
C SER D 430 -48.12 7.64 -23.77
N GLY D 431 -48.06 6.69 -24.70
CA GLY D 431 -49.13 6.49 -25.66
C GLY D 431 -48.72 6.65 -27.12
N GLN D 432 -47.54 7.18 -27.43
CA GLN D 432 -47.13 7.39 -28.82
C GLN D 432 -46.42 6.19 -29.42
N ALA D 433 -46.02 5.23 -28.58
CA ALA D 433 -45.39 3.97 -29.00
C ALA D 433 -46.30 2.81 -28.58
N ASP D 434 -46.94 2.18 -29.55
CA ASP D 434 -47.75 1.00 -29.27
C ASP D 434 -46.93 -0.23 -28.89
N TRP D 435 -45.60 -0.20 -29.05
CA TRP D 435 -44.73 -1.34 -28.74
C TRP D 435 -44.12 -1.29 -27.34
N LEU D 436 -44.49 -0.31 -26.49
CA LEU D 436 -44.10 -0.26 -25.08
C LEU D 436 -45.33 -0.21 -24.19
N PRO D 437 -46.17 -1.26 -24.22
CA PRO D 437 -47.42 -1.20 -23.44
C PRO D 437 -47.19 -1.12 -21.95
N ASP D 438 -46.04 -1.62 -21.47
CA ASP D 438 -45.69 -1.63 -20.06
C ASP D 438 -44.73 -0.52 -19.68
N GLY D 439 -44.27 0.28 -20.65
CA GLY D 439 -43.29 1.32 -20.39
C GLY D 439 -41.87 0.78 -20.28
N HIS D 440 -41.03 1.58 -19.68
CA HIS D 440 -39.67 1.16 -19.39
C HIS D 440 -39.66 0.23 -18.17
N PRO D 441 -38.61 -0.57 -18.01
CA PRO D 441 -38.54 -1.46 -16.84
C PRO D 441 -38.60 -0.66 -15.54
N ARG D 442 -39.52 -1.06 -14.66
CA ARG D 442 -39.65 -0.53 -13.31
C ARG D 442 -38.29 -0.40 -12.63
N GLU D 443 -37.48 -1.43 -12.78
CA GLU D 443 -36.14 -1.48 -12.20
C GLU D 443 -35.32 -0.22 -12.45
N MET D 444 -35.55 0.48 -13.55
CA MET D 444 -34.68 1.57 -13.94
C MET D 444 -35.06 2.89 -13.31
N THR D 445 -36.21 2.97 -12.66
CA THR D 445 -36.69 4.21 -12.09
C THR D 445 -36.68 4.13 -10.57
N THR D 446 -36.05 5.09 -9.94
CA THR D 446 -36.17 5.33 -8.50
C THR D 446 -37.34 6.27 -8.29
N THR D 447 -38.45 5.76 -7.78
CA THR D 447 -39.53 6.65 -7.40
C THR D 447 -39.17 7.38 -6.12
N VAL D 448 -40.06 8.29 -5.70
CA VAL D 448 -39.86 8.95 -4.40
C VAL D 448 -39.84 7.92 -3.28
N LEU D 449 -40.83 7.01 -3.29
CA LEU D 449 -40.82 5.95 -2.28
C LEU D 449 -39.49 5.20 -2.28
N ASP D 450 -39.01 4.79 -3.46
CA ASP D 450 -37.75 4.06 -3.55
C ASP D 450 -36.61 4.86 -2.95
N GLY D 451 -36.52 6.14 -3.32
CA GLY D 451 -35.40 6.95 -2.88
C GLY D 451 -35.30 6.97 -1.37
N PHE D 452 -36.44 7.16 -0.71
CA PHE D 452 -36.45 7.18 0.74
C PHE D 452 -36.11 5.83 1.31
N ARG D 453 -36.66 4.74 0.75
CA ARG D 453 -36.28 3.43 1.26
C ARG D 453 -34.78 3.18 1.08
N ALA D 454 -34.21 3.63 -0.04
CA ALA D 454 -32.79 3.37 -0.29
C ALA D 454 -31.86 4.26 0.55
N LEU D 455 -32.27 5.49 0.88
CA LEU D 455 -31.35 6.41 1.53
C LEU D 455 -31.57 6.57 3.03
N ALA D 456 -32.72 6.19 3.56
CA ALA D 456 -32.97 6.41 4.97
C ALA D 456 -31.96 5.62 5.80
N PRO D 457 -31.43 6.21 6.89
CA PRO D 457 -30.52 5.46 7.78
C PRO D 457 -31.10 4.15 8.28
N GLU D 458 -30.22 3.25 8.73
CA GLU D 458 -30.63 1.91 9.11
C GLU D 458 -31.74 1.91 10.17
N GLY D 459 -31.62 2.75 11.20
CA GLY D 459 -32.63 2.78 12.23
C GLY D 459 -33.89 3.59 11.94
N TRP D 460 -34.05 4.13 10.74
CA TRP D 460 -35.28 4.80 10.38
C TRP D 460 -36.20 3.84 9.65
N ALA D 461 -37.44 4.27 9.45
CA ALA D 461 -38.48 3.48 8.80
C ALA D 461 -39.15 4.33 7.74
N VAL D 462 -39.51 3.71 6.61
CA VAL D 462 -40.20 4.41 5.55
C VAL D 462 -41.51 3.67 5.29
N THR D 463 -42.62 4.31 5.61
CA THR D 463 -43.94 3.75 5.36
C THR D 463 -44.55 4.40 4.13
N HIS D 464 -45.62 3.78 3.65
CA HIS D 464 -46.23 4.16 2.38
C HIS D 464 -47.75 4.05 2.46
N ALA D 465 -48.43 4.95 1.79
CA ALA D 465 -49.90 4.91 1.74
C ALA D 465 -50.32 5.71 0.53
N ARG D 466 -50.86 5.04 -0.48
CA ARG D 466 -51.63 5.77 -1.48
C ARG D 466 -52.68 6.57 -0.73
N GLY D 467 -52.80 7.84 -1.06
CA GLY D 467 -53.70 8.54 -0.16
C GLY D 467 -54.92 8.99 -0.90
N ALA D 468 -54.76 9.03 -2.21
CA ALA D 468 -55.80 9.50 -3.09
C ALA D 468 -55.61 8.84 -4.44
N ASP D 469 -56.71 8.72 -5.17
CA ASP D 469 -56.64 8.49 -6.59
C ASP D 469 -56.86 9.81 -7.31
N ILE D 470 -56.37 9.90 -8.53
CA ILE D 470 -56.60 11.07 -9.35
C ILE D 470 -57.84 10.89 -10.23
N LEU D 471 -57.92 9.81 -11.00
CA LEU D 471 -58.97 9.75 -12.00
C LEU D 471 -59.25 8.29 -12.40
N THR D 472 -60.37 8.13 -13.13
CA THR D 472 -60.66 6.97 -13.97
C THR D 472 -61.19 7.49 -15.30
N LEU D 473 -61.30 6.58 -16.27
CA LEU D 473 -61.85 6.86 -17.59
C LEU D 473 -63.25 6.27 -17.73
N ALA D 474 -64.08 6.95 -18.49
CA ALA D 474 -65.44 6.50 -18.78
C ALA D 474 -65.84 7.12 -20.11
N PRO D 475 -66.87 6.63 -20.81
CA PRO D 475 -67.34 7.35 -22.01
C PRO D 475 -68.40 8.40 -21.65
N ASP D 476 -68.72 9.29 -22.60
CA ASP D 476 -69.86 10.24 -22.37
C ASP D 476 -70.53 10.56 -23.71
N GLN D 490 -63.52 7.36 -22.69
CA GLN D 490 -62.58 8.23 -23.38
C GLN D 490 -62.37 9.53 -22.60
N VAL D 491 -63.17 9.78 -21.56
CA VAL D 491 -63.13 11.04 -20.84
C VAL D 491 -62.75 10.82 -19.38
N VAL D 492 -61.98 11.77 -18.85
CA VAL D 492 -61.50 11.68 -17.49
C VAL D 492 -62.66 11.88 -16.53
N VAL D 493 -62.80 10.97 -15.58
CA VAL D 493 -63.70 11.15 -14.46
C VAL D 493 -62.82 11.39 -13.23
N PRO D 494 -62.88 12.57 -12.63
CA PRO D 494 -62.08 12.81 -11.41
C PRO D 494 -62.55 11.91 -10.28
N ALA D 495 -61.60 11.19 -9.69
CA ALA D 495 -61.91 10.34 -8.55
C ALA D 495 -62.52 11.16 -7.41
N ALA D 496 -63.49 10.56 -6.72
CA ALA D 496 -63.98 11.15 -5.49
C ALA D 496 -62.91 11.03 -4.40
N PRO D 497 -62.87 12.00 -3.47
CA PRO D 497 -62.16 11.75 -2.20
C PRO D 497 -62.64 10.44 -1.59
N ASP D 498 -61.70 9.70 -1.01
CA ASP D 498 -61.95 8.33 -0.56
C ASP D 498 -61.65 8.27 0.92
N ASP D 499 -62.71 8.11 1.73
CA ASP D 499 -62.55 8.22 3.18
C ASP D 499 -61.60 7.17 3.73
N ALA D 500 -61.75 5.92 3.29
CA ALA D 500 -60.90 4.85 3.81
C ALA D 500 -59.45 5.05 3.38
N LEU D 501 -59.25 5.56 2.17
CA LEU D 501 -57.90 5.78 1.66
C LEU D 501 -57.23 6.94 2.38
N ILE D 502 -57.96 8.04 2.57
CA ILE D 502 -57.43 9.17 3.32
C ILE D 502 -57.12 8.76 4.75
N ALA D 503 -58.02 8.02 5.40
CA ALA D 503 -57.79 7.61 6.78
C ALA D 503 -56.52 6.77 6.92
N GLU D 504 -56.25 5.92 5.95
CA GLU D 504 -55.03 5.12 5.99
C GLU D 504 -53.77 5.98 5.84
N ALA D 505 -53.83 7.03 5.02
CA ALA D 505 -52.70 7.94 4.93
C ALA D 505 -52.60 8.81 6.17
N VAL D 506 -53.74 9.22 6.72
CA VAL D 506 -53.73 10.02 7.94
C VAL D 506 -53.14 9.23 9.09
N ALA D 507 -53.51 7.95 9.20
CA ALA D 507 -52.96 7.14 10.29
C ALA D 507 -51.46 6.93 10.11
N ALA D 508 -50.99 6.77 8.87
CA ALA D 508 -49.54 6.66 8.66
C ALA D 508 -48.82 7.95 9.05
N ALA D 509 -49.36 9.10 8.64
CA ALA D 509 -48.78 10.38 9.04
C ALA D 509 -48.83 10.58 10.56
N ARG D 510 -49.90 10.15 11.22
CA ARG D 510 -49.94 10.36 12.65
C ARG D 510 -48.94 9.48 13.38
N ASP D 511 -48.41 8.47 12.72
CA ASP D 511 -47.44 7.60 13.37
C ASP D 511 -46.07 7.81 12.76
N ALA D 512 -45.82 9.02 12.26
CA ALA D 512 -44.60 9.33 11.54
C ALA D 512 -44.07 10.68 11.99
N ASP D 513 -42.80 10.93 11.67
CA ASP D 513 -42.18 12.21 11.95
C ASP D 513 -42.26 13.16 10.78
N LEU D 514 -42.48 12.63 9.57
CA LEU D 514 -42.55 13.47 8.40
C LEU D 514 -43.49 12.77 7.44
N ALA D 515 -44.39 13.54 6.84
CA ALA D 515 -45.23 13.07 5.75
C ALA D 515 -44.77 13.77 4.48
N VAL D 516 -44.34 12.97 3.50
CA VAL D 516 -43.99 13.44 2.17
C VAL D 516 -45.14 13.09 1.23
N ALA D 517 -45.85 14.10 0.77
CA ALA D 517 -47.04 13.95 -0.04
C ALA D 517 -46.67 14.21 -1.50
N VAL D 518 -46.69 13.16 -2.31
CA VAL D 518 -46.31 13.28 -3.72
C VAL D 518 -47.59 13.38 -4.54
N VAL D 519 -47.87 14.59 -5.04
CA VAL D 519 -49.10 14.90 -5.76
C VAL D 519 -48.75 15.40 -7.16
N GLY D 520 -49.76 15.56 -8.00
CA GLY D 520 -49.57 16.14 -9.31
C GLY D 520 -50.61 15.66 -10.30
N ASP D 521 -50.18 15.45 -11.54
CA ASP D 521 -51.08 15.03 -12.61
C ASP D 521 -50.61 13.66 -13.15
N ARG D 522 -51.17 13.25 -14.29
CA ARG D 522 -50.74 12.04 -14.97
C ARG D 522 -51.18 12.15 -16.43
N ILE D 523 -50.93 11.07 -17.16
CA ILE D 523 -50.81 11.16 -18.62
C ILE D 523 -52.15 11.59 -19.25
N GLU D 524 -53.26 11.10 -18.72
CA GLU D 524 -54.55 11.50 -19.28
C GLU D 524 -54.87 12.98 -19.06
N LEU D 525 -54.08 13.70 -18.25
CA LEU D 525 -54.27 15.15 -18.08
C LEU D 525 -53.17 15.95 -18.75
N VAL D 526 -52.41 15.34 -19.65
CA VAL D 526 -51.17 15.91 -20.17
C VAL D 526 -51.09 15.63 -21.67
N GLY D 527 -50.51 16.55 -22.41
CA GLY D 527 -50.08 16.26 -23.78
C GLY D 527 -51.05 16.69 -24.87
N GLU D 528 -50.84 16.07 -26.04
CA GLU D 528 -51.62 16.43 -27.23
C GLU D 528 -53.09 16.13 -27.02
N GLY D 529 -53.94 17.05 -27.47
CA GLY D 529 -55.36 16.91 -27.24
C GLY D 529 -55.80 16.91 -25.79
N ARG D 530 -54.87 17.12 -24.84
CA ARG D 530 -55.21 17.04 -23.42
C ARG D 530 -54.84 18.34 -22.67
N SER D 531 -55.31 19.48 -23.17
CA SER D 531 -55.18 20.71 -22.41
C SER D 531 -56.09 20.67 -21.19
N THR D 532 -55.76 21.45 -20.18
CA THR D 532 -56.59 21.53 -18.97
C THR D 532 -57.07 22.96 -18.76
N ALA D 533 -58.23 23.09 -18.13
CA ALA D 533 -58.83 24.40 -17.94
C ALA D 533 -58.57 24.98 -16.56
N THR D 534 -58.58 24.15 -15.52
CA THR D 534 -58.60 24.66 -14.14
C THR D 534 -57.21 24.77 -13.54
N LEU D 535 -56.27 23.96 -14.02
CA LEU D 535 -54.91 23.84 -13.53
C LEU D 535 -54.83 23.27 -12.12
N GLU D 536 -55.92 22.73 -11.59
CA GLU D 536 -55.89 22.27 -10.22
C GLU D 536 -55.51 20.81 -10.14
N LEU D 537 -55.15 20.37 -8.92
CA LEU D 537 -55.01 18.94 -8.64
C LEU D 537 -56.36 18.24 -8.77
N VAL D 538 -56.37 17.19 -9.57
CA VAL D 538 -57.58 16.44 -9.90
C VAL D 538 -57.77 15.32 -8.89
N GLY D 539 -59.03 15.02 -8.56
CA GLY D 539 -59.39 13.87 -7.75
C GLY D 539 -59.31 14.09 -6.26
N GLY D 540 -58.91 13.05 -5.53
CA GLY D 540 -58.84 13.11 -4.08
C GLY D 540 -57.65 13.84 -3.51
N GLN D 541 -56.83 14.48 -4.34
CA GLN D 541 -55.55 15.03 -3.88
C GLN D 541 -55.76 16.17 -2.89
N VAL D 542 -56.67 17.10 -3.20
CA VAL D 542 -56.87 18.23 -2.31
C VAL D 542 -57.37 17.76 -0.95
N ALA D 543 -58.31 16.82 -0.93
CA ALA D 543 -58.79 16.26 0.32
C ALA D 543 -57.67 15.57 1.09
N LEU D 544 -56.78 14.87 0.39
CA LEU D 544 -55.64 14.25 1.07
C LEU D 544 -54.74 15.30 1.70
N LEU D 545 -54.40 16.35 0.94
CA LEU D 545 -53.53 17.38 1.50
C LEU D 545 -54.18 18.07 2.69
N ASP D 546 -55.46 18.43 2.58
CA ASP D 546 -56.13 19.05 3.72
C ASP D 546 -56.00 18.18 4.96
N ALA D 547 -56.21 16.87 4.82
CA ALA D 547 -56.27 16.00 5.98
C ALA D 547 -54.88 15.71 6.55
N LEU D 548 -53.85 15.65 5.70
CA LEU D 548 -52.49 15.43 6.18
C LEU D 548 -51.99 16.63 6.97
N VAL D 549 -52.25 17.83 6.47
CA VAL D 549 -51.80 19.02 7.18
C VAL D 549 -52.42 19.05 8.58
N ALA D 550 -53.69 18.65 8.69
CA ALA D 550 -54.40 18.73 9.96
C ALA D 550 -53.87 17.77 11.02
N THR D 551 -53.06 16.76 10.65
CA THR D 551 -52.56 15.84 11.67
C THR D 551 -51.55 16.46 12.63
N GLY D 552 -50.88 17.54 12.25
CA GLY D 552 -49.79 18.06 13.04
C GLY D 552 -48.43 17.47 12.70
N THR D 553 -48.38 16.42 11.93
CA THR D 553 -47.08 15.97 11.44
C THR D 553 -46.61 16.88 10.31
N PRO D 554 -45.34 17.29 10.32
CA PRO D 554 -44.85 18.17 9.24
C PRO D 554 -45.02 17.50 7.88
N VAL D 555 -45.60 18.25 6.94
CA VAL D 555 -45.93 17.77 5.60
C VAL D 555 -45.03 18.45 4.58
N VAL D 556 -44.31 17.66 3.81
CA VAL D 556 -43.59 18.15 2.64
C VAL D 556 -44.41 17.79 1.40
N VAL D 557 -44.86 18.78 0.65
CA VAL D 557 -45.55 18.55 -0.62
C VAL D 557 -44.51 18.49 -1.73
N VAL D 558 -44.47 17.36 -2.44
CA VAL D 558 -43.65 17.18 -3.63
C VAL D 558 -44.55 17.08 -4.85
N VAL D 559 -44.37 17.98 -5.81
CA VAL D 559 -45.24 18.04 -6.98
C VAL D 559 -44.52 17.39 -8.15
N VAL D 560 -44.98 16.19 -8.51
CA VAL D 560 -44.55 15.50 -9.73
C VAL D 560 -45.66 15.71 -10.74
N ALA D 561 -45.44 16.62 -11.69
CA ALA D 561 -46.51 17.03 -12.59
C ALA D 561 -45.88 17.56 -13.84
N SER D 562 -46.66 17.56 -14.93
CA SER D 562 -46.09 17.97 -16.21
C SER D 562 -45.93 19.48 -16.28
N LYS D 563 -46.64 20.24 -15.45
CA LYS D 563 -46.73 21.67 -15.67
C LYS D 563 -47.22 22.34 -14.40
N PRO D 564 -46.95 23.63 -14.23
CA PRO D 564 -47.35 24.29 -12.98
C PRO D 564 -48.84 24.14 -12.72
N LEU D 565 -49.16 23.76 -11.50
CA LEU D 565 -50.53 23.59 -11.07
C LEU D 565 -50.87 24.61 -9.98
N VAL D 566 -52.15 24.98 -9.93
CA VAL D 566 -52.68 25.75 -8.82
C VAL D 566 -52.72 24.86 -7.59
N LEU D 567 -52.07 25.28 -6.55
CA LEU D 567 -52.06 24.40 -5.39
C LEU D 567 -53.07 24.86 -4.34
N PRO D 568 -53.67 23.93 -3.61
CA PRO D 568 -54.70 24.30 -2.62
C PRO D 568 -54.09 25.07 -1.45
N PRO D 569 -54.92 25.83 -0.71
CA PRO D 569 -54.40 26.54 0.48
C PRO D 569 -53.67 25.63 1.46
N SER D 570 -54.16 24.41 1.66
CA SER D 570 -53.48 23.48 2.56
C SER D 570 -52.03 23.26 2.17
N ALA D 571 -51.70 23.33 0.87
CA ALA D 571 -50.30 23.18 0.46
C ALA D 571 -49.49 24.42 0.84
N HIS D 572 -50.09 25.59 0.72
CA HIS D 572 -49.40 26.80 1.15
C HIS D 572 -49.21 26.87 2.66
N ALA D 573 -49.91 26.02 3.41
CA ALA D 573 -49.73 25.91 4.85
C ALA D 573 -48.86 24.71 5.24
N ALA D 574 -48.37 23.95 4.26
CA ALA D 574 -47.53 22.80 4.57
C ALA D 574 -46.13 23.28 4.91
N ALA D 575 -45.34 22.37 5.48
CA ALA D 575 -44.00 22.72 5.93
C ALA D 575 -43.10 23.14 4.76
N ALA D 576 -43.25 22.50 3.60
CA ALA D 576 -42.36 22.80 2.49
C ALA D 576 -43.01 22.27 1.22
N VAL D 577 -42.62 22.87 0.09
CA VAL D 577 -43.14 22.51 -1.21
C VAL D 577 -41.97 22.38 -2.18
N VAL D 578 -41.87 21.23 -2.84
CA VAL D 578 -40.84 20.97 -3.84
C VAL D 578 -41.51 20.77 -5.18
N TRP D 579 -41.02 21.47 -6.19
CA TRP D 579 -41.48 21.30 -7.57
C TRP D 579 -40.51 20.38 -8.30
N ALA D 580 -41.01 19.25 -8.82
CA ALA D 580 -40.12 18.28 -9.42
C ALA D 580 -40.30 18.10 -10.93
N ALA D 581 -41.41 18.55 -11.51
CA ALA D 581 -41.67 18.56 -12.96
C ALA D 581 -41.33 17.28 -13.71
N ASN D 582 -41.89 16.14 -13.32
CA ASN D 582 -41.43 14.91 -14.05
C ASN D 582 -39.90 14.81 -14.12
N PRO D 583 -39.24 14.37 -13.06
CA PRO D 583 -37.77 14.46 -13.06
C PRO D 583 -37.02 13.24 -13.62
N GLY D 584 -37.67 12.41 -14.43
CA GLY D 584 -36.96 11.30 -15.05
C GLY D 584 -36.62 10.17 -14.08
N MET D 585 -35.70 9.31 -14.53
CA MET D 585 -35.53 8.00 -13.89
C MET D 585 -34.86 8.10 -12.52
N ARG D 586 -34.06 9.12 -12.28
CA ARG D 586 -33.39 9.25 -10.98
C ARG D 586 -34.09 10.25 -10.06
N GLY D 587 -35.26 10.77 -10.44
CA GLY D 587 -35.83 11.90 -9.72
C GLY D 587 -36.16 11.57 -8.28
N GLY D 588 -36.61 10.33 -8.03
CA GLY D 588 -36.90 9.93 -6.68
C GLY D 588 -35.67 9.90 -5.79
N GLN D 589 -34.53 9.48 -6.35
CA GLN D 589 -33.30 9.58 -5.57
C GLN D 589 -33.02 11.02 -5.20
N ALA D 590 -33.14 11.93 -6.18
CA ALA D 590 -32.85 13.33 -5.93
C ALA D 590 -33.84 13.98 -4.97
N VAL D 591 -35.11 13.57 -5.00
CA VAL D 591 -36.08 14.10 -4.03
C VAL D 591 -35.73 13.66 -2.63
N ALA D 592 -35.41 12.36 -2.46
CA ALA D 592 -34.97 11.87 -1.16
C ALA D 592 -33.74 12.65 -0.67
N GLU D 593 -32.74 12.82 -1.55
CA GLU D 593 -31.52 13.51 -1.15
C GLU D 593 -31.78 14.94 -0.73
N LEU D 594 -32.61 15.66 -1.50
CA LEU D 594 -32.92 17.04 -1.17
C LEU D 594 -33.56 17.13 0.21
N VAL D 595 -34.59 16.31 0.45
CA VAL D 595 -35.33 16.37 1.70
C VAL D 595 -34.41 16.04 2.87
N LEU D 596 -33.46 15.14 2.66
CA LEU D 596 -32.57 14.70 3.73
C LEU D 596 -31.29 15.54 3.84
N GLY D 597 -31.09 16.53 2.97
CA GLY D 597 -29.90 17.35 3.03
C GLY D 597 -28.64 16.72 2.48
N LEU D 598 -28.70 15.57 1.81
CA LEU D 598 -27.54 15.08 1.11
C LEU D 598 -27.16 15.94 -0.09
N ILE D 599 -28.07 16.77 -0.61
CA ILE D 599 -27.71 17.77 -1.61
C ILE D 599 -28.29 19.13 -1.22
N GLU D 600 -27.72 20.17 -1.79
CA GLU D 600 -28.29 21.52 -1.65
C GLU D 600 -29.26 21.79 -2.79
N PRO D 601 -30.39 22.47 -2.52
CA PRO D 601 -31.28 22.86 -3.61
C PRO D 601 -30.55 23.82 -4.55
N GLU D 602 -30.79 23.66 -5.84
CA GLU D 602 -30.22 24.57 -6.84
C GLU D 602 -31.23 25.06 -7.87
N GLY D 603 -32.34 24.36 -8.10
CA GLY D 603 -33.22 24.71 -9.19
C GLY D 603 -33.90 26.06 -8.99
N ARG D 604 -34.27 26.65 -10.12
CA ARG D 604 -34.92 27.96 -10.18
C ARG D 604 -35.98 27.86 -11.25
N LEU D 605 -37.18 28.34 -10.96
CA LEU D 605 -38.30 28.15 -11.87
C LEU D 605 -37.98 28.73 -13.25
N PRO D 606 -38.15 27.95 -14.32
CA PRO D 606 -38.12 28.50 -15.69
C PRO D 606 -39.47 28.96 -16.20
N ILE D 607 -40.45 29.04 -15.31
CA ILE D 607 -41.84 29.33 -15.66
C ILE D 607 -42.50 29.84 -14.39
N SER D 608 -43.53 30.65 -14.53
CA SER D 608 -44.29 31.20 -13.40
C SER D 608 -45.54 30.34 -13.11
N PHE D 609 -45.93 30.26 -11.84
CA PHE D 609 -47.13 29.53 -11.46
C PHE D 609 -48.30 30.50 -11.22
N ALA D 610 -49.40 30.27 -11.91
CA ALA D 610 -50.57 31.09 -11.71
C ALA D 610 -51.26 30.74 -10.37
N ARG D 611 -51.99 31.72 -9.84
CA ARG D 611 -52.83 31.47 -8.68
C ARG D 611 -54.20 30.91 -9.06
N HIS D 612 -54.59 31.07 -10.31
CA HIS D 612 -55.89 30.69 -10.85
C HIS D 612 -55.78 30.81 -12.36
N ALA D 613 -56.48 29.94 -13.08
CA ALA D 613 -56.39 29.99 -14.54
C ALA D 613 -56.76 31.38 -15.07
N GLY D 614 -57.79 32.01 -14.46
CA GLY D 614 -58.21 33.35 -14.83
C GLY D 614 -57.20 34.46 -14.54
N GLN D 615 -56.08 34.12 -13.90
CA GLN D 615 -55.05 35.11 -13.62
C GLN D 615 -54.17 35.41 -14.83
N GLN D 616 -54.18 34.54 -15.83
CA GLN D 616 -53.22 34.62 -16.93
C GLN D 616 -53.44 35.85 -17.80
N PRO D 617 -52.36 36.38 -18.42
CA PRO D 617 -50.98 35.89 -18.43
C PRO D 617 -50.24 36.12 -17.12
N THR D 618 -49.47 35.10 -16.73
CA THR D 618 -48.66 35.17 -15.53
C THR D 618 -47.17 35.09 -15.83
N TYR D 619 -46.77 35.01 -17.09
CA TYR D 619 -45.35 35.02 -17.42
C TYR D 619 -44.77 36.39 -17.08
N TYR D 620 -43.47 36.41 -16.75
CA TYR D 620 -42.86 37.58 -16.12
C TYR D 620 -42.66 38.74 -17.09
N ASN D 621 -42.56 38.49 -18.40
CA ASN D 621 -42.27 39.56 -19.36
C ASN D 621 -43.54 40.10 -19.99
N VAL D 622 -44.47 40.56 -19.17
CA VAL D 622 -45.75 41.08 -19.66
C VAL D 622 -45.55 42.46 -20.29
N VAL D 623 -46.22 42.68 -21.43
CA VAL D 623 -46.20 43.97 -22.12
C VAL D 623 -46.89 45.03 -21.26
N ARG D 624 -46.23 46.19 -21.10
CA ARG D 624 -46.76 47.28 -20.28
C ARG D 624 -48.07 47.81 -20.83
N GLY D 625 -48.83 48.47 -19.96
CA GLY D 625 -49.95 49.25 -20.48
C GLY D 625 -51.24 49.29 -19.69
N GLN D 626 -51.52 48.34 -18.80
CA GLN D 626 -52.88 48.26 -18.29
C GLN D 626 -53.24 49.39 -17.32
N HIS D 627 -54.54 49.65 -17.24
CA HIS D 627 -55.15 50.56 -16.28
C HIS D 627 -55.40 49.75 -15.03
N GLY D 628 -54.55 49.89 -14.03
CA GLY D 628 -54.66 49.16 -12.79
C GLY D 628 -53.58 48.09 -12.67
N VAL D 629 -53.50 47.52 -11.47
CA VAL D 629 -52.42 46.60 -11.11
C VAL D 629 -52.92 45.21 -10.72
N ARG D 630 -54.23 45.00 -10.65
CA ARG D 630 -54.76 43.77 -10.09
C ARG D 630 -56.15 43.58 -10.63
N TYR D 631 -56.61 42.35 -10.59
CA TYR D 631 -58.03 42.11 -10.76
C TYR D 631 -58.77 42.53 -9.48
N ALA D 632 -60.03 42.94 -9.64
CA ALA D 632 -60.80 43.32 -8.47
C ALA D 632 -60.92 42.17 -7.46
N ASP D 633 -60.84 40.92 -7.93
CA ASP D 633 -61.05 39.77 -7.04
C ASP D 633 -59.77 38.97 -6.79
N LEU D 634 -58.62 39.49 -7.19
CA LEU D 634 -57.40 38.68 -7.21
C LEU D 634 -56.19 39.51 -7.62
N THR D 635 -55.13 39.43 -6.83
CA THR D 635 -53.83 39.98 -7.20
C THR D 635 -53.35 39.40 -8.54
N GLN D 636 -52.50 40.17 -9.24
CA GLN D 636 -51.81 39.69 -10.44
C GLN D 636 -50.42 39.11 -10.14
N SER D 637 -49.97 39.17 -8.90
CA SER D 637 -48.77 38.46 -8.47
C SER D 637 -48.90 36.95 -8.71
N PRO D 638 -47.95 36.31 -9.38
CA PRO D 638 -48.01 34.85 -9.51
C PRO D 638 -47.85 34.17 -8.15
N ALA D 639 -48.27 32.90 -8.08
CA ALA D 639 -48.01 32.17 -6.84
C ALA D 639 -46.51 31.95 -6.65
N PHE D 640 -45.81 31.63 -7.71
CA PHE D 640 -44.36 31.55 -7.73
C PHE D 640 -43.91 32.13 -9.05
N ALA D 641 -42.90 32.98 -8.99
CA ALA D 641 -42.48 33.71 -10.18
C ALA D 641 -41.28 33.04 -10.83
N PHE D 642 -41.16 33.31 -12.13
CA PHE D 642 -39.96 32.99 -12.89
C PHE D 642 -38.70 33.32 -12.10
N GLY D 643 -37.76 32.38 -12.10
CA GLY D 643 -36.50 32.51 -11.40
C GLY D 643 -36.54 32.25 -9.90
N GLU D 644 -37.71 31.97 -9.31
CA GLU D 644 -37.73 31.73 -7.87
C GLU D 644 -37.21 30.33 -7.53
N GLY D 645 -36.85 30.16 -6.27
CA GLY D 645 -36.30 28.93 -5.76
C GLY D 645 -35.44 29.23 -4.56
N LEU D 646 -35.51 28.37 -3.56
CA LEU D 646 -34.78 28.55 -2.31
C LEU D 646 -33.54 27.67 -2.30
N SER D 647 -32.64 27.99 -1.39
CA SER D 647 -31.61 27.04 -1.03
C SER D 647 -31.78 26.74 0.46
N TYR D 648 -30.79 26.07 1.03
CA TYR D 648 -30.75 25.83 2.46
C TYR D 648 -29.88 26.85 3.19
N THR D 649 -29.59 27.97 2.54
CA THR D 649 -28.84 29.06 3.17
C THR D 649 -29.50 30.37 2.77
N THR D 650 -28.96 31.47 3.26
CA THR D 650 -29.38 32.80 2.87
C THR D 650 -28.24 33.49 2.12
N VAL D 651 -28.59 34.27 1.11
CA VAL D 651 -27.63 34.96 0.26
C VAL D 651 -28.07 36.41 0.11
N GLU D 652 -27.18 37.35 0.43
CA GLU D 652 -27.47 38.77 0.32
C GLU D 652 -26.88 39.35 -0.95
N TYR D 653 -27.66 40.21 -1.61
CA TYR D 653 -27.28 40.92 -2.83
C TYR D 653 -27.09 42.39 -2.51
N ALA D 654 -26.01 42.95 -3.04
CA ALA D 654 -25.70 44.36 -2.75
C ALA D 654 -24.81 45.01 -3.79
N ASP D 655 -24.85 46.33 -3.88
CA ASP D 655 -23.95 47.14 -4.74
C ASP D 655 -24.02 46.76 -6.22
N LEU D 656 -25.16 46.98 -6.86
CA LEU D 656 -25.19 46.77 -8.32
C LEU D 656 -24.60 48.02 -8.96
N ARG D 657 -23.49 47.85 -9.66
CA ARG D 657 -22.83 48.97 -10.32
C ARG D 657 -22.69 48.66 -11.80
N VAL D 658 -23.21 49.55 -12.63
CA VAL D 658 -22.89 49.51 -14.05
C VAL D 658 -21.53 50.14 -14.27
N LEU D 659 -20.63 49.44 -14.96
CA LEU D 659 -19.25 49.88 -15.10
C LEU D 659 -19.13 50.74 -16.37
N GLY D 660 -19.69 51.95 -16.28
CA GLY D 660 -19.83 52.82 -17.44
C GLY D 660 -21.27 52.93 -17.92
N THR D 661 -21.82 54.14 -17.88
CA THR D 661 -23.22 54.42 -18.20
C THR D 661 -23.53 54.48 -19.71
N GLU D 662 -22.61 54.97 -20.53
CA GLU D 662 -22.87 55.33 -21.92
C GLU D 662 -22.48 54.17 -22.82
N HIS D 663 -23.34 53.82 -23.77
CA HIS D 663 -23.03 52.70 -24.65
C HIS D 663 -23.41 52.99 -26.08
N GLY D 664 -22.64 52.44 -27.00
CA GLY D 664 -22.99 52.45 -28.40
C GLY D 664 -23.51 51.11 -28.86
N PRO D 665 -23.86 51.01 -30.14
CA PRO D 665 -24.52 49.79 -30.64
C PRO D 665 -23.69 48.53 -30.55
N ASP D 666 -22.36 48.62 -30.66
CA ASP D 666 -21.49 47.45 -30.66
C ASP D 666 -20.93 47.13 -29.28
N ASP D 667 -21.41 47.79 -28.24
CA ASP D 667 -20.80 47.73 -26.92
C ASP D 667 -21.36 46.57 -26.11
N VAL D 668 -20.73 46.34 -24.96
CA VAL D 668 -21.19 45.40 -23.95
C VAL D 668 -21.48 46.16 -22.67
N VAL D 669 -22.69 46.03 -22.13
CA VAL D 669 -22.99 46.62 -20.83
C VAL D 669 -22.41 45.71 -19.74
N ARG D 670 -21.45 46.23 -19.00
CA ARG D 670 -20.75 45.50 -17.96
C ARG D 670 -21.22 45.99 -16.60
N ALA D 671 -21.29 45.08 -15.63
CA ALA D 671 -21.78 45.46 -14.32
C ALA D 671 -21.22 44.50 -13.28
N GLU D 672 -21.36 44.89 -12.01
CA GLU D 672 -20.88 44.09 -10.89
C GLU D 672 -21.92 44.07 -9.80
N VAL D 673 -21.98 42.95 -9.09
CA VAL D 673 -22.85 42.82 -7.93
C VAL D 673 -22.09 41.99 -6.89
N THR D 674 -22.37 42.26 -5.61
CA THR D 674 -21.73 41.54 -4.51
C THR D 674 -22.74 40.63 -3.81
N LEU D 675 -22.36 39.37 -3.66
CA LEU D 675 -23.18 38.35 -3.01
C LEU D 675 -22.49 37.87 -1.75
N THR D 676 -23.27 37.63 -0.70
CA THR D 676 -22.73 37.09 0.55
C THR D 676 -23.57 35.91 1.02
N ASN D 677 -22.92 34.78 1.26
CA ASN D 677 -23.58 33.65 1.91
C ASN D 677 -23.59 33.89 3.42
N THR D 678 -24.70 34.41 3.93
CA THR D 678 -24.82 34.72 5.34
C THR D 678 -25.35 33.56 6.17
N GLY D 679 -25.44 32.35 5.60
CA GLY D 679 -25.88 31.18 6.33
C GLY D 679 -24.75 30.19 6.52
N SER D 680 -25.13 28.97 6.92
CA SER D 680 -24.16 27.97 7.34
C SER D 680 -24.01 26.82 6.34
N ARG D 681 -24.50 26.99 5.11
CA ARG D 681 -24.47 25.91 4.13
C ARG D 681 -23.99 26.45 2.79
N PRO D 682 -23.23 25.66 2.04
CA PRO D 682 -22.80 26.09 0.71
C PRO D 682 -23.97 26.21 -0.25
N VAL D 683 -23.79 27.00 -1.29
CA VAL D 683 -24.86 27.28 -2.23
C VAL D 683 -24.27 27.58 -3.61
N ARG D 684 -24.90 27.05 -4.64
CA ARG D 684 -24.69 27.52 -6.01
C ARG D 684 -25.89 28.40 -6.35
N GLU D 685 -25.68 29.70 -6.29
CA GLU D 685 -26.71 30.70 -6.54
C GLU D 685 -26.76 31.06 -8.03
N THR D 686 -27.96 31.38 -8.52
CA THR D 686 -28.17 31.72 -9.93
C THR D 686 -28.55 33.19 -9.98
N VAL D 687 -27.63 34.02 -10.45
CA VAL D 687 -27.83 35.47 -10.53
C VAL D 687 -28.45 35.79 -11.88
N GLN D 688 -29.56 36.50 -11.88
CA GLN D 688 -30.31 36.73 -13.10
C GLN D 688 -30.25 38.20 -13.46
N VAL D 689 -30.07 38.47 -14.74
CA VAL D 689 -29.91 39.82 -15.22
C VAL D 689 -31.05 40.12 -16.18
N TYR D 690 -31.88 41.11 -15.82
CA TYR D 690 -32.96 41.56 -16.67
C TYR D 690 -32.67 42.96 -17.16
N VAL D 691 -33.27 43.30 -18.28
CA VAL D 691 -33.08 44.60 -18.90
C VAL D 691 -34.46 45.19 -19.17
N SER D 692 -34.63 46.45 -18.81
CA SER D 692 -35.87 47.17 -19.04
C SER D 692 -35.59 48.38 -19.92
N ASP D 693 -36.28 48.45 -21.05
CA ASP D 693 -36.24 49.61 -21.93
C ASP D 693 -37.24 50.65 -21.43
N THR D 694 -36.74 51.76 -20.89
CA THR D 694 -37.60 52.67 -20.13
C THR D 694 -38.65 53.36 -21.02
N VAL D 695 -38.28 53.85 -22.19
CA VAL D 695 -39.24 54.41 -23.13
C VAL D 695 -39.05 53.72 -24.47
N THR D 696 -40.15 53.35 -25.11
CA THR D 696 -40.08 52.53 -26.31
C THR D 696 -40.98 53.15 -27.36
N SER D 697 -40.70 52.90 -28.64
CA SER D 697 -41.54 53.50 -29.66
C SER D 697 -42.84 52.73 -29.88
N VAL D 698 -42.87 51.46 -29.47
CA VAL D 698 -44.06 50.61 -29.46
C VAL D 698 -44.15 50.02 -28.05
N THR D 699 -45.34 49.55 -27.67
CA THR D 699 -45.42 48.98 -26.33
C THR D 699 -44.58 47.72 -26.27
N TRP D 700 -43.96 47.50 -25.12
CA TRP D 700 -43.00 46.43 -24.96
C TRP D 700 -43.08 45.86 -23.55
N ALA D 701 -42.44 44.71 -23.38
CA ALA D 701 -42.32 44.08 -22.07
C ALA D 701 -41.70 45.04 -21.06
N GLU D 702 -42.14 44.91 -19.81
CA GLU D 702 -41.57 45.69 -18.72
C GLU D 702 -40.09 45.34 -18.48
N LYS D 703 -39.73 44.06 -18.58
CA LYS D 703 -38.35 43.63 -18.45
C LYS D 703 -38.17 42.28 -19.15
N GLU D 704 -36.93 41.96 -19.50
CA GLU D 704 -36.59 40.71 -20.15
C GLU D 704 -35.29 40.15 -19.60
N LEU D 705 -35.28 38.84 -19.35
CA LEU D 705 -34.04 38.18 -19.00
C LEU D 705 -33.06 38.27 -20.16
N LYS D 706 -31.83 38.70 -19.86
CA LYS D 706 -30.80 38.87 -20.89
C LYS D 706 -29.50 38.14 -20.58
N ALA D 707 -29.23 37.80 -19.33
CA ALA D 707 -28.04 37.06 -18.95
C ALA D 707 -28.25 36.49 -17.56
N TYR D 708 -27.33 35.61 -17.17
CA TYR D 708 -27.39 35.02 -15.84
C TYR D 708 -26.05 34.37 -15.56
N ARG D 709 -25.76 34.14 -14.28
CA ARG D 709 -24.47 33.59 -13.93
C ARG D 709 -24.59 32.79 -12.64
N LYS D 710 -23.97 31.62 -12.63
CA LYS D 710 -23.96 30.77 -11.44
C LYS D 710 -22.73 31.06 -10.60
N VAL D 711 -22.94 31.24 -9.30
CA VAL D 711 -21.90 31.63 -8.36
C VAL D 711 -21.88 30.63 -7.21
N ASP D 712 -20.73 30.02 -6.97
CA ASP D 712 -20.51 29.13 -5.81
C ASP D 712 -20.06 29.93 -4.60
N LEU D 713 -20.72 29.70 -3.46
CA LEU D 713 -20.42 30.42 -2.23
C LEU D 713 -20.38 29.45 -1.07
N ALA D 714 -19.21 29.32 -0.43
CA ALA D 714 -19.12 28.60 0.83
C ALA D 714 -19.79 29.40 1.95
N PRO D 715 -20.16 28.75 3.06
CA PRO D 715 -20.80 29.51 4.16
C PRO D 715 -19.87 30.62 4.62
N GLY D 716 -20.41 31.84 4.67
CA GLY D 716 -19.65 33.01 5.05
C GLY D 716 -18.95 33.73 3.92
N GLU D 717 -18.79 33.11 2.76
CA GLU D 717 -18.02 33.70 1.66
C GLU D 717 -18.76 34.85 0.99
N SER D 718 -18.01 35.88 0.62
CA SER D 718 -18.46 36.92 -0.29
C SER D 718 -17.75 36.83 -1.64
N ALA D 719 -18.37 37.46 -2.63
CA ALA D 719 -17.88 37.41 -4.00
C ALA D 719 -18.46 38.62 -4.73
N THR D 720 -17.59 39.37 -5.41
CA THR D 720 -18.06 40.35 -6.35
C THR D 720 -18.09 39.68 -7.72
N VAL D 721 -19.22 39.78 -8.40
CA VAL D 721 -19.49 38.99 -9.59
C VAL D 721 -19.66 39.93 -10.77
N GLY D 722 -18.88 39.70 -11.82
CA GLY D 722 -19.02 40.49 -13.01
C GLY D 722 -20.12 39.97 -13.93
N LEU D 723 -20.77 40.89 -14.61
CA LEU D 723 -21.93 40.59 -15.42
C LEU D 723 -21.85 41.39 -16.70
N GLU D 724 -22.41 40.83 -17.78
CA GLU D 724 -22.39 41.55 -19.05
C GLU D 724 -23.55 41.15 -19.94
N VAL D 725 -24.08 42.15 -20.63
CA VAL D 725 -25.16 41.97 -21.60
C VAL D 725 -24.73 42.73 -22.85
N PRO D 726 -24.54 42.06 -24.00
CA PRO D 726 -24.30 42.77 -25.26
C PRO D 726 -25.44 43.75 -25.58
N VAL D 727 -25.07 45.00 -25.88
CA VAL D 727 -26.07 46.00 -26.25
C VAL D 727 -26.97 45.50 -27.38
N ALA D 728 -26.42 44.71 -28.31
CA ALA D 728 -27.18 44.14 -29.42
C ALA D 728 -28.29 43.19 -28.97
N ASP D 729 -28.31 42.76 -27.71
CA ASP D 729 -29.42 41.98 -27.18
C ASP D 729 -30.54 42.84 -26.60
N CYS D 730 -30.31 44.13 -26.38
CA CYS D 730 -31.33 45.03 -25.83
C CYS D 730 -32.23 45.57 -26.93
N THR D 731 -32.89 44.64 -27.61
CA THR D 731 -33.72 44.97 -28.75
C THR D 731 -35.19 44.93 -28.36
N LEU D 732 -35.99 45.60 -29.18
CA LEU D 732 -37.42 45.39 -29.27
C LEU D 732 -37.75 45.23 -30.75
N VAL D 733 -38.99 44.87 -31.04
CA VAL D 733 -39.47 44.75 -32.42
C VAL D 733 -40.38 45.93 -32.68
N ASP D 734 -39.97 46.82 -33.58
CA ASP D 734 -40.70 48.07 -33.74
C ASP D 734 -41.96 47.82 -34.57
N ALA D 735 -42.79 48.86 -34.72
CA ALA D 735 -43.78 48.83 -35.78
C ALA D 735 -43.02 48.91 -37.09
N HIS D 736 -43.37 48.05 -38.06
CA HIS D 736 -42.59 47.69 -39.25
C HIS D 736 -41.94 46.33 -39.04
N GLY D 737 -41.89 45.87 -37.78
CA GLY D 737 -41.42 44.53 -37.50
C GLY D 737 -39.92 44.31 -37.57
N ARG D 738 -39.09 45.35 -37.42
CA ARG D 738 -37.64 45.19 -37.38
C ARG D 738 -37.16 45.10 -35.94
N ARG D 739 -36.23 44.19 -35.71
CA ARG D 739 -35.63 44.02 -34.38
C ARG D 739 -34.45 44.97 -34.26
N VAL D 740 -34.60 46.03 -33.46
CA VAL D 740 -33.61 47.08 -33.36
C VAL D 740 -33.33 47.40 -31.91
N VAL D 741 -32.14 47.94 -31.66
CA VAL D 741 -31.87 48.61 -30.39
C VAL D 741 -32.24 50.07 -30.58
N GLU D 742 -33.24 50.52 -29.83
CA GLU D 742 -33.63 51.93 -29.89
C GLU D 742 -32.82 52.72 -28.88
N PRO D 743 -32.21 53.82 -29.30
CA PRO D 743 -31.45 54.65 -28.35
C PRO D 743 -32.33 55.19 -27.23
N GLY D 744 -31.78 55.22 -26.02
CA GLY D 744 -32.50 55.77 -24.90
C GLY D 744 -31.95 55.24 -23.59
N GLU D 745 -32.71 55.49 -22.52
CA GLU D 745 -32.39 54.94 -21.21
C GLU D 745 -32.89 53.51 -21.07
N PHE D 746 -32.13 52.72 -20.33
CA PHE D 746 -32.48 51.37 -19.95
C PHE D 746 -32.25 51.21 -18.45
N GLU D 747 -32.81 50.16 -17.89
CA GLU D 747 -32.54 49.80 -16.51
C GLU D 747 -32.04 48.37 -16.48
N LEU D 748 -30.94 48.14 -15.78
CA LEU D 748 -30.49 46.80 -15.49
C LEU D 748 -31.13 46.38 -14.17
N ARG D 749 -31.69 45.18 -14.12
CA ARG D 749 -32.28 44.68 -12.89
C ARG D 749 -31.66 43.33 -12.57
N VAL D 750 -31.13 43.19 -11.36
CA VAL D 750 -30.27 42.06 -11.04
C VAL D 750 -30.68 41.52 -9.68
N GLY D 751 -30.81 40.20 -9.57
CA GLY D 751 -31.25 39.60 -8.35
C GLY D 751 -31.50 38.12 -8.45
N PRO D 752 -32.04 37.54 -7.37
CA PRO D 752 -32.24 36.09 -7.32
C PRO D 752 -33.52 35.58 -7.99
N SER D 753 -34.40 36.44 -8.48
CA SER D 753 -35.62 36.02 -9.16
C SER D 753 -36.13 37.18 -10.01
N SER D 754 -37.24 36.96 -10.71
CA SER D 754 -37.85 38.05 -11.46
C SER D 754 -38.77 38.93 -10.62
N ARG D 755 -38.93 38.66 -9.32
CA ARG D 755 -39.83 39.50 -8.54
C ARG D 755 -39.22 40.89 -8.35
N GLU D 756 -40.01 41.93 -8.65
CA GLU D 756 -39.50 43.30 -8.56
C GLU D 756 -38.94 43.61 -7.17
N ASP D 757 -39.58 43.10 -6.11
CA ASP D 757 -39.06 43.36 -4.75
C ASP D 757 -37.77 42.60 -4.44
N ALA D 758 -37.23 41.85 -5.40
CA ALA D 758 -35.97 41.13 -5.20
C ALA D 758 -34.83 41.65 -6.07
N LEU D 759 -35.06 42.70 -6.85
CA LEU D 759 -34.14 43.11 -7.90
C LEU D 759 -33.46 44.42 -7.52
N LEU D 760 -32.12 44.40 -7.49
CA LEU D 760 -31.35 45.64 -7.52
C LEU D 760 -31.46 46.28 -8.91
N ARG D 761 -31.39 47.60 -8.95
CA ARG D 761 -31.50 48.26 -10.24
C ARG D 761 -30.48 49.38 -10.38
N ALA D 762 -30.06 49.59 -11.62
CA ALA D 762 -29.04 50.56 -12.00
C ALA D 762 -29.34 51.01 -13.42
N SER D 763 -29.14 52.29 -13.70
CA SER D 763 -29.44 52.81 -15.03
C SER D 763 -28.25 52.70 -15.99
N PHE D 764 -28.57 52.80 -17.27
CA PHE D 764 -27.57 52.97 -18.33
C PHE D 764 -28.28 53.51 -19.56
N THR D 765 -27.51 53.97 -20.54
CA THR D 765 -28.09 54.47 -21.77
C THR D 765 -27.36 53.88 -22.97
N VAL D 766 -27.98 54.03 -24.12
CA VAL D 766 -27.48 53.55 -25.39
C VAL D 766 -27.77 54.64 -26.41
N ALA D 767 -26.80 54.96 -27.24
CA ALA D 767 -27.02 55.85 -28.37
C ALA D 767 -26.70 55.08 -29.63
N GLY D 768 -27.55 55.21 -30.64
CA GLY D 768 -27.55 54.29 -31.77
C GLY D 768 -26.64 54.74 -32.88
CA THR E 6 -30.72 -1.07 -4.83
C THR E 6 -32.02 -1.45 -5.58
N LEU E 7 -33.17 -1.42 -4.85
CA LEU E 7 -34.50 -2.01 -5.12
C LEU E 7 -34.51 -3.45 -4.64
N PRO E 8 -35.20 -3.75 -3.53
CA PRO E 8 -34.83 -4.95 -2.75
C PRO E 8 -35.11 -6.30 -3.42
N TYR E 9 -36.07 -6.42 -4.34
CA TYR E 9 -36.20 -7.75 -4.95
C TYR E 9 -35.05 -8.08 -5.89
N LEU E 10 -34.31 -7.08 -6.41
CA LEU E 10 -33.15 -7.38 -7.25
C LEU E 10 -31.87 -7.57 -6.45
N ASP E 11 -31.96 -7.67 -5.12
CA ASP E 11 -30.79 -7.66 -4.27
C ASP E 11 -30.43 -9.08 -3.83
N PRO E 12 -29.34 -9.66 -4.31
CA PRO E 12 -29.00 -11.04 -3.93
C PRO E 12 -28.54 -11.19 -2.49
N ALA E 13 -28.31 -10.08 -1.77
CA ALA E 13 -28.02 -10.11 -0.34
C ALA E 13 -29.29 -10.10 0.52
N VAL E 14 -30.46 -9.90 -0.06
CA VAL E 14 -31.71 -9.92 0.68
C VAL E 14 -32.21 -11.36 0.68
N PRO E 15 -32.70 -11.87 1.81
CA PRO E 15 -33.22 -13.25 1.84
C PRO E 15 -34.37 -13.45 0.86
N VAL E 16 -34.47 -14.68 0.32
CA VAL E 16 -35.42 -15.00 -0.74
C VAL E 16 -36.85 -14.66 -0.32
N ALA E 17 -37.23 -15.02 0.91
CA ALA E 17 -38.62 -14.75 1.32
C ALA E 17 -38.89 -13.26 1.41
N ASP E 18 -37.85 -12.44 1.63
CA ASP E 18 -38.01 -10.99 1.66
C ASP E 18 -38.05 -10.40 0.26
N ARG E 19 -37.21 -10.92 -0.65
CA ARG E 19 -37.31 -10.54 -2.05
C ARG E 19 -38.69 -10.86 -2.61
N VAL E 20 -39.33 -11.90 -2.06
CA VAL E 20 -40.63 -12.33 -2.60
C VAL E 20 -41.74 -11.35 -2.22
N GLU E 21 -41.77 -10.90 -0.95
CA GLU E 21 -42.77 -9.89 -0.57
C GLU E 21 -42.53 -8.58 -1.27
N ASP E 22 -41.26 -8.20 -1.45
CA ASP E 22 -40.96 -6.98 -2.19
C ASP E 22 -41.54 -7.03 -3.60
N LEU E 23 -41.25 -8.10 -4.35
CA LEU E 23 -41.79 -8.21 -5.70
C LEU E 23 -43.32 -8.32 -5.68
N LEU E 24 -43.86 -9.14 -4.79
CA LEU E 24 -45.31 -9.34 -4.72
C LEU E 24 -46.04 -8.02 -4.50
N ALA E 25 -45.54 -7.19 -3.59
CA ALA E 25 -46.21 -5.92 -3.31
C ALA E 25 -46.25 -5.01 -4.53
N ARG E 26 -45.34 -5.20 -5.49
CA ARG E 26 -45.26 -4.31 -6.65
C ARG E 26 -46.12 -4.76 -7.82
N MET E 27 -46.78 -5.90 -7.72
CA MET E 27 -47.46 -6.48 -8.87
C MET E 27 -48.93 -6.09 -8.86
N THR E 28 -49.44 -5.73 -10.05
CA THR E 28 -50.88 -5.59 -10.23
C THR E 28 -51.54 -6.97 -10.15
N LEU E 29 -52.86 -6.95 -9.94
CA LEU E 29 -53.57 -8.21 -9.86
C LEU E 29 -53.51 -9.02 -11.16
N PRO E 30 -53.62 -8.43 -12.36
CA PRO E 30 -53.41 -9.24 -13.56
C PRO E 30 -51.97 -9.71 -13.71
N GLU E 31 -50.99 -8.97 -13.21
CA GLU E 31 -49.62 -9.47 -13.26
C GLU E 31 -49.47 -10.70 -12.37
N LYS E 32 -50.17 -10.71 -11.22
CA LYS E 32 -50.09 -11.85 -10.33
C LYS E 32 -50.83 -13.04 -10.91
N VAL E 33 -52.00 -12.81 -11.52
CA VAL E 33 -52.75 -13.89 -12.15
C VAL E 33 -51.96 -14.48 -13.31
N GLY E 34 -51.37 -13.62 -14.14
CA GLY E 34 -50.63 -14.12 -15.28
C GLY E 34 -49.37 -14.86 -14.89
N GLN E 35 -48.82 -14.53 -13.72
CA GLN E 35 -47.69 -15.28 -13.19
C GLN E 35 -48.06 -16.73 -12.95
N MET E 36 -49.32 -17.00 -12.61
CA MET E 36 -49.77 -18.38 -12.47
C MET E 36 -50.04 -19.10 -13.79
N LEU E 37 -49.85 -18.45 -14.95
CA LEU E 37 -50.13 -19.10 -16.22
C LEU E 37 -48.89 -19.80 -16.74
N GLN E 38 -49.09 -21.01 -17.26
CA GLN E 38 -48.06 -21.69 -18.04
C GLN E 38 -48.68 -21.93 -19.41
N LEU E 39 -48.19 -21.19 -20.40
CA LEU E 39 -48.82 -21.20 -21.70
C LEU E 39 -48.00 -21.97 -22.71
N ASP E 40 -48.68 -22.43 -23.76
CA ASP E 40 -48.05 -23.18 -24.85
C ASP E 40 -47.34 -22.20 -25.78
N ALA E 41 -46.01 -22.24 -25.79
CA ALA E 41 -45.24 -21.35 -26.65
C ALA E 41 -45.59 -21.52 -28.12
N ARG E 42 -46.11 -22.68 -28.52
CA ARG E 42 -46.41 -22.93 -29.93
C ARG E 42 -47.50 -22.02 -30.46
N ASP E 43 -48.40 -21.53 -29.60
CA ASP E 43 -49.26 -20.41 -29.97
C ASP E 43 -48.40 -19.15 -30.04
N GLY E 44 -49.03 -17.97 -29.95
CA GLY E 44 -48.25 -16.73 -29.97
C GLY E 44 -47.48 -16.51 -28.67
N VAL E 45 -46.16 -16.38 -28.76
CA VAL E 45 -45.38 -16.19 -27.54
C VAL E 45 -45.48 -14.72 -27.10
N GLY E 46 -45.70 -13.81 -28.04
CA GLY E 46 -45.85 -12.40 -27.77
C GLY E 46 -47.00 -12.08 -26.85
N PRO E 47 -48.22 -12.49 -27.22
CA PRO E 47 -49.36 -12.27 -26.31
C PRO E 47 -49.18 -12.94 -24.96
N ALA E 48 -48.45 -14.04 -24.91
CA ALA E 48 -48.36 -14.81 -23.67
C ALA E 48 -47.53 -14.08 -22.63
N VAL E 49 -46.36 -13.58 -23.04
CA VAL E 49 -45.45 -12.95 -22.10
C VAL E 49 -45.89 -11.52 -21.78
N LEU E 50 -46.38 -10.81 -22.79
CA LEU E 50 -46.69 -9.39 -22.69
C LEU E 50 -48.14 -9.13 -22.29
N GLU E 51 -49.09 -9.62 -23.07
CA GLU E 51 -50.49 -9.36 -22.73
C GLU E 51 -50.93 -10.18 -21.52
N LYS E 52 -50.53 -11.43 -21.41
CA LYS E 52 -50.95 -12.26 -20.26
C LYS E 52 -49.99 -12.18 -19.07
N HIS E 53 -48.78 -11.65 -19.24
CA HIS E 53 -47.78 -11.64 -18.18
C HIS E 53 -47.51 -13.04 -17.64
N ALA E 54 -47.42 -14.00 -18.56
CA ALA E 54 -47.22 -15.40 -18.21
C ALA E 54 -46.01 -15.56 -17.29
N GLY E 55 -46.10 -16.53 -16.37
CA GLY E 55 -44.97 -16.89 -15.55
C GLY E 55 -44.10 -17.98 -16.19
N SER E 56 -44.66 -18.72 -17.13
CA SER E 56 -43.97 -19.89 -17.64
C SER E 56 -44.47 -20.21 -19.03
N LEU E 57 -43.57 -20.71 -19.86
CA LEU E 57 -43.93 -21.28 -21.14
C LEU E 57 -43.46 -22.73 -21.20
N LEU E 58 -44.25 -23.56 -21.87
CA LEU E 58 -43.84 -24.91 -22.22
C LEU E 58 -43.88 -25.10 -23.73
N HIS E 59 -43.12 -26.10 -24.21
CA HIS E 59 -42.98 -26.43 -25.64
C HIS E 59 -42.36 -25.27 -26.43
N THR E 60 -41.27 -24.73 -25.89
CA THR E 60 -40.67 -23.52 -26.43
C THR E 60 -39.55 -23.94 -27.38
N SER E 61 -39.74 -23.63 -28.67
CA SER E 61 -38.74 -23.92 -29.68
C SER E 61 -37.53 -22.98 -29.52
N PRO E 62 -36.37 -23.37 -30.09
CA PRO E 62 -35.17 -22.52 -29.99
C PRO E 62 -35.38 -21.09 -30.44
N GLU E 63 -36.17 -20.89 -31.49
CA GLU E 63 -36.49 -19.54 -31.95
C GLU E 63 -37.35 -18.81 -30.94
N ASN E 64 -38.28 -19.54 -30.30
CA ASN E 64 -39.17 -18.93 -29.33
C ASN E 64 -38.45 -18.62 -28.02
N VAL E 65 -37.46 -19.43 -27.63
CA VAL E 65 -36.72 -19.16 -26.40
C VAL E 65 -36.06 -17.79 -26.48
N LEU E 66 -35.30 -17.55 -27.56
CA LEU E 66 -34.70 -16.23 -27.74
C LEU E 66 -35.77 -15.15 -27.76
N ALA E 67 -36.90 -15.40 -28.44
CA ALA E 67 -37.97 -14.42 -28.49
C ALA E 67 -38.56 -14.17 -27.11
N ALA E 68 -38.84 -15.25 -26.37
CA ALA E 68 -39.38 -15.10 -25.02
C ALA E 68 -38.46 -14.25 -24.15
N HIS E 69 -37.15 -14.39 -24.33
CA HIS E 69 -36.25 -13.67 -23.45
C HIS E 69 -36.32 -12.17 -23.70
N GLU E 70 -36.36 -11.72 -24.96
CA GLU E 70 -36.30 -10.28 -25.10
C GLU E 70 -37.67 -9.68 -24.82
N LEU E 71 -38.73 -10.49 -24.92
CA LEU E 71 -40.08 -10.06 -24.53
C LEU E 71 -40.17 -9.79 -23.04
N THR E 72 -39.45 -10.55 -22.23
CA THR E 72 -39.40 -10.29 -20.77
C THR E 72 -38.77 -8.92 -20.53
N GLY E 73 -37.77 -8.57 -21.33
CA GLY E 73 -37.11 -7.25 -21.20
C GLY E 73 -38.05 -6.08 -21.42
N ARG E 74 -39.23 -6.31 -21.99
CA ARG E 74 -40.21 -5.23 -22.25
C ARG E 74 -41.41 -5.38 -21.31
N THR E 75 -41.25 -5.99 -20.15
CA THR E 75 -42.41 -6.26 -19.28
C THR E 75 -42.34 -5.59 -17.90
N ARG E 76 -42.15 -4.28 -17.78
CA ARG E 76 -42.21 -3.56 -16.50
C ARG E 76 -41.34 -4.20 -15.43
N LEU E 77 -41.76 -5.34 -14.87
CA LEU E 77 -41.02 -5.96 -13.77
C LEU E 77 -39.98 -6.99 -14.23
N ARG E 78 -39.95 -7.34 -15.52
CA ARG E 78 -38.98 -8.29 -16.09
C ARG E 78 -38.80 -9.53 -15.23
N ILE E 79 -39.93 -10.12 -14.82
CA ILE E 79 -39.90 -11.37 -14.07
C ILE E 79 -39.49 -12.48 -15.04
N PRO E 80 -38.39 -13.17 -14.76
CA PRO E 80 -37.88 -14.17 -15.73
C PRO E 80 -38.86 -15.32 -15.90
N LEU E 81 -38.97 -15.82 -17.14
CA LEU E 81 -39.82 -16.99 -17.37
C LEU E 81 -39.18 -18.25 -16.82
N LEU E 82 -40.03 -19.17 -16.36
CA LEU E 82 -39.64 -20.58 -16.24
C LEU E 82 -40.01 -21.27 -17.56
N LEU E 83 -38.98 -21.66 -18.33
CA LEU E 83 -39.17 -22.43 -19.57
C LEU E 83 -39.20 -23.90 -19.21
N ALA E 84 -40.37 -24.52 -19.32
CA ALA E 84 -40.58 -25.91 -18.94
C ALA E 84 -40.69 -26.79 -20.18
N GLU E 85 -40.32 -28.06 -20.03
CA GLU E 85 -40.40 -28.98 -21.16
C GLU E 85 -40.49 -30.42 -20.63
N ASP E 86 -41.04 -31.29 -21.48
CA ASP E 86 -41.04 -32.73 -21.26
C ASP E 86 -39.69 -33.31 -21.65
N CYS E 87 -38.88 -33.66 -20.66
CA CYS E 87 -37.60 -34.35 -20.83
C CYS E 87 -37.73 -35.64 -20.04
N ILE E 88 -38.34 -36.64 -20.66
CA ILE E 88 -38.89 -37.77 -19.92
C ILE E 88 -37.86 -38.88 -19.73
N HIS E 89 -37.04 -39.18 -20.74
CA HIS E 89 -35.95 -40.14 -20.56
C HIS E 89 -34.80 -39.64 -21.43
N GLY E 90 -34.17 -38.56 -20.97
CA GLY E 90 -33.36 -37.72 -21.82
C GLY E 90 -34.16 -36.55 -22.36
N HIS E 91 -33.48 -35.71 -23.14
CA HIS E 91 -34.10 -34.48 -23.64
C HIS E 91 -34.98 -34.77 -24.85
N SER E 92 -36.13 -35.38 -24.57
CA SER E 92 -37.07 -35.93 -25.53
C SER E 92 -37.17 -35.24 -26.90
N PHE E 93 -37.31 -33.91 -26.91
CA PHE E 93 -37.70 -33.23 -28.14
C PHE E 93 -36.63 -32.28 -28.65
N TRP E 94 -35.37 -32.52 -28.27
CA TRP E 94 -34.21 -31.78 -28.83
C TRP E 94 -33.56 -32.70 -29.85
N VAL E 95 -33.58 -32.36 -31.13
CA VAL E 95 -33.14 -33.28 -32.23
C VAL E 95 -31.82 -34.02 -31.96
N GLY E 96 -30.73 -33.46 -31.47
CA GLY E 96 -29.59 -34.40 -31.38
C GLY E 96 -29.26 -34.86 -29.99
N ALA E 97 -30.25 -35.06 -29.13
CA ALA E 97 -29.96 -35.34 -27.71
C ALA E 97 -29.84 -36.82 -27.37
N THR E 98 -29.27 -37.11 -26.21
CA THR E 98 -29.21 -38.48 -25.72
C THR E 98 -30.59 -38.97 -25.27
N ILE E 99 -31.13 -40.00 -25.93
CA ILE E 99 -32.38 -40.61 -25.46
C ILE E 99 -32.05 -41.94 -24.78
N PHE E 100 -32.44 -42.03 -23.50
CA PHE E 100 -32.24 -43.19 -22.65
C PHE E 100 -33.40 -44.15 -22.75
N PRO E 101 -33.27 -45.36 -22.18
CA PRO E 101 -34.43 -46.23 -22.03
C PRO E 101 -35.56 -45.48 -21.33
N THR E 102 -36.80 -45.90 -21.60
CA THR E 102 -37.92 -45.35 -20.84
C THR E 102 -37.72 -45.61 -19.37
N GLN E 103 -38.53 -44.93 -18.57
CA GLN E 103 -38.47 -45.09 -17.13
C GLN E 103 -38.72 -46.55 -16.72
N LEU E 104 -39.58 -47.27 -17.46
CA LEU E 104 -39.83 -48.68 -17.15
C LEU E 104 -38.61 -49.56 -17.44
N GLY E 105 -37.90 -49.30 -18.54
CA GLY E 105 -36.67 -50.01 -18.78
C GLY E 105 -35.60 -49.68 -17.75
N MET E 106 -35.50 -48.42 -17.37
CA MET E 106 -34.50 -48.06 -16.38
C MET E 106 -34.79 -48.74 -15.06
N ALA E 107 -36.08 -48.97 -14.75
CA ALA E 107 -36.43 -49.61 -13.49
C ALA E 107 -35.88 -51.03 -13.40
N ALA E 108 -35.69 -51.71 -14.53
CA ALA E 108 -35.12 -53.05 -14.52
C ALA E 108 -33.66 -53.09 -14.05
N THR E 109 -32.97 -51.94 -13.99
CA THR E 109 -31.61 -51.94 -13.46
C THR E 109 -31.56 -52.05 -11.95
N TRP E 110 -32.62 -51.66 -11.24
CA TRP E 110 -32.62 -51.57 -9.76
C TRP E 110 -31.36 -50.88 -9.25
N ASP E 111 -30.93 -49.83 -9.94
CA ASP E 111 -29.66 -49.17 -9.63
C ASP E 111 -29.92 -47.67 -9.53
N PRO E 112 -30.23 -47.16 -8.33
CA PRO E 112 -30.51 -45.71 -8.20
C PRO E 112 -29.32 -44.83 -8.53
N ALA E 113 -28.10 -45.26 -8.26
CA ALA E 113 -26.94 -44.44 -8.60
C ALA E 113 -26.83 -44.26 -10.12
N LEU E 114 -27.13 -45.30 -10.90
CA LEU E 114 -27.08 -45.21 -12.35
C LEU E 114 -28.22 -44.32 -12.88
N VAL E 115 -29.43 -44.49 -12.35
CA VAL E 115 -30.54 -43.63 -12.73
C VAL E 115 -30.24 -42.16 -12.39
N GLU E 116 -29.49 -41.93 -11.31
CA GLU E 116 -29.10 -40.56 -10.97
C GLU E 116 -28.19 -39.96 -12.03
N GLN E 117 -27.24 -40.74 -12.53
CA GLN E 117 -26.39 -40.24 -13.59
C GLN E 117 -27.17 -39.99 -14.86
N VAL E 118 -28.25 -40.74 -15.07
CA VAL E 118 -29.06 -40.51 -16.26
C VAL E 118 -29.78 -39.16 -16.15
N ALA E 119 -30.34 -38.87 -14.97
CA ALA E 119 -31.00 -37.57 -14.75
C ALA E 119 -29.99 -36.43 -14.83
N HIS E 120 -28.84 -36.57 -14.17
CA HIS E 120 -27.82 -35.53 -14.28
C HIS E 120 -27.42 -35.30 -15.73
N ALA E 121 -27.15 -36.39 -16.48
CA ALA E 121 -26.77 -36.20 -17.86
C ALA E 121 -27.88 -35.54 -18.66
N THR E 122 -29.14 -35.92 -18.40
CA THR E 122 -30.26 -35.22 -19.01
C THR E 122 -30.25 -33.74 -18.62
N ALA E 123 -30.10 -33.45 -17.33
CA ALA E 123 -30.13 -32.06 -16.90
C ALA E 123 -29.07 -31.23 -17.62
N VAL E 124 -27.86 -31.78 -17.79
CA VAL E 124 -26.78 -31.03 -18.41
C VAL E 124 -27.14 -30.63 -19.83
N GLU E 125 -27.71 -31.56 -20.61
CA GLU E 125 -28.08 -31.24 -21.98
C GLU E 125 -29.27 -30.30 -22.01
N VAL E 126 -30.23 -30.51 -21.09
CA VAL E 126 -31.42 -29.67 -21.04
C VAL E 126 -31.05 -28.22 -20.72
N ALA E 127 -30.21 -28.03 -19.69
CA ALA E 127 -29.89 -26.68 -19.24
C ALA E 127 -29.16 -25.89 -20.33
N ALA E 128 -28.33 -26.56 -21.13
CA ALA E 128 -27.67 -25.89 -22.24
C ALA E 128 -28.64 -25.43 -23.32
N THR E 129 -29.87 -25.91 -23.33
CA THR E 129 -30.84 -25.45 -24.30
C THR E 129 -31.72 -24.32 -23.76
N GLY E 130 -31.49 -23.89 -22.51
CA GLY E 130 -32.27 -22.80 -21.93
C GLY E 130 -33.52 -23.23 -21.21
N VAL E 131 -33.70 -24.53 -20.97
CA VAL E 131 -34.86 -25.04 -20.25
C VAL E 131 -34.51 -25.14 -18.77
N HIS E 132 -35.45 -24.74 -17.90
CA HIS E 132 -35.22 -24.67 -16.48
C HIS E 132 -35.94 -25.76 -15.70
N TRP E 133 -36.79 -26.54 -16.35
CA TRP E 133 -37.84 -27.28 -15.64
C TRP E 133 -38.25 -28.46 -16.50
N THR E 134 -38.06 -29.68 -15.99
CA THR E 134 -38.53 -30.87 -16.68
C THR E 134 -39.73 -31.47 -15.97
N PHE E 135 -40.73 -31.90 -16.77
CA PHE E 135 -41.93 -32.56 -16.25
C PHE E 135 -41.63 -34.04 -16.05
N SER E 136 -40.89 -34.32 -15.00
CA SER E 136 -40.23 -35.60 -14.81
C SER E 136 -39.61 -35.58 -13.42
N PRO E 137 -39.57 -36.69 -12.69
CA PRO E 137 -39.96 -38.06 -13.06
C PRO E 137 -41.44 -38.36 -12.89
N VAL E 138 -41.86 -39.53 -13.37
CA VAL E 138 -43.20 -40.04 -13.19
C VAL E 138 -43.20 -40.95 -11.98
N LEU E 139 -44.16 -40.76 -11.08
CA LEU E 139 -44.24 -41.57 -9.88
C LEU E 139 -45.47 -42.45 -9.86
N CYS E 140 -46.31 -42.39 -10.91
CA CYS E 140 -47.43 -43.30 -11.08
C CYS E 140 -46.97 -44.75 -10.98
N ILE E 141 -47.86 -45.60 -10.47
CA ILE E 141 -47.54 -46.99 -10.20
C ILE E 141 -48.32 -47.87 -11.17
N ALA E 142 -47.61 -48.78 -11.85
CA ALA E 142 -48.18 -49.58 -12.93
C ALA E 142 -49.02 -50.73 -12.36
N ARG E 143 -50.27 -50.42 -12.01
CA ARG E 143 -51.15 -51.42 -11.40
C ARG E 143 -52.14 -52.04 -12.36
N ASP E 144 -52.43 -51.40 -13.49
CA ASP E 144 -53.25 -52.00 -14.53
C ASP E 144 -52.42 -52.03 -15.80
N LEU E 145 -52.06 -53.24 -16.25
CA LEU E 145 -51.24 -53.35 -17.46
C LEU E 145 -51.94 -52.82 -18.70
N ARG E 146 -53.27 -52.65 -18.67
CA ARG E 146 -53.98 -52.13 -19.84
C ARG E 146 -53.67 -50.65 -20.09
N TRP E 147 -53.30 -49.92 -19.04
CA TRP E 147 -53.09 -48.48 -19.13
C TRP E 147 -52.01 -48.14 -20.16
N GLY E 148 -52.28 -47.13 -20.98
CA GLY E 148 -51.36 -46.81 -22.05
C GLY E 148 -50.03 -46.22 -21.61
N ARG E 149 -49.92 -45.76 -20.36
CA ARG E 149 -48.74 -45.01 -19.94
C ARG E 149 -47.83 -45.81 -19.00
N VAL E 150 -47.97 -47.14 -18.98
CA VAL E 150 -47.16 -48.00 -18.13
C VAL E 150 -45.66 -47.80 -18.39
N ASP E 151 -45.29 -47.54 -19.65
CA ASP E 151 -43.89 -47.32 -20.00
C ASP E 151 -43.28 -46.12 -19.27
N GLU E 152 -44.09 -45.14 -18.88
CA GLU E 152 -43.58 -43.98 -18.18
C GLU E 152 -43.35 -44.21 -16.69
N THR E 153 -43.84 -45.31 -16.13
CA THR E 153 -43.69 -45.60 -14.71
C THR E 153 -42.41 -46.38 -14.43
N PHE E 154 -42.05 -46.45 -13.15
CA PHE E 154 -40.97 -47.30 -12.65
C PHE E 154 -41.46 -48.70 -12.23
N GLY E 155 -42.63 -49.11 -12.66
CA GLY E 155 -43.15 -50.43 -12.38
C GLY E 155 -44.23 -50.41 -11.32
N GLU E 156 -44.45 -51.55 -10.69
CA GLU E 156 -45.60 -51.73 -9.77
C GLU E 156 -45.25 -51.64 -8.29
N ASP E 157 -44.02 -51.33 -7.94
CA ASP E 157 -43.63 -51.36 -6.50
C ASP E 157 -43.48 -49.96 -5.92
N PRO E 158 -44.26 -49.59 -4.90
CA PRO E 158 -44.12 -48.29 -4.24
C PRO E 158 -42.68 -47.99 -3.75
N PHE E 159 -42.00 -48.96 -3.14
CA PHE E 159 -40.67 -48.72 -2.61
C PHE E 159 -39.67 -48.48 -3.75
N LEU E 160 -39.71 -49.33 -4.77
CA LEU E 160 -38.76 -49.17 -5.86
C LEU E 160 -39.01 -47.88 -6.63
N ILE E 161 -40.29 -47.56 -6.89
CA ILE E 161 -40.61 -46.27 -7.50
C ILE E 161 -40.00 -45.12 -6.70
N GLY E 162 -40.18 -45.14 -5.37
CA GLY E 162 -39.62 -44.08 -4.56
C GLY E 162 -38.11 -43.97 -4.65
N GLU E 163 -37.42 -45.12 -4.67
CA GLU E 163 -35.96 -45.11 -4.79
C GLU E 163 -35.54 -44.49 -6.11
N LEU E 164 -36.15 -44.94 -7.21
CA LEU E 164 -35.75 -44.43 -8.52
C LEU E 164 -36.22 -43.00 -8.72
N ALA E 165 -37.43 -42.67 -8.23
CA ALA E 165 -37.90 -41.28 -8.34
C ALA E 165 -37.00 -40.34 -7.54
N SER E 166 -36.58 -40.76 -6.35
CA SER E 166 -35.68 -39.96 -5.55
C SER E 166 -34.34 -39.72 -6.27
N ALA E 167 -33.84 -40.73 -6.99
CA ALA E 167 -32.58 -40.57 -7.68
C ALA E 167 -32.71 -39.61 -8.87
N MET E 168 -33.79 -39.78 -9.65
CA MET E 168 -34.06 -38.85 -10.74
C MET E 168 -34.06 -37.41 -10.25
N VAL E 169 -34.71 -37.17 -9.10
CA VAL E 169 -34.83 -35.80 -8.61
C VAL E 169 -33.46 -35.26 -8.21
N ARG E 170 -32.68 -36.07 -7.47
CA ARG E 170 -31.31 -35.69 -7.16
C ARG E 170 -30.53 -35.36 -8.42
N GLY E 171 -30.58 -36.24 -9.42
CA GLY E 171 -29.84 -35.99 -10.63
C GLY E 171 -30.27 -34.73 -11.36
N TYR E 172 -31.58 -34.47 -11.41
CA TYR E 172 -32.08 -33.32 -12.14
C TYR E 172 -31.70 -32.02 -11.44
N GLN E 173 -31.92 -31.94 -10.13
CA GLN E 173 -31.77 -30.65 -9.40
C GLN E 173 -30.34 -30.32 -8.95
N GLY E 174 -29.44 -31.30 -8.89
CA GLY E 174 -28.02 -31.04 -8.58
C GLY E 174 -27.75 -30.47 -7.21
N ASP E 175 -26.75 -29.59 -7.10
CA ASP E 175 -26.43 -28.92 -5.81
C ASP E 175 -27.74 -28.39 -5.24
N GLY E 176 -28.50 -27.65 -6.04
CA GLY E 176 -29.86 -27.28 -5.58
C GLY E 176 -30.35 -25.97 -6.13
N LEU E 177 -29.64 -24.89 -5.83
CA LEU E 177 -30.15 -23.55 -6.20
C LEU E 177 -29.66 -23.13 -7.57
N SER E 178 -28.72 -22.20 -7.59
CA SER E 178 -28.21 -21.66 -8.87
C SER E 178 -27.14 -22.58 -9.46
N ASP E 179 -27.20 -23.90 -9.18
CA ASP E 179 -26.27 -24.85 -9.86
C ASP E 179 -26.59 -24.75 -11.34
N PRO E 180 -25.66 -24.27 -12.19
CA PRO E 180 -25.96 -24.05 -13.62
C PRO E 180 -26.48 -25.32 -14.33
N THR E 181 -26.12 -26.50 -13.83
CA THR E 181 -26.61 -27.73 -14.45
C THR E 181 -27.79 -28.34 -13.72
N GLY E 182 -28.28 -27.68 -12.67
CA GLY E 182 -29.50 -28.13 -12.02
C GLY E 182 -30.74 -27.59 -12.72
N ILE E 183 -31.81 -28.36 -12.69
CA ILE E 183 -33.09 -27.94 -13.22
C ILE E 183 -34.16 -28.35 -12.23
N LEU E 184 -35.35 -27.78 -12.38
CA LEU E 184 -36.48 -28.18 -11.57
C LEU E 184 -37.00 -29.54 -12.03
N ALA E 185 -37.20 -30.43 -11.07
CA ALA E 185 -37.91 -31.67 -11.28
C ALA E 185 -39.40 -31.49 -10.97
N THR E 186 -40.22 -32.42 -11.48
CA THR E 186 -41.65 -32.44 -11.20
C THR E 186 -42.07 -33.82 -10.71
N ALA E 187 -42.74 -33.87 -9.57
CA ALA E 187 -43.42 -35.10 -9.15
C ALA E 187 -44.73 -35.20 -9.91
N LYS E 188 -44.83 -36.16 -10.83
CA LYS E 188 -45.80 -36.13 -11.91
C LYS E 188 -46.94 -37.12 -11.71
N HIS E 189 -48.16 -36.58 -11.85
CA HIS E 189 -49.49 -37.17 -11.84
C HIS E 189 -49.89 -37.55 -10.43
N PHE E 190 -49.83 -36.54 -9.57
CA PHE E 190 -50.35 -36.57 -8.21
C PHE E 190 -51.87 -36.44 -8.28
N ALA E 191 -52.62 -37.43 -7.78
CA ALA E 191 -52.15 -38.80 -7.53
C ALA E 191 -53.28 -39.76 -7.90
N GLY E 192 -52.96 -41.02 -8.20
CA GLY E 192 -53.95 -42.02 -8.55
C GLY E 192 -54.27 -42.12 -10.04
N TYR E 193 -53.50 -41.46 -10.90
CA TYR E 193 -53.86 -41.39 -12.31
C TYR E 193 -53.68 -42.74 -13.01
N SER E 194 -52.89 -43.65 -12.45
CA SER E 194 -52.49 -44.85 -13.16
C SER E 194 -53.44 -46.02 -12.98
N GLU E 195 -54.33 -46.01 -11.99
CA GLU E 195 -55.28 -47.10 -11.77
C GLU E 195 -56.70 -46.53 -11.83
N THR E 196 -57.23 -46.44 -13.05
CA THR E 196 -58.57 -45.97 -13.35
C THR E 196 -59.35 -47.08 -14.04
N GLN E 197 -60.66 -46.87 -14.17
CA GLN E 197 -61.55 -47.93 -14.62
C GLN E 197 -61.19 -48.42 -16.02
N GLY E 198 -61.21 -49.75 -16.19
CA GLY E 198 -60.87 -50.37 -17.46
C GLY E 198 -59.46 -50.11 -17.92
N GLY E 199 -58.62 -49.53 -17.07
CA GLY E 199 -57.32 -49.08 -17.51
C GLY E 199 -57.39 -48.00 -18.55
N ARG E 200 -58.55 -47.36 -18.70
CA ARG E 200 -58.74 -46.30 -19.67
C ARG E 200 -58.05 -45.03 -19.19
N ASP E 201 -57.68 -44.18 -20.14
CA ASP E 201 -56.93 -42.98 -19.82
C ASP E 201 -57.86 -41.92 -19.25
N ALA E 202 -57.59 -41.52 -18.00
CA ALA E 202 -58.33 -40.44 -17.34
C ALA E 202 -59.79 -40.81 -17.13
N SER E 203 -60.10 -42.09 -17.01
CA SER E 203 -61.43 -42.47 -16.57
C SER E 203 -61.50 -42.38 -15.04
N GLU E 204 -62.62 -42.83 -14.48
CA GLU E 204 -62.85 -42.72 -13.05
C GLU E 204 -61.83 -43.52 -12.25
N ALA E 205 -61.33 -42.91 -11.19
CA ALA E 205 -60.47 -43.59 -10.24
C ALA E 205 -61.31 -43.96 -9.03
N ASP E 206 -61.62 -45.24 -8.88
CA ASP E 206 -62.36 -45.71 -7.71
C ASP E 206 -61.41 -45.93 -6.53
N ILE E 207 -60.67 -44.90 -6.17
CA ILE E 207 -59.66 -45.01 -5.12
C ILE E 207 -60.15 -44.24 -3.89
N SER E 208 -60.41 -44.96 -2.80
CA SER E 208 -60.69 -44.33 -1.52
C SER E 208 -59.46 -43.61 -0.99
N GLN E 209 -59.67 -42.86 0.10
CA GLN E 209 -58.55 -42.19 0.76
C GLN E 209 -57.54 -43.21 1.30
N ARG E 210 -58.02 -44.24 2.01
CA ARG E 210 -57.08 -45.24 2.52
C ARG E 210 -56.29 -45.89 1.37
N LYS E 211 -56.97 -46.23 0.27
CA LYS E 211 -56.28 -46.90 -0.82
C LYS E 211 -55.21 -46.00 -1.44
N LEU E 212 -55.53 -44.73 -1.66
CA LEU E 212 -54.52 -43.81 -2.17
C LEU E 212 -53.33 -43.71 -1.23
N ARG E 213 -53.60 -43.60 0.08
CA ARG E 213 -52.51 -43.56 1.05
C ARG E 213 -51.66 -44.83 0.98
N SER E 214 -52.31 -45.97 0.73
CA SER E 214 -51.64 -47.26 0.83
C SER E 214 -50.65 -47.47 -0.32
N TRP E 215 -51.08 -47.27 -1.57
CA TRP E 215 -50.29 -47.73 -2.71
C TRP E 215 -49.77 -46.62 -3.60
N PHE E 216 -50.36 -45.42 -3.54
CA PHE E 216 -50.03 -44.36 -4.48
C PHE E 216 -49.25 -43.22 -3.86
N LEU E 217 -49.56 -42.83 -2.61
CA LEU E 217 -48.90 -41.67 -2.02
C LEU E 217 -47.46 -41.88 -1.54
N PRO E 218 -47.04 -43.08 -1.12
CA PRO E 218 -45.66 -43.25 -0.57
C PRO E 218 -44.54 -42.64 -1.43
N PRO E 219 -44.47 -42.88 -2.75
CA PRO E 219 -43.37 -42.25 -3.50
C PRO E 219 -43.46 -40.73 -3.51
N PHE E 220 -44.68 -40.18 -3.59
CA PHE E 220 -44.85 -38.73 -3.56
C PHE E 220 -44.45 -38.14 -2.22
N GLU E 221 -44.83 -38.79 -1.11
CA GLU E 221 -44.40 -38.26 0.18
C GLU E 221 -42.89 -38.19 0.28
N ARG E 222 -42.18 -39.15 -0.34
CA ARG E 222 -40.73 -39.23 -0.18
C ARG E 222 -40.03 -38.13 -0.96
N VAL E 223 -40.40 -37.93 -2.23
CA VAL E 223 -39.77 -36.85 -2.98
C VAL E 223 -40.24 -35.48 -2.47
N ALA E 224 -41.40 -35.41 -1.80
CA ALA E 224 -41.80 -34.14 -1.19
C ALA E 224 -40.89 -33.80 -0.01
N ARG E 225 -40.67 -34.75 0.88
CA ARG E 225 -39.77 -34.48 2.00
C ARG E 225 -38.32 -34.30 1.56
N GLU E 226 -37.98 -34.64 0.31
CA GLU E 226 -36.60 -34.51 -0.15
C GLU E 226 -36.38 -33.27 -1.01
N GLY E 227 -37.40 -32.47 -1.22
CA GLY E 227 -37.21 -31.23 -1.93
C GLY E 227 -37.44 -31.29 -3.43
N CYS E 228 -38.36 -32.13 -3.91
CA CYS E 228 -38.79 -32.03 -5.30
C CYS E 228 -39.44 -30.67 -5.51
N ALA E 229 -38.93 -29.92 -6.48
CA ALA E 229 -39.27 -28.51 -6.61
C ALA E 229 -40.75 -28.30 -6.93
N THR E 230 -41.34 -29.15 -7.77
CA THR E 230 -42.73 -28.96 -8.18
C THR E 230 -43.48 -30.30 -8.18
N PHE E 231 -44.81 -30.19 -8.19
CA PHE E 231 -45.73 -31.32 -8.34
C PHE E 231 -46.66 -31.04 -9.51
N MET E 232 -47.09 -32.09 -10.19
CA MET E 232 -48.05 -31.95 -11.28
C MET E 232 -49.22 -32.91 -11.06
N LEU E 233 -50.42 -32.42 -11.33
CA LEU E 233 -51.64 -33.20 -11.24
C LEU E 233 -51.77 -34.16 -12.42
N GLY E 234 -52.61 -35.19 -12.22
CA GLY E 234 -53.12 -36.02 -13.29
C GLY E 234 -54.44 -35.48 -13.80
N TYR E 235 -55.10 -36.29 -14.61
CA TYR E 235 -56.33 -35.86 -15.25
C TYR E 235 -57.58 -36.35 -14.55
N GLN E 236 -57.48 -37.41 -13.76
CA GLN E 236 -58.66 -38.20 -13.46
C GLN E 236 -59.51 -37.56 -12.37
N SER E 237 -60.79 -37.88 -12.41
CA SER E 237 -61.70 -37.65 -11.31
C SER E 237 -61.64 -38.85 -10.38
N MET E 238 -61.78 -38.58 -9.09
CA MET E 238 -61.55 -39.59 -8.07
C MET E 238 -62.69 -39.49 -7.07
N ASP E 239 -63.44 -40.57 -6.92
CA ASP E 239 -64.59 -40.60 -6.01
C ASP E 239 -65.57 -39.47 -6.32
N GLY E 240 -65.70 -39.11 -7.61
CA GLY E 240 -66.64 -38.10 -8.04
C GLY E 240 -66.05 -36.75 -8.37
N VAL E 241 -64.83 -36.46 -7.94
CA VAL E 241 -64.28 -35.11 -7.91
C VAL E 241 -63.06 -35.06 -8.80
N PRO E 242 -62.98 -34.12 -9.75
CA PRO E 242 -61.70 -33.88 -10.43
C PRO E 242 -60.59 -33.61 -9.43
N VAL E 243 -59.40 -34.18 -9.68
CA VAL E 243 -58.30 -33.95 -8.74
C VAL E 243 -57.89 -32.49 -8.70
N THR E 244 -58.17 -31.76 -9.79
CA THR E 244 -57.86 -30.33 -9.85
C THR E 244 -58.53 -29.54 -8.72
N VAL E 245 -59.68 -30.00 -8.23
CA VAL E 245 -60.38 -29.31 -7.16
C VAL E 245 -60.52 -30.19 -5.92
N ASN E 246 -59.63 -31.17 -5.76
CA ASN E 246 -59.64 -32.09 -4.62
C ASN E 246 -58.82 -31.44 -3.50
N GLY E 247 -59.51 -30.69 -2.64
CA GLY E 247 -58.82 -29.92 -1.62
C GLY E 247 -58.20 -30.78 -0.53
N TRP E 248 -58.79 -31.96 -0.25
CA TRP E 248 -58.20 -32.87 0.72
C TRP E 248 -56.78 -33.28 0.30
N LEU E 249 -56.61 -33.66 -0.97
CA LEU E 249 -55.31 -34.12 -1.44
C LEU E 249 -54.35 -32.96 -1.67
N LEU E 250 -54.79 -31.91 -2.37
CA LEU E 250 -53.91 -30.83 -2.81
C LEU E 250 -53.54 -29.89 -1.67
N ASP E 251 -54.17 -30.03 -0.52
CA ASP E 251 -53.95 -29.03 0.50
C ASP E 251 -53.84 -29.67 1.88
N ASP E 252 -54.87 -30.41 2.32
CA ASP E 252 -54.80 -31.08 3.63
C ASP E 252 -53.61 -32.03 3.72
N VAL E 253 -53.37 -32.84 2.67
CA VAL E 253 -52.29 -33.82 2.69
C VAL E 253 -50.98 -33.18 2.26
N LEU E 254 -50.98 -32.57 1.08
CA LEU E 254 -49.74 -32.05 0.49
C LEU E 254 -49.14 -30.93 1.33
N ARG E 255 -49.97 -29.99 1.81
CA ARG E 255 -49.48 -28.89 2.62
C ARG E 255 -49.61 -29.19 4.12
N GLY E 256 -50.76 -29.68 4.54
CA GLY E 256 -50.97 -29.96 5.95
C GLY E 256 -50.11 -31.08 6.51
N GLU E 257 -50.25 -32.29 5.97
CA GLU E 257 -49.52 -33.44 6.52
C GLU E 257 -48.03 -33.46 6.15
N TRP E 258 -47.69 -33.09 4.92
CA TRP E 258 -46.31 -33.22 4.46
C TRP E 258 -45.52 -31.93 4.56
N GLY E 259 -46.18 -30.79 4.70
CA GLY E 259 -45.47 -29.53 4.80
C GLY E 259 -44.78 -29.13 3.52
N TYR E 260 -45.27 -29.61 2.38
CA TYR E 260 -44.62 -29.33 1.11
C TYR E 260 -44.68 -27.83 0.80
N THR E 261 -43.54 -27.26 0.37
CA THR E 261 -43.49 -25.84 0.06
C THR E 261 -43.32 -25.55 -1.42
N GLY E 262 -43.25 -26.58 -2.27
CA GLY E 262 -43.10 -26.37 -3.70
C GLY E 262 -44.41 -26.01 -4.39
N THR E 263 -44.33 -25.94 -5.71
CA THR E 263 -45.42 -25.52 -6.57
C THR E 263 -46.21 -26.71 -7.12
N LEU E 264 -47.54 -26.62 -7.01
CA LEU E 264 -48.48 -27.43 -7.76
C LEU E 264 -48.79 -26.77 -9.09
N VAL E 265 -48.52 -27.49 -10.18
CA VAL E 265 -49.05 -27.13 -11.49
C VAL E 265 -50.10 -28.17 -11.86
N THR E 266 -51.18 -27.72 -12.50
CA THR E 266 -52.15 -28.66 -13.04
C THR E 266 -51.56 -29.41 -14.23
N ASP E 267 -52.24 -30.48 -14.63
CA ASP E 267 -52.00 -31.07 -15.94
C ASP E 267 -52.65 -30.20 -17.03
N TRP E 268 -52.46 -30.62 -18.27
CA TRP E 268 -52.78 -29.86 -19.47
C TRP E 268 -54.27 -29.48 -19.55
N ASP E 269 -54.58 -28.20 -19.31
CA ASP E 269 -55.93 -27.65 -19.44
C ASP E 269 -56.92 -28.30 -18.46
N ASN E 270 -56.43 -28.75 -17.31
CA ASN E 270 -57.32 -29.30 -16.29
C ASN E 270 -58.47 -28.37 -15.97
N VAL E 271 -58.20 -27.06 -15.82
CA VAL E 271 -59.23 -26.14 -15.37
C VAL E 271 -60.26 -25.93 -16.48
N GLY E 272 -59.79 -25.64 -17.69
CA GLY E 272 -60.71 -25.52 -18.81
C GLY E 272 -61.52 -26.78 -19.05
N ARG E 273 -60.86 -27.96 -18.96
CA ARG E 273 -61.55 -29.24 -19.18
C ARG E 273 -62.76 -29.38 -18.28
N MET E 274 -62.73 -28.77 -17.09
CA MET E 274 -63.85 -28.88 -16.16
C MET E 274 -65.11 -28.20 -16.71
N VAL E 275 -64.95 -27.26 -17.63
CA VAL E 275 -66.07 -26.56 -18.25
C VAL E 275 -66.47 -27.29 -19.53
N TRP E 276 -65.56 -27.34 -20.50
CA TRP E 276 -65.93 -27.75 -21.84
C TRP E 276 -65.96 -29.26 -22.04
N GLU E 277 -65.28 -30.03 -21.19
CA GLU E 277 -65.18 -31.47 -21.34
C GLU E 277 -65.98 -32.21 -20.28
N GLN E 278 -65.66 -32.01 -19.00
CA GLN E 278 -66.33 -32.75 -17.94
C GLN E 278 -67.68 -32.15 -17.57
N HIS E 279 -67.91 -30.89 -17.94
CA HIS E 279 -69.10 -30.14 -17.55
C HIS E 279 -69.42 -30.31 -16.06
N ILE E 280 -68.40 -30.15 -15.21
CA ILE E 280 -68.63 -30.05 -13.77
C ILE E 280 -68.57 -28.60 -13.28
N GLN E 281 -68.01 -27.70 -14.07
CA GLN E 281 -68.09 -26.31 -13.69
C GLN E 281 -68.86 -25.54 -14.75
N PRO E 282 -69.77 -24.64 -14.33
CA PRO E 282 -70.67 -24.01 -15.32
C PRO E 282 -69.96 -23.03 -16.24
N ASP E 283 -68.86 -22.42 -15.82
CA ASP E 283 -68.11 -21.50 -16.67
C ASP E 283 -66.71 -21.33 -16.11
N TYR E 284 -65.90 -20.53 -16.83
CA TYR E 284 -64.49 -20.38 -16.50
C TYR E 284 -64.27 -19.65 -15.19
N VAL E 285 -65.15 -18.70 -14.83
CA VAL E 285 -64.99 -18.00 -13.57
C VAL E 285 -65.11 -18.96 -12.40
N HIS E 286 -66.11 -19.82 -12.43
CA HIS E 286 -66.27 -20.74 -11.31
C HIS E 286 -65.21 -21.83 -11.34
N ALA E 287 -64.71 -22.18 -12.52
CA ALA E 287 -63.65 -23.18 -12.61
C ALA E 287 -62.34 -22.62 -12.06
N SER E 288 -61.97 -21.42 -12.50
CA SER E 288 -60.76 -20.78 -11.97
C SER E 288 -60.84 -20.64 -10.45
N ALA E 289 -62.00 -20.22 -9.94
CA ALA E 289 -62.13 -20.01 -8.50
C ALA E 289 -61.97 -21.31 -7.75
N ALA E 290 -62.58 -22.39 -8.25
CA ALA E 290 -62.48 -23.67 -7.57
C ALA E 290 -61.05 -24.22 -7.62
N ALA E 291 -60.32 -23.95 -8.71
CA ALA E 291 -58.97 -24.47 -8.83
C ALA E 291 -58.04 -23.76 -7.85
N VAL E 292 -58.27 -22.47 -7.63
CA VAL E 292 -57.44 -21.71 -6.70
C VAL E 292 -57.75 -22.12 -5.26
N ARG E 293 -59.03 -22.15 -4.89
CA ARG E 293 -59.40 -22.55 -3.54
C ARG E 293 -58.91 -23.95 -3.20
N ALA E 294 -58.69 -24.81 -4.20
CA ALA E 294 -58.19 -26.16 -3.94
C ALA E 294 -56.70 -26.18 -3.60
N GLY E 295 -55.94 -25.21 -4.10
CA GLY E 295 -54.55 -25.10 -3.72
C GLY E 295 -53.60 -25.20 -4.88
N ASN E 296 -54.11 -25.06 -6.11
CA ASN E 296 -53.23 -25.03 -7.27
C ASN E 296 -52.49 -23.70 -7.34
N ASP E 297 -51.21 -23.78 -7.72
CA ASP E 297 -50.39 -22.60 -7.85
C ASP E 297 -50.18 -22.13 -9.27
N MET E 298 -50.10 -23.08 -10.21
CA MET E 298 -49.71 -22.82 -11.59
C MET E 298 -50.75 -23.52 -12.45
N VAL E 299 -51.29 -22.80 -13.45
CA VAL E 299 -52.35 -23.31 -14.31
C VAL E 299 -51.74 -23.57 -15.68
N MET E 300 -51.69 -24.84 -16.09
CA MET E 300 -51.08 -25.19 -17.38
C MET E 300 -52.08 -25.00 -18.52
N THR E 301 -51.69 -24.24 -19.54
CA THR E 301 -52.38 -24.04 -20.82
C THR E 301 -53.89 -23.94 -20.76
N THR E 302 -54.45 -23.19 -19.79
CA THR E 302 -55.83 -22.73 -19.88
C THR E 302 -55.77 -21.21 -19.98
N PRO E 303 -55.57 -20.67 -21.19
CA PRO E 303 -55.42 -19.20 -21.32
C PRO E 303 -56.53 -18.40 -20.67
N ARG E 304 -57.73 -18.99 -20.53
CA ARG E 304 -58.88 -18.26 -20.03
C ARG E 304 -58.92 -18.22 -18.51
N PHE E 305 -58.03 -18.93 -17.84
CA PHE E 305 -57.83 -18.73 -16.41
C PHE E 305 -57.54 -17.26 -16.10
N PHE E 306 -56.84 -16.58 -17.01
CA PHE E 306 -56.53 -15.16 -16.89
C PHE E 306 -57.78 -14.31 -16.63
N GLU E 307 -58.66 -14.20 -17.63
CA GLU E 307 -59.91 -13.48 -17.42
C GLU E 307 -60.75 -14.14 -16.33
N GLY E 308 -60.75 -15.48 -16.30
CA GLY E 308 -61.55 -16.19 -15.30
C GLY E 308 -61.18 -15.80 -13.88
N ALA E 309 -59.87 -15.77 -13.59
CA ALA E 309 -59.45 -15.51 -12.22
C ALA E 309 -59.61 -14.04 -11.86
N LEU E 310 -59.37 -13.14 -12.81
CA LEU E 310 -59.60 -11.72 -12.56
C LEU E 310 -61.07 -11.45 -12.20
N GLU E 311 -61.99 -12.06 -12.95
CA GLU E 311 -63.40 -11.91 -12.63
C GLU E 311 -63.74 -12.58 -11.29
N ALA E 312 -63.11 -13.71 -11.01
CA ALA E 312 -63.39 -14.39 -9.74
C ALA E 312 -62.97 -13.53 -8.56
N VAL E 313 -61.82 -12.86 -8.65
CA VAL E 313 -61.38 -12.00 -7.55
C VAL E 313 -62.31 -10.81 -7.43
N ASP E 314 -62.64 -10.19 -8.57
CA ASP E 314 -63.56 -9.06 -8.58
C ASP E 314 -64.91 -9.42 -7.97
N ARG E 315 -65.46 -10.58 -8.31
CA ARG E 315 -66.77 -10.98 -7.82
C ARG E 315 -66.72 -11.66 -6.45
N GLY E 316 -65.56 -11.69 -5.80
CA GLY E 316 -65.48 -12.23 -4.46
C GLY E 316 -65.56 -13.73 -4.34
N LEU E 317 -65.42 -14.48 -5.45
CA LEU E 317 -65.43 -15.93 -5.40
C LEU E 317 -64.12 -16.51 -4.87
N VAL E 318 -63.02 -15.76 -4.96
CA VAL E 318 -61.76 -16.13 -4.31
C VAL E 318 -61.07 -14.88 -3.79
N GLU E 319 -60.28 -15.05 -2.73
CA GLU E 319 -59.58 -13.95 -2.10
C GLU E 319 -58.31 -13.61 -2.86
N GLU E 320 -58.01 -12.31 -2.94
CA GLU E 320 -56.74 -11.91 -3.54
C GLU E 320 -55.57 -12.56 -2.79
N ALA E 321 -55.73 -12.80 -1.49
CA ALA E 321 -54.69 -13.47 -0.71
C ALA E 321 -54.40 -14.88 -1.22
N ALA E 322 -55.41 -15.60 -1.73
CA ALA E 322 -55.15 -16.91 -2.29
C ALA E 322 -54.29 -16.82 -3.55
N ILE E 323 -54.47 -15.76 -4.36
CA ILE E 323 -53.59 -15.54 -5.51
C ILE E 323 -52.17 -15.23 -5.05
N ASP E 324 -52.05 -14.38 -4.02
CA ASP E 324 -50.74 -14.06 -3.46
C ASP E 324 -50.01 -15.31 -3.01
N ALA E 325 -50.72 -16.23 -2.36
CA ALA E 325 -50.07 -17.43 -1.83
C ALA E 325 -49.51 -18.27 -2.97
N ALA E 326 -50.30 -18.47 -4.03
CA ALA E 326 -49.81 -19.19 -5.20
C ALA E 326 -48.61 -18.48 -5.80
N VAL E 327 -48.65 -17.14 -5.90
CA VAL E 327 -47.57 -16.42 -6.53
C VAL E 327 -46.30 -16.50 -5.70
N ARG E 328 -46.44 -16.51 -4.37
CA ARG E 328 -45.27 -16.61 -3.50
C ARG E 328 -44.48 -17.86 -3.81
N ARG E 329 -45.17 -18.99 -3.97
CA ARG E 329 -44.51 -20.25 -4.27
C ARG E 329 -43.85 -20.22 -5.63
N ILE E 330 -44.49 -19.60 -6.62
CA ILE E 330 -43.87 -19.51 -7.93
C ILE E 330 -42.63 -18.64 -7.88
N LEU E 331 -42.75 -17.45 -7.27
CA LEU E 331 -41.62 -16.52 -7.26
C LEU E 331 -40.42 -17.12 -6.52
N THR E 332 -40.68 -17.90 -5.48
CA THR E 332 -39.60 -18.53 -4.73
C THR E 332 -38.77 -19.46 -5.61
N LEU E 333 -39.42 -20.25 -6.46
CA LEU E 333 -38.65 -21.09 -7.38
C LEU E 333 -37.73 -20.26 -8.25
N LYS E 334 -38.21 -19.11 -8.73
CA LYS E 334 -37.40 -18.34 -9.67
C LYS E 334 -36.21 -17.68 -8.97
N PHE E 335 -36.41 -17.17 -7.74
CA PHE E 335 -35.32 -16.64 -6.95
C PHE E 335 -34.31 -17.74 -6.60
N ARG E 336 -34.80 -18.89 -6.14
CA ARG E 336 -33.90 -19.96 -5.71
C ARG E 336 -33.05 -20.48 -6.86
N LEU E 337 -33.59 -20.47 -8.09
CA LEU E 337 -32.82 -20.82 -9.27
C LEU E 337 -31.85 -19.73 -9.68
N GLY E 338 -31.90 -18.56 -9.03
CA GLY E 338 -31.07 -17.43 -9.41
C GLY E 338 -31.45 -16.77 -10.72
N LEU E 339 -32.71 -16.89 -11.16
CA LEU E 339 -33.11 -16.40 -12.47
C LEU E 339 -33.06 -14.88 -12.58
N PHE E 340 -33.22 -14.16 -11.46
CA PHE E 340 -33.18 -12.71 -11.52
C PHE E 340 -31.76 -12.16 -11.66
N GLU E 341 -30.75 -12.98 -11.34
CA GLU E 341 -29.34 -12.65 -11.59
C GLU E 341 -28.83 -13.26 -12.88
N ASP E 342 -29.16 -14.52 -13.15
CA ASP E 342 -28.77 -15.21 -14.38
C ASP E 342 -30.02 -15.88 -14.92
N PRO E 343 -30.61 -15.32 -15.99
CA PRO E 343 -31.85 -15.92 -16.54
C PRO E 343 -31.61 -17.18 -17.34
N ARG E 344 -30.36 -17.65 -17.45
CA ARG E 344 -29.99 -18.91 -18.08
C ARG E 344 -30.49 -18.97 -19.52
N ARG E 345 -29.87 -18.13 -20.35
CA ARG E 345 -30.08 -18.20 -21.79
C ARG E 345 -29.50 -19.51 -22.34
N PRO E 346 -29.96 -19.95 -23.51
CA PRO E 346 -29.27 -21.04 -24.19
C PRO E 346 -27.88 -20.60 -24.61
N ASP E 347 -26.96 -21.56 -24.58
CA ASP E 347 -25.54 -21.33 -24.91
C ASP E 347 -25.12 -22.34 -25.98
N VAL E 348 -24.90 -21.85 -27.20
CA VAL E 348 -24.55 -22.74 -28.30
C VAL E 348 -23.15 -23.32 -28.10
N ALA E 349 -22.26 -22.62 -27.42
CA ALA E 349 -20.95 -23.20 -27.12
C ALA E 349 -21.10 -24.38 -26.16
N ARG E 350 -21.94 -24.22 -25.12
CA ARG E 350 -22.17 -25.32 -24.19
C ARG E 350 -22.90 -26.49 -24.87
N GLN E 351 -23.80 -26.18 -25.80
CA GLN E 351 -24.55 -27.22 -26.50
C GLN E 351 -23.61 -28.14 -27.26
N GLN E 352 -22.68 -27.57 -28.02
CA GLN E 352 -21.76 -28.38 -28.79
C GLN E 352 -20.76 -29.12 -27.92
N ALA E 353 -20.62 -28.74 -26.65
CA ALA E 353 -19.67 -29.42 -25.80
C ALA E 353 -20.28 -30.56 -24.99
N VAL E 354 -21.57 -30.51 -24.69
CA VAL E 354 -22.15 -31.47 -23.76
C VAL E 354 -23.29 -32.29 -24.34
N ILE E 355 -23.90 -31.86 -25.44
CA ILE E 355 -25.06 -32.60 -25.96
C ILE E 355 -24.56 -33.75 -26.84
N ALA E 356 -25.06 -34.95 -26.55
CA ALA E 356 -24.58 -36.19 -27.17
C ALA E 356 -23.08 -36.37 -26.97
N SER E 357 -22.57 -35.94 -25.81
CA SER E 357 -21.15 -36.09 -25.54
C SER E 357 -20.78 -37.57 -25.42
N ALA E 358 -19.47 -37.84 -25.41
CA ALA E 358 -19.02 -39.21 -25.21
C ALA E 358 -19.48 -39.76 -23.87
N GLU E 359 -19.46 -38.95 -22.81
CA GLU E 359 -19.64 -39.58 -21.52
C GLU E 359 -21.11 -39.84 -21.30
N HIS E 360 -21.96 -39.06 -21.98
CA HIS E 360 -23.39 -39.29 -21.90
C HIS E 360 -23.78 -40.55 -22.66
N ALA E 361 -23.21 -40.73 -23.86
CA ALA E 361 -23.36 -42.00 -24.58
C ALA E 361 -22.92 -43.19 -23.72
N ALA E 362 -21.87 -43.02 -22.92
CA ALA E 362 -21.41 -44.13 -22.10
C ALA E 362 -22.40 -44.43 -20.97
N VAL E 363 -23.00 -43.40 -20.37
CA VAL E 363 -24.04 -43.63 -19.37
C VAL E 363 -25.22 -44.36 -19.99
N ASN E 364 -25.63 -43.92 -21.19
CA ASN E 364 -26.73 -44.54 -21.91
C ASN E 364 -26.43 -46.02 -22.19
N LEU E 365 -25.21 -46.33 -22.66
CA LEU E 365 -24.84 -47.73 -22.90
C LEU E 365 -24.89 -48.55 -21.61
N GLU E 366 -24.47 -47.96 -20.48
CA GLU E 366 -24.51 -48.73 -19.25
C GLU E 366 -25.94 -49.02 -18.81
N VAL E 367 -26.86 -48.06 -18.99
CA VAL E 367 -28.21 -48.31 -18.49
C VAL E 367 -28.95 -49.22 -19.45
N ALA E 368 -28.71 -49.08 -20.76
CA ALA E 368 -29.20 -50.08 -21.71
C ALA E 368 -28.73 -51.48 -21.33
N ARG E 369 -27.43 -51.64 -21.10
CA ARG E 369 -26.87 -52.95 -20.80
C ARG E 369 -27.48 -53.55 -19.54
N ARG E 370 -27.62 -52.73 -18.49
CA ARG E 370 -28.11 -53.26 -17.23
C ARG E 370 -29.62 -53.47 -17.19
N SER E 371 -30.37 -52.95 -18.18
CA SER E 371 -31.82 -52.98 -18.08
C SER E 371 -32.45 -54.18 -18.78
N LEU E 372 -31.71 -54.87 -19.64
CA LEU E 372 -32.28 -56.04 -20.32
C LEU E 372 -32.54 -57.14 -19.32
N VAL E 373 -33.67 -57.82 -19.48
CA VAL E 373 -34.04 -58.93 -18.61
C VAL E 373 -34.15 -60.20 -19.44
N LEU E 374 -33.39 -61.21 -19.04
CA LEU E 374 -33.48 -62.54 -19.62
C LEU E 374 -34.57 -63.32 -18.89
N LEU E 375 -35.69 -63.58 -19.55
CA LEU E 375 -36.82 -64.23 -18.91
C LEU E 375 -36.78 -65.75 -19.03
N THR E 376 -36.41 -66.28 -20.20
CA THR E 376 -36.31 -67.72 -20.39
C THR E 376 -35.08 -68.03 -21.22
N ASN E 377 -34.48 -69.20 -20.97
CA ASN E 377 -33.28 -69.61 -21.67
C ASN E 377 -33.14 -71.12 -21.56
N ASP E 378 -33.19 -71.83 -22.68
CA ASP E 378 -33.05 -73.28 -22.65
C ASP E 378 -31.60 -73.73 -22.70
N GLY E 379 -30.65 -72.81 -22.67
CA GLY E 379 -29.25 -73.10 -22.89
C GLY E 379 -28.69 -72.61 -24.20
N THR E 380 -29.55 -72.21 -25.14
CA THR E 380 -29.08 -71.61 -26.39
C THR E 380 -28.22 -70.36 -26.13
N LEU E 381 -28.59 -69.52 -25.06
CA LEU E 381 -27.74 -68.36 -24.83
C LEU E 381 -26.79 -68.62 -23.67
N PRO E 382 -25.60 -68.00 -23.65
CA PRO E 382 -25.05 -67.13 -24.70
C PRO E 382 -24.68 -67.91 -25.98
N PHE E 383 -24.99 -67.33 -27.14
CA PHE E 383 -24.96 -68.07 -28.39
C PHE E 383 -23.57 -68.62 -28.67
N ALA E 384 -23.54 -69.89 -29.12
CA ALA E 384 -22.29 -70.59 -29.48
C ALA E 384 -21.28 -70.61 -28.32
N GLY E 385 -21.79 -70.77 -27.10
CA GLY E 385 -20.95 -70.78 -25.92
C GLY E 385 -20.61 -69.42 -25.35
N GLY E 386 -20.65 -68.36 -26.16
CA GLY E 386 -20.28 -67.04 -25.70
C GLY E 386 -19.01 -66.56 -26.36
N LEU E 387 -19.00 -65.30 -26.74
CA LEU E 387 -17.89 -64.70 -27.48
C LEU E 387 -17.12 -63.77 -26.55
N ASP E 388 -15.97 -63.31 -27.05
CA ASP E 388 -15.17 -62.27 -26.40
C ASP E 388 -14.71 -61.32 -27.48
N ARG E 389 -14.28 -60.11 -27.08
CA ARG E 389 -13.67 -59.31 -28.13
C ARG E 389 -12.18 -59.64 -28.15
N ALA E 390 -11.48 -59.15 -29.17
CA ALA E 390 -10.03 -59.14 -29.11
C ALA E 390 -9.61 -58.44 -27.82
N PRO E 394 -11.57 -53.23 -26.01
CA PRO E 394 -12.96 -53.03 -25.60
C PRO E 394 -13.66 -52.16 -26.63
N ASP E 395 -14.97 -52.41 -26.80
CA ASP E 395 -15.78 -51.70 -27.79
C ASP E 395 -15.29 -51.99 -29.21
N GLY E 396 -15.26 -53.28 -29.54
CA GLY E 396 -14.85 -53.73 -30.85
C GLY E 396 -15.65 -54.95 -31.29
N ARG E 397 -15.36 -55.39 -32.52
CA ARG E 397 -16.03 -56.57 -33.05
C ARG E 397 -15.66 -57.82 -32.25
N ALA E 398 -16.61 -58.74 -32.12
CA ALA E 398 -16.32 -59.97 -31.41
C ALA E 398 -15.46 -60.92 -32.25
N LEU E 399 -14.67 -61.73 -31.56
CA LEU E 399 -13.91 -62.83 -32.14
C LEU E 399 -14.78 -64.08 -32.25
N ALA E 400 -14.65 -64.80 -33.36
CA ALA E 400 -15.39 -66.06 -33.49
C ALA E 400 -14.93 -67.03 -32.40
N PRO E 401 -15.85 -67.74 -31.76
CA PRO E 401 -15.47 -68.67 -30.70
C PRO E 401 -15.02 -70.03 -31.25
N ALA E 402 -14.40 -70.81 -30.35
CA ALA E 402 -13.99 -72.17 -30.67
C ALA E 402 -15.18 -73.04 -31.05
N GLY E 403 -15.11 -73.64 -32.24
CA GLY E 403 -16.17 -74.52 -32.67
C GLY E 403 -17.30 -73.86 -33.44
N ALA E 404 -17.19 -72.57 -33.77
CA ALA E 404 -18.24 -71.85 -34.50
C ALA E 404 -17.60 -70.78 -35.39
N PRO E 405 -16.90 -71.20 -36.45
CA PRO E 405 -16.22 -70.23 -37.33
C PRO E 405 -17.17 -69.39 -38.15
N ALA E 406 -18.26 -69.98 -38.64
CA ALA E 406 -19.21 -69.30 -39.52
C ALA E 406 -20.61 -69.56 -39.00
N ARG E 407 -21.33 -68.49 -38.67
CA ARG E 407 -22.71 -68.64 -38.25
C ARG E 407 -23.52 -67.54 -38.92
N THR E 408 -24.81 -67.78 -39.06
CA THR E 408 -25.71 -66.77 -39.61
C THR E 408 -26.80 -66.44 -38.59
N ILE E 409 -26.99 -65.14 -38.34
CA ILE E 409 -28.04 -64.68 -37.45
C ILE E 409 -29.09 -63.96 -38.29
N ALA E 410 -30.31 -64.49 -38.26
CA ALA E 410 -31.45 -63.90 -38.96
C ALA E 410 -32.19 -63.01 -37.97
N VAL E 411 -32.11 -61.70 -38.16
CA VAL E 411 -32.83 -60.73 -37.34
C VAL E 411 -34.16 -60.42 -38.04
N VAL E 412 -35.25 -60.91 -37.46
CA VAL E 412 -36.56 -60.75 -38.07
C VAL E 412 -37.47 -60.01 -37.11
N GLY E 413 -38.59 -59.53 -37.65
CA GLY E 413 -39.62 -58.95 -36.84
C GLY E 413 -39.82 -57.47 -37.08
N PRO E 414 -41.04 -57.02 -36.90
CA PRO E 414 -41.36 -55.61 -37.19
C PRO E 414 -40.53 -54.63 -36.42
N ASN E 415 -39.94 -55.02 -35.29
CA ASN E 415 -39.24 -54.09 -34.41
C ASN E 415 -37.73 -54.21 -34.51
N ALA E 416 -37.22 -55.02 -35.44
CA ALA E 416 -35.81 -55.33 -35.45
C ALA E 416 -34.97 -54.16 -35.95
N ASP E 417 -35.54 -53.30 -36.78
CA ASP E 417 -34.79 -52.17 -37.33
C ASP E 417 -35.55 -50.86 -37.18
N ASP E 418 -36.46 -50.77 -36.21
CA ASP E 418 -37.37 -49.63 -36.09
C ASP E 418 -36.83 -48.65 -35.04
N ASP E 419 -35.91 -47.81 -35.51
CA ASP E 419 -35.59 -46.50 -34.95
C ASP E 419 -36.56 -45.97 -33.89
N HIS E 420 -37.72 -45.49 -34.33
CA HIS E 420 -38.60 -44.72 -33.45
C HIS E 420 -39.22 -45.59 -32.38
N THR E 421 -39.62 -46.81 -32.73
CA THR E 421 -40.25 -47.70 -31.77
C THR E 421 -39.28 -48.06 -30.64
N GLN E 422 -37.98 -48.06 -30.92
CA GLN E 422 -37.01 -48.39 -29.89
C GLN E 422 -36.90 -47.28 -28.85
N LEU E 423 -37.12 -46.03 -29.25
CA LEU E 423 -37.03 -44.94 -28.30
C LEU E 423 -38.30 -44.78 -27.49
N GLY E 424 -39.42 -45.28 -27.98
CA GLY E 424 -40.67 -45.27 -27.25
C GLY E 424 -41.35 -43.91 -27.25
N ASP E 425 -42.38 -43.82 -26.42
CA ASP E 425 -43.13 -42.58 -26.25
C ASP E 425 -42.28 -41.53 -25.57
N TRP E 426 -42.67 -40.26 -25.73
CA TRP E 426 -42.01 -39.10 -25.13
C TRP E 426 -40.56 -38.99 -25.59
N ALA E 427 -40.36 -39.13 -26.89
CA ALA E 427 -39.10 -38.88 -27.53
C ALA E 427 -39.37 -38.66 -29.01
N GLY E 428 -38.55 -37.82 -29.63
CA GLY E 428 -38.54 -37.72 -31.09
C GLY E 428 -39.91 -37.43 -31.68
N ALA E 429 -40.30 -38.26 -32.64
CA ALA E 429 -41.52 -38.07 -33.42
C ALA E 429 -42.74 -38.78 -32.81
N SER E 430 -42.75 -38.98 -31.50
CA SER E 430 -43.86 -39.65 -30.84
C SER E 430 -45.15 -38.82 -30.78
N GLY E 431 -45.08 -37.51 -31.05
CA GLY E 431 -46.30 -36.73 -31.17
C GLY E 431 -46.32 -35.38 -30.48
N GLN E 432 -45.94 -35.35 -29.21
CA GLN E 432 -46.22 -34.22 -28.32
C GLN E 432 -45.49 -32.94 -28.73
N ALA E 433 -44.53 -33.02 -29.65
CA ALA E 433 -43.77 -31.85 -30.11
C ALA E 433 -43.74 -31.87 -31.63
N ASP E 434 -44.25 -30.80 -32.25
CA ASP E 434 -44.46 -30.77 -33.69
C ASP E 434 -43.25 -30.24 -34.46
N TRP E 435 -42.11 -30.06 -33.81
CA TRP E 435 -40.89 -29.61 -34.50
C TRP E 435 -39.85 -30.73 -34.65
N LEU E 436 -40.30 -31.99 -34.66
CA LEU E 436 -39.43 -33.16 -34.91
C LEU E 436 -40.19 -34.16 -35.77
N PRO E 437 -40.45 -33.83 -37.04
CA PRO E 437 -41.21 -34.80 -37.86
C PRO E 437 -40.44 -36.09 -38.08
N ASP E 438 -39.13 -36.00 -38.31
CA ASP E 438 -38.26 -37.16 -38.52
C ASP E 438 -37.68 -37.73 -37.22
N GLY E 439 -38.05 -37.17 -36.07
CA GLY E 439 -37.47 -37.64 -34.83
C GLY E 439 -35.99 -37.32 -34.76
N HIS E 440 -35.27 -38.12 -33.99
CA HIS E 440 -33.83 -37.94 -33.83
C HIS E 440 -33.07 -38.50 -35.04
N PRO E 441 -31.83 -38.05 -35.26
CA PRO E 441 -31.06 -38.52 -36.43
C PRO E 441 -30.83 -40.03 -36.37
N ARG E 442 -31.08 -40.69 -37.52
CA ARG E 442 -31.08 -42.16 -37.57
C ARG E 442 -29.79 -42.76 -37.03
N GLU E 443 -28.66 -42.14 -37.31
CA GLU E 443 -27.36 -42.73 -37.01
C GLU E 443 -27.06 -42.82 -35.52
N MET E 444 -27.77 -42.04 -34.67
CA MET E 444 -27.54 -42.11 -33.23
C MET E 444 -28.21 -43.31 -32.56
N THR E 445 -29.15 -43.97 -33.22
CA THR E 445 -29.79 -45.14 -32.64
C THR E 445 -29.16 -46.41 -33.22
N THR E 446 -28.77 -47.32 -32.34
CA THR E 446 -28.39 -48.68 -32.72
C THR E 446 -29.61 -49.57 -32.57
N THR E 447 -30.21 -49.95 -33.69
CA THR E 447 -31.27 -50.95 -33.64
C THR E 447 -30.67 -52.33 -33.34
N VAL E 448 -31.55 -53.31 -33.09
CA VAL E 448 -31.07 -54.68 -32.90
C VAL E 448 -30.31 -55.16 -34.12
N LEU E 449 -30.88 -54.92 -35.31
CA LEU E 449 -30.19 -55.27 -36.54
C LEU E 449 -28.81 -54.60 -36.61
N ASP E 450 -28.75 -53.29 -36.32
CA ASP E 450 -27.48 -52.58 -36.33
C ASP E 450 -26.46 -53.20 -35.37
N GLY E 451 -26.92 -53.58 -34.17
CA GLY E 451 -26.00 -54.11 -33.18
C GLY E 451 -25.38 -55.43 -33.60
N PHE E 452 -26.19 -56.36 -34.11
CA PHE E 452 -25.65 -57.64 -34.56
C PHE E 452 -24.69 -57.43 -35.72
N ARG E 453 -25.05 -56.55 -36.67
CA ARG E 453 -24.16 -56.26 -37.77
C ARG E 453 -22.81 -55.75 -37.28
N ALA E 454 -22.82 -54.91 -36.24
CA ALA E 454 -21.61 -54.29 -35.76
C ALA E 454 -20.75 -55.24 -34.93
N LEU E 455 -21.36 -56.22 -34.26
CA LEU E 455 -20.63 -57.05 -33.32
C LEU E 455 -20.39 -58.47 -33.81
N ALA E 456 -21.09 -58.93 -34.84
CA ALA E 456 -20.87 -60.28 -35.35
C ALA E 456 -19.40 -60.48 -35.70
N PRO E 457 -18.80 -61.61 -35.36
CA PRO E 457 -17.43 -61.89 -35.80
C PRO E 457 -17.39 -61.85 -37.32
N GLU E 458 -16.21 -61.57 -37.82
CA GLU E 458 -16.16 -61.06 -39.18
C GLU E 458 -16.33 -62.17 -40.22
N GLY E 459 -16.22 -63.43 -39.81
CA GLY E 459 -16.69 -64.54 -40.61
C GLY E 459 -18.14 -64.93 -40.42
N TRP E 460 -18.91 -64.20 -39.62
CA TRP E 460 -20.33 -64.48 -39.47
C TRP E 460 -21.13 -63.59 -40.41
N ALA E 461 -22.40 -63.94 -40.59
CA ALA E 461 -23.32 -63.17 -41.40
C ALA E 461 -24.54 -62.77 -40.57
N VAL E 462 -25.18 -61.67 -40.96
CA VAL E 462 -26.39 -61.18 -40.30
C VAL E 462 -27.40 -60.83 -41.38
N THR E 463 -28.49 -61.60 -41.44
CA THR E 463 -29.56 -61.34 -42.38
C THR E 463 -30.75 -60.68 -41.66
N HIS E 464 -31.64 -60.10 -42.47
CA HIS E 464 -32.77 -59.34 -41.96
C HIS E 464 -34.01 -59.64 -42.79
N ALA E 465 -35.13 -59.87 -42.12
CA ALA E 465 -36.41 -60.04 -42.79
C ALA E 465 -37.48 -59.41 -41.91
N ARG E 466 -38.11 -58.34 -42.38
CA ARG E 466 -39.40 -57.95 -41.84
C ARG E 466 -40.31 -59.17 -41.98
N GLY E 467 -40.85 -59.66 -40.87
CA GLY E 467 -41.59 -60.88 -41.08
C GLY E 467 -43.09 -60.65 -40.94
N ALA E 468 -43.43 -59.49 -40.39
CA ALA E 468 -44.79 -59.18 -40.00
C ALA E 468 -44.92 -57.67 -39.90
N ASP E 469 -46.06 -57.16 -40.31
CA ASP E 469 -46.46 -55.80 -39.95
C ASP E 469 -47.32 -55.87 -38.70
N ILE E 470 -47.47 -54.72 -38.04
CA ILE E 470 -48.32 -54.64 -36.85
C ILE E 470 -49.68 -54.04 -37.17
N LEU E 471 -49.71 -52.89 -37.84
CA LEU E 471 -50.97 -52.17 -38.00
C LEU E 471 -50.91 -51.20 -39.16
N THR E 472 -52.10 -50.79 -39.59
CA THR E 472 -52.31 -49.63 -40.44
C THR E 472 -53.33 -48.72 -39.77
N LEU E 473 -53.48 -47.53 -40.32
CA LEU E 473 -54.41 -46.53 -39.82
C LEU E 473 -55.55 -46.31 -40.81
N ALA E 474 -56.76 -46.31 -40.31
CA ALA E 474 -57.91 -46.08 -41.18
C ALA E 474 -58.76 -44.97 -40.58
N PRO E 475 -59.46 -44.17 -41.40
CA PRO E 475 -60.38 -43.18 -40.88
C PRO E 475 -61.49 -43.83 -40.04
N ASP E 476 -61.93 -43.12 -39.00
CA ASP E 476 -63.05 -43.60 -38.17
C ASP E 476 -64.34 -43.40 -38.95
N PRO E 477 -65.40 -44.24 -38.78
CA PRO E 477 -66.72 -43.94 -39.38
C PRO E 477 -67.28 -42.60 -38.86
N GLU E 478 -66.73 -41.47 -39.32
CA GLU E 478 -67.13 -40.13 -38.83
C GLU E 478 -68.52 -39.80 -39.35
N GLN E 490 -57.18 -42.36 -37.93
CA GLN E 490 -57.52 -42.20 -36.48
C GLN E 490 -57.57 -43.58 -35.83
N VAL E 491 -58.22 -44.56 -36.44
CA VAL E 491 -58.38 -45.89 -35.77
C VAL E 491 -57.33 -46.89 -36.23
N VAL E 492 -56.86 -47.72 -35.30
CA VAL E 492 -55.83 -48.71 -35.58
C VAL E 492 -56.48 -49.94 -36.21
N VAL E 493 -55.91 -50.39 -37.33
CA VAL E 493 -56.37 -51.57 -38.04
C VAL E 493 -55.25 -52.61 -37.96
N PRO E 494 -55.39 -53.66 -37.15
CA PRO E 494 -54.34 -54.69 -37.07
C PRO E 494 -54.00 -55.29 -38.43
N ALA E 495 -52.71 -55.48 -38.67
CA ALA E 495 -52.27 -56.03 -39.95
C ALA E 495 -52.61 -57.51 -40.06
N ALA E 496 -52.99 -57.94 -41.25
CA ALA E 496 -53.21 -59.36 -41.48
C ALA E 496 -51.88 -60.12 -41.43
N PRO E 497 -51.92 -61.40 -41.06
CA PRO E 497 -50.82 -62.29 -41.42
C PRO E 497 -50.62 -62.24 -42.92
N ASP E 498 -49.37 -61.99 -43.32
CA ASP E 498 -48.98 -61.83 -44.72
C ASP E 498 -48.13 -63.05 -45.09
N ASP E 499 -48.66 -63.89 -45.98
CA ASP E 499 -48.00 -65.16 -46.29
C ASP E 499 -46.63 -64.95 -46.92
N ALA E 500 -46.55 -64.04 -47.90
CA ALA E 500 -45.26 -63.82 -48.57
C ALA E 500 -44.24 -63.26 -47.60
N LEU E 501 -44.68 -62.36 -46.71
CA LEU E 501 -43.78 -61.79 -45.72
C LEU E 501 -43.30 -62.85 -44.73
N ILE E 502 -44.21 -63.69 -44.25
CA ILE E 502 -43.82 -64.77 -43.36
C ILE E 502 -42.87 -65.74 -44.06
N ALA E 503 -43.26 -66.21 -45.25
CA ALA E 503 -42.40 -67.13 -46.01
C ALA E 503 -41.00 -66.55 -46.19
N GLU E 504 -40.90 -65.24 -46.41
CA GLU E 504 -39.60 -64.60 -46.51
C GLU E 504 -38.80 -64.70 -45.21
N ALA E 505 -39.48 -64.58 -44.07
CA ALA E 505 -38.77 -64.69 -42.79
C ALA E 505 -38.44 -66.13 -42.46
N VAL E 506 -39.39 -67.05 -42.73
CA VAL E 506 -39.12 -68.47 -42.54
C VAL E 506 -37.89 -68.91 -43.33
N ALA E 507 -37.80 -68.52 -44.61
CA ALA E 507 -36.64 -68.91 -45.41
C ALA E 507 -35.35 -68.33 -44.84
N ALA E 508 -35.40 -67.09 -44.35
CA ALA E 508 -34.20 -66.50 -43.76
C ALA E 508 -33.77 -67.30 -42.52
N ALA E 509 -34.75 -67.77 -41.73
CA ALA E 509 -34.43 -68.54 -40.53
C ALA E 509 -33.98 -69.95 -40.87
N ARG E 510 -34.59 -70.56 -41.88
CA ARG E 510 -34.11 -71.85 -42.37
C ARG E 510 -32.67 -71.77 -42.86
N ASP E 511 -32.24 -70.60 -43.32
CA ASP E 511 -30.86 -70.39 -43.74
C ASP E 511 -30.01 -69.76 -42.66
N ALA E 512 -30.30 -70.03 -41.39
CA ALA E 512 -29.56 -69.38 -40.33
C ALA E 512 -29.36 -70.36 -39.18
N ASP E 513 -28.39 -70.04 -38.33
CA ASP E 513 -28.14 -70.74 -37.09
C ASP E 513 -28.96 -70.23 -35.92
N LEU E 514 -29.54 -69.04 -36.06
CA LEU E 514 -30.22 -68.36 -34.97
C LEU E 514 -31.17 -67.36 -35.60
N ALA E 515 -32.40 -67.33 -35.13
CA ALA E 515 -33.34 -66.31 -35.54
C ALA E 515 -33.66 -65.43 -34.33
N VAL E 516 -33.33 -64.15 -34.42
CA VAL E 516 -33.67 -63.18 -33.39
C VAL E 516 -34.93 -62.44 -33.85
N ALA E 517 -36.05 -62.72 -33.18
CA ALA E 517 -37.35 -62.19 -33.56
C ALA E 517 -37.65 -60.99 -32.66
N VAL E 518 -37.63 -59.80 -33.23
CA VAL E 518 -37.82 -58.58 -32.44
C VAL E 518 -39.27 -58.16 -32.64
N VAL E 519 -40.07 -58.36 -31.59
CA VAL E 519 -41.50 -58.13 -31.63
C VAL E 519 -41.85 -57.12 -30.52
N GLY E 520 -43.10 -56.65 -30.55
CA GLY E 520 -43.59 -55.76 -29.51
C GLY E 520 -44.78 -54.94 -29.96
N ASP E 521 -44.82 -53.69 -29.53
CA ASP E 521 -45.83 -52.75 -29.96
C ASP E 521 -45.14 -51.53 -30.56
N ARG E 522 -45.91 -50.46 -30.74
CA ARG E 522 -45.43 -49.22 -31.34
C ARG E 522 -46.41 -48.12 -30.94
N ILE E 523 -46.13 -46.91 -31.43
CA ILE E 523 -46.64 -45.68 -30.82
C ILE E 523 -48.17 -45.56 -30.88
N GLU E 524 -48.82 -46.05 -31.95
CA GLU E 524 -50.28 -45.97 -32.00
C GLU E 524 -50.94 -46.88 -30.97
N LEU E 525 -50.19 -47.82 -30.41
CA LEU E 525 -50.66 -48.71 -29.36
C LEU E 525 -50.17 -48.29 -27.99
N VAL E 526 -49.60 -47.11 -27.85
CA VAL E 526 -48.94 -46.68 -26.62
C VAL E 526 -49.37 -45.26 -26.26
N GLY E 527 -49.57 -45.02 -24.96
CA GLY E 527 -49.57 -43.66 -24.43
C GLY E 527 -50.93 -43.06 -24.13
N GLU E 528 -50.99 -41.72 -24.16
CA GLU E 528 -52.23 -41.01 -23.87
C GLU E 528 -53.31 -41.36 -24.87
N GLY E 529 -54.50 -41.69 -24.37
CA GLY E 529 -55.60 -42.08 -25.21
C GLY E 529 -55.46 -43.42 -25.89
N ARG E 530 -54.46 -44.22 -25.54
CA ARG E 530 -54.14 -45.44 -26.26
C ARG E 530 -53.89 -46.58 -25.29
N SER E 531 -54.85 -46.82 -24.39
CA SER E 531 -54.85 -48.05 -23.61
C SER E 531 -55.14 -49.26 -24.51
N THR E 532 -54.73 -50.44 -24.07
CA THR E 532 -55.00 -51.66 -24.81
C THR E 532 -55.77 -52.63 -23.94
N ALA E 533 -56.70 -53.36 -24.54
CA ALA E 533 -57.50 -54.27 -23.72
C ALA E 533 -56.94 -55.67 -23.67
N THR E 534 -56.28 -56.14 -24.72
CA THR E 534 -55.91 -57.54 -24.77
C THR E 534 -54.50 -57.82 -24.29
N LEU E 535 -53.60 -56.83 -24.35
CA LEU E 535 -52.19 -56.98 -24.03
C LEU E 535 -51.45 -57.94 -24.96
N GLU E 536 -52.04 -58.32 -26.08
CA GLU E 536 -51.39 -59.27 -26.99
C GLU E 536 -50.58 -58.56 -28.06
N LEU E 537 -49.62 -59.30 -28.63
CA LEU E 537 -48.98 -58.85 -29.86
C LEU E 537 -50.01 -58.66 -30.98
N VAL E 538 -49.95 -57.51 -31.65
CA VAL E 538 -50.97 -57.08 -32.60
C VAL E 538 -50.48 -57.35 -34.02
N GLY E 539 -51.40 -57.76 -34.90
CA GLY E 539 -51.07 -57.93 -36.30
C GLY E 539 -50.59 -59.31 -36.64
N GLY E 540 -49.53 -59.40 -37.44
CA GLY E 540 -49.02 -60.68 -37.89
C GLY E 540 -47.89 -61.25 -37.07
N GLN E 541 -47.67 -60.73 -35.86
CA GLN E 541 -46.50 -61.10 -35.07
C GLN E 541 -46.65 -62.50 -34.49
N VAL E 542 -47.84 -62.84 -33.96
CA VAL E 542 -48.09 -64.18 -33.46
C VAL E 542 -47.88 -65.21 -34.59
N ALA E 543 -48.54 -64.98 -35.74
CA ALA E 543 -48.35 -65.87 -36.88
C ALA E 543 -46.89 -66.00 -37.25
N LEU E 544 -46.12 -64.91 -37.15
CA LEU E 544 -44.69 -64.95 -37.43
C LEU E 544 -43.96 -65.87 -36.46
N LEU E 545 -44.09 -65.62 -35.15
CA LEU E 545 -43.43 -66.47 -34.15
C LEU E 545 -43.81 -67.93 -34.32
N ASP E 546 -45.08 -68.22 -34.59
CA ASP E 546 -45.50 -69.62 -34.77
C ASP E 546 -44.70 -70.27 -35.89
N ALA E 547 -44.48 -69.53 -36.98
CA ALA E 547 -43.78 -70.08 -38.13
C ALA E 547 -42.28 -70.14 -37.90
N LEU E 548 -41.70 -69.20 -37.16
CA LEU E 548 -40.26 -69.27 -36.93
C LEU E 548 -39.93 -70.44 -36.02
N VAL E 549 -40.72 -70.63 -34.97
CA VAL E 549 -40.44 -71.71 -34.03
C VAL E 549 -40.55 -73.05 -34.74
N ALA E 550 -41.49 -73.18 -35.68
CA ALA E 550 -41.70 -74.42 -36.41
C ALA E 550 -40.55 -74.78 -37.35
N THR E 551 -39.67 -73.84 -37.70
CA THR E 551 -38.57 -74.17 -38.60
C THR E 551 -37.52 -75.05 -37.94
N GLY E 552 -37.36 -74.95 -36.63
CA GLY E 552 -36.32 -75.68 -35.93
C GLY E 552 -34.99 -74.97 -35.82
N THR E 553 -34.84 -73.79 -36.39
CA THR E 553 -33.76 -72.92 -35.96
C THR E 553 -34.09 -72.39 -34.56
N PRO E 554 -33.13 -72.36 -33.64
CA PRO E 554 -33.35 -71.72 -32.34
C PRO E 554 -33.83 -70.29 -32.52
N VAL E 555 -34.85 -69.92 -31.76
CA VAL E 555 -35.48 -68.60 -31.84
C VAL E 555 -35.25 -67.85 -30.53
N VAL E 556 -34.62 -66.69 -30.61
CA VAL E 556 -34.59 -65.74 -29.50
C VAL E 556 -35.68 -64.71 -29.74
N VAL E 557 -36.61 -64.61 -28.81
CA VAL E 557 -37.69 -63.63 -28.85
C VAL E 557 -37.25 -62.42 -28.03
N VAL E 558 -37.03 -61.30 -28.71
CA VAL E 558 -36.70 -60.04 -28.05
C VAL E 558 -37.94 -59.15 -28.08
N VAL E 559 -38.43 -58.78 -26.92
CA VAL E 559 -39.63 -57.96 -26.82
C VAL E 559 -39.20 -56.50 -26.66
N VAL E 560 -39.40 -55.72 -27.72
CA VAL E 560 -39.28 -54.26 -27.67
C VAL E 560 -40.70 -53.71 -27.61
N ALA E 561 -41.14 -53.34 -26.41
CA ALA E 561 -42.50 -52.86 -26.23
C ALA E 561 -42.56 -51.89 -25.06
N SER E 562 -43.60 -51.05 -25.07
CA SER E 562 -43.77 -50.07 -24.01
C SER E 562 -44.08 -50.75 -22.66
N LYS E 563 -44.86 -51.82 -22.67
CA LYS E 563 -45.29 -52.40 -21.40
C LYS E 563 -45.31 -53.93 -21.49
N PRO E 564 -45.47 -54.64 -20.38
CA PRO E 564 -45.61 -56.11 -20.44
C PRO E 564 -46.73 -56.55 -21.36
N LEU E 565 -46.44 -57.50 -22.24
CA LEU E 565 -47.42 -58.05 -23.16
C LEU E 565 -47.70 -59.52 -22.83
N VAL E 566 -48.90 -59.97 -23.18
CA VAL E 566 -49.20 -61.40 -23.19
C VAL E 566 -48.56 -62.02 -24.43
N LEU E 567 -47.57 -62.99 -24.21
CA LEU E 567 -46.87 -63.65 -25.30
C LEU E 567 -47.58 -64.94 -25.70
N PRO E 568 -47.57 -65.27 -26.99
CA PRO E 568 -48.27 -66.48 -27.46
C PRO E 568 -47.55 -67.76 -27.03
N PRO E 569 -48.27 -68.89 -27.00
CA PRO E 569 -47.62 -70.20 -26.72
C PRO E 569 -46.28 -70.41 -27.43
N SER E 570 -46.18 -70.05 -28.70
CA SER E 570 -44.93 -70.28 -29.42
C SER E 570 -43.77 -69.50 -28.83
N ALA E 571 -44.05 -68.34 -28.20
CA ALA E 571 -42.96 -67.59 -27.58
C ALA E 571 -42.44 -68.32 -26.34
N HIS E 572 -43.31 -69.04 -25.65
CA HIS E 572 -42.88 -69.83 -24.51
C HIS E 572 -42.13 -71.08 -24.92
N ALA E 573 -42.33 -71.55 -26.16
CA ALA E 573 -41.61 -72.68 -26.74
C ALA E 573 -40.30 -72.29 -27.40
N ALA E 574 -40.01 -71.00 -27.53
CA ALA E 574 -38.79 -70.57 -28.19
C ALA E 574 -37.57 -70.75 -27.28
N ALA E 575 -36.38 -70.61 -27.85
CA ALA E 575 -35.16 -70.90 -27.10
C ALA E 575 -34.93 -69.90 -25.98
N ALA E 576 -35.16 -68.62 -26.23
CA ALA E 576 -34.97 -67.65 -25.16
C ALA E 576 -35.93 -66.49 -25.38
N VAL E 577 -36.14 -65.73 -24.31
CA VAL E 577 -37.00 -64.55 -24.33
C VAL E 577 -36.29 -63.44 -23.55
N VAL E 578 -36.04 -62.31 -24.22
CA VAL E 578 -35.43 -61.13 -23.63
C VAL E 578 -36.46 -60.01 -23.58
N TRP E 579 -36.60 -59.38 -22.42
CA TRP E 579 -37.46 -58.21 -22.27
C TRP E 579 -36.60 -56.96 -22.36
N ALA E 580 -36.94 -56.06 -23.30
CA ALA E 580 -36.11 -54.90 -23.53
C ALA E 580 -36.77 -53.55 -23.26
N ALA E 581 -38.11 -53.45 -23.20
CA ALA E 581 -38.84 -52.23 -22.76
C ALA E 581 -38.40 -50.91 -23.42
N ASN E 582 -38.39 -50.81 -24.76
CA ASN E 582 -37.86 -49.55 -25.34
C ASN E 582 -36.49 -49.17 -24.76
N PRO E 583 -35.40 -49.78 -25.20
CA PRO E 583 -34.13 -49.64 -24.50
C PRO E 583 -33.31 -48.41 -24.87
N GLY E 584 -33.86 -47.44 -25.59
CA GLY E 584 -33.12 -46.22 -25.90
C GLY E 584 -32.25 -46.36 -27.14
N MET E 585 -31.30 -45.43 -27.26
CA MET E 585 -30.50 -45.30 -28.47
C MET E 585 -29.44 -46.38 -28.58
N ARG E 586 -28.87 -46.82 -27.46
CA ARG E 586 -27.87 -47.88 -27.45
C ARG E 586 -28.47 -49.26 -27.24
N GLY E 587 -29.80 -49.37 -27.21
CA GLY E 587 -30.43 -50.62 -26.83
C GLY E 587 -30.11 -51.79 -27.73
N GLY E 588 -29.92 -51.55 -29.04
CA GLY E 588 -29.60 -52.63 -29.95
C GLY E 588 -28.20 -53.17 -29.75
N GLN E 589 -27.25 -52.32 -29.38
CA GLN E 589 -25.95 -52.82 -28.99
C GLN E 589 -26.06 -53.73 -27.78
N ALA E 590 -26.78 -53.27 -26.74
CA ALA E 590 -26.94 -54.09 -25.54
C ALA E 590 -27.56 -55.45 -25.86
N VAL E 591 -28.57 -55.48 -26.74
CA VAL E 591 -29.26 -56.74 -27.04
C VAL E 591 -28.31 -57.70 -27.75
N ALA E 592 -27.57 -57.21 -28.74
CA ALA E 592 -26.61 -58.07 -29.43
C ALA E 592 -25.50 -58.52 -28.47
N GLU E 593 -25.06 -57.64 -27.56
CA GLU E 593 -24.03 -58.04 -26.62
C GLU E 593 -24.52 -59.15 -25.71
N LEU E 594 -25.79 -59.04 -25.27
CA LEU E 594 -26.36 -60.05 -24.38
C LEU E 594 -26.50 -61.40 -25.08
N VAL E 595 -27.07 -61.41 -26.28
CA VAL E 595 -27.26 -62.65 -27.01
C VAL E 595 -25.91 -63.31 -27.29
N LEU E 596 -24.89 -62.50 -27.55
CA LEU E 596 -23.56 -62.99 -27.85
C LEU E 596 -22.74 -63.30 -26.61
N GLY E 597 -23.22 -62.94 -25.42
CA GLY E 597 -22.43 -63.18 -24.21
C GLY E 597 -21.27 -62.23 -24.00
N LEU E 598 -21.24 -61.08 -24.68
CA LEU E 598 -20.26 -60.06 -24.37
C LEU E 598 -20.58 -59.28 -23.11
N ILE E 599 -21.78 -59.46 -22.55
CA ILE E 599 -22.16 -58.92 -21.26
C ILE E 599 -22.95 -60.00 -20.53
N GLU E 600 -23.02 -59.89 -19.20
CA GLU E 600 -23.91 -60.77 -18.48
C GLU E 600 -25.25 -60.09 -18.23
N PRO E 601 -26.34 -60.86 -18.22
CA PRO E 601 -27.64 -60.28 -17.88
C PRO E 601 -27.64 -59.84 -16.43
N GLU E 602 -28.27 -58.71 -16.17
CA GLU E 602 -28.37 -58.19 -14.81
C GLU E 602 -29.81 -57.77 -14.49
N GLY E 603 -30.58 -57.41 -15.51
CA GLY E 603 -31.90 -56.85 -15.27
C GLY E 603 -32.82 -57.81 -14.53
N ARG E 604 -33.71 -57.22 -13.72
CA ARG E 604 -34.79 -57.92 -13.04
C ARG E 604 -36.08 -57.16 -13.26
N LEU E 605 -37.19 -57.88 -13.40
CA LEU E 605 -38.44 -57.24 -13.73
C LEU E 605 -38.86 -56.27 -12.62
N PRO E 606 -39.16 -55.02 -12.96
CA PRO E 606 -39.81 -54.10 -12.01
C PRO E 606 -41.33 -54.16 -12.04
N ILE E 607 -41.89 -55.20 -12.68
CA ILE E 607 -43.33 -55.31 -12.96
C ILE E 607 -43.61 -56.76 -13.33
N SER E 608 -44.80 -57.27 -13.01
CA SER E 608 -45.18 -58.64 -13.34
C SER E 608 -45.87 -58.72 -14.70
N PHE E 609 -45.70 -59.84 -15.41
CA PHE E 609 -46.42 -60.03 -16.66
C PHE E 609 -47.62 -60.93 -16.41
N ALA E 610 -48.79 -60.52 -16.91
CA ALA E 610 -49.97 -61.37 -16.82
C ALA E 610 -49.98 -62.44 -17.93
N ARG E 611 -50.70 -63.52 -17.67
CA ARG E 611 -50.91 -64.53 -18.69
C ARG E 611 -52.07 -64.19 -19.61
N HIS E 612 -52.93 -63.28 -19.17
CA HIS E 612 -54.17 -62.91 -19.84
C HIS E 612 -54.65 -61.66 -19.15
N ALA E 613 -55.19 -60.71 -19.92
CA ALA E 613 -55.72 -59.49 -19.32
C ALA E 613 -56.71 -59.79 -18.20
N GLY E 614 -57.50 -60.86 -18.33
CA GLY E 614 -58.48 -61.18 -17.30
C GLY E 614 -57.88 -61.66 -15.99
N GLN E 615 -56.57 -61.90 -15.97
CA GLN E 615 -55.87 -62.35 -14.79
C GLN E 615 -55.61 -61.22 -13.78
N GLN E 616 -55.78 -59.98 -14.19
CA GLN E 616 -55.41 -58.85 -13.34
C GLN E 616 -56.28 -58.79 -12.09
N PRO E 617 -55.70 -58.36 -10.94
CA PRO E 617 -54.35 -57.85 -10.78
C PRO E 617 -53.26 -58.93 -10.67
N THR E 618 -52.10 -58.61 -11.23
CA THR E 618 -50.97 -59.50 -11.23
C THR E 618 -49.75 -58.94 -10.50
N TYR E 619 -49.92 -57.78 -9.87
CA TYR E 619 -48.84 -57.22 -9.03
C TYR E 619 -48.56 -58.15 -7.85
N TYR E 620 -47.32 -58.19 -7.40
CA TYR E 620 -46.89 -59.09 -6.29
C TYR E 620 -47.53 -58.71 -4.95
N ASN E 621 -47.82 -57.42 -4.74
CA ASN E 621 -48.35 -56.94 -3.44
C ASN E 621 -49.88 -56.98 -3.43
N VAL E 622 -50.47 -58.09 -3.90
CA VAL E 622 -51.92 -58.18 -3.81
C VAL E 622 -52.35 -58.24 -2.34
N VAL E 623 -53.48 -57.59 -2.03
CA VAL E 623 -54.05 -57.67 -0.69
C VAL E 623 -54.60 -59.06 -0.43
N ARG E 624 -54.38 -59.54 0.79
CA ARG E 624 -54.83 -60.85 1.27
C ARG E 624 -56.33 -60.94 1.34
N GLY E 625 -56.86 -62.14 1.12
CA GLY E 625 -58.27 -62.34 1.40
C GLY E 625 -59.02 -63.45 0.67
N GLN E 626 -58.74 -63.59 -0.62
CA GLN E 626 -59.54 -64.37 -1.55
C GLN E 626 -59.98 -65.76 -1.05
N HIS E 627 -61.22 -66.12 -1.39
CA HIS E 627 -61.71 -67.51 -1.35
C HIS E 627 -61.23 -68.24 -2.60
N GLY E 628 -60.27 -69.15 -2.43
CA GLY E 628 -59.72 -69.90 -3.53
C GLY E 628 -58.36 -69.36 -3.94
N VAL E 629 -57.68 -70.14 -4.78
CA VAL E 629 -56.29 -69.85 -5.12
C VAL E 629 -56.07 -69.63 -6.60
N ARG E 630 -57.07 -69.90 -7.45
CA ARG E 630 -56.90 -69.76 -8.89
C ARG E 630 -58.25 -69.42 -9.49
N TYR E 631 -58.21 -68.91 -10.73
CA TYR E 631 -59.43 -68.91 -11.53
C TYR E 631 -59.71 -70.33 -12.00
N ALA E 632 -61.00 -70.65 -12.16
CA ALA E 632 -61.39 -71.98 -12.61
C ALA E 632 -60.82 -72.31 -13.98
N ASP E 633 -60.40 -71.31 -14.76
CA ASP E 633 -59.89 -71.55 -16.12
C ASP E 633 -58.47 -71.07 -16.30
N LEU E 634 -57.78 -70.69 -15.22
CA LEU E 634 -56.49 -70.06 -15.35
C LEU E 634 -55.84 -69.95 -13.98
N THR E 635 -54.56 -70.28 -13.90
CA THR E 635 -53.79 -69.99 -12.70
C THR E 635 -53.75 -68.48 -12.45
N GLN E 636 -53.56 -68.11 -11.18
CA GLN E 636 -53.33 -66.71 -10.83
C GLN E 636 -51.85 -66.36 -10.78
N SER E 637 -50.99 -67.35 -10.93
CA SER E 637 -49.56 -67.16 -11.12
C SER E 637 -49.28 -66.32 -12.37
N PRO E 638 -48.56 -65.21 -12.26
CA PRO E 638 -48.23 -64.43 -13.46
C PRO E 638 -47.30 -65.20 -14.38
N ALA E 639 -47.23 -64.77 -15.64
CA ALA E 639 -46.30 -65.43 -16.55
C ALA E 639 -44.84 -65.16 -16.16
N PHE E 640 -44.56 -63.98 -15.59
CA PHE E 640 -43.24 -63.65 -15.09
C PHE E 640 -43.46 -62.70 -13.94
N ALA E 641 -42.81 -62.96 -12.80
CA ALA E 641 -43.13 -62.19 -11.60
C ALA E 641 -42.14 -61.04 -11.38
N PHE E 642 -42.62 -60.04 -10.65
CA PHE E 642 -41.77 -58.97 -10.12
C PHE E 642 -40.49 -59.53 -9.53
N GLY E 643 -39.37 -58.90 -9.85
CA GLY E 643 -38.08 -59.36 -9.43
C GLY E 643 -37.42 -60.41 -10.30
N GLU E 644 -38.15 -61.08 -11.19
CA GLU E 644 -37.55 -62.23 -11.90
C GLU E 644 -36.56 -61.78 -12.97
N GLY E 645 -35.71 -62.73 -13.37
CA GLY E 645 -34.74 -62.51 -14.41
C GLY E 645 -33.56 -63.45 -14.21
N LEU E 646 -33.04 -64.02 -15.30
CA LEU E 646 -31.97 -64.98 -15.24
C LEU E 646 -30.60 -64.32 -15.41
N SER E 647 -29.57 -65.08 -15.10
CA SER E 647 -28.24 -64.70 -15.53
C SER E 647 -27.71 -65.81 -16.45
N TYR E 648 -26.40 -65.85 -16.68
CA TYR E 648 -25.79 -66.96 -17.37
C TYR E 648 -25.04 -67.88 -16.40
N THR E 649 -25.37 -67.81 -15.12
CA THR E 649 -24.85 -68.75 -14.14
C THR E 649 -25.99 -69.08 -13.18
N THR E 650 -25.68 -69.84 -12.13
CA THR E 650 -26.64 -70.24 -11.13
C THR E 650 -26.12 -69.78 -9.77
N VAL E 651 -27.03 -69.17 -9.01
CA VAL E 651 -26.66 -68.62 -7.68
C VAL E 651 -27.54 -69.32 -6.65
N GLU E 652 -26.91 -69.84 -5.60
CA GLU E 652 -27.66 -70.56 -4.55
C GLU E 652 -27.75 -69.68 -3.30
N TYR E 653 -28.97 -69.52 -2.79
CA TYR E 653 -29.21 -68.69 -1.58
C TYR E 653 -29.34 -69.61 -0.38
N ALA E 654 -28.66 -69.29 0.71
CA ALA E 654 -28.70 -70.14 1.89
C ALA E 654 -28.56 -69.34 3.18
N ASP E 655 -29.17 -69.86 4.26
CA ASP E 655 -28.91 -69.41 5.63
C ASP E 655 -29.35 -67.96 5.85
N LEU E 656 -30.64 -67.70 5.63
CA LEU E 656 -31.20 -66.43 6.06
C LEU E 656 -31.27 -66.42 7.58
N ARG E 657 -30.64 -65.42 8.21
CA ARG E 657 -30.66 -65.30 9.66
C ARG E 657 -30.97 -63.86 10.02
N VAL E 658 -32.00 -63.66 10.81
CA VAL E 658 -32.20 -62.36 11.45
C VAL E 658 -31.24 -62.25 12.63
N LEU E 659 -30.66 -61.07 12.79
CA LEU E 659 -29.61 -60.82 13.77
C LEU E 659 -30.22 -60.00 14.89
N GLY E 660 -31.05 -60.66 15.70
CA GLY E 660 -31.84 -60.00 16.72
C GLY E 660 -33.30 -59.93 16.31
N THR E 661 -34.17 -60.61 17.05
CA THR E 661 -35.60 -60.73 16.67
C THR E 661 -36.49 -59.58 17.16
N GLU E 662 -36.34 -59.15 18.41
CA GLU E 662 -37.24 -58.12 18.97
C GLU E 662 -36.72 -56.73 18.59
N HIS E 663 -37.61 -55.87 18.09
CA HIS E 663 -37.21 -54.52 17.65
C HIS E 663 -38.21 -53.49 18.14
N GLY E 664 -37.79 -52.24 18.21
CA GLY E 664 -38.66 -51.14 18.64
C GLY E 664 -38.90 -50.16 17.52
N PRO E 665 -39.88 -49.25 17.65
CA PRO E 665 -40.22 -48.32 16.56
C PRO E 665 -39.02 -47.69 15.84
N ASP E 666 -37.94 -47.46 16.57
CA ASP E 666 -36.78 -46.72 16.08
C ASP E 666 -35.64 -47.61 15.60
N ASP E 667 -35.81 -48.92 15.67
CA ASP E 667 -34.70 -49.83 15.42
C ASP E 667 -34.58 -50.15 13.95
N VAL E 668 -33.58 -50.96 13.61
CA VAL E 668 -33.33 -51.45 12.26
C VAL E 668 -33.33 -52.97 12.33
N VAL E 669 -34.06 -53.61 11.43
CA VAL E 669 -33.97 -55.07 11.35
C VAL E 669 -32.70 -55.42 10.58
N ARG E 670 -31.87 -56.29 11.15
CA ARG E 670 -30.60 -56.68 10.55
C ARG E 670 -30.59 -58.17 10.30
N ALA E 671 -30.15 -58.55 9.11
CA ALA E 671 -30.17 -59.95 8.72
C ALA E 671 -28.94 -60.27 7.88
N GLU E 672 -28.75 -61.56 7.66
CA GLU E 672 -27.67 -62.07 6.85
C GLU E 672 -28.18 -63.21 5.97
N VAL E 673 -27.65 -63.26 4.76
CA VAL E 673 -27.92 -64.35 3.84
C VAL E 673 -26.62 -64.64 3.11
N THR E 674 -26.45 -65.89 2.67
CA THR E 674 -25.25 -66.31 1.96
C THR E 674 -25.58 -66.74 0.53
N LEU E 675 -24.85 -66.18 -0.42
CA LEU E 675 -25.02 -66.52 -1.83
C LEU E 675 -23.79 -67.28 -2.30
N THR E 676 -24.00 -68.25 -3.18
CA THR E 676 -22.90 -68.96 -3.83
C THR E 676 -23.12 -69.02 -5.33
N ASN E 677 -22.17 -68.48 -6.09
CA ASN E 677 -22.13 -68.60 -7.54
C ASN E 677 -21.63 -70.00 -7.87
N THR E 678 -22.54 -70.92 -8.19
CA THR E 678 -22.18 -72.30 -8.46
C THR E 678 -22.11 -72.60 -9.96
N GLY E 679 -21.66 -71.65 -10.78
CA GLY E 679 -21.55 -71.88 -12.21
C GLY E 679 -20.25 -71.30 -12.70
N SER E 680 -20.13 -71.09 -14.01
CA SER E 680 -18.82 -70.76 -14.57
C SER E 680 -18.76 -69.33 -15.11
N ARG E 681 -19.70 -68.46 -14.72
CA ARG E 681 -19.70 -67.09 -15.22
C ARG E 681 -19.96 -66.11 -14.08
N PRO E 682 -19.31 -64.95 -14.10
CA PRO E 682 -19.57 -63.93 -13.09
C PRO E 682 -20.99 -63.37 -13.19
N VAL E 683 -21.45 -62.83 -12.08
CA VAL E 683 -22.82 -62.32 -11.98
C VAL E 683 -22.86 -61.19 -10.97
N ARG E 684 -23.69 -60.19 -11.28
CA ARG E 684 -24.21 -59.26 -10.28
C ARG E 684 -25.64 -59.71 -9.96
N GLU E 685 -25.82 -60.28 -8.77
CA GLU E 685 -27.13 -60.69 -8.29
C GLU E 685 -27.84 -59.51 -7.63
N THR E 686 -29.16 -59.49 -7.75
CA THR E 686 -30.00 -58.51 -7.04
C THR E 686 -30.75 -59.26 -5.94
N VAL E 687 -30.32 -59.11 -4.69
CA VAL E 687 -30.97 -59.75 -3.55
C VAL E 687 -32.17 -58.90 -3.15
N GLN E 688 -33.34 -59.52 -3.07
CA GLN E 688 -34.59 -58.81 -2.79
C GLN E 688 -35.10 -59.19 -1.42
N VAL E 689 -35.56 -58.19 -0.66
CA VAL E 689 -35.93 -58.34 0.74
C VAL E 689 -37.38 -57.91 0.90
N TYR E 690 -38.26 -58.85 1.19
CA TYR E 690 -39.68 -58.58 1.40
C TYR E 690 -40.05 -58.69 2.89
N VAL E 691 -40.95 -57.84 3.33
CA VAL E 691 -41.50 -57.89 4.68
C VAL E 691 -42.96 -58.27 4.57
N SER E 692 -43.35 -59.28 5.34
CA SER E 692 -44.75 -59.66 5.49
C SER E 692 -45.17 -59.41 6.93
N ASP E 693 -46.30 -58.72 7.10
CA ASP E 693 -46.95 -58.55 8.41
C ASP E 693 -47.96 -59.69 8.61
N THR E 694 -47.68 -60.60 9.55
CA THR E 694 -48.44 -61.85 9.60
C THR E 694 -49.89 -61.64 10.03
N VAL E 695 -50.11 -60.78 11.02
CA VAL E 695 -51.45 -60.47 11.48
C VAL E 695 -51.62 -58.96 11.40
N THR E 696 -52.79 -58.52 10.97
CA THR E 696 -53.03 -57.11 10.73
C THR E 696 -54.44 -56.78 11.19
N SER E 697 -54.63 -55.56 11.66
CA SER E 697 -55.96 -55.12 12.07
C SER E 697 -56.82 -54.74 10.88
N VAL E 698 -56.21 -54.57 9.72
CA VAL E 698 -56.90 -54.31 8.47
C VAL E 698 -56.27 -55.21 7.42
N THR E 699 -57.06 -55.60 6.42
CA THR E 699 -56.50 -56.39 5.35
C THR E 699 -55.38 -55.59 4.68
N TRP E 700 -54.33 -56.31 4.29
CA TRP E 700 -53.12 -55.67 3.84
C TRP E 700 -52.44 -56.59 2.82
N ALA E 701 -51.41 -56.07 2.18
CA ALA E 701 -50.67 -56.89 1.22
C ALA E 701 -49.98 -58.04 1.95
N GLU E 702 -49.79 -59.15 1.20
CA GLU E 702 -49.14 -60.31 1.77
C GLU E 702 -47.66 -60.07 2.01
N LYS E 703 -47.01 -59.27 1.18
CA LYS E 703 -45.62 -58.90 1.40
C LYS E 703 -45.31 -57.66 0.57
N GLU E 704 -44.23 -56.96 0.95
CA GLU E 704 -43.83 -55.76 0.23
C GLU E 704 -42.32 -55.69 0.19
N LEU E 705 -41.77 -55.40 -1.00
CA LEU E 705 -40.36 -55.11 -1.10
C LEU E 705 -40.01 -53.96 -0.16
N LYS E 706 -38.97 -54.15 0.63
CA LYS E 706 -38.54 -53.09 1.53
C LYS E 706 -37.07 -52.75 1.39
N ALA E 707 -36.27 -53.60 0.75
CA ALA E 707 -34.86 -53.35 0.55
C ALA E 707 -34.35 -54.31 -0.51
N TYR E 708 -33.17 -53.99 -1.04
CA TYR E 708 -32.51 -54.88 -1.99
C TYR E 708 -31.03 -54.56 -1.95
N ARG E 709 -30.23 -55.47 -2.50
CA ARG E 709 -28.79 -55.33 -2.49
C ARG E 709 -28.18 -56.03 -3.69
N LYS E 710 -27.29 -55.32 -4.37
CA LYS E 710 -26.56 -55.89 -5.49
C LYS E 710 -25.25 -56.49 -4.99
N VAL E 711 -24.95 -57.71 -5.46
CA VAL E 711 -23.84 -58.51 -4.95
C VAL E 711 -23.04 -59.05 -6.13
N ASP E 712 -21.75 -58.75 -6.15
CA ASP E 712 -20.87 -59.20 -7.23
C ASP E 712 -20.24 -60.54 -6.86
N LEU E 713 -20.36 -61.52 -7.75
CA LEU E 713 -19.94 -62.88 -7.45
C LEU E 713 -19.16 -63.45 -8.62
N ALA E 714 -17.88 -63.76 -8.39
CA ALA E 714 -17.10 -64.48 -9.37
C ALA E 714 -17.54 -65.94 -9.38
N PRO E 715 -17.23 -66.70 -10.44
CA PRO E 715 -17.62 -68.12 -10.43
C PRO E 715 -16.95 -68.86 -9.28
N GLY E 716 -17.74 -69.63 -8.53
CA GLY E 716 -17.26 -70.32 -7.36
C GLY E 716 -17.32 -69.52 -6.06
N GLU E 717 -17.35 -68.19 -6.13
CA GLU E 717 -17.30 -67.35 -4.94
C GLU E 717 -18.60 -67.43 -4.12
N SER E 718 -18.45 -67.44 -2.81
CA SER E 718 -19.54 -67.19 -1.88
C SER E 718 -19.37 -65.83 -1.25
N ALA E 719 -20.49 -65.30 -0.77
CA ALA E 719 -20.49 -64.08 0.02
C ALA E 719 -21.64 -64.15 1.01
N THR E 720 -21.38 -63.69 2.22
CA THR E 720 -22.41 -63.49 3.23
C THR E 720 -22.76 -62.02 3.20
N VAL E 721 -24.02 -61.72 2.93
CA VAL E 721 -24.47 -60.37 2.62
C VAL E 721 -25.25 -59.85 3.81
N GLY E 722 -24.87 -58.67 4.29
CA GLY E 722 -25.64 -58.00 5.34
C GLY E 722 -26.83 -57.29 4.72
N LEU E 723 -27.99 -57.46 5.35
CA LEU E 723 -29.23 -56.82 4.92
C LEU E 723 -29.84 -56.02 6.08
N GLU E 724 -30.46 -54.88 5.78
CA GLU E 724 -31.09 -54.12 6.84
C GLU E 724 -32.34 -53.41 6.37
N VAL E 725 -33.39 -53.47 7.20
CA VAL E 725 -34.68 -52.84 6.93
C VAL E 725 -35.05 -51.99 8.12
N PRO E 726 -35.30 -50.68 7.95
CA PRO E 726 -35.79 -49.84 9.07
C PRO E 726 -37.19 -50.26 9.50
N VAL E 727 -37.36 -50.41 10.82
CA VAL E 727 -38.66 -50.77 11.40
C VAL E 727 -39.73 -49.73 11.08
N ALA E 728 -39.32 -48.46 10.93
CA ALA E 728 -40.23 -47.39 10.56
C ALA E 728 -40.79 -47.54 9.15
N ASP E 729 -40.26 -48.48 8.35
CA ASP E 729 -40.79 -48.75 7.02
C ASP E 729 -41.77 -49.92 6.99
N CYS E 730 -41.91 -50.67 8.08
CA CYS E 730 -42.83 -51.81 8.16
C CYS E 730 -44.22 -51.39 8.57
N THR E 731 -44.71 -50.36 7.90
CA THR E 731 -45.99 -49.77 8.17
C THR E 731 -47.11 -50.49 7.44
N LEU E 732 -48.33 -50.23 7.88
CA LEU E 732 -49.53 -50.40 7.09
C LEU E 732 -50.37 -49.15 7.28
N VAL E 733 -51.40 -48.98 6.47
CA VAL E 733 -52.35 -47.90 6.69
C VAL E 733 -53.56 -48.49 7.38
N ASP E 734 -53.84 -48.03 8.59
CA ASP E 734 -54.95 -48.64 9.31
C ASP E 734 -56.27 -48.04 8.83
N ALA E 735 -57.38 -48.54 9.35
CA ALA E 735 -58.60 -47.79 9.22
C ALA E 735 -58.36 -46.45 9.92
N HIS E 736 -59.10 -45.42 9.51
CA HIS E 736 -58.85 -44.06 9.98
C HIS E 736 -57.70 -43.45 9.17
N GLY E 737 -56.99 -44.28 8.41
CA GLY E 737 -56.05 -43.76 7.44
C GLY E 737 -54.70 -43.31 7.93
N ARG E 738 -54.21 -43.83 9.05
CA ARG E 738 -52.89 -43.45 9.52
C ARG E 738 -51.90 -44.56 9.19
N ARG E 739 -50.72 -44.14 8.72
CA ARG E 739 -49.67 -45.09 8.34
C ARG E 739 -48.84 -45.38 9.58
N VAL E 740 -49.09 -46.54 10.20
CA VAL E 740 -48.46 -46.88 11.46
C VAL E 740 -47.72 -48.21 11.33
N VAL E 741 -46.76 -48.43 12.24
CA VAL E 741 -46.18 -49.74 12.49
C VAL E 741 -47.00 -50.41 13.58
N GLU E 742 -47.71 -51.45 13.23
CA GLU E 742 -48.42 -52.14 14.31
C GLU E 742 -47.49 -53.17 14.94
N PRO E 743 -47.43 -53.22 16.28
CA PRO E 743 -46.69 -54.29 16.95
C PRO E 743 -47.18 -55.68 16.57
N GLY E 744 -46.26 -56.65 16.60
CA GLY E 744 -46.58 -58.03 16.34
C GLY E 744 -45.48 -58.71 15.55
N GLU E 745 -45.81 -59.89 15.01
CA GLU E 745 -44.84 -60.70 14.26
C GLU E 745 -44.80 -60.31 12.78
N PHE E 746 -43.60 -60.38 12.21
CA PHE E 746 -43.33 -60.14 10.80
C PHE E 746 -42.46 -61.27 10.27
N GLU E 747 -42.54 -61.55 8.96
CA GLU E 747 -41.57 -62.42 8.32
C GLU E 747 -40.70 -61.58 7.39
N LEU E 748 -39.41 -61.84 7.42
CA LEU E 748 -38.50 -61.35 6.42
C LEU E 748 -38.40 -62.41 5.33
N ARG E 749 -38.55 -62.02 4.06
CA ARG E 749 -38.44 -62.97 2.96
C ARG E 749 -37.40 -62.46 1.97
N VAL E 750 -36.36 -63.28 1.73
CA VAL E 750 -35.21 -62.87 0.95
C VAL E 750 -34.95 -63.91 -0.14
N GLY E 751 -34.56 -63.43 -1.32
CA GLY E 751 -34.36 -64.30 -2.47
C GLY E 751 -34.19 -63.53 -3.76
N PRO E 752 -34.09 -64.27 -4.88
CA PRO E 752 -33.80 -63.64 -6.18
C PRO E 752 -35.02 -63.09 -6.92
N SER E 753 -36.24 -63.34 -6.43
CA SER E 753 -37.44 -62.81 -7.05
C SER E 753 -38.55 -62.71 -5.98
N SER E 754 -39.72 -62.22 -6.40
CA SER E 754 -40.90 -62.18 -5.53
C SER E 754 -41.70 -63.49 -5.49
N ARG E 755 -41.28 -64.51 -6.23
CA ARG E 755 -42.01 -65.77 -6.22
C ARG E 755 -41.83 -66.45 -4.87
N GLU E 756 -42.93 -66.95 -4.29
CA GLU E 756 -42.84 -67.49 -2.94
C GLU E 756 -41.92 -68.70 -2.88
N ASP E 757 -41.83 -69.48 -3.96
CA ASP E 757 -41.00 -70.68 -3.93
C ASP E 757 -39.52 -70.38 -4.15
N ALA E 758 -39.16 -69.10 -4.29
CA ALA E 758 -37.76 -68.71 -4.39
C ALA E 758 -37.29 -67.93 -3.15
N LEU E 759 -38.10 -67.83 -2.11
CA LEU E 759 -37.82 -66.95 -0.98
C LEU E 759 -37.51 -67.75 0.29
N LEU E 760 -36.34 -67.50 0.87
CA LEU E 760 -36.08 -67.91 2.25
C LEU E 760 -36.81 -66.97 3.21
N ARG E 761 -37.14 -67.48 4.40
CA ARG E 761 -37.90 -66.65 5.33
C ARG E 761 -37.33 -66.77 6.74
N ALA E 762 -37.75 -65.81 7.57
CA ALA E 762 -37.29 -65.69 8.96
C ALA E 762 -38.21 -64.72 9.70
N SER E 763 -38.32 -64.93 11.01
CA SER E 763 -39.27 -64.19 11.82
C SER E 763 -38.61 -63.06 12.59
N PHE E 764 -39.36 -62.00 12.79
CA PHE E 764 -38.99 -60.99 13.77
C PHE E 764 -40.28 -60.37 14.29
N THR E 765 -40.15 -59.62 15.38
CA THR E 765 -41.29 -58.94 15.98
C THR E 765 -40.93 -57.49 16.23
N VAL E 766 -41.94 -56.64 16.21
CA VAL E 766 -41.81 -55.24 16.60
C VAL E 766 -42.61 -55.07 17.87
N ALA E 767 -41.92 -54.73 18.96
CA ALA E 767 -42.61 -54.51 20.22
C ALA E 767 -43.17 -53.10 20.27
N TYR F 9 42.04 20.82 11.09
CA TYR F 9 42.66 20.68 9.78
C TYR F 9 42.06 19.53 8.98
N LEU F 10 41.29 18.63 9.61
CA LEU F 10 40.58 17.57 8.92
C LEU F 10 39.25 18.03 8.36
N ASP F 11 38.84 19.24 8.71
CA ASP F 11 37.48 19.72 8.52
C ASP F 11 37.27 20.40 7.17
N PRO F 12 36.56 19.76 6.21
CA PRO F 12 36.29 20.40 4.91
C PRO F 12 35.37 21.62 4.97
N ALA F 13 35.43 22.38 6.06
CA ALA F 13 34.63 23.59 6.23
C ALA F 13 35.47 24.82 6.50
N VAL F 14 36.51 24.69 7.32
CA VAL F 14 37.46 25.79 7.58
C VAL F 14 38.22 26.12 6.31
N PRO F 15 38.42 27.42 5.98
CA PRO F 15 39.27 27.79 4.83
C PRO F 15 40.66 27.16 4.87
N VAL F 16 41.31 27.06 3.70
CA VAL F 16 42.57 26.31 3.63
C VAL F 16 43.67 27.00 4.41
N ALA F 17 43.66 28.34 4.46
CA ALA F 17 44.69 29.07 5.18
C ALA F 17 44.71 28.70 6.66
N ASP F 18 43.53 28.48 7.25
CA ASP F 18 43.44 28.11 8.65
C ASP F 18 43.63 26.61 8.86
N ARG F 19 43.20 25.85 7.87
CA ARG F 19 43.47 24.40 7.91
C ARG F 19 44.99 24.24 7.90
N VAL F 20 45.70 25.11 7.17
CA VAL F 20 47.18 24.99 7.05
C VAL F 20 47.82 25.43 8.37
N GLU F 21 47.42 26.60 8.87
CA GLU F 21 48.08 27.11 10.10
C GLU F 21 47.83 26.16 11.27
N ASP F 22 46.66 25.51 11.30
CA ASP F 22 46.38 24.52 12.37
C ASP F 22 47.39 23.39 12.29
N LEU F 23 47.52 22.76 11.13
CA LEU F 23 48.44 21.61 10.97
C LEU F 23 49.87 22.01 11.38
N LEU F 24 50.35 23.16 10.89
CA LEU F 24 51.73 23.61 11.18
C LEU F 24 52.10 23.44 12.65
N ALA F 25 51.17 23.71 13.57
CA ALA F 25 51.50 23.67 14.98
C ALA F 25 51.60 22.25 15.54
N ARG F 26 51.13 21.24 14.81
CA ARG F 26 51.19 19.86 15.27
C ARG F 26 52.33 19.06 14.66
N MET F 27 53.29 19.73 14.02
CA MET F 27 54.38 19.05 13.36
C MET F 27 55.68 19.35 14.11
N THR F 28 56.40 18.30 14.45
CA THR F 28 57.73 18.46 15.01
C THR F 28 58.66 19.06 13.95
N LEU F 29 59.89 19.38 14.36
CA LEU F 29 60.83 19.98 13.42
C LEU F 29 61.31 18.98 12.37
N PRO F 30 61.73 17.75 12.71
CA PRO F 30 62.04 16.78 11.64
C PRO F 30 60.83 16.36 10.82
N GLU F 31 59.61 16.68 11.26
CA GLU F 31 58.39 16.41 10.49
C GLU F 31 58.06 17.48 9.48
N LYS F 32 58.71 18.65 9.56
CA LYS F 32 58.57 19.70 8.58
C LYS F 32 59.71 19.73 7.57
N VAL F 33 60.83 19.06 7.87
CA VAL F 33 61.93 18.92 6.93
C VAL F 33 61.66 17.76 5.98
N GLY F 34 61.15 16.64 6.49
CA GLY F 34 60.74 15.56 5.62
C GLY F 34 59.65 16.00 4.66
N GLN F 35 58.63 16.70 5.19
CA GLN F 35 57.58 17.30 4.38
C GLN F 35 58.12 18.13 3.23
N MET F 36 59.38 18.54 3.32
CA MET F 36 60.06 19.30 2.29
C MET F 36 60.82 18.41 1.31
N LEU F 37 60.90 17.11 1.53
CA LEU F 37 61.63 16.31 0.55
C LEU F 37 60.73 15.59 -0.44
N GLN F 38 61.33 15.30 -1.60
CA GLN F 38 60.74 14.52 -2.67
C GLN F 38 61.77 13.46 -3.02
N LEU F 39 61.47 12.22 -2.67
CA LEU F 39 62.47 11.16 -2.69
C LEU F 39 62.14 10.16 -3.80
N ASP F 40 63.19 9.67 -4.45
CA ASP F 40 63.06 8.68 -5.52
C ASP F 40 62.55 7.36 -4.93
N ALA F 41 61.34 6.96 -5.31
CA ALA F 41 60.76 5.71 -4.82
C ALA F 41 61.35 4.47 -5.49
N ARG F 42 62.10 4.63 -6.59
CA ARG F 42 62.83 3.52 -7.20
C ARG F 42 63.87 2.90 -6.27
N ASP F 43 63.95 3.33 -5.01
CA ASP F 43 64.89 2.80 -4.03
C ASP F 43 64.17 2.01 -2.96
N GLY F 44 63.40 2.69 -2.10
CA GLY F 44 62.65 2.01 -1.06
C GLY F 44 61.59 2.89 -0.44
N VAL F 45 60.33 2.50 -0.60
CA VAL F 45 59.21 3.33 -0.13
C VAL F 45 59.17 3.40 1.40
N GLY F 46 59.69 2.37 2.09
CA GLY F 46 59.61 2.30 3.53
C GLY F 46 60.36 3.40 4.27
N PRO F 47 61.69 3.40 4.14
CA PRO F 47 62.48 4.44 4.82
C PRO F 47 62.03 5.85 4.50
N ALA F 48 61.49 6.06 3.30
CA ALA F 48 61.17 7.42 2.86
C ALA F 48 60.00 7.99 3.64
N VAL F 49 58.93 7.22 3.80
CA VAL F 49 57.67 7.79 4.27
C VAL F 49 57.63 7.92 5.79
N GLU F 51 60.57 6.98 8.28
CA GLU F 51 61.82 7.50 8.82
C GLU F 51 62.07 8.93 8.36
N LYS F 52 62.08 9.14 7.04
CA LYS F 52 62.40 10.43 6.46
C LYS F 52 61.24 11.41 6.46
N HIS F 53 60.03 10.96 6.84
CA HIS F 53 58.85 11.83 6.96
C HIS F 53 58.51 12.52 5.63
N ALA F 54 58.76 11.83 4.51
CA ALA F 54 58.72 12.45 3.20
C ALA F 54 57.36 13.09 2.91
N GLY F 55 57.41 14.20 2.17
CA GLY F 55 56.20 14.89 1.76
C GLY F 55 55.81 14.52 0.35
N SER F 56 56.73 13.95 -0.44
CA SER F 56 56.44 13.61 -1.82
C SER F 56 57.41 12.57 -2.35
N LEU F 57 57.01 11.90 -3.43
CA LEU F 57 57.78 10.83 -4.06
C LEU F 57 57.64 10.91 -5.58
N LEU F 58 58.71 10.55 -6.28
CA LEU F 58 58.71 10.44 -7.74
C LEU F 58 59.12 9.03 -8.17
N HIS F 59 59.16 8.84 -9.50
CA HIS F 59 59.24 7.54 -10.17
C HIS F 59 58.62 6.41 -9.36
N THR F 60 57.39 6.60 -8.94
CA THR F 60 56.64 5.65 -8.11
C THR F 60 55.90 4.69 -9.03
N SER F 61 56.64 3.68 -9.53
CA SER F 61 56.05 2.58 -10.31
C SER F 61 54.86 2.02 -9.54
N PRO F 62 53.84 1.49 -10.23
CA PRO F 62 52.51 1.35 -9.59
C PRO F 62 52.50 0.43 -8.39
N GLU F 63 53.55 -0.38 -8.22
CA GLU F 63 53.70 -1.18 -7.02
C GLU F 63 53.81 -0.30 -5.78
N ASN F 64 54.68 0.70 -5.85
CA ASN F 64 54.92 1.57 -4.69
C ASN F 64 53.72 2.43 -4.37
N VAL F 65 52.94 2.82 -5.39
CA VAL F 65 51.81 3.74 -5.17
C VAL F 65 50.85 3.17 -4.14
N LEU F 66 50.43 1.92 -4.34
CA LEU F 66 49.56 1.27 -3.36
C LEU F 66 50.31 1.07 -2.06
N ALA F 67 51.57 0.60 -2.15
CA ALA F 67 52.40 0.42 -0.97
C ALA F 67 52.54 1.72 -0.19
N ALA F 68 52.50 2.87 -0.84
CA ALA F 68 52.73 4.14 -0.13
C ALA F 68 51.52 4.58 0.71
N HIS F 69 50.31 4.51 0.16
CA HIS F 69 49.13 5.06 0.88
C HIS F 69 48.94 4.40 2.26
N GLU F 70 49.27 3.12 2.37
CA GLU F 70 49.13 2.41 3.68
C GLU F 70 50.13 2.99 4.66
N LEU F 71 51.40 3.14 4.24
CA LEU F 71 52.46 3.70 5.12
C LEU F 71 51.99 5.04 5.68
N THR F 72 51.18 5.78 4.94
CA THR F 72 50.67 7.10 5.40
C THR F 72 49.78 6.87 6.62
N GLY F 73 48.95 5.84 6.60
CA GLY F 73 48.10 5.51 7.76
C GLY F 73 48.88 5.24 9.02
N ARG F 74 50.17 4.89 8.90
CA ARG F 74 50.98 4.51 10.08
C ARG F 74 51.92 5.66 10.50
N THR F 75 51.62 6.90 10.10
CA THR F 75 52.56 8.01 10.42
C THR F 75 52.19 8.59 11.78
N ARG F 76 51.76 9.85 11.82
CA ARG F 76 51.26 10.43 13.09
C ARG F 76 50.08 11.32 12.72
N LEU F 77 50.34 12.34 11.91
CA LEU F 77 49.19 13.13 11.46
C LEU F 77 48.51 12.52 10.24
N ARG F 78 49.15 11.55 9.58
CA ARG F 78 48.65 10.96 8.32
C ARG F 78 48.43 12.04 7.25
N ILE F 79 49.51 12.74 6.91
CA ILE F 79 49.47 13.74 5.85
C ILE F 79 49.70 13.03 4.52
N PRO F 80 48.81 13.19 3.55
CA PRO F 80 48.92 12.41 2.31
C PRO F 80 50.13 12.85 1.49
N LEU F 81 50.78 11.86 0.89
CA LEU F 81 51.94 12.07 0.02
C LEU F 81 51.53 12.74 -1.28
N LEU F 82 52.49 13.41 -1.91
CA LEU F 82 52.35 13.91 -3.28
C LEU F 82 53.14 12.99 -4.20
N LEU F 83 52.49 12.48 -5.23
CA LEU F 83 53.09 11.54 -6.16
C LEU F 83 53.33 12.25 -7.48
N ALA F 84 54.59 12.37 -7.87
CA ALA F 84 54.98 13.15 -9.03
C ALA F 84 55.70 12.28 -10.05
N GLU F 85 55.52 12.63 -11.33
CA GLU F 85 56.17 11.90 -12.42
C GLU F 85 56.41 12.83 -13.60
N ASP F 86 57.38 12.45 -14.43
CA ASP F 86 57.63 13.12 -15.72
C ASP F 86 56.62 12.61 -16.73
N CYS F 87 55.61 13.43 -17.01
CA CYS F 87 54.61 13.16 -18.05
C CYS F 87 54.74 14.27 -19.07
N ILE F 88 55.72 14.13 -19.96
CA ILE F 88 56.21 15.26 -20.74
C ILE F 88 55.39 15.48 -22.01
N HIS F 89 54.92 14.42 -22.67
CA HIS F 89 54.02 14.58 -23.83
C HIS F 89 53.13 13.35 -23.89
N GLY F 90 52.16 13.30 -22.97
CA GLY F 90 51.49 12.08 -22.62
C GLY F 90 52.15 11.47 -21.40
N HIS F 91 51.61 10.34 -20.96
CA HIS F 91 52.11 9.76 -19.71
C HIS F 91 53.26 8.83 -20.06
N SER F 92 54.41 9.48 -20.28
CA SER F 92 55.66 8.98 -20.83
C SER F 92 56.01 7.57 -20.40
N PHE F 93 55.80 7.26 -19.12
CA PHE F 93 56.40 6.07 -18.54
C PHE F 93 55.37 5.09 -18.02
N TRP F 94 54.20 5.06 -18.68
CA TRP F 94 53.14 4.07 -18.38
C TRP F 94 52.96 3.15 -19.59
N VAL F 95 53.19 1.85 -19.45
CA VAL F 95 53.16 0.84 -20.54
C VAL F 95 52.32 1.25 -21.76
N GLY F 96 51.03 1.49 -21.66
CA GLY F 96 50.30 1.65 -22.93
C GLY F 96 49.52 2.94 -23.02
N ALA F 97 50.14 4.06 -22.69
CA ALA F 97 49.42 5.34 -22.64
C ALA F 97 49.54 6.09 -23.96
N THR F 98 48.65 7.07 -24.16
CA THR F 98 48.74 7.91 -25.35
C THR F 98 50.02 8.76 -25.33
N ILE F 99 50.91 8.55 -26.28
CA ILE F 99 52.11 9.37 -26.42
C ILE F 99 51.91 10.31 -27.60
N PHE F 100 51.89 11.61 -27.31
CA PHE F 100 51.68 12.68 -28.27
C PHE F 100 53.00 13.12 -28.87
N PRO F 101 52.96 14.02 -29.87
CA PRO F 101 54.19 14.64 -30.33
C PRO F 101 54.91 15.32 -29.18
N THR F 102 56.25 15.39 -29.30
CA THR F 102 57.02 16.18 -28.37
C THR F 102 56.54 17.62 -28.38
N GLN F 103 56.90 18.33 -27.33
CA GLN F 103 56.49 19.71 -27.17
C GLN F 103 56.92 20.57 -28.37
N LEU F 104 58.11 20.32 -28.93
CA LEU F 104 58.52 21.04 -30.14
C LEU F 104 57.61 20.72 -31.33
N GLY F 105 57.18 19.46 -31.43
CA GLY F 105 56.26 19.09 -32.50
C GLY F 105 54.92 19.77 -32.34
N MET F 106 54.38 19.78 -31.12
CA MET F 106 53.09 20.42 -30.88
C MET F 106 53.16 21.91 -31.15
N ALA F 107 54.31 22.53 -30.89
CA ALA F 107 54.44 23.96 -31.13
C ALA F 107 54.13 24.32 -32.58
N ALA F 108 54.48 23.43 -33.52
CA ALA F 108 54.23 23.68 -34.93
C ALA F 108 52.75 23.84 -35.26
N THR F 109 51.84 23.36 -34.38
CA THR F 109 50.41 23.54 -34.60
C THR F 109 49.97 24.99 -34.37
N TRP F 110 50.71 25.77 -33.60
CA TRP F 110 50.30 27.12 -33.24
C TRP F 110 48.86 27.15 -32.75
N ASP F 111 48.47 26.17 -31.93
CA ASP F 111 47.08 25.93 -31.58
C ASP F 111 46.95 25.70 -30.08
N PRO F 112 46.82 26.77 -29.27
CA PRO F 112 46.69 26.57 -27.82
C PRO F 112 45.50 25.72 -27.42
N ALA F 113 44.35 25.87 -28.07
CA ALA F 113 43.19 25.07 -27.72
C ALA F 113 43.47 23.58 -27.89
N LEU F 114 44.10 23.20 -29.01
CA LEU F 114 44.47 21.80 -29.24
C LEU F 114 45.51 21.32 -28.23
N VAL F 115 46.49 22.17 -27.94
CA VAL F 115 47.50 21.78 -26.95
C VAL F 115 46.87 21.62 -25.57
N GLU F 116 45.86 22.44 -25.26
CA GLU F 116 45.13 22.26 -24.00
C GLU F 116 44.41 20.91 -23.97
N GLN F 117 43.83 20.49 -25.11
CA GLN F 117 43.20 19.18 -25.17
C GLN F 117 44.19 18.06 -24.91
N VAL F 118 45.46 18.24 -25.32
CA VAL F 118 46.48 17.22 -25.09
C VAL F 118 46.83 17.15 -23.61
N ALA F 119 47.04 18.29 -22.97
CA ALA F 119 47.42 18.29 -21.57
C ALA F 119 46.30 17.74 -20.70
N HIS F 120 45.06 18.07 -21.03
CA HIS F 120 43.92 17.50 -20.31
C HIS F 120 43.79 16.01 -20.53
N ALA F 121 43.95 15.57 -21.79
CA ALA F 121 43.93 14.15 -22.08
C ALA F 121 45.08 13.43 -21.38
N THR F 122 46.26 14.04 -21.35
CA THR F 122 47.34 13.48 -20.55
C THR F 122 46.95 13.39 -19.09
N ALA F 123 46.43 14.50 -18.54
CA ALA F 123 46.09 14.55 -17.12
C ALA F 123 45.08 13.49 -16.76
N VAL F 124 44.06 13.30 -17.60
CA VAL F 124 43.04 12.28 -17.31
C VAL F 124 43.70 10.91 -17.15
N GLU F 125 44.64 10.58 -18.05
CA GLU F 125 45.29 9.27 -17.95
C GLU F 125 46.24 9.20 -16.77
N VAL F 126 46.89 10.32 -16.42
CA VAL F 126 47.87 10.33 -15.35
C VAL F 126 47.19 10.11 -14.00
N ALA F 127 46.14 10.88 -13.72
CA ALA F 127 45.43 10.76 -12.44
C ALA F 127 44.90 9.35 -12.21
N ALA F 128 44.42 8.70 -13.28
CA ALA F 128 43.96 7.32 -13.18
C ALA F 128 45.06 6.38 -12.70
N THR F 129 46.33 6.76 -12.84
CA THR F 129 47.43 5.96 -12.30
C THR F 129 47.85 6.40 -10.90
N GLY F 130 47.11 7.33 -10.29
CA GLY F 130 47.45 7.77 -8.95
C GLY F 130 48.62 8.72 -8.87
N VAL F 131 48.91 9.48 -9.94
CA VAL F 131 49.89 10.56 -9.88
C VAL F 131 49.14 11.89 -9.75
N HIS F 132 49.68 12.80 -8.93
CA HIS F 132 49.06 14.10 -8.71
C HIS F 132 49.83 15.26 -9.33
N TRP F 133 51.06 15.04 -9.77
CA TRP F 133 51.96 16.15 -10.08
C TRP F 133 52.85 15.77 -11.25
N THR F 134 52.84 16.57 -12.31
CA THR F 134 53.69 16.33 -13.47
C THR F 134 54.73 17.43 -13.62
N PHE F 135 55.97 17.00 -13.90
CA PHE F 135 57.08 17.90 -14.15
C PHE F 135 56.98 18.41 -15.59
N SER F 136 55.98 19.26 -15.80
CA SER F 136 55.65 19.70 -17.16
C SER F 136 54.68 20.87 -17.04
N PRO F 137 54.69 21.85 -17.97
CA PRO F 137 55.46 21.94 -19.21
C PRO F 137 56.86 22.58 -19.10
N VAL F 138 57.64 22.47 -20.19
CA VAL F 138 58.97 23.08 -20.26
C VAL F 138 58.81 24.48 -20.84
N LEU F 139 59.48 25.46 -20.23
CA LEU F 139 59.37 26.83 -20.70
C LEU F 139 60.70 27.37 -21.18
N CYS F 140 61.75 26.54 -21.16
CA CYS F 140 63.03 26.91 -21.76
C CYS F 140 62.82 27.35 -23.19
N ILE F 141 63.62 28.32 -23.62
CA ILE F 141 63.48 28.88 -24.95
C ILE F 141 64.66 28.39 -25.78
N ALA F 142 64.35 27.83 -26.96
CA ALA F 142 65.35 27.12 -27.77
C ALA F 142 66.19 28.12 -28.56
N ARG F 143 67.24 28.64 -27.93
CA ARG F 143 68.08 29.63 -28.59
C ARG F 143 69.43 29.09 -29.05
N ASP F 144 69.87 27.92 -28.57
CA ASP F 144 71.02 27.23 -29.12
C ASP F 144 70.61 25.84 -29.61
N LEU F 145 70.69 25.63 -30.93
CA LEU F 145 70.29 24.36 -31.53
C LEU F 145 71.17 23.19 -31.10
N ARG F 146 72.38 23.47 -30.64
CA ARG F 146 73.27 22.40 -30.19
C ARG F 146 72.76 21.72 -28.93
N TRP F 147 71.96 22.42 -28.14
CA TRP F 147 71.47 21.91 -26.87
C TRP F 147 70.62 20.66 -27.04
N GLY F 148 70.90 19.65 -26.23
CA GLY F 148 70.25 18.37 -26.40
C GLY F 148 68.78 18.33 -26.06
N ARG F 149 68.25 19.35 -25.38
CA ARG F 149 66.87 19.33 -24.90
C ARG F 149 65.94 20.24 -25.69
N VAL F 150 66.29 20.56 -26.95
CA VAL F 150 65.45 21.44 -27.76
C VAL F 150 64.07 20.81 -28.00
N ASP F 151 64.02 19.48 -28.22
CA ASP F 151 62.74 18.80 -28.44
C ASP F 151 61.75 19.04 -27.32
N GLU F 152 62.23 19.29 -26.10
CA GLU F 152 61.39 19.53 -24.94
C GLU F 152 60.79 20.93 -24.92
N THR F 153 61.29 21.85 -25.75
CA THR F 153 60.83 23.23 -25.73
C THR F 153 59.71 23.43 -26.74
N PHE F 154 59.02 24.57 -26.59
CA PHE F 154 58.03 25.03 -27.55
C PHE F 154 58.63 25.91 -28.64
N GLY F 155 59.95 25.94 -28.78
CA GLY F 155 60.58 26.70 -29.84
C GLY F 155 61.38 27.88 -29.31
N GLU F 156 61.58 28.87 -30.18
CA GLU F 156 62.48 29.98 -29.87
C GLU F 156 61.75 31.27 -29.51
N ASP F 157 60.42 31.29 -29.50
CA ASP F 157 59.74 32.56 -29.33
C ASP F 157 59.10 32.69 -27.94
N PRO F 158 59.48 33.72 -27.18
CA PRO F 158 58.86 33.95 -25.86
C PRO F 158 57.33 34.01 -25.88
N PHE F 159 56.73 34.69 -26.86
CA PHE F 159 55.28 34.80 -26.89
C PHE F 159 54.60 33.45 -27.11
N LEU F 160 54.98 32.74 -28.17
CA LEU F 160 54.37 31.45 -28.47
C LEU F 160 54.64 30.44 -27.35
N ILE F 161 55.86 30.45 -26.78
CA ILE F 161 56.12 29.57 -25.64
C ILE F 161 55.13 29.84 -24.50
N GLY F 162 54.92 31.11 -24.16
CA GLY F 162 53.96 31.43 -23.13
C GLY F 162 52.54 31.05 -23.49
N GLU F 163 52.18 31.18 -24.77
CA GLU F 163 50.85 30.79 -25.23
C GLU F 163 50.61 29.29 -25.06
N LEU F 164 51.55 28.48 -25.53
CA LEU F 164 51.37 27.05 -25.42
C LEU F 164 51.58 26.57 -23.99
N ALA F 165 52.56 27.14 -23.29
CA ALA F 165 52.77 26.74 -21.90
C ALA F 165 51.57 27.08 -21.05
N SER F 166 50.96 28.26 -21.29
CA SER F 166 49.72 28.62 -20.61
C SER F 166 48.63 27.58 -20.88
N ALA F 167 48.47 27.17 -22.14
CA ALA F 167 47.48 26.16 -22.49
C ALA F 167 47.70 24.87 -21.71
N MET F 168 48.93 24.38 -21.66
CA MET F 168 49.17 23.12 -20.98
C MET F 168 48.90 23.21 -19.48
N VAL F 169 49.07 24.37 -18.87
CA VAL F 169 48.76 24.46 -17.45
C VAL F 169 47.26 24.36 -17.22
N ARG F 170 46.46 25.05 -18.05
CA ARG F 170 45.01 24.92 -17.98
C ARG F 170 44.56 23.47 -18.11
N GLY F 171 45.05 22.77 -19.13
CA GLY F 171 44.62 21.41 -19.35
C GLY F 171 45.03 20.46 -18.23
N TYR F 172 46.23 20.66 -17.70
CA TYR F 172 46.71 19.83 -16.59
C TYR F 172 45.86 20.00 -15.35
N GLN F 173 45.72 21.24 -14.89
CA GLN F 173 45.12 21.51 -13.61
C GLN F 173 43.60 21.60 -13.66
N GLY F 174 43.03 21.55 -14.86
CA GLY F 174 41.58 21.44 -14.99
C GLY F 174 40.88 22.61 -14.34
N ASP F 175 39.93 22.28 -13.45
CA ASP F 175 39.21 23.27 -12.64
C ASP F 175 39.92 23.60 -11.35
N GLY F 176 41.24 23.43 -11.30
CA GLY F 176 42.05 23.63 -10.12
C GLY F 176 41.56 22.76 -8.99
N SER F 178 39.75 20.80 -6.34
CA SER F 178 39.51 19.37 -6.19
C SER F 178 38.85 18.77 -7.43
N ASP F 179 39.41 19.06 -8.60
CA ASP F 179 38.99 18.39 -9.83
C ASP F 179 39.61 16.99 -9.87
N PRO F 180 38.80 15.94 -10.05
CA PRO F 180 39.38 14.57 -9.99
C PRO F 180 40.41 14.30 -11.06
N THR F 181 40.20 14.80 -12.28
CA THR F 181 41.14 14.66 -13.38
C THR F 181 42.14 15.80 -13.46
N GLY F 182 42.18 16.67 -12.44
CA GLY F 182 43.16 17.73 -12.39
C GLY F 182 44.44 17.23 -11.74
N ILE F 183 45.58 17.81 -12.16
CA ILE F 183 46.88 17.52 -11.57
C ILE F 183 47.67 18.82 -11.47
N LEU F 184 48.70 18.79 -10.63
CA LEU F 184 49.62 19.91 -10.54
C LEU F 184 50.53 19.96 -11.76
N ALA F 185 50.73 21.16 -12.29
CA ALA F 185 51.70 21.40 -13.34
C ALA F 185 52.98 21.97 -12.74
N THR F 186 54.02 22.02 -13.58
CA THR F 186 55.33 22.55 -13.18
C THR F 186 55.83 23.48 -14.26
N ALA F 187 56.10 24.74 -13.90
CA ALA F 187 56.89 25.61 -14.78
C ALA F 187 58.36 25.22 -14.58
N LYS F 188 58.96 24.66 -15.62
CA LYS F 188 60.10 23.76 -15.47
C LYS F 188 61.34 24.35 -16.11
N HIS F 189 62.45 24.26 -15.37
CA HIS F 189 63.78 24.79 -15.62
C HIS F 189 63.82 26.31 -15.53
N PHE F 190 63.45 26.82 -14.37
CA PHE F 190 63.47 28.24 -14.06
C PHE F 190 64.85 28.59 -13.51
N ALA F 191 65.64 29.41 -14.23
CA ALA F 191 65.37 29.92 -15.58
C ALA F 191 66.71 30.18 -16.25
N GLY F 192 66.74 30.13 -17.59
CA GLY F 192 67.95 30.32 -18.35
C GLY F 192 68.74 29.06 -18.62
N TYR F 193 68.14 27.89 -18.39
CA TYR F 193 68.83 26.62 -18.58
C TYR F 193 69.11 26.34 -20.05
N SER F 194 68.34 26.93 -20.97
CA SER F 194 68.44 26.52 -22.36
C SER F 194 69.59 27.18 -23.12
N GLU F 195 70.18 28.25 -22.60
CA GLU F 195 71.24 28.96 -23.33
C GLU F 195 72.48 29.04 -22.44
N THR F 196 73.31 28.02 -22.52
CA THR F 196 74.55 27.92 -21.78
C THR F 196 75.71 27.73 -22.76
N GLN F 197 76.93 27.89 -22.24
CA GLN F 197 78.14 27.85 -23.08
C GLN F 197 78.19 26.56 -23.89
N GLY F 198 78.50 26.71 -25.18
CA GLY F 198 78.64 25.58 -26.09
C GLY F 198 77.38 24.81 -26.39
N GLY F 199 76.22 25.25 -25.91
CA GLY F 199 75.01 24.45 -26.04
C GLY F 199 75.09 23.20 -25.18
N ARG F 200 76.06 23.18 -24.27
CA ARG F 200 76.30 22.01 -23.43
C ARG F 200 75.29 21.94 -22.30
N ASP F 201 75.06 20.74 -21.82
CA ASP F 201 74.05 20.54 -20.78
C ASP F 201 74.58 21.05 -19.44
N ALA F 202 73.86 22.03 -18.87
CA ALA F 202 74.11 22.53 -17.53
C ALA F 202 75.50 23.12 -17.37
N SER F 203 76.04 23.69 -18.44
CA SER F 203 77.27 24.44 -18.35
C SER F 203 76.94 25.88 -17.94
N GLU F 204 77.94 26.75 -17.96
CA GLU F 204 77.77 28.11 -17.49
C GLU F 204 76.79 28.88 -18.37
N ALA F 205 75.88 29.59 -17.71
CA ALA F 205 74.98 30.52 -18.39
C ALA F 205 75.54 31.93 -18.21
N ASP F 206 76.10 32.50 -19.28
CA ASP F 206 76.57 33.88 -19.29
C ASP F 206 75.42 34.86 -19.52
N ILE F 207 74.39 34.75 -18.70
CA ILE F 207 73.16 35.52 -18.85
C ILE F 207 73.10 36.54 -17.73
N SER F 208 73.16 37.82 -18.10
CA SER F 208 72.94 38.92 -17.17
C SER F 208 71.48 39.00 -16.76
N GLN F 209 71.21 39.80 -15.73
CA GLN F 209 69.83 40.03 -15.30
C GLN F 209 68.98 40.61 -16.41
N ARG F 210 69.49 41.62 -17.13
CA ARG F 210 68.68 42.19 -18.20
C ARG F 210 68.40 41.17 -19.30
N LYS F 211 69.38 40.32 -19.63
CA LYS F 211 69.15 39.31 -20.65
C LYS F 211 68.11 38.28 -20.21
N LEU F 212 68.19 37.85 -18.94
CA LEU F 212 67.20 36.92 -18.41
C LEU F 212 65.80 37.52 -18.47
N ARG F 213 65.65 38.79 -18.10
CA ARG F 213 64.34 39.43 -18.15
C ARG F 213 63.85 39.57 -19.59
N SER F 214 64.76 39.75 -20.55
CA SER F 214 64.34 40.06 -21.90
C SER F 214 63.76 38.84 -22.63
N TRP F 215 64.42 37.68 -22.51
CA TRP F 215 64.12 36.55 -23.39
C TRP F 215 63.68 35.28 -22.69
N PHE F 216 63.93 35.13 -21.38
CA PHE F 216 63.66 33.88 -20.67
C PHE F 216 62.56 33.99 -19.64
N LEU F 217 62.47 35.11 -18.89
CA LEU F 217 61.45 35.28 -17.86
C LEU F 217 60.02 35.43 -18.36
N PRO F 218 59.75 36.09 -19.50
CA PRO F 218 58.35 36.40 -19.88
C PRO F 218 57.41 35.19 -19.83
N PRO F 219 57.78 34.02 -20.38
CA PRO F 219 56.86 32.87 -20.23
C PRO F 219 56.61 32.49 -18.78
N PHE F 220 57.66 32.51 -17.94
CA PHE F 220 57.49 32.13 -16.54
C PHE F 220 56.57 33.09 -15.80
N GLU F 221 56.76 34.40 -16.00
CA GLU F 221 55.90 35.38 -15.36
C GLU F 221 54.43 35.13 -15.70
N ARG F 222 54.14 34.76 -16.95
CA ARG F 222 52.75 34.64 -17.38
C ARG F 222 52.07 33.44 -16.71
N VAL F 223 52.72 32.28 -16.68
CA VAL F 223 52.11 31.14 -16.02
C VAL F 223 52.20 31.25 -14.50
N ALA F 224 53.09 32.07 -13.98
CA ALA F 224 53.08 32.37 -12.54
C ALA F 224 51.78 33.06 -12.17
N ARG F 225 51.45 34.15 -12.85
CA ARG F 225 50.24 34.89 -12.51
C ARG F 225 48.97 34.22 -13.02
N GLU F 226 49.07 33.07 -13.68
CA GLU F 226 47.85 32.36 -14.09
C GLU F 226 47.53 31.17 -13.21
N GLY F 227 48.43 30.76 -12.32
CA GLY F 227 48.14 29.74 -11.34
C GLY F 227 48.92 28.44 -11.46
N CYS F 228 50.07 28.43 -12.12
CA CYS F 228 50.84 27.20 -12.24
C CYS F 228 51.32 26.76 -10.86
N ALA F 229 51.00 25.52 -10.49
CA ALA F 229 51.10 25.10 -9.10
C ALA F 229 52.54 25.14 -8.59
N THR F 230 53.47 24.61 -9.37
CA THR F 230 54.85 24.52 -8.94
C THR F 230 55.78 25.11 -9.99
N PHE F 231 56.99 25.43 -9.55
CA PHE F 231 58.10 25.84 -10.38
C PHE F 231 59.23 24.88 -10.12
N MET F 232 60.01 24.60 -11.14
CA MET F 232 61.19 23.77 -10.96
C MET F 232 62.39 24.52 -11.49
N LEU F 233 63.47 24.45 -10.74
CA LEU F 233 64.74 25.06 -11.09
C LEU F 233 65.43 24.26 -12.20
N GLY F 234 66.46 24.87 -12.78
CA GLY F 234 67.37 24.17 -13.65
C GLY F 234 68.66 23.79 -12.94
N TYR F 235 69.61 23.29 -13.73
CA TYR F 235 70.89 22.85 -13.19
C TYR F 235 71.96 23.91 -13.19
N GLN F 236 71.81 24.96 -13.99
CA GLN F 236 72.98 25.72 -14.42
C GLN F 236 73.37 26.78 -13.41
N SER F 237 74.66 27.14 -13.44
CA SER F 237 75.14 28.32 -12.74
C SER F 237 75.03 29.51 -13.67
N MET F 238 74.55 30.62 -13.13
CA MET F 238 74.31 31.83 -13.90
C MET F 238 75.16 32.92 -13.29
N ASP F 239 76.05 33.51 -14.09
CA ASP F 239 76.95 34.55 -13.63
C ASP F 239 77.69 34.11 -12.37
N GLY F 240 78.08 32.83 -12.34
CA GLY F 240 78.87 32.27 -11.26
C GLY F 240 78.08 31.59 -10.16
N VAL F 241 76.78 31.79 -10.08
CA VAL F 241 75.96 31.31 -8.97
C VAL F 241 75.02 30.22 -9.48
N PRO F 242 74.98 29.05 -8.86
CA PRO F 242 73.92 28.09 -9.17
C PRO F 242 72.55 28.68 -8.93
N VAL F 243 71.60 28.32 -9.81
CA VAL F 243 70.25 28.86 -9.66
C VAL F 243 69.66 28.46 -8.31
N THR F 244 70.14 27.36 -7.72
CA THR F 244 69.53 26.85 -6.50
C THR F 244 69.76 27.77 -5.32
N VAL F 245 70.83 28.56 -5.35
CA VAL F 245 71.12 29.51 -4.29
C VAL F 245 71.10 30.95 -4.81
N ASN F 246 70.39 31.19 -5.91
CA ASN F 246 70.29 32.53 -6.49
C ASN F 246 69.08 33.21 -5.87
N GLY F 247 69.33 33.96 -4.80
CA GLY F 247 68.25 34.62 -4.08
C GLY F 247 67.55 35.70 -4.88
N TRP F 248 68.30 36.43 -5.72
CA TRP F 248 67.68 37.43 -6.60
C TRP F 248 66.55 36.82 -7.41
N LEU F 249 66.87 35.76 -8.18
CA LEU F 249 65.86 35.16 -9.04
C LEU F 249 64.75 34.51 -8.23
N LEU F 250 65.11 33.80 -7.15
CA LEU F 250 64.14 32.97 -6.43
C LEU F 250 63.29 33.78 -5.45
N ASP F 251 63.81 34.88 -4.90
CA ASP F 251 63.05 35.68 -3.95
C ASP F 251 62.69 37.05 -4.50
N ASP F 252 63.68 37.85 -4.90
CA ASP F 252 63.41 39.19 -5.43
C ASP F 252 62.40 39.16 -6.58
N VAL F 253 62.65 38.30 -7.58
CA VAL F 253 61.78 38.27 -8.76
C VAL F 253 60.55 37.38 -8.51
N LEU F 254 60.79 36.09 -8.25
CA LEU F 254 59.68 35.14 -8.21
C LEU F 254 58.70 35.47 -7.10
N ARG F 255 59.20 35.78 -5.91
CA ARG F 255 58.30 36.14 -4.82
C ARG F 255 57.99 37.64 -4.81
N GLY F 256 59.04 38.47 -4.80
CA GLY F 256 58.84 39.90 -4.62
C GLY F 256 58.14 40.56 -5.78
N GLU F 257 58.63 40.34 -7.00
CA GLU F 257 58.09 41.06 -8.16
C GLU F 257 56.79 40.42 -8.66
N TRP F 258 56.70 39.10 -8.64
CA TRP F 258 55.54 38.44 -9.22
C TRP F 258 54.50 38.04 -8.18
N GLY F 259 54.88 38.00 -6.90
CA GLY F 259 53.94 37.55 -5.89
C GLY F 259 53.48 36.12 -6.09
N TYR F 260 54.42 35.22 -6.41
CA TYR F 260 54.09 33.83 -6.69
C TYR F 260 53.97 33.06 -5.39
N THR F 261 52.80 32.48 -5.16
CA THR F 261 52.52 31.75 -3.93
C THR F 261 52.53 30.25 -4.14
N GLY F 262 53.08 29.79 -5.26
CA GLY F 262 53.23 28.37 -5.51
C GLY F 262 54.52 27.83 -4.93
N THR F 263 54.72 26.53 -5.10
CA THR F 263 55.83 25.80 -4.50
C THR F 263 57.00 25.72 -5.48
N LEU F 264 58.21 25.91 -4.94
CA LEU F 264 59.46 25.72 -5.68
C LEU F 264 60.07 24.36 -5.36
N VAL F 265 60.33 23.58 -6.39
CA VAL F 265 61.11 22.36 -6.24
C VAL F 265 62.43 22.57 -6.97
N THR F 266 63.48 21.95 -6.46
CA THR F 266 64.73 22.02 -7.17
C THR F 266 64.76 20.93 -8.22
N ASP F 267 65.74 21.03 -9.12
CA ASP F 267 65.97 19.94 -10.06
C ASP F 267 66.68 18.79 -9.32
N TRP F 268 66.91 17.70 -10.06
CA TRP F 268 67.39 16.43 -9.49
C TRP F 268 68.66 16.58 -8.66
N ASP F 269 68.50 16.52 -7.33
CA ASP F 269 69.63 16.55 -6.38
C ASP F 269 70.44 17.84 -6.48
N ASN F 270 69.79 18.94 -6.89
CA ASN F 270 70.49 20.21 -7.00
C ASN F 270 71.29 20.53 -5.74
N VAL F 271 70.70 20.31 -4.57
CA VAL F 271 71.37 20.68 -3.33
C VAL F 271 72.61 19.83 -3.10
N GLY F 272 72.53 18.53 -3.37
CA GLY F 272 73.70 17.67 -3.23
C GLY F 272 74.81 18.05 -4.19
N ARG F 273 74.46 18.03 -5.48
CA ARG F 273 75.19 18.60 -6.61
C ARG F 273 76.21 19.68 -6.24
N MET F 274 75.83 20.62 -5.36
CA MET F 274 76.72 21.72 -5.01
C MET F 274 77.92 21.24 -4.20
N VAL F 275 77.70 20.24 -3.33
CA VAL F 275 78.80 19.67 -2.56
C VAL F 275 79.66 18.79 -3.46
N TRP F 276 79.09 17.71 -3.99
CA TRP F 276 79.90 16.70 -4.66
C TRP F 276 80.20 17.01 -6.13
N GLU F 277 79.34 17.73 -6.84
CA GLU F 277 79.66 17.95 -8.25
C GLU F 277 80.35 19.29 -8.48
N GLN F 278 79.67 20.40 -8.15
CA GLN F 278 80.24 21.72 -8.38
C GLN F 278 81.24 22.17 -7.33
N HIS F 279 81.22 21.61 -6.12
CA HIS F 279 82.18 22.00 -5.09
C HIS F 279 82.20 23.51 -4.93
N ILE F 280 81.19 24.02 -4.24
CA ILE F 280 81.04 25.45 -4.00
C ILE F 280 80.46 25.57 -2.60
N GLN F 281 79.98 24.46 -2.07
CA GLN F 281 79.47 24.40 -0.72
C GLN F 281 80.20 23.30 0.06
N PRO F 282 80.62 23.57 1.32
CA PRO F 282 81.54 22.66 2.01
C PRO F 282 80.92 21.32 2.37
N ASP F 283 79.73 21.35 2.96
CA ASP F 283 79.02 20.12 3.28
C ASP F 283 77.53 20.35 3.13
N TYR F 284 76.77 19.27 3.33
CA TYR F 284 75.34 19.26 3.04
C TYR F 284 74.52 20.10 4.00
N VAL F 285 75.12 20.60 5.09
CA VAL F 285 74.39 21.46 6.02
C VAL F 285 74.40 22.92 5.52
N HIS F 286 75.56 23.42 5.11
CA HIS F 286 75.59 24.75 4.49
C HIS F 286 74.77 24.75 3.20
N ALA F 287 74.97 23.73 2.36
CA ALA F 287 74.18 23.57 1.14
C ALA F 287 72.69 23.69 1.44
N SER F 288 72.20 22.92 2.42
CA SER F 288 70.78 22.91 2.73
C SER F 288 70.31 24.27 3.26
N ALA F 289 71.16 24.93 4.06
CA ALA F 289 70.82 26.26 4.56
C ALA F 289 70.70 27.27 3.43
N ALA F 290 71.70 27.28 2.54
CA ALA F 290 71.65 28.13 1.36
C ALA F 290 70.40 27.88 0.54
N ALA F 291 70.08 26.60 0.30
CA ALA F 291 68.87 26.29 -0.47
C ALA F 291 67.64 26.85 0.21
N VAL F 292 67.49 26.59 1.52
CA VAL F 292 66.38 27.17 2.26
C VAL F 292 66.48 28.69 2.26
N ARG F 293 67.67 29.24 2.55
CA ARG F 293 67.84 30.68 2.58
C ARG F 293 67.41 31.33 1.27
N ALA F 294 67.68 30.67 0.13
CA ALA F 294 67.44 31.28 -1.17
C ALA F 294 65.97 31.36 -1.55
N GLY F 295 65.13 30.49 -1.00
CA GLY F 295 63.71 30.56 -1.29
C GLY F 295 63.09 29.25 -1.72
N ASN F 296 63.86 28.16 -1.60
CA ASN F 296 63.43 26.84 -2.05
C ASN F 296 62.45 26.23 -1.06
N ASP F 297 61.40 25.61 -1.59
CA ASP F 297 60.38 24.98 -0.78
C ASP F 297 60.48 23.47 -0.74
N MET F 298 61.20 22.86 -1.66
CA MET F 298 61.12 21.44 -1.92
C MET F 298 62.44 21.01 -2.54
N VAL F 299 63.12 20.06 -1.93
CA VAL F 299 64.36 19.53 -2.47
C VAL F 299 64.07 18.21 -3.16
N MET F 300 64.56 18.05 -4.39
CA MET F 300 64.33 16.85 -5.19
C MET F 300 65.53 15.94 -5.03
N THR F 301 65.31 14.76 -4.43
CA THR F 301 66.25 13.62 -4.43
C THR F 301 67.56 13.90 -3.71
N THR F 302 67.57 14.79 -2.72
CA THR F 302 68.73 14.85 -1.85
C THR F 302 68.37 14.13 -0.56
N PRO F 303 68.89 12.92 -0.34
CA PRO F 303 68.62 12.25 0.93
C PRO F 303 69.19 13.00 2.13
N ARG F 304 70.43 13.48 2.01
CA ARG F 304 71.12 14.11 3.13
C ARG F 304 70.67 15.54 3.39
N PHE F 305 69.57 16.00 2.78
CA PHE F 305 68.95 17.25 3.19
C PHE F 305 68.17 17.11 4.48
N PHE F 306 67.71 15.90 4.82
CA PHE F 306 67.01 15.70 6.10
C PHE F 306 67.97 15.90 7.26
N GLU F 307 69.14 15.25 7.21
CA GLU F 307 70.15 15.42 8.26
C GLU F 307 70.71 16.84 8.26
N GLY F 308 71.08 17.35 7.08
CA GLY F 308 71.69 18.66 7.00
C GLY F 308 70.78 19.78 7.46
N ALA F 309 69.49 19.70 7.13
CA ALA F 309 68.57 20.80 7.42
C ALA F 309 68.15 20.86 8.89
N LEU F 310 68.29 19.76 9.65
CA LEU F 310 68.04 19.84 11.09
C LEU F 310 69.27 20.36 11.82
N GLU F 311 70.46 19.96 11.39
CA GLU F 311 71.68 20.56 11.94
C GLU F 311 71.73 22.06 11.69
N ALA F 312 71.03 22.57 10.68
CA ALA F 312 71.14 23.97 10.26
C ALA F 312 70.15 24.89 10.98
N VAL F 313 68.95 24.39 11.31
CA VAL F 313 68.09 25.15 12.22
C VAL F 313 68.68 25.12 13.64
N ASP F 314 69.54 24.14 13.92
CA ASP F 314 70.18 24.04 15.24
C ASP F 314 71.37 25.00 15.36
N ARG F 315 72.26 25.03 14.37
CA ARG F 315 73.39 25.97 14.41
C ARG F 315 72.94 27.43 14.35
N GLY F 316 71.66 27.69 14.12
CA GLY F 316 71.22 29.01 13.75
C GLY F 316 71.54 29.40 12.32
N LEU F 317 71.90 28.42 11.48
CA LEU F 317 72.22 28.72 10.08
C LEU F 317 70.96 29.12 9.32
N VAL F 318 69.85 28.42 9.56
CA VAL F 318 68.54 28.85 9.07
C VAL F 318 67.59 28.94 10.25
N GLU F 319 66.53 29.70 10.06
CA GLU F 319 65.45 29.81 11.03
C GLU F 319 64.40 28.74 10.78
N GLU F 320 63.78 28.28 11.86
CA GLU F 320 62.61 27.41 11.73
C GLU F 320 61.44 28.16 11.08
N ALA F 321 61.43 29.49 11.14
CA ALA F 321 60.37 30.26 10.50
C ALA F 321 60.46 30.19 8.98
N ALA F 322 61.66 30.00 8.43
CA ALA F 322 61.79 29.75 7.00
C ALA F 322 61.27 28.36 6.63
N ILE F 323 61.56 27.36 7.46
CA ILE F 323 61.05 26.02 7.23
C ILE F 323 59.52 26.05 7.24
N ASP F 324 58.95 26.93 8.07
CA ASP F 324 57.50 27.08 8.13
C ASP F 324 56.95 27.72 6.86
N ALA F 325 57.54 28.84 6.44
CA ALA F 325 56.97 29.64 5.35
C ALA F 325 56.90 28.88 4.04
N ALA F 326 57.77 27.88 3.86
CA ALA F 326 57.69 27.05 2.67
C ALA F 326 56.91 25.77 2.90
N VAL F 327 56.86 25.27 4.14
CA VAL F 327 55.96 24.16 4.45
C VAL F 327 54.50 24.65 4.38
N ARG F 328 54.26 25.94 4.64
CA ARG F 328 53.01 26.58 4.23
C ARG F 328 52.57 26.11 2.85
N ARG F 329 53.45 26.34 1.88
CA ARG F 329 53.08 26.22 0.47
C ARG F 329 52.97 24.76 0.04
N ILE F 330 53.85 23.89 0.56
CA ILE F 330 53.70 22.45 0.33
C ILE F 330 52.32 21.99 0.76
N LEU F 331 51.88 22.49 1.90
CA LEU F 331 50.64 22.03 2.51
C LEU F 331 49.42 22.63 1.83
N THR F 332 49.47 23.90 1.44
CA THR F 332 48.38 24.50 0.68
C THR F 332 48.05 23.70 -0.57
N LEU F 333 49.05 23.00 -1.14
CA LEU F 333 48.81 22.14 -2.29
C LEU F 333 47.94 20.95 -1.92
N LYS F 334 48.40 20.15 -0.96
CA LYS F 334 47.65 18.95 -0.55
C LYS F 334 46.23 19.30 -0.13
N PHE F 335 46.05 20.45 0.54
CA PHE F 335 44.74 20.87 1.01
C PHE F 335 43.86 21.39 -0.11
N ARG F 336 44.46 21.92 -1.18
CA ARG F 336 43.66 22.38 -2.31
C ARG F 336 43.32 21.26 -3.28
N LEU F 337 44.20 20.26 -3.45
CA LEU F 337 43.78 19.04 -4.16
C LEU F 337 42.66 18.34 -3.41
N GLY F 338 42.67 18.43 -2.09
CA GLY F 338 41.83 17.63 -1.24
C GLY F 338 42.41 16.28 -0.85
N LEU F 339 43.73 16.18 -0.62
CA LEU F 339 44.28 14.86 -0.35
C LEU F 339 43.94 14.37 1.04
N PHE F 340 43.70 15.28 1.99
CA PHE F 340 43.32 14.82 3.32
C PHE F 340 41.93 14.22 3.29
N GLU F 341 41.06 14.74 2.43
CA GLU F 341 39.75 14.15 2.21
C GLU F 341 39.81 13.02 1.19
N ASP F 342 40.68 13.15 0.17
CA ASP F 342 40.75 12.20 -0.95
C ASP F 342 42.19 12.05 -1.40
N PRO F 343 42.87 10.97 -1.01
CA PRO F 343 44.27 10.78 -1.42
C PRO F 343 44.46 10.15 -2.79
N ARG F 344 43.39 9.98 -3.57
CA ARG F 344 43.48 9.61 -4.98
C ARG F 344 44.24 8.30 -5.21
N ARG F 345 43.59 7.18 -4.94
CA ARG F 345 44.20 5.88 -5.23
C ARG F 345 44.17 5.62 -6.74
N PRO F 346 45.15 4.89 -7.24
CA PRO F 346 45.04 4.34 -8.61
C PRO F 346 43.83 3.43 -8.74
N ASP F 347 42.94 3.77 -9.68
CA ASP F 347 41.73 2.99 -9.94
C ASP F 347 41.93 2.17 -11.22
N VAL F 348 42.02 0.85 -11.06
CA VAL F 348 42.19 -0.03 -12.22
C VAL F 348 40.98 0.05 -13.14
N ALA F 349 39.78 0.16 -12.59
CA ALA F 349 38.59 0.26 -13.43
C ALA F 349 38.61 1.54 -14.23
N ARG F 350 39.05 2.65 -13.62
CA ARG F 350 39.16 3.90 -14.34
C ARG F 350 40.21 3.80 -15.43
N GLN F 351 41.38 3.24 -15.09
CA GLN F 351 42.47 3.07 -16.05
C GLN F 351 41.97 2.43 -17.34
N GLN F 352 41.28 1.30 -17.21
CA GLN F 352 40.79 0.59 -18.38
C GLN F 352 39.72 1.36 -19.15
N ALA F 353 39.18 2.44 -18.56
CA ALA F 353 38.19 3.24 -19.27
C ALA F 353 38.80 4.42 -20.03
N VAL F 354 39.90 5.00 -19.56
CA VAL F 354 40.36 6.29 -20.08
C VAL F 354 41.74 6.21 -20.72
N ILE F 355 42.61 5.30 -20.26
CA ILE F 355 43.96 5.24 -20.78
C ILE F 355 43.94 4.65 -22.18
N ALA F 356 44.48 5.41 -23.15
CA ALA F 356 44.54 5.03 -24.56
C ALA F 356 43.15 4.84 -25.15
N SER F 357 42.21 5.67 -24.70
CA SER F 357 40.86 5.63 -25.24
C SER F 357 40.85 6.11 -26.69
N ALA F 358 39.73 5.84 -27.37
CA ALA F 358 39.58 6.24 -28.76
C ALA F 358 39.60 7.75 -28.91
N GLU F 359 38.91 8.45 -28.04
CA GLU F 359 38.87 9.90 -28.14
C GLU F 359 40.20 10.55 -27.75
N HIS F 360 40.99 9.90 -26.89
CA HIS F 360 42.36 10.33 -26.70
C HIS F 360 43.19 10.11 -27.96
N ALA F 361 43.00 8.98 -28.65
CA ALA F 361 43.70 8.75 -29.92
C ALA F 361 43.25 9.74 -30.99
N ALA F 362 41.99 10.16 -30.97
CA ALA F 362 41.52 11.16 -31.93
C ALA F 362 42.22 12.50 -31.70
N VAL F 363 42.50 12.85 -30.45
CA VAL F 363 43.23 14.09 -30.18
C VAL F 363 44.67 13.96 -30.61
N ASN F 364 45.30 12.82 -30.31
CA ASN F 364 46.66 12.57 -30.78
C ASN F 364 46.77 12.67 -32.30
N LEU F 365 45.80 12.09 -33.03
CA LEU F 365 45.86 12.14 -34.48
C LEU F 365 45.75 13.57 -34.99
N GLU F 366 44.86 14.36 -34.39
CA GLU F 366 44.70 15.75 -34.82
C GLU F 366 45.97 16.55 -34.56
N VAL F 367 46.68 16.29 -33.46
CA VAL F 367 47.89 17.04 -33.17
C VAL F 367 48.98 16.65 -34.15
N ALA F 368 49.15 15.35 -34.38
CA ALA F 368 50.12 14.89 -35.36
C ALA F 368 49.87 15.50 -36.72
N ARG F 370 48.26 18.33 -37.58
CA ARG F 370 48.53 19.76 -37.68
C ARG F 370 49.99 20.11 -37.43
N SER F 371 50.80 19.20 -36.90
CA SER F 371 52.17 19.55 -36.54
C SER F 371 53.17 19.37 -37.68
N LEU F 372 52.81 18.64 -38.74
CA LEU F 372 53.76 18.46 -39.85
C LEU F 372 53.96 19.76 -40.59
N VAL F 373 55.23 20.07 -40.91
CA VAL F 373 55.58 21.28 -41.62
C VAL F 373 56.13 20.91 -42.98
N LEU F 374 55.43 21.29 -44.04
CA LEU F 374 55.97 21.18 -45.40
C LEU F 374 56.92 22.35 -45.65
N LEU F 375 58.22 22.05 -45.77
CA LEU F 375 59.22 23.08 -45.87
C LEU F 375 59.57 23.42 -47.31
N THR F 376 59.67 22.40 -48.18
CA THR F 376 59.89 22.63 -49.60
C THR F 376 59.00 21.68 -50.40
N ASN F 377 58.68 22.09 -51.62
CA ASN F 377 57.84 21.28 -52.49
C ASN F 377 57.98 21.80 -53.91
N ASP F 378 58.58 21.00 -54.79
CA ASP F 378 58.76 21.43 -56.17
C ASP F 378 57.51 21.25 -57.05
N GLY F 379 56.46 20.59 -56.54
CA GLY F 379 55.30 20.26 -57.35
C GLY F 379 54.89 18.81 -57.16
N THR F 380 55.86 17.98 -56.79
CA THR F 380 55.61 16.56 -56.57
C THR F 380 54.50 16.32 -55.55
N LEU F 381 54.38 17.18 -54.49
CA LEU F 381 53.30 16.90 -53.56
C LEU F 381 52.12 17.84 -53.78
N PRO F 382 50.87 17.42 -53.50
CA PRO F 382 50.46 16.08 -53.05
C PRO F 382 50.62 15.06 -54.18
N PHE F 383 51.06 13.87 -53.82
CA PHE F 383 51.62 12.94 -54.81
C PHE F 383 50.57 12.48 -55.79
N ALA F 384 50.92 12.53 -57.09
CA ALA F 384 50.03 12.14 -58.18
C ALA F 384 48.77 13.02 -58.23
N GLY F 385 48.90 14.29 -57.86
CA GLY F 385 47.76 15.18 -57.80
C GLY F 385 46.94 15.11 -56.53
N GLY F 386 47.16 14.11 -55.68
CA GLY F 386 46.38 14.03 -54.45
C GLY F 386 45.26 13.01 -54.55
N LEU F 387 44.95 12.38 -53.43
CA LEU F 387 43.99 11.29 -53.37
C LEU F 387 42.74 11.67 -52.58
N ASP F 388 41.79 10.74 -52.65
CA ASP F 388 40.48 10.72 -52.02
C ASP F 388 40.30 9.38 -51.32
N ARG F 389 39.41 9.29 -50.32
CA ARG F 389 39.04 7.94 -49.95
C ARG F 389 37.71 7.63 -50.63
N GLY F 396 40.06 5.64 -44.19
CA GLY F 396 40.15 4.37 -44.87
C GLY F 396 41.23 4.40 -45.93
N ARG F 397 41.40 3.26 -46.60
CA ARG F 397 42.37 3.16 -47.68
C ARG F 397 41.90 4.00 -48.88
N ALA F 398 42.82 4.77 -49.45
CA ALA F 398 42.48 5.71 -50.51
C ALA F 398 42.30 5.04 -51.87
N LEU F 399 41.63 5.77 -52.76
CA LEU F 399 41.41 5.39 -54.16
C LEU F 399 42.52 5.91 -55.06
N ALA F 400 42.95 5.08 -56.00
CA ALA F 400 43.93 5.51 -57.00
C ALA F 400 43.34 6.64 -57.84
N PRO F 401 44.07 7.71 -58.08
CA PRO F 401 43.53 8.84 -58.85
C PRO F 401 43.50 8.53 -60.34
N ALA F 402 42.83 9.42 -61.07
CA ALA F 402 42.85 9.38 -62.53
C ALA F 402 44.26 9.57 -63.06
N GLY F 403 44.62 8.77 -64.05
CA GLY F 403 45.93 8.90 -64.66
C GLY F 403 47.08 8.36 -63.86
N ALA F 404 46.84 7.62 -62.76
CA ALA F 404 47.90 7.04 -61.93
C ALA F 404 47.44 5.71 -61.36
N PRO F 405 47.26 4.69 -62.22
CA PRO F 405 46.65 3.43 -61.75
C PRO F 405 47.58 2.60 -60.86
N ALA F 406 48.88 2.55 -61.22
CA ALA F 406 49.89 1.74 -60.54
C ALA F 406 51.08 2.62 -60.17
N ARG F 407 51.35 2.74 -58.87
CA ARG F 407 52.52 3.49 -58.43
C ARG F 407 53.22 2.71 -57.34
N THR F 408 54.54 2.87 -57.25
CA THR F 408 55.33 2.29 -56.16
C THR F 408 55.96 3.39 -55.33
N ILE F 409 55.81 3.28 -54.02
CA ILE F 409 56.44 4.20 -53.07
C ILE F 409 57.49 3.45 -52.28
N ALA F 410 58.75 3.86 -52.42
CA ALA F 410 59.84 3.26 -51.67
C ALA F 410 60.03 4.07 -50.39
N VAL F 411 59.79 3.44 -49.25
CA VAL F 411 59.97 4.08 -47.95
C VAL F 411 61.32 3.61 -47.40
N VAL F 412 62.29 4.53 -47.36
CA VAL F 412 63.66 4.20 -47.02
C VAL F 412 64.12 5.04 -45.83
N GLY F 413 65.25 4.65 -45.25
CA GLY F 413 65.85 5.44 -44.20
C GLY F 413 65.76 4.83 -42.81
N PRO F 414 66.73 5.13 -41.95
CA PRO F 414 66.77 4.49 -40.63
C PRO F 414 65.54 4.74 -39.78
N ASN F 415 64.88 5.89 -39.96
CA ASN F 415 63.75 6.26 -39.13
C ASN F 415 62.40 5.93 -39.76
N ALA F 416 62.38 5.29 -40.93
CA ALA F 416 61.13 4.98 -41.63
C ALA F 416 60.24 4.01 -40.86
N ASP F 417 60.84 3.09 -40.11
CA ASP F 417 60.06 2.06 -39.41
C ASP F 417 60.57 1.87 -37.98
N ASP F 418 60.81 2.98 -37.27
CA ASP F 418 61.41 2.93 -35.93
C ASP F 418 60.41 3.50 -34.89
N ASP F 419 59.66 2.57 -34.30
CA ASP F 419 58.89 2.72 -33.07
C ASP F 419 59.46 3.78 -32.13
N HIS F 420 60.61 3.48 -31.52
CA HIS F 420 61.07 4.27 -30.39
C HIS F 420 61.54 5.65 -30.82
N THR F 421 62.26 5.75 -31.94
CA THR F 421 62.74 7.05 -32.40
C THR F 421 61.58 8.00 -32.69
N GLN F 422 60.42 7.46 -33.04
CA GLN F 422 59.30 8.32 -33.37
C GLN F 422 58.68 8.96 -32.14
N LEU F 423 58.71 8.27 -31.01
CA LEU F 423 58.14 8.84 -29.78
C LEU F 423 59.08 9.86 -29.15
N GLY F 424 60.38 9.78 -29.43
CA GLY F 424 61.32 10.75 -28.93
C GLY F 424 61.68 10.55 -27.47
N ASP F 425 62.50 11.47 -26.97
CA ASP F 425 62.89 11.48 -25.57
C ASP F 425 61.67 11.64 -24.66
N TRP F 426 61.86 11.27 -23.38
CA TRP F 426 60.81 11.33 -22.35
C TRP F 426 59.59 10.52 -22.77
N ALA F 427 59.82 9.26 -23.11
CA ALA F 427 58.77 8.37 -23.58
C ALA F 427 59.30 6.95 -23.62
N GLY F 428 58.56 6.02 -23.03
CA GLY F 428 58.84 4.61 -23.21
C GLY F 428 60.22 4.23 -22.71
N ALA F 429 61.03 3.66 -23.60
CA ALA F 429 62.36 3.18 -23.28
C ALA F 429 63.44 4.24 -23.44
N SER F 430 63.08 5.53 -23.37
CA SER F 430 64.06 6.57 -23.62
C SER F 430 65.18 6.58 -22.58
N GLY F 431 64.96 5.99 -21.41
CA GLY F 431 66.06 5.79 -20.49
C GLY F 431 65.87 6.25 -19.06
N GLN F 432 64.93 7.17 -18.82
CA GLN F 432 64.77 7.72 -17.48
C GLN F 432 63.97 6.80 -16.56
N ALA F 433 63.20 5.88 -17.12
CA ALA F 433 62.44 4.89 -16.35
C ALA F 433 63.02 3.51 -16.64
N ASP F 434 63.37 2.79 -15.58
CA ASP F 434 63.98 1.48 -15.72
C ASP F 434 62.96 0.34 -15.75
N TRP F 435 61.67 0.65 -15.70
CA TRP F 435 60.63 -0.37 -15.71
C TRP F 435 59.91 -0.51 -17.06
N LEU F 436 60.44 0.09 -18.13
CA LEU F 436 59.92 -0.08 -19.48
C LEU F 436 61.06 -0.56 -20.37
N PRO F 437 61.50 -1.81 -20.20
CA PRO F 437 62.63 -2.28 -21.01
C PRO F 437 62.33 -2.31 -22.50
N ASP F 438 61.07 -2.54 -22.88
CA ASP F 438 60.64 -2.66 -24.27
C ASP F 438 59.85 -1.45 -24.77
N GLY F 439 59.74 -0.39 -23.96
CA GLY F 439 58.93 0.75 -24.36
C GLY F 439 57.44 0.45 -24.36
N HIS F 440 56.72 1.21 -25.16
CA HIS F 440 55.28 1.04 -25.31
C HIS F 440 54.97 -0.10 -26.30
N PRO F 441 53.74 -0.62 -26.29
CA PRO F 441 53.42 -1.73 -27.21
C PRO F 441 53.52 -1.31 -28.65
N ARG F 442 54.00 -2.23 -29.49
CA ARG F 442 54.33 -1.91 -30.88
C ARG F 442 53.09 -1.52 -31.67
N GLU F 443 51.95 -2.18 -31.44
CA GLU F 443 50.75 -1.88 -32.22
C GLU F 443 50.32 -0.43 -32.09
N MET F 444 50.59 0.19 -30.94
CA MET F 444 50.08 1.53 -30.68
C MET F 444 50.71 2.60 -31.56
N THR F 445 51.90 2.34 -32.12
CA THR F 445 52.57 3.32 -32.97
C THR F 445 52.38 2.96 -34.44
N THR F 446 52.01 3.97 -35.23
CA THR F 446 52.01 3.89 -36.69
C THR F 446 53.27 4.58 -37.19
N THR F 447 54.26 3.80 -37.61
CA THR F 447 55.43 4.37 -38.27
C THR F 447 55.07 4.87 -39.68
N VAL F 448 56.03 5.56 -40.32
CA VAL F 448 55.82 6.03 -41.68
C VAL F 448 55.59 4.85 -42.63
N LEU F 449 56.38 3.79 -42.50
CA LEU F 449 56.14 2.61 -43.32
C LEU F 449 54.74 2.04 -43.07
N ASP F 450 54.29 2.01 -41.80
CA ASP F 450 52.94 1.52 -41.51
C ASP F 450 51.88 2.37 -42.19
N GLY F 451 52.03 3.70 -42.15
CA GLY F 451 51.00 4.56 -42.73
C GLY F 451 50.83 4.35 -44.21
N PHE F 452 51.94 4.36 -44.95
CA PHE F 452 51.87 4.17 -46.39
C PHE F 452 51.28 2.81 -46.75
N ARG F 453 51.67 1.76 -46.03
CA ARG F 453 51.06 0.45 -46.29
C ARG F 453 49.55 0.51 -46.07
N ALA F 454 49.12 1.23 -45.04
CA ALA F 454 47.72 1.30 -44.69
C ALA F 454 46.92 2.13 -45.66
N LEU F 455 47.50 3.19 -46.23
CA LEU F 455 46.75 4.15 -47.01
C LEU F 455 46.91 4.01 -48.53
N ALA F 456 47.92 3.31 -49.01
CA ALA F 456 48.16 3.26 -50.45
C ALA F 456 46.98 2.63 -51.19
N PRO F 457 46.56 3.14 -52.37
CA PRO F 457 45.55 2.44 -53.16
C PRO F 457 45.88 0.96 -53.39
N GLU F 458 44.87 0.11 -53.51
CA GLU F 458 45.05 -1.36 -53.66
C GLU F 458 46.10 -1.76 -54.70
N GLY F 459 46.12 -1.10 -55.86
CA GLY F 459 47.04 -1.40 -56.96
C GLY F 459 48.33 -0.66 -56.85
N TRP F 460 48.54 0.07 -55.76
CA TRP F 460 49.88 0.62 -55.57
C TRP F 460 50.68 -0.33 -54.69
N ALA F 461 51.99 -0.15 -54.72
CA ALA F 461 52.90 -0.97 -53.94
C ALA F 461 53.73 -0.05 -53.04
N VAL F 462 53.96 -0.50 -51.81
CA VAL F 462 54.85 0.17 -50.86
C VAL F 462 56.02 -0.76 -50.59
N THR F 463 57.23 -0.29 -50.88
CA THR F 463 58.45 -1.04 -50.63
C THR F 463 59.22 -0.42 -49.46
N HIS F 464 60.14 -1.19 -48.91
CA HIS F 464 60.92 -0.73 -47.78
C HIS F 464 62.38 -1.14 -47.95
N ALA F 465 63.28 -0.22 -47.62
CA ALA F 465 64.70 -0.48 -47.55
C ALA F 465 65.30 0.43 -46.49
N ARG F 466 65.78 -0.14 -45.38
CA ARG F 466 66.79 0.56 -44.61
C ARG F 466 67.92 0.92 -45.55
N GLY F 467 68.37 2.15 -45.49
CA GLY F 467 69.38 2.47 -46.48
C GLY F 467 70.65 2.95 -45.82
N ALA F 468 70.53 3.25 -44.53
CA ALA F 468 71.62 3.78 -43.73
C ALA F 468 71.39 3.37 -42.29
N ASP F 469 72.48 3.18 -41.58
CA ASP F 469 72.44 3.13 -40.13
C ASP F 469 72.94 4.46 -39.59
N ILE F 470 72.55 4.76 -38.36
CA ILE F 470 73.00 6.01 -37.77
C ILE F 470 74.26 5.81 -36.93
N LEU F 471 74.25 4.86 -36.00
CA LEU F 471 75.39 4.78 -35.07
C LEU F 471 75.41 3.44 -34.37
N THR F 472 76.56 3.15 -33.76
CA THR F 472 76.68 2.13 -32.71
C THR F 472 77.30 2.75 -31.46
N LEU F 473 77.42 1.93 -30.42
CA LEU F 473 77.98 2.36 -29.15
C LEU F 473 79.26 1.59 -28.86
N ALA F 474 80.21 2.28 -28.27
CA ALA F 474 81.51 1.64 -27.98
C ALA F 474 81.98 2.09 -26.61
N PRO F 475 82.77 1.26 -25.89
CA PRO F 475 83.35 1.71 -24.66
C PRO F 475 84.26 2.91 -24.96
N ASP F 476 84.25 3.90 -24.07
CA ASP F 476 85.17 5.05 -24.24
C ASP F 476 86.60 4.59 -23.92
N PRO F 477 87.66 5.25 -24.43
CA PRO F 477 89.03 4.92 -24.02
C PRO F 477 89.17 4.56 -22.54
N GLU F 478 88.48 5.26 -21.62
CA GLU F 478 88.46 4.94 -20.16
C GLU F 478 89.89 5.00 -19.59
N GLN F 490 79.83 3.48 -24.10
CA GLN F 490 79.23 4.69 -23.53
C GLN F 490 79.27 5.84 -24.54
N VAL F 491 79.87 5.60 -25.70
CA VAL F 491 80.21 6.67 -26.64
C VAL F 491 79.66 6.34 -28.02
N VAL F 492 79.07 7.34 -28.67
CA VAL F 492 78.48 7.17 -29.99
C VAL F 492 79.58 7.04 -31.04
N VAL F 493 79.51 5.99 -31.85
CA VAL F 493 80.37 5.83 -33.00
C VAL F 493 79.48 5.90 -34.24
N PRO F 494 79.62 6.92 -35.07
CA PRO F 494 78.78 7.01 -36.28
C PRO F 494 79.04 5.84 -37.21
N ALA F 495 77.96 5.31 -37.79
CA ALA F 495 78.06 4.23 -38.77
C ALA F 495 78.72 4.71 -40.05
N ALA F 496 79.52 3.86 -40.65
CA ALA F 496 80.01 4.21 -41.98
C ALA F 496 78.90 4.05 -43.01
N PRO F 497 78.96 4.78 -44.11
CA PRO F 497 78.16 4.41 -45.28
C PRO F 497 78.40 2.96 -45.68
N ASP F 498 77.33 2.17 -45.71
CA ASP F 498 77.39 0.77 -46.11
C ASP F 498 76.95 0.71 -47.57
N ASP F 499 77.90 0.39 -48.46
CA ASP F 499 77.60 0.37 -49.90
C ASP F 499 76.48 -0.60 -50.24
N ALA F 500 76.45 -1.78 -49.61
CA ALA F 500 75.37 -2.74 -49.90
C ALA F 500 74.03 -2.21 -49.41
N LEU F 501 74.01 -1.58 -48.24
CA LEU F 501 72.77 -1.03 -47.70
C LEU F 501 72.24 0.11 -48.57
N ILE F 502 73.13 0.99 -49.02
CA ILE F 502 72.75 2.07 -49.93
C ILE F 502 72.24 1.50 -51.25
N ALA F 503 72.98 0.56 -51.85
CA ALA F 503 72.59 -0.03 -53.13
C ALA F 503 71.19 -0.64 -53.07
N GLU F 504 70.86 -1.29 -51.96
CA GLU F 504 69.53 -1.87 -51.84
C GLU F 504 68.46 -0.79 -51.88
N ALA F 505 68.72 0.37 -51.27
CA ALA F 505 67.75 1.47 -51.30
C ALA F 505 67.77 2.17 -52.64
N VAL F 506 68.94 2.26 -53.28
CA VAL F 506 68.98 2.79 -54.63
C VAL F 506 68.17 1.92 -55.58
N ALA F 507 68.24 0.59 -55.43
CA ALA F 507 67.44 -0.26 -56.31
C ALA F 507 65.95 -0.15 -55.98
N ALA F 508 65.59 0.04 -54.71
CA ALA F 508 64.19 0.27 -54.41
C ALA F 508 63.70 1.58 -55.04
N ALA F 509 64.55 2.61 -55.04
CA ALA F 509 64.16 3.91 -55.60
C ALA F 509 64.11 3.87 -57.12
N ARG F 510 65.00 3.11 -57.74
CA ARG F 510 64.96 2.99 -59.20
C ARG F 510 63.75 2.21 -59.68
N ASP F 511 63.15 1.37 -58.84
CA ASP F 511 61.91 0.71 -59.15
C ASP F 511 60.69 1.40 -58.52
N ALA F 512 60.81 2.67 -58.14
CA ALA F 512 59.68 3.36 -57.53
C ALA F 512 59.34 4.64 -58.28
N ASP F 513 58.11 5.13 -58.05
CA ASP F 513 57.75 6.47 -58.49
C ASP F 513 58.09 7.53 -57.46
N LEU F 514 58.21 7.14 -56.19
CA LEU F 514 58.50 8.09 -55.13
C LEU F 514 59.36 7.40 -54.09
N ALA F 515 60.41 8.07 -53.66
CA ALA F 515 61.19 7.63 -52.52
C ALA F 515 60.93 8.58 -51.35
N VAL F 516 60.47 8.03 -50.23
CA VAL F 516 60.25 8.79 -49.01
C VAL F 516 61.40 8.42 -48.07
N ALA F 517 62.40 9.30 -47.99
CA ALA F 517 63.58 9.06 -47.15
C ALA F 517 63.30 9.61 -45.75
N VAL F 518 63.20 8.73 -44.76
CA VAL F 518 62.87 9.14 -43.40
C VAL F 518 64.17 9.14 -42.60
N VAL F 519 64.67 10.34 -42.32
CA VAL F 519 65.97 10.52 -41.71
C VAL F 519 65.80 11.35 -40.44
N GLY F 520 66.88 11.45 -39.68
CA GLY F 520 66.85 12.28 -38.48
C GLY F 520 67.91 11.83 -37.49
N ASP F 521 67.56 11.92 -36.20
CA ASP F 521 68.42 11.42 -35.13
C ASP F 521 67.67 10.36 -34.33
N ARG F 522 68.23 10.00 -33.18
CA ARG F 522 67.69 8.98 -32.28
C ARG F 522 68.25 9.24 -30.89
N ILE F 523 67.86 8.39 -29.94
CA ILE F 523 67.93 8.78 -28.53
C ILE F 523 69.36 9.01 -28.04
N GLU F 524 70.35 8.28 -28.57
CA GLU F 524 71.73 8.50 -28.12
C GLU F 524 72.29 9.87 -28.52
N LEU F 525 71.57 10.64 -29.35
CA LEU F 525 72.00 11.94 -29.83
C LEU F 525 71.10 13.06 -29.33
N VAL F 526 70.38 12.81 -28.24
CA VAL F 526 69.29 13.67 -27.80
C VAL F 526 69.27 13.68 -26.27
N GLY F 527 68.99 14.84 -25.70
CA GLY F 527 68.58 14.94 -24.32
C GLY F 527 69.70 15.32 -23.38
N GLU F 528 69.52 14.95 -22.11
CA GLU F 528 70.46 15.34 -21.07
C GLU F 528 71.85 14.78 -21.32
N GLY F 529 72.85 15.64 -21.17
CA GLY F 529 74.22 15.26 -21.41
C GLY F 529 74.50 14.83 -22.84
N ARG F 530 73.60 15.12 -23.78
CA ARG F 530 73.78 14.66 -25.15
C ARG F 530 73.53 15.78 -26.14
N SER F 531 74.12 16.94 -25.88
CA SER F 531 74.15 18.01 -26.87
C SER F 531 74.97 17.56 -28.09
N THR F 532 74.72 18.20 -29.24
CA THR F 532 75.46 17.88 -30.45
C THR F 532 76.16 19.14 -30.97
N ALA F 533 77.35 18.95 -31.52
CA ALA F 533 78.11 20.08 -32.04
C ALA F 533 77.81 20.42 -33.50
N THR F 534 77.60 19.43 -34.36
CA THR F 534 77.53 19.70 -35.80
C THR F 534 76.12 19.96 -36.32
N LEU F 535 75.09 19.54 -35.57
CA LEU F 535 73.71 19.54 -36.05
C LEU F 535 73.50 18.76 -37.36
N GLU F 536 74.45 17.91 -37.77
CA GLU F 536 74.30 17.16 -39.02
C GLU F 536 73.69 15.77 -38.79
N LEU F 537 73.08 15.26 -39.85
CA LEU F 537 72.68 13.86 -39.88
C LEU F 537 73.91 12.96 -39.69
N VAL F 538 73.84 12.04 -38.72
CA VAL F 538 74.97 11.20 -38.30
C VAL F 538 74.97 9.87 -39.06
N GLY F 539 76.15 9.33 -39.31
CA GLY F 539 76.23 8.00 -39.88
C GLY F 539 76.10 7.96 -41.39
N GLY F 540 75.35 6.99 -41.91
CA GLY F 540 75.26 6.77 -43.34
C GLY F 540 74.16 7.56 -44.03
N GLN F 541 73.49 8.46 -43.29
CA GLN F 541 72.30 9.12 -43.79
C GLN F 541 72.59 10.08 -44.94
N VAL F 542 73.70 10.82 -44.86
CA VAL F 542 74.02 11.79 -45.90
C VAL F 542 74.36 11.08 -47.21
N ALA F 543 75.16 10.03 -47.15
CA ALA F 543 75.46 9.27 -48.37
C ALA F 543 74.19 8.63 -48.94
N LEU F 544 73.27 8.18 -48.06
CA LEU F 544 72.02 7.60 -48.54
C LEU F 544 71.22 8.64 -49.32
N LEU F 545 71.01 9.82 -48.73
CA LEU F 545 70.29 10.89 -49.43
C LEU F 545 70.98 11.27 -50.72
N ASP F 546 72.31 11.35 -50.71
CA ASP F 546 73.04 11.63 -51.95
C ASP F 546 72.67 10.61 -53.02
N ALA F 547 72.73 9.32 -52.67
CA ALA F 547 72.51 8.29 -53.67
C ALA F 547 71.06 8.28 -54.12
N LEU F 548 70.12 8.54 -53.21
CA LEU F 548 68.71 8.54 -53.61
C LEU F 548 68.42 9.64 -54.62
N VAL F 549 68.89 10.85 -54.34
CA VAL F 549 68.58 11.97 -55.21
C VAL F 549 69.18 11.75 -56.58
N ALA F 550 70.36 11.13 -56.62
CA ALA F 550 71.06 10.84 -57.87
C ALA F 550 70.31 9.88 -58.79
N THR F 551 69.38 9.08 -58.27
CA THR F 551 68.62 8.17 -59.14
C THR F 551 67.64 8.90 -60.05
N GLY F 552 67.28 10.13 -59.72
CA GLY F 552 66.27 10.85 -60.47
C GLY F 552 64.84 10.47 -60.16
N THR F 553 64.62 9.49 -59.29
CA THR F 553 63.29 9.32 -58.75
C THR F 553 63.03 10.47 -57.77
N PRO F 554 61.83 11.05 -57.79
CA PRO F 554 61.52 12.12 -56.84
C PRO F 554 61.65 11.63 -55.40
N VAL F 555 62.31 12.44 -54.58
CA VAL F 555 62.64 12.07 -53.20
C VAL F 555 61.96 13.06 -52.26
N VAL F 556 61.13 12.53 -51.37
CA VAL F 556 60.54 13.31 -50.29
C VAL F 556 61.35 13.01 -49.03
N VAL F 557 62.02 14.02 -48.49
CA VAL F 557 62.78 13.86 -47.26
C VAL F 557 61.86 14.16 -46.10
N VAL F 558 61.62 13.17 -45.25
CA VAL F 558 60.86 13.35 -44.01
C VAL F 558 61.85 13.33 -42.86
N VAL F 559 61.90 14.41 -42.10
CA VAL F 559 62.86 14.53 -41.01
C VAL F 559 62.13 14.20 -39.72
N VAL F 560 62.47 13.05 -39.15
CA VAL F 560 62.02 12.69 -37.81
C VAL F 560 63.22 12.85 -36.90
N ALA F 561 63.18 13.88 -36.07
CA ALA F 561 64.33 14.27 -35.26
C ALA F 561 63.84 15.09 -34.07
N SER F 562 64.67 15.12 -33.04
CA SER F 562 64.33 15.87 -31.83
C SER F 562 64.35 17.38 -32.07
N LYS F 563 65.25 17.85 -32.94
CA LYS F 563 65.54 19.27 -33.08
C LYS F 563 65.88 19.58 -34.52
N PRO F 564 65.90 20.86 -34.91
CA PRO F 564 66.33 21.23 -36.27
C PRO F 564 67.73 20.73 -36.58
N LEU F 565 67.92 20.21 -37.79
CA LEU F 565 69.21 19.68 -38.19
C LEU F 565 69.70 20.39 -39.43
N VAL F 566 71.01 20.45 -39.58
CA VAL F 566 71.60 20.91 -40.82
C VAL F 566 71.43 19.80 -41.86
N LEU F 567 70.74 20.11 -42.94
CA LEU F 567 70.50 19.14 -44.01
C LEU F 567 71.58 19.25 -45.08
N PRO F 568 71.96 18.13 -45.69
CA PRO F 568 72.98 18.15 -46.77
C PRO F 568 72.45 18.80 -48.04
N PRO F 569 73.35 19.27 -48.91
CA PRO F 569 72.90 19.85 -50.20
C PRO F 569 71.95 18.97 -51.00
N SER F 570 72.17 17.65 -51.01
CA SER F 570 71.22 16.76 -51.69
C SER F 570 69.80 16.91 -51.16
N ALA F 571 69.63 17.28 -49.88
CA ALA F 571 68.29 17.44 -49.35
C ALA F 571 67.61 18.69 -49.91
N HIS F 572 68.39 19.72 -50.23
CA HIS F 572 67.80 20.92 -50.80
C HIS F 572 67.51 20.75 -52.29
N ALA F 573 68.11 19.75 -52.94
CA ALA F 573 67.77 19.37 -54.31
C ALA F 573 66.61 18.38 -54.40
N ALA F 574 66.16 17.84 -53.27
CA ALA F 574 65.12 16.82 -53.28
C ALA F 574 63.77 17.43 -53.66
N ALA F 575 62.82 16.56 -53.99
CA ALA F 575 61.51 17.02 -54.43
C ALA F 575 60.73 17.70 -53.31
N ALA F 576 60.81 17.19 -52.08
CA ALA F 576 60.11 17.82 -50.98
C ALA F 576 60.80 17.46 -49.67
N VAL F 577 60.55 18.31 -48.66
CA VAL F 577 61.12 18.16 -47.33
C VAL F 577 60.00 18.42 -46.32
N VAL F 578 59.79 17.48 -45.41
CA VAL F 578 58.76 17.57 -44.39
C VAL F 578 59.44 17.47 -43.04
N TRP F 579 59.03 18.33 -42.11
CA TRP F 579 59.58 18.36 -40.77
C TRP F 579 58.55 17.76 -39.82
N ALA F 580 58.95 16.71 -39.11
CA ALA F 580 58.01 15.96 -38.28
C ALA F 580 58.29 16.01 -36.78
N ALA F 581 59.52 16.34 -36.37
CA ALA F 581 59.88 16.65 -34.97
C ALA F 581 59.42 15.60 -33.95
N ASN F 582 59.67 14.31 -34.19
CA ASN F 582 59.14 13.32 -33.24
C ASN F 582 57.63 13.44 -33.10
N PRO F 583 56.85 12.91 -34.03
CA PRO F 583 55.43 13.25 -34.10
C PRO F 583 54.49 12.33 -33.34
N GLY F 584 55.01 11.39 -32.55
CA GLY F 584 54.17 10.58 -31.69
C GLY F 584 53.65 9.31 -32.32
N MET F 585 52.65 8.71 -31.66
CA MET F 585 52.16 7.39 -32.03
C MET F 585 51.42 7.41 -33.36
N ARG F 586 50.67 8.48 -33.64
CA ARG F 586 49.92 8.63 -34.87
C ARG F 586 50.73 9.29 -35.98
N GLY F 587 52.00 9.61 -35.74
CA GLY F 587 52.75 10.43 -36.69
C GLY F 587 52.86 9.81 -38.08
N GLY F 588 53.16 8.51 -38.14
CA GLY F 588 53.33 7.86 -39.43
C GLY F 588 52.09 7.92 -40.29
N GLN F 589 50.91 7.87 -39.67
CA GLN F 589 49.68 8.05 -40.43
C GLN F 589 49.59 9.46 -40.99
N ALA F 590 49.90 10.47 -40.15
CA ALA F 590 49.84 11.87 -40.60
C ALA F 590 50.82 12.13 -41.74
N VAL F 591 52.01 11.52 -41.70
CA VAL F 591 52.97 11.73 -42.77
C VAL F 591 52.44 11.17 -44.08
N ALA F 592 51.92 9.95 -44.05
CA ALA F 592 51.37 9.34 -45.26
C ALA F 592 50.17 10.12 -45.77
N GLU F 593 49.28 10.56 -44.87
CA GLU F 593 48.14 11.37 -45.27
C GLU F 593 48.56 12.66 -45.95
N LEU F 594 49.62 13.30 -45.44
CA LEU F 594 50.09 14.54 -46.03
C LEU F 594 50.66 14.32 -47.44
N VAL F 595 51.60 13.38 -47.57
CA VAL F 595 52.26 13.12 -48.85
C VAL F 595 51.23 12.77 -49.93
N LEU F 596 50.16 12.06 -49.56
CA LEU F 596 49.14 11.61 -50.51
C LEU F 596 48.03 12.63 -50.72
N GLY F 597 47.98 13.71 -49.94
CA GLY F 597 46.98 14.74 -50.13
C GLY F 597 45.68 14.49 -49.41
N LEU F 598 45.63 13.51 -48.51
CA LEU F 598 44.42 13.26 -47.73
C LEU F 598 44.24 14.27 -46.60
N ILE F 599 45.28 15.01 -46.23
CA ILE F 599 45.13 16.19 -45.40
C ILE F 599 45.89 17.30 -46.12
N GLU F 600 45.65 18.53 -45.67
CA GLU F 600 46.39 19.71 -46.10
C GLU F 600 47.46 20.07 -45.06
N PRO F 601 48.63 20.54 -45.49
CA PRO F 601 49.64 20.97 -44.51
C PRO F 601 49.17 22.20 -43.75
N GLU F 602 49.43 22.22 -42.45
CA GLU F 602 49.05 23.36 -41.62
C GLU F 602 50.21 23.82 -40.75
N GLY F 603 51.14 22.93 -40.43
CA GLY F 603 52.21 23.28 -39.51
C GLY F 603 53.02 24.48 -39.98
N ARG F 604 53.54 25.22 -39.00
CA ARG F 604 54.46 26.32 -39.25
C ARG F 604 55.59 26.23 -38.24
N LEU F 605 56.81 26.48 -38.69
CA LEU F 605 57.98 26.28 -37.86
C LEU F 605 57.91 27.14 -36.58
N PRO F 606 58.13 26.56 -35.40
CA PRO F 606 58.22 27.38 -34.18
C PRO F 606 59.66 27.68 -33.80
N ILE F 607 60.57 27.47 -34.76
CA ILE F 607 62.01 27.52 -34.52
C ILE F 607 62.68 27.62 -35.89
N SER F 608 63.77 28.38 -35.97
CA SER F 608 64.51 28.55 -37.22
C SER F 608 65.58 27.47 -37.37
N PHE F 609 65.82 27.03 -38.61
CA PHE F 609 66.87 26.06 -38.89
C PHE F 609 68.13 26.77 -39.34
N ALA F 610 69.25 26.39 -38.77
CA ALA F 610 70.53 26.96 -39.18
C ALA F 610 71.08 26.21 -40.40
N ARG F 611 71.94 26.90 -41.15
CA ARG F 611 72.59 26.30 -42.30
C ARG F 611 73.89 25.64 -41.93
N HIS F 612 74.40 25.95 -40.74
CA HIS F 612 75.65 25.44 -40.20
C HIS F 612 75.66 25.86 -38.74
N ALA F 613 76.22 25.02 -37.87
CA ALA F 613 76.25 25.36 -36.45
C ALA F 613 76.93 26.70 -36.22
N GLY F 614 77.93 27.05 -37.05
CA GLY F 614 78.67 28.29 -36.92
C GLY F 614 77.90 29.54 -37.28
N GLN F 615 76.65 29.38 -37.76
CA GLN F 615 75.78 30.47 -38.13
C GLN F 615 74.96 31.00 -36.96
N GLN F 616 74.86 30.24 -35.87
CA GLN F 616 74.08 30.67 -34.72
C GLN F 616 74.61 31.98 -34.16
N PRO F 617 73.73 32.86 -33.62
CA PRO F 617 72.29 32.62 -33.48
C PRO F 617 71.50 32.80 -34.77
N THR F 618 70.49 31.94 -34.92
CA THR F 618 69.65 32.00 -36.09
C THR F 618 68.20 32.25 -35.74
N TYR F 619 67.87 32.42 -34.45
CA TYR F 619 66.49 32.69 -34.09
C TYR F 619 66.06 34.03 -34.66
N TYR F 620 64.76 34.13 -34.95
CA TYR F 620 64.23 35.23 -35.74
C TYR F 620 64.37 36.57 -35.00
N ASN F 621 64.19 36.58 -33.66
CA ASN F 621 64.17 37.82 -32.87
C ASN F 621 65.56 38.27 -32.42
N VAL F 622 66.57 38.11 -33.28
CA VAL F 622 67.93 38.49 -32.93
C VAL F 622 68.01 40.00 -32.66
N VAL F 623 68.92 40.37 -31.75
CA VAL F 623 69.09 41.77 -31.36
C VAL F 623 69.81 42.54 -32.47
N ARG F 624 69.35 43.76 -32.75
CA ARG F 624 69.94 44.59 -33.79
C ARG F 624 71.37 44.97 -33.43
N GLY F 625 72.16 45.24 -34.47
CA GLY F 625 73.52 45.69 -34.29
C GLY F 625 74.54 44.76 -34.92
N GLN F 626 75.26 45.23 -35.94
CA GLN F 626 76.28 44.44 -36.59
C GLN F 626 76.96 45.31 -37.63
N HIS F 627 78.27 45.15 -37.75
CA HIS F 627 79.05 45.69 -38.86
C HIS F 627 79.11 44.62 -39.93
N GLY F 628 78.42 44.86 -41.05
CA GLY F 628 78.26 43.85 -42.08
C GLY F 628 76.94 43.10 -41.94
N VAL F 629 76.62 42.32 -42.96
CA VAL F 629 75.32 41.67 -43.04
C VAL F 629 75.43 40.17 -43.27
N ARG F 630 76.64 39.64 -43.46
CA ARG F 630 76.82 38.21 -43.66
C ARG F 630 78.20 37.83 -43.15
N TYR F 631 78.36 36.55 -42.82
CA TYR F 631 79.71 36.02 -42.65
C TYR F 631 80.40 36.00 -44.01
N ALA F 632 81.73 36.15 -43.99
CA ALA F 632 82.47 36.20 -45.24
C ALA F 632 82.32 34.92 -46.03
N ASP F 633 82.10 33.78 -45.36
CA ASP F 633 81.98 32.50 -46.02
C ASP F 633 80.56 31.97 -46.08
N LEU F 634 79.58 32.74 -45.61
CA LEU F 634 78.25 32.16 -45.48
C LEU F 634 77.21 33.23 -45.18
N THR F 635 76.05 33.09 -45.81
CA THR F 635 74.92 33.96 -45.51
C THR F 635 74.48 33.79 -44.05
N GLN F 636 73.86 34.84 -43.52
CA GLN F 636 73.28 34.77 -42.19
C GLN F 636 71.82 34.39 -42.23
N SER F 637 71.29 34.22 -43.43
CA SER F 637 69.92 33.81 -43.59
C SER F 637 69.77 32.35 -43.14
N PRO F 638 68.81 32.03 -42.28
CA PRO F 638 68.59 30.63 -41.90
C PRO F 638 68.20 29.77 -43.10
N ALA F 639 68.35 28.46 -42.95
CA ALA F 639 67.86 27.56 -43.98
C ALA F 639 66.34 27.59 -44.05
N PHE F 640 65.69 27.63 -42.89
CA PHE F 640 64.25 27.79 -42.81
C PHE F 640 63.96 28.66 -41.62
N ALA F 641 63.05 29.62 -41.78
CA ALA F 641 62.84 30.65 -40.75
C ALA F 641 61.64 30.33 -39.89
N PHE F 642 61.69 30.83 -38.65
CA PHE F 642 60.55 30.81 -37.75
C PHE F 642 59.27 31.25 -38.47
N GLY F 643 58.19 30.51 -38.25
CA GLY F 643 56.86 30.76 -38.81
C GLY F 643 56.65 30.23 -40.22
N GLU F 644 57.67 29.63 -40.83
CA GLU F 644 57.64 29.21 -42.23
C GLU F 644 57.01 27.82 -42.38
N GLY F 645 56.52 27.53 -43.59
CA GLY F 645 55.73 26.34 -43.85
C GLY F 645 54.76 26.52 -45.00
N LEU F 646 54.72 25.53 -45.89
CA LEU F 646 53.90 25.62 -47.09
C LEU F 646 52.52 24.99 -46.87
N SER F 647 51.61 25.31 -47.76
CA SER F 647 50.38 24.56 -47.91
C SER F 647 50.40 23.90 -49.29
N TYR F 648 49.26 23.37 -49.71
CA TYR F 648 49.07 22.90 -51.07
C TYR F 648 48.33 23.92 -51.93
N THR F 649 48.34 25.18 -51.52
CA THR F 649 47.69 26.23 -52.29
C THR F 649 48.50 27.51 -52.12
N THR F 650 48.02 28.59 -52.72
CA THR F 650 48.68 29.88 -52.63
C THR F 650 47.72 30.89 -51.99
N VAL F 651 48.21 31.61 -50.98
CA VAL F 651 47.43 32.65 -50.31
C VAL F 651 48.09 33.99 -50.59
N GLU F 652 47.32 34.94 -51.11
CA GLU F 652 47.81 36.30 -51.29
C GLU F 652 47.45 37.14 -50.07
N TYR F 653 48.45 37.83 -49.54
CA TYR F 653 48.26 38.78 -48.45
C TYR F 653 48.22 40.17 -49.04
N ALA F 654 47.27 40.98 -48.57
CA ALA F 654 47.12 42.29 -49.19
C ALA F 654 46.42 43.25 -48.23
N ASP F 655 46.71 44.54 -48.42
CA ASP F 655 45.96 45.62 -47.79
C ASP F 655 46.09 45.59 -46.25
N LEU F 656 47.32 45.58 -45.75
CA LEU F 656 47.49 45.74 -44.31
C LEU F 656 47.24 47.20 -43.95
N ARG F 657 46.36 47.42 -42.97
CA ARG F 657 46.07 48.75 -42.47
C ARG F 657 45.83 48.70 -40.97
N VAL F 658 46.36 49.69 -40.27
CA VAL F 658 46.08 49.87 -38.85
C VAL F 658 44.88 50.80 -38.71
N LEU F 659 43.92 50.41 -37.88
CA LEU F 659 42.72 51.23 -37.65
C LEU F 659 43.03 52.20 -36.52
N GLY F 660 43.74 53.26 -36.88
CA GLY F 660 44.17 54.18 -35.83
C GLY F 660 45.66 54.20 -35.60
N THR F 661 46.33 55.30 -35.94
CA THR F 661 47.79 55.33 -35.97
C THR F 661 48.44 55.86 -34.69
N GLU F 662 47.75 56.66 -33.89
CA GLU F 662 48.25 57.11 -32.60
C GLU F 662 47.57 56.33 -31.48
N HIS F 663 48.36 55.86 -30.52
CA HIS F 663 47.80 55.15 -29.40
C HIS F 663 48.42 55.64 -28.10
N GLY F 664 47.67 55.47 -27.02
CA GLY F 664 48.18 55.71 -25.69
C GLY F 664 48.66 54.41 -25.11
N PRO F 665 49.33 54.48 -23.95
CA PRO F 665 49.91 53.26 -23.35
C PRO F 665 48.89 52.20 -23.01
N ASP F 666 47.61 52.54 -22.95
CA ASP F 666 46.58 51.59 -22.54
C ASP F 666 45.75 51.06 -23.71
N ASP F 667 45.98 51.56 -24.92
CA ASP F 667 45.12 51.20 -26.03
C ASP F 667 45.43 49.78 -26.52
N VAL F 668 44.65 49.35 -27.51
CA VAL F 668 44.90 48.05 -28.18
C VAL F 668 45.08 48.40 -29.66
N VAL F 669 46.23 48.04 -30.25
CA VAL F 669 46.48 48.29 -31.70
C VAL F 669 45.61 47.33 -32.49
N ARG F 670 44.66 47.88 -33.24
CA ARG F 670 43.76 47.05 -34.06
C ARG F 670 44.15 47.25 -35.52
N ALA F 671 44.18 46.16 -36.26
CA ALA F 671 44.61 46.22 -37.67
C ALA F 671 43.85 45.19 -38.48
N GLU F 672 43.82 45.37 -39.80
CA GLU F 672 43.18 44.39 -40.67
C GLU F 672 44.01 44.17 -41.92
N VAL F 673 44.00 42.92 -42.38
CA VAL F 673 44.69 42.47 -43.59
C VAL F 673 43.73 41.54 -44.34
N THR F 674 43.90 41.41 -45.65
CA THR F 674 43.00 40.62 -46.48
C THR F 674 43.75 39.45 -47.12
N LEU F 675 43.15 38.26 -47.04
CA LEU F 675 43.76 37.04 -47.55
C LEU F 675 42.90 36.49 -48.68
N THR F 676 43.56 35.97 -49.72
CA THR F 676 42.87 35.35 -50.83
C THR F 676 43.56 34.03 -51.15
N ASN F 677 42.84 32.93 -50.97
CA ASN F 677 43.21 31.61 -51.50
C ASN F 677 43.13 31.67 -53.02
N THR F 678 44.28 31.75 -53.70
CA THR F 678 44.31 31.89 -55.14
C THR F 678 44.63 30.60 -55.89
N GLY F 679 44.75 29.48 -55.17
CA GLY F 679 44.87 28.19 -55.78
C GLY F 679 43.61 27.37 -55.63
N SER F 680 43.74 26.07 -55.79
CA SER F 680 42.56 25.23 -55.96
C SER F 680 42.34 24.26 -54.81
N ARG F 681 42.99 24.47 -53.65
CA ARG F 681 42.76 23.62 -52.49
C ARG F 681 42.53 24.50 -51.26
N PRO F 682 41.72 24.03 -50.32
CA PRO F 682 41.48 24.81 -49.09
C PRO F 682 42.67 24.75 -48.14
N VAL F 683 42.72 25.72 -47.22
CA VAL F 683 43.88 25.92 -46.36
C VAL F 683 43.44 26.57 -45.07
N ARG F 684 44.03 26.14 -43.97
CA ARG F 684 44.03 26.90 -42.72
C ARG F 684 45.36 27.66 -42.66
N GLU F 685 45.29 28.96 -42.91
CA GLU F 685 46.47 29.83 -42.93
C GLU F 685 46.75 30.39 -41.53
N THR F 686 48.03 30.53 -41.18
CA THR F 686 48.41 31.10 -39.87
C THR F 686 48.98 32.49 -40.13
N VAL F 687 48.18 33.52 -39.85
CA VAL F 687 48.61 34.90 -40.02
C VAL F 687 49.44 35.32 -38.81
N GLN F 688 50.63 35.83 -39.07
CA GLN F 688 51.62 36.13 -38.03
C GLN F 688 51.80 37.64 -37.91
N VAL F 689 51.77 38.16 -36.69
CA VAL F 689 51.84 39.61 -36.42
C VAL F 689 53.07 39.93 -35.60
N TYR F 690 54.00 40.67 -36.21
CA TYR F 690 55.24 41.08 -35.55
C TYR F 690 55.21 42.59 -35.30
N VAL F 691 55.80 42.99 -34.18
CA VAL F 691 55.97 44.39 -33.83
C VAL F 691 57.45 44.71 -33.84
N SER F 692 57.82 45.73 -34.59
CA SER F 692 59.17 46.28 -34.56
C SER F 692 59.13 47.65 -33.90
N ASP F 693 59.92 47.82 -32.86
CA ASP F 693 60.17 49.12 -32.26
C ASP F 693 61.27 49.83 -33.05
N THR F 694 60.91 50.85 -33.82
CA THR F 694 61.81 51.41 -34.83
C THR F 694 63.05 52.07 -34.22
N VAL F 695 62.90 52.74 -33.09
CA VAL F 695 64.01 53.46 -32.45
C VAL F 695 63.91 53.22 -30.96
N THR F 696 65.04 52.88 -30.34
CA THR F 696 65.04 52.35 -28.99
C THR F 696 66.16 53.00 -28.19
N SER F 697 65.93 53.14 -26.88
CA SER F 697 66.94 53.74 -26.02
C SER F 697 68.02 52.73 -25.61
N VAL F 698 67.72 51.43 -25.72
CA VAL F 698 68.68 50.35 -25.58
C VAL F 698 68.62 49.53 -26.86
N THR F 699 69.60 48.64 -27.05
CA THR F 699 69.53 47.71 -28.18
C THR F 699 68.46 46.66 -27.92
N TRP F 700 67.73 46.31 -28.97
CA TRP F 700 66.60 45.42 -28.84
C TRP F 700 66.47 44.56 -30.08
N ALA F 701 65.61 43.55 -29.98
CA ALA F 701 65.30 42.73 -31.14
C ALA F 701 64.74 43.59 -32.27
N GLU F 702 65.01 43.16 -33.49
CA GLU F 702 64.51 43.88 -34.65
C GLU F 702 63.00 43.75 -34.76
N LYS F 703 62.44 42.59 -34.38
CA LYS F 703 61.00 42.42 -34.34
C LYS F 703 60.71 41.25 -33.42
N GLU F 704 59.48 41.20 -32.94
CA GLU F 704 59.03 40.17 -32.03
C GLU F 704 57.61 39.76 -32.40
N LEU F 705 57.36 38.45 -32.39
CA LEU F 705 56.02 37.95 -32.54
C LEU F 705 55.16 38.41 -31.37
N LYS F 706 54.02 39.05 -31.68
CA LYS F 706 53.10 39.52 -30.66
C LYS F 706 51.68 38.97 -30.82
N ALA F 707 51.32 38.47 -32.00
CA ALA F 707 50.00 37.91 -32.19
C ALA F 707 49.99 37.05 -33.45
N TYR F 708 49.01 36.16 -33.51
CA TYR F 708 48.77 35.36 -34.71
C TYR F 708 47.29 35.01 -34.78
N ARG F 709 46.86 34.60 -35.98
CA ARG F 709 45.46 34.31 -36.21
C ARG F 709 45.37 33.22 -37.27
N LYS F 710 44.57 32.20 -37.02
CA LYS F 710 44.35 31.15 -38.01
C LYS F 710 43.06 31.44 -38.79
N VAL F 711 43.13 31.28 -40.11
CA VAL F 711 42.07 31.68 -41.03
C VAL F 711 41.75 30.51 -41.97
N ASP F 712 40.47 30.13 -42.05
CA ASP F 712 40.04 29.08 -42.95
C ASP F 712 39.62 29.66 -44.29
N LEU F 713 40.20 29.13 -45.37
CA LEU F 713 39.96 29.63 -46.72
C LEU F 713 39.65 28.48 -47.66
N ALA F 714 38.50 28.57 -48.33
CA ALA F 714 38.17 27.73 -49.47
C ALA F 714 38.80 28.31 -50.73
N PRO F 715 39.00 27.48 -51.77
CA PRO F 715 39.64 27.98 -52.99
C PRO F 715 38.86 29.13 -53.59
N GLY F 716 39.57 30.22 -53.89
CA GLY F 716 38.95 31.45 -54.38
C GLY F 716 38.42 32.36 -53.29
N GLU F 717 38.16 31.85 -52.09
CA GLU F 717 37.65 32.67 -51.01
C GLU F 717 38.62 33.80 -50.64
N SER F 718 38.07 34.98 -50.42
CA SER F 718 38.76 36.11 -49.81
C SER F 718 38.22 36.35 -48.41
N ALA F 719 39.05 36.95 -47.57
CA ALA F 719 38.64 37.24 -46.21
C ALA F 719 39.45 38.41 -45.69
N THR F 720 38.77 39.36 -45.05
CA THR F 720 39.44 40.43 -44.35
C THR F 720 39.49 40.06 -42.87
N VAL F 721 40.69 40.09 -42.30
CA VAL F 721 40.98 39.47 -41.02
C VAL F 721 41.30 40.57 -40.04
N GLY F 722 40.67 40.52 -38.86
CA GLY F 722 40.93 41.49 -37.81
C GLY F 722 42.04 41.03 -36.89
N LEU F 723 43.03 41.90 -36.67
CA LEU F 723 44.20 41.58 -35.81
C LEU F 723 44.29 42.58 -34.65
N GLU F 724 44.81 42.13 -33.51
CA GLU F 724 44.90 43.01 -32.32
C GLU F 724 46.16 42.75 -31.48
N VAL F 725 46.93 43.79 -31.17
CA VAL F 725 48.05 43.66 -30.24
C VAL F 725 47.91 44.70 -29.14
N PRO F 726 47.90 44.31 -27.87
CA PRO F 726 47.88 45.32 -26.80
C PRO F 726 49.14 46.15 -26.81
N VAL F 727 48.97 47.48 -26.71
CA VAL F 727 50.10 48.42 -26.62
C VAL F 727 51.04 48.03 -25.48
N ALA F 728 50.48 47.51 -24.38
CA ALA F 728 51.25 47.08 -23.23
C ALA F 728 52.10 45.84 -23.50
N ASP F 729 51.89 45.16 -24.63
CA ASP F 729 52.81 44.09 -24.99
C ASP F 729 53.98 44.56 -25.84
N CYS F 730 54.00 45.83 -26.26
CA CYS F 730 55.07 46.35 -27.12
C CYS F 730 56.19 46.94 -26.26
N THR F 731 56.72 46.08 -25.41
CA THR F 731 57.69 46.51 -24.42
C THR F 731 59.11 46.20 -24.86
N LEU F 732 60.05 46.90 -24.25
CA LEU F 732 61.44 46.48 -24.21
C LEU F 732 61.88 46.50 -22.75
N VAL F 733 63.07 45.95 -22.48
CA VAL F 733 63.65 46.01 -21.15
C VAL F 733 64.75 47.07 -21.21
N ASP F 734 64.65 48.09 -20.36
CA ASP F 734 65.62 49.17 -20.42
C ASP F 734 66.88 48.75 -19.68
N ALA F 735 67.89 49.62 -19.70
CA ALA F 735 68.97 49.45 -18.74
C ALA F 735 68.38 49.75 -17.37
N HIS F 736 68.67 48.87 -16.40
CA HIS F 736 68.15 48.84 -15.03
C HIS F 736 67.06 47.77 -14.90
N GLY F 737 66.62 47.21 -16.02
CA GLY F 737 65.78 46.03 -15.97
C GLY F 737 64.29 46.25 -15.99
N ARG F 738 63.81 47.45 -16.32
CA ARG F 738 62.37 47.68 -16.34
C ARG F 738 61.79 47.39 -17.71
N ARG F 739 60.77 46.52 -17.74
CA ARG F 739 60.00 46.29 -18.95
C ARG F 739 59.00 47.42 -19.10
N VAL F 740 59.22 48.30 -20.09
CA VAL F 740 58.39 49.48 -20.31
C VAL F 740 57.98 49.55 -21.78
N VAL F 741 56.88 50.26 -22.03
CA VAL F 741 56.55 50.69 -23.38
C VAL F 741 57.17 52.06 -23.57
N GLU F 742 58.04 52.18 -24.56
CA GLU F 742 58.74 53.42 -24.81
C GLU F 742 57.99 54.17 -25.90
N PRO F 743 57.51 55.39 -25.65
CA PRO F 743 56.80 56.13 -26.71
C PRO F 743 57.65 56.28 -27.97
N GLY F 744 56.96 56.39 -29.12
CA GLY F 744 57.62 56.59 -30.39
C GLY F 744 57.01 55.72 -31.48
N GLU F 745 57.68 55.65 -32.63
CA GLU F 745 57.18 54.90 -33.76
C GLU F 745 57.38 53.39 -33.57
N PHE F 746 56.38 52.63 -33.97
CA PHE F 746 56.47 51.20 -34.13
C PHE F 746 56.07 50.82 -35.54
N GLU F 747 56.45 49.62 -35.93
CA GLU F 747 56.03 49.08 -37.21
C GLU F 747 55.31 47.77 -36.95
N LEU F 748 54.13 47.62 -37.54
CA LEU F 748 53.41 46.35 -37.52
C LEU F 748 53.76 45.60 -38.79
N ARG F 749 54.17 44.35 -38.65
CA ARG F 749 54.59 43.53 -39.78
C ARG F 749 53.77 42.24 -39.81
N VAL F 750 53.11 41.98 -40.93
CA VAL F 750 52.09 40.94 -41.00
C VAL F 750 52.32 40.12 -42.27
N GLY F 751 52.12 38.80 -42.14
CA GLY F 751 52.36 37.89 -43.24
C GLY F 751 52.48 36.46 -42.77
N PRO F 752 52.87 35.57 -43.68
CA PRO F 752 52.84 34.13 -43.38
C PRO F 752 54.10 33.58 -42.74
N SER F 753 55.13 34.40 -42.48
CA SER F 753 56.34 33.94 -41.82
C SER F 753 57.11 35.15 -41.31
N SER F 754 58.20 34.89 -40.56
CA SER F 754 59.09 35.93 -40.07
C SER F 754 60.09 36.42 -41.11
N ARG F 755 60.17 35.78 -42.27
CA ARG F 755 60.89 36.31 -43.44
C ARG F 755 60.46 37.73 -43.75
N GLU F 756 61.44 38.64 -43.84
CA GLU F 756 61.15 40.04 -44.09
C GLU F 756 60.53 40.24 -45.48
N ASP F 757 61.00 39.47 -46.48
CA ASP F 757 60.41 39.65 -47.80
C ASP F 757 59.01 39.08 -47.92
N ALA F 758 58.45 38.48 -46.88
CA ALA F 758 57.07 37.98 -46.92
C ALA F 758 56.15 38.77 -45.99
N LEU F 759 56.59 39.94 -45.53
CA LEU F 759 55.85 40.70 -44.52
C LEU F 759 55.33 42.01 -45.10
N LEU F 760 54.03 42.24 -44.99
CA LEU F 760 53.49 43.59 -45.11
C LEU F 760 53.78 44.40 -43.84
N ARG F 761 53.98 45.71 -44.02
CA ARG F 761 54.24 46.56 -42.88
C ARG F 761 53.34 47.78 -42.89
N ALA F 762 53.14 48.37 -41.70
CA ALA F 762 52.33 49.55 -41.49
C ALA F 762 52.75 50.20 -40.18
N SER F 763 52.84 51.52 -40.19
CA SER F 763 53.34 52.24 -39.03
C SER F 763 52.25 52.49 -38.00
N PHE F 764 52.68 52.73 -36.77
CA PHE F 764 51.84 53.35 -35.75
C PHE F 764 52.75 53.96 -34.69
N THR F 765 52.21 54.88 -33.92
CA THR F 765 52.99 55.50 -32.87
C THR F 765 52.30 55.33 -31.54
N VAL F 766 53.09 55.41 -30.48
CA VAL F 766 52.58 55.41 -29.12
C VAL F 766 52.99 56.75 -28.51
N ALA F 767 52.00 57.51 -28.04
CA ALA F 767 52.26 58.80 -27.41
C ALA F 767 52.60 58.61 -25.94
N GLY F 768 53.48 59.49 -25.44
CA GLY F 768 53.85 59.47 -24.04
C GLY F 768 52.68 59.52 -23.06
#